data_7AFR
#
_entry.id   7AFR
#
_entity_poly.entity_id   1
_entity_poly.type   'polypeptide(L)'
_entity_poly.pdbx_seq_one_letter_code
;MSTLEQKLTEMITAPVEALGFELVGIEFIRGRTSTLRIYIDSEDGINVDDCADVSHQVSAVLDVEDPITVAYNLEVSSPG
LDRPLFTAEHYARFVGEEVTLVLRMAVQNRRKWQGVIKAVDGEMITVTVEGKDEVFALSNIQKANLVPHFA
;
_entity_poly.pdbx_strand_id   X
#
# COMPACT_ATOMS: atom_id res chain seq x y z
N MET A 1 22.83 13.16 3.77
CA MET A 1 24.07 13.95 3.72
C MET A 1 24.20 14.90 4.93
N SER A 2 23.25 15.81 5.11
CA SER A 2 23.35 16.95 6.03
C SER A 2 22.17 17.08 7.01
N THR A 3 21.10 16.32 6.80
CA THR A 3 19.84 16.41 7.55
C THR A 3 19.40 15.06 8.13
N LEU A 4 18.82 15.10 9.33
CA LEU A 4 18.43 13.97 10.17
C LEU A 4 17.02 13.45 9.78
N GLU A 5 16.83 13.11 8.52
CA GLU A 5 15.54 12.70 7.97
C GLU A 5 15.03 11.38 8.58
N GLN A 6 15.94 10.46 8.92
CA GLN A 6 15.60 9.18 9.55
C GLN A 6 15.23 9.38 11.03
N LYS A 7 15.84 10.38 11.71
CA LYS A 7 15.49 10.75 13.09
C LYS A 7 14.09 11.36 13.19
N LEU A 8 13.66 12.09 12.16
CA LEU A 8 12.27 12.57 12.05
C LEU A 8 11.29 11.40 11.88
N THR A 9 11.65 10.37 11.12
CA THR A 9 10.85 9.12 11.01
C THR A 9 10.77 8.38 12.34
N GLU A 10 11.87 8.29 13.09
CA GLU A 10 11.92 7.72 14.44
C GLU A 10 11.02 8.48 15.43
N MET A 11 11.11 9.81 15.45
CA MET A 11 10.34 10.70 16.34
C MET A 11 8.82 10.70 16.06
N ILE A 12 8.41 10.38 14.82
CA ILE A 12 7.00 10.17 14.43
C ILE A 12 6.54 8.73 14.73
N THR A 13 7.43 7.73 14.62
CA THR A 13 7.13 6.32 14.87
C THR A 13 6.82 6.05 16.33
N ALA A 14 7.61 6.60 17.27
CA ALA A 14 7.45 6.28 18.70
C ALA A 14 6.10 6.71 19.31
N PRO A 15 5.52 7.91 19.02
CA PRO A 15 4.17 8.25 19.47
C PRO A 15 3.07 7.39 18.86
N VAL A 16 3.18 7.05 17.56
CA VAL A 16 2.16 6.24 16.85
C VAL A 16 2.18 4.79 17.31
N GLU A 17 3.34 4.23 17.59
CA GLU A 17 3.45 2.89 18.19
C GLU A 17 2.91 2.88 19.63
N ALA A 18 3.16 3.93 20.42
CA ALA A 18 2.58 4.11 21.76
C ALA A 18 1.08 4.49 21.75
N LEU A 19 0.50 4.81 20.59
CA LEU A 19 -0.95 4.98 20.40
C LEU A 19 -1.66 3.67 20.05
N GLY A 20 -0.96 2.54 19.90
CA GLY A 20 -1.55 1.22 19.67
C GLY A 20 -1.73 0.82 18.18
N PHE A 21 -0.95 1.41 17.28
CA PHE A 21 -0.91 1.05 15.85
C PHE A 21 0.17 0.00 15.55
N GLU A 22 0.06 -0.67 14.39
CA GLU A 22 0.91 -1.81 14.01
C GLU A 22 1.81 -1.49 12.81
N LEU A 23 1.28 -0.80 11.81
CA LEU A 23 2.02 -0.26 10.67
C LEU A 23 2.13 1.25 10.79
N VAL A 24 3.37 1.77 10.70
CA VAL A 24 3.63 3.19 10.46
C VAL A 24 4.91 3.34 9.63
N GLY A 25 4.80 4.01 8.48
CA GLY A 25 5.88 4.16 7.51
C GLY A 25 5.80 5.49 6.73
N ILE A 26 6.92 5.88 6.10
CA ILE A 26 7.11 7.19 5.47
C ILE A 26 7.75 7.04 4.07
N GLU A 27 7.38 7.91 3.14
CA GLU A 27 8.23 8.31 2.02
C GLU A 27 8.53 9.83 2.04
N PHE A 28 9.71 10.20 1.55
CA PHE A 28 10.14 11.60 1.37
C PHE A 28 10.05 12.01 -0.12
N ILE A 29 9.59 13.24 -0.38
CA ILE A 29 9.44 13.72 -1.78
C ILE A 29 10.27 14.99 -1.95
N ARG A 30 11.26 14.97 -2.86
CA ARG A 30 12.16 16.14 -3.03
C ARG A 30 11.37 17.29 -3.66
N GLY A 31 11.47 18.49 -3.08
CA GLY A 31 10.75 19.66 -3.60
C GLY A 31 11.29 20.94 -2.99
N ARG A 32 10.86 22.10 -3.48
CA ARG A 32 11.27 23.37 -2.81
C ARG A 32 10.74 23.29 -1.38
N THR A 33 9.52 22.78 -1.20
CA THR A 33 8.99 22.53 0.16
C THR A 33 9.01 21.01 0.37
N SER A 34 9.71 20.53 1.40
CA SER A 34 9.84 19.06 1.58
C SER A 34 8.47 18.44 1.85
N THR A 35 8.19 17.28 1.25
CA THR A 35 6.83 16.68 1.39
C THR A 35 6.92 15.23 1.88
N LEU A 36 6.38 14.94 3.06
CA LEU A 36 6.33 13.57 3.57
C LEU A 36 5.00 12.95 3.14
N ARG A 37 4.96 11.65 2.85
CA ARG A 37 3.70 10.88 2.79
C ARG A 37 3.75 9.72 3.78
N ILE A 38 2.74 9.64 4.66
CA ILE A 38 2.63 8.64 5.72
C ILE A 38 1.69 7.50 5.33
N TYR A 39 2.11 6.29 5.66
CA TYR A 39 1.32 5.06 5.56
C TYR A 39 1.07 4.55 6.98
N ILE A 40 -0.19 4.25 7.33
CA ILE A 40 -0.57 3.86 8.71
C ILE A 40 -1.68 2.80 8.73
N ASP A 41 -1.59 1.83 9.65
CA ASP A 41 -2.63 0.80 9.86
C ASP A 41 -2.50 0.11 11.24
N SER A 42 -3.58 -0.56 11.68
CA SER A 42 -3.73 -1.20 12.98
C SER A 42 -4.09 -2.70 12.86
N GLU A 43 -3.96 -3.43 13.96
CA GLU A 43 -4.52 -4.78 14.16
C GLU A 43 -6.03 -4.73 14.54
N ASP A 44 -6.50 -3.58 15.05
CA ASP A 44 -7.81 -3.43 15.72
C ASP A 44 -8.95 -2.89 14.82
N GLY A 45 -8.72 -2.70 13.51
CA GLY A 45 -9.75 -2.38 12.53
C GLY A 45 -10.09 -0.89 12.35
N ILE A 46 -9.11 0.01 12.55
CA ILE A 46 -9.37 1.45 12.62
C ILE A 46 -9.48 2.07 11.20
N ASN A 47 -10.51 2.88 10.99
CA ASN A 47 -10.84 3.47 9.67
C ASN A 47 -9.84 4.56 9.23
N VAL A 48 -9.69 4.77 7.92
CA VAL A 48 -8.75 5.75 7.36
C VAL A 48 -9.09 7.21 7.67
N ASP A 49 -10.36 7.54 7.95
CA ASP A 49 -10.74 8.87 8.42
C ASP A 49 -10.25 9.16 9.84
N ASP A 50 -10.27 8.15 10.71
CA ASP A 50 -9.75 8.25 12.08
C ASP A 50 -8.21 8.17 12.12
N CYS A 51 -7.60 7.41 11.20
CA CYS A 51 -6.15 7.46 10.94
C CYS A 51 -5.70 8.86 10.47
N ALA A 52 -6.55 9.60 9.77
CA ALA A 52 -6.28 10.99 9.37
C ALA A 52 -6.49 12.01 10.52
N ASP A 53 -7.23 11.66 11.57
CA ASP A 53 -7.29 12.43 12.84
C ASP A 53 -6.05 12.17 13.71
N VAL A 54 -5.49 10.95 13.70
CA VAL A 54 -4.17 10.65 14.27
C VAL A 54 -3.07 11.37 13.46
N SER A 55 -3.16 11.36 12.13
CA SER A 55 -2.20 12.04 11.23
C SER A 55 -2.26 13.57 11.36
N HIS A 56 -3.38 14.15 11.83
CA HIS A 56 -3.45 15.58 12.16
C HIS A 56 -2.56 15.92 13.37
N GLN A 57 -2.42 15.00 14.35
CA GLN A 57 -1.45 15.13 15.43
C GLN A 57 0.00 14.95 14.92
N VAL A 58 0.24 14.06 13.95
CA VAL A 58 1.54 13.93 13.27
C VAL A 58 1.95 15.24 12.58
N SER A 59 1.00 15.92 11.91
CA SER A 59 1.23 17.26 11.35
C SER A 59 1.56 18.31 12.42
N ALA A 60 1.00 18.19 13.64
CA ALA A 60 1.26 19.14 14.72
C ALA A 60 2.67 19.01 15.34
N VAL A 61 3.20 17.79 15.49
CA VAL A 61 4.60 17.56 15.91
C VAL A 61 5.59 17.93 14.81
N LEU A 62 5.26 17.68 13.53
CA LEU A 62 6.05 18.10 12.38
C LEU A 62 6.18 19.64 12.31
N ASP A 63 5.06 20.35 12.51
CA ASP A 63 4.95 21.81 12.44
C ASP A 63 5.83 22.54 13.47
N VAL A 64 6.09 21.94 14.64
CA VAL A 64 6.99 22.51 15.66
C VAL A 64 8.44 22.02 15.61
N GLU A 65 8.67 20.89 14.93
CA GLU A 65 10.06 20.41 14.72
C GLU A 65 10.76 21.46 13.85
N ASP A 66 10.26 21.69 12.63
CA ASP A 66 10.82 22.79 11.79
C ASP A 66 9.77 23.91 11.73
N PRO A 67 10.02 25.09 12.33
CA PRO A 67 9.03 26.17 12.37
C PRO A 67 9.33 27.37 11.45
N ILE A 68 10.24 27.23 10.49
CA ILE A 68 10.64 28.42 9.68
C ILE A 68 9.68 28.62 8.49
N THR A 69 8.86 29.67 8.55
CA THR A 69 7.94 30.02 7.42
C THR A 69 7.11 28.81 7.00
N VAL A 70 7.08 28.38 5.74
CA VAL A 70 6.35 27.13 5.35
C VAL A 70 7.33 26.16 4.68
N ALA A 71 8.00 25.32 5.48
CA ALA A 71 9.04 24.42 4.90
C ALA A 71 8.57 22.96 4.85
N TYR A 72 7.32 22.66 5.24
CA TYR A 72 6.91 21.22 5.31
C TYR A 72 5.51 20.97 4.76
N ASN A 73 5.27 19.76 4.24
CA ASN A 73 3.93 19.36 3.74
C ASN A 73 3.71 17.88 4.10
N LEU A 74 2.46 17.44 4.27
CA LEU A 74 2.23 16.03 4.71
C LEU A 74 1.00 15.42 4.02
N GLU A 75 1.17 14.27 3.38
CA GLU A 75 0.04 13.54 2.74
C GLU A 75 -0.21 12.20 3.45
N VAL A 76 -1.45 11.68 3.46
CA VAL A 76 -1.87 10.53 4.29
C VAL A 76 -2.46 9.40 3.43
N SER A 77 -2.00 8.16 3.64
CA SER A 77 -2.36 6.97 2.84
C SER A 77 -2.46 5.64 3.61
N SER A 78 -3.04 4.64 2.93
CA SER A 78 -3.02 3.22 3.29
C SER A 78 -2.09 2.41 2.36
N PRO A 79 -1.65 1.18 2.73
CA PRO A 79 -0.72 0.38 1.90
C PRO A 79 -1.22 -0.08 0.53
N GLY A 80 -2.51 0.11 0.20
CA GLY A 80 -3.05 0.00 -1.15
C GLY A 80 -3.05 -1.41 -1.76
N LEU A 81 -3.16 -1.46 -3.08
CA LEU A 81 -3.01 -2.64 -3.94
C LEU A 81 -1.53 -2.98 -4.22
N ASP A 82 -0.65 -1.99 -4.06
CA ASP A 82 0.74 -1.97 -4.54
C ASP A 82 1.77 -2.74 -3.67
N ARG A 83 1.28 -3.49 -2.68
CA ARG A 83 2.05 -4.25 -1.68
C ARG A 83 2.37 -5.69 -2.12
N PRO A 84 3.50 -6.30 -1.70
CA PRO A 84 3.80 -7.70 -1.95
C PRO A 84 2.86 -8.64 -1.16
N LEU A 85 2.80 -9.91 -1.57
CA LEU A 85 1.78 -10.88 -1.16
C LEU A 85 2.38 -12.01 -0.32
N PHE A 86 1.73 -12.40 0.80
CA PHE A 86 2.21 -13.42 1.73
C PHE A 86 1.14 -14.38 2.28
N THR A 87 -0.13 -13.97 2.39
CA THR A 87 -1.12 -14.70 3.20
C THR A 87 -1.82 -15.80 2.39
N ALA A 88 -2.10 -16.96 3.01
CA ALA A 88 -2.75 -18.11 2.37
C ALA A 88 -4.13 -17.79 1.77
N GLU A 89 -4.90 -16.96 2.49
CA GLU A 89 -6.21 -16.46 2.04
C GLU A 89 -6.10 -15.51 0.86
N HIS A 90 -5.05 -14.70 0.80
CA HIS A 90 -4.85 -13.65 -0.22
C HIS A 90 -4.30 -14.22 -1.53
N TYR A 91 -3.44 -15.25 -1.48
CA TYR A 91 -3.10 -16.04 -2.68
C TYR A 91 -4.35 -16.61 -3.36
N ALA A 92 -5.39 -16.97 -2.58
CA ALA A 92 -6.67 -17.42 -3.12
C ALA A 92 -7.58 -16.28 -3.64
N ARG A 93 -7.53 -15.05 -3.09
CA ARG A 93 -8.25 -13.88 -3.63
C ARG A 93 -7.81 -13.56 -5.07
N PHE A 94 -6.52 -13.77 -5.35
CA PHE A 94 -5.81 -13.36 -6.56
C PHE A 94 -5.46 -14.52 -7.51
N VAL A 95 -6.29 -15.57 -7.56
CA VAL A 95 -6.31 -16.49 -8.70
C VAL A 95 -6.71 -15.78 -10.00
N GLY A 96 -6.31 -16.31 -11.16
CA GLY A 96 -6.45 -15.71 -12.48
C GLY A 96 -5.42 -14.62 -12.80
N GLU A 97 -4.44 -14.40 -11.92
CA GLU A 97 -3.41 -13.35 -12.05
C GLU A 97 -2.03 -13.95 -12.40
N GLU A 98 -1.16 -13.15 -13.04
CA GLU A 98 0.27 -13.47 -13.11
C GLU A 98 0.97 -12.89 -11.87
N VAL A 99 1.91 -13.64 -11.31
CA VAL A 99 2.68 -13.27 -10.11
C VAL A 99 4.16 -13.59 -10.35
N THR A 100 5.06 -12.75 -9.84
CA THR A 100 6.50 -13.04 -9.76
C THR A 100 6.96 -13.23 -8.32
N LEU A 101 7.81 -14.23 -8.05
CA LEU A 101 8.19 -14.66 -6.70
C LEU A 101 9.64 -15.19 -6.58
N VAL A 102 10.12 -15.30 -5.34
CA VAL A 102 11.41 -15.89 -4.95
C VAL A 102 11.27 -16.84 -3.74
N LEU A 103 12.05 -17.92 -3.70
CA LEU A 103 11.88 -19.05 -2.79
C LEU A 103 12.92 -19.13 -1.64
N ARG A 104 12.44 -19.55 -0.47
CA ARG A 104 13.10 -19.57 0.85
C ARG A 104 14.09 -20.72 1.03
N MET A 105 13.81 -21.89 0.44
CA MET A 105 14.71 -23.05 0.51
C MET A 105 15.99 -22.91 -0.35
N ALA A 106 16.03 -21.91 -1.22
CA ALA A 106 17.12 -21.65 -2.17
C ALA A 106 18.06 -20.51 -1.72
N VAL A 107 19.31 -20.56 -2.16
CA VAL A 107 20.35 -19.53 -1.93
C VAL A 107 20.60 -18.71 -3.21
N GLN A 108 21.32 -17.58 -3.10
CA GLN A 108 21.56 -16.65 -4.22
C GLN A 108 22.13 -17.35 -5.47
N ASN A 109 21.82 -16.82 -6.67
CA ASN A 109 21.84 -17.54 -7.96
C ASN A 109 20.70 -18.57 -8.15
N ARG A 110 19.69 -18.51 -7.29
CA ARG A 110 18.33 -19.03 -7.52
C ARG A 110 17.60 -18.19 -8.56
N ARG A 111 16.57 -18.73 -9.19
CA ARG A 111 15.76 -17.97 -10.17
C ARG A 111 14.82 -17.00 -9.46
N LYS A 112 14.43 -15.95 -10.18
CA LYS A 112 13.20 -15.20 -9.94
C LYS A 112 12.16 -15.82 -10.84
N TRP A 113 11.00 -16.18 -10.31
CA TRP A 113 9.98 -16.95 -11.04
C TRP A 113 8.85 -16.03 -11.47
N GLN A 114 8.18 -16.33 -12.58
CA GLN A 114 6.98 -15.62 -13.05
C GLN A 114 6.01 -16.59 -13.75
N GLY A 115 4.71 -16.52 -13.40
CA GLY A 115 3.68 -17.42 -13.90
C GLY A 115 2.28 -17.15 -13.33
N VAL A 116 1.25 -17.84 -13.85
CA VAL A 116 -0.17 -17.61 -13.53
C VAL A 116 -0.66 -18.47 -12.38
N ILE A 117 -1.40 -17.87 -11.44
CA ILE A 117 -2.01 -18.54 -10.29
C ILE A 117 -3.44 -18.99 -10.64
N LYS A 118 -3.75 -20.29 -10.45
CA LYS A 118 -5.01 -20.91 -10.91
C LYS A 118 -5.95 -21.38 -9.79
N ALA A 119 -5.41 -21.96 -8.72
CA ALA A 119 -6.17 -22.36 -7.51
C ALA A 119 -5.21 -22.57 -6.31
N VAL A 120 -5.72 -22.40 -5.09
CA VAL A 120 -4.88 -22.64 -3.88
C VAL A 120 -5.56 -23.69 -2.99
N ASP A 121 -5.04 -24.91 -2.98
CA ASP A 121 -5.60 -25.97 -2.10
C ASP A 121 -4.61 -26.21 -0.96
N GLY A 122 -5.05 -26.07 0.30
CA GLY A 122 -4.13 -26.20 1.43
C GLY A 122 -2.99 -25.21 1.33
N GLU A 123 -1.74 -25.68 1.49
CA GLU A 123 -0.57 -24.79 1.33
C GLU A 123 -0.02 -24.91 -0.09
N MET A 124 -0.65 -25.73 -0.94
CA MET A 124 -0.08 -25.98 -2.29
C MET A 124 -0.72 -25.10 -3.36
N ILE A 125 -0.09 -23.96 -3.68
CA ILE A 125 -0.57 -23.12 -4.79
C ILE A 125 -0.36 -23.87 -6.12
N THR A 126 -1.36 -23.83 -6.99
CA THR A 126 -1.34 -24.48 -8.31
C THR A 126 -1.26 -23.44 -9.42
N VAL A 127 -0.31 -23.63 -10.36
CA VAL A 127 0.22 -22.56 -11.23
C VAL A 127 0.53 -23.04 -12.65
N THR A 128 0.59 -22.11 -13.61
CA THR A 128 1.27 -22.34 -14.90
C THR A 128 2.56 -21.50 -14.96
N VAL A 129 3.71 -22.14 -15.20
CA VAL A 129 5.06 -21.54 -15.19
C VAL A 129 5.83 -22.02 -16.42
N GLU A 130 6.34 -21.08 -17.24
CA GLU A 130 6.95 -21.32 -18.54
C GLU A 130 6.09 -22.19 -19.50
N GLY A 131 4.75 -22.15 -19.34
CA GLY A 131 3.79 -22.94 -20.09
C GLY A 131 3.42 -24.31 -19.50
N LYS A 132 4.10 -24.78 -18.44
CA LYS A 132 3.81 -26.06 -17.75
C LYS A 132 2.94 -25.87 -16.50
N ASP A 133 2.02 -26.80 -16.24
CA ASP A 133 1.29 -26.90 -14.96
C ASP A 133 2.20 -27.40 -13.83
N GLU A 134 2.43 -26.57 -12.82
CA GLU A 134 3.41 -26.74 -11.72
C GLU A 134 2.76 -26.39 -10.37
N VAL A 135 3.48 -26.59 -9.26
CA VAL A 135 3.03 -26.23 -7.89
C VAL A 135 4.11 -25.50 -7.08
N PHE A 136 3.68 -24.65 -6.14
CA PHE A 136 4.53 -24.03 -5.09
C PHE A 136 3.94 -24.26 -3.70
N ALA A 137 4.78 -24.51 -2.70
CA ALA A 137 4.39 -24.50 -1.29
C ALA A 137 4.42 -23.05 -0.76
N LEU A 138 3.31 -22.53 -0.24
CA LEU A 138 3.22 -21.10 0.11
C LEU A 138 4.15 -20.67 1.28
N SER A 139 4.52 -21.61 2.15
CA SER A 139 5.55 -21.42 3.21
C SER A 139 6.99 -21.36 2.68
N ASN A 140 7.23 -21.87 1.46
CA ASN A 140 8.52 -21.79 0.76
C ASN A 140 8.66 -20.47 -0.02
N ILE A 141 7.61 -19.67 -0.18
CA ILE A 141 7.71 -18.35 -0.82
C ILE A 141 8.32 -17.36 0.18
N GLN A 142 9.39 -16.65 -0.22
CA GLN A 142 10.05 -15.63 0.61
C GLN A 142 9.57 -14.20 0.26
N LYS A 143 9.23 -13.95 -1.02
CA LYS A 143 8.51 -12.75 -1.48
C LYS A 143 7.71 -13.08 -2.75
N ALA A 144 6.57 -12.40 -2.95
CA ALA A 144 5.80 -12.43 -4.20
C ALA A 144 5.17 -11.06 -4.52
N ASN A 145 5.05 -10.73 -5.80
CA ASN A 145 4.47 -9.48 -6.33
C ASN A 145 3.53 -9.75 -7.52
N LEU A 146 2.41 -9.04 -7.59
CA LEU A 146 1.42 -9.21 -8.65
C LEU A 146 1.86 -8.51 -9.95
N VAL A 147 1.59 -9.14 -11.10
CA VAL A 147 1.83 -8.62 -12.46
C VAL A 147 0.49 -8.42 -13.19
N PRO A 148 0.24 -7.22 -13.77
CA PRO A 148 -0.96 -6.93 -14.54
C PRO A 148 -0.92 -7.55 -15.94
N HIS A 149 -2.09 -7.73 -16.57
CA HIS A 149 -2.21 -8.22 -17.95
C HIS A 149 -1.74 -7.18 -18.97
N PHE A 150 -1.14 -7.67 -20.06
CA PHE A 150 -0.67 -6.84 -21.17
C PHE A 150 -1.86 -6.26 -21.98
N ALA A 151 -1.79 -4.97 -22.34
CA ALA A 151 -2.82 -4.27 -23.12
C ALA A 151 -2.25 -3.10 -23.93
N MET A 1 24.51 11.17 8.53
CA MET A 1 25.62 11.91 7.89
C MET A 1 25.35 13.41 7.85
N SER A 2 24.35 13.88 7.10
CA SER A 2 24.07 15.32 6.91
C SER A 2 22.60 15.74 7.10
N THR A 3 21.67 14.81 7.34
CA THR A 3 20.23 15.07 7.48
C THR A 3 19.59 14.39 8.69
N LEU A 4 18.47 14.95 9.15
CA LEU A 4 17.66 14.47 10.30
C LEU A 4 16.36 13.77 9.87
N GLU A 5 16.22 13.46 8.58
CA GLU A 5 15.03 12.83 7.99
C GLU A 5 14.84 11.35 8.42
N GLN A 6 15.92 10.66 8.79
CA GLN A 6 15.85 9.30 9.33
C GLN A 6 15.46 9.35 10.83
N LYS A 7 16.07 10.27 11.59
CA LYS A 7 15.72 10.59 12.98
C LYS A 7 14.24 11.00 13.12
N LEU A 8 13.70 11.72 12.14
CA LEU A 8 12.27 12.08 12.06
C LEU A 8 11.34 10.87 11.96
N THR A 9 11.78 9.73 11.40
CA THR A 9 10.96 8.50 11.44
C THR A 9 10.79 7.96 12.86
N GLU A 10 11.81 8.05 13.72
CA GLU A 10 11.69 7.65 15.14
C GLU A 10 10.87 8.66 15.95
N MET A 11 10.94 9.96 15.62
CA MET A 11 10.11 11.03 16.19
C MET A 11 8.61 10.79 15.97
N ILE A 12 8.24 10.23 14.81
CA ILE A 12 6.86 9.89 14.44
C ILE A 12 6.46 8.51 15.00
N THR A 13 7.40 7.57 15.10
CA THR A 13 7.11 6.20 15.57
C THR A 13 6.64 6.15 17.00
N ALA A 14 7.28 6.88 17.93
CA ALA A 14 6.95 6.83 19.35
C ALA A 14 5.47 7.14 19.68
N PRO A 15 4.89 8.30 19.27
CA PRO A 15 3.49 8.63 19.58
C PRO A 15 2.48 7.77 18.81
N VAL A 16 2.82 7.30 17.60
CA VAL A 16 1.93 6.42 16.81
C VAL A 16 1.86 5.01 17.40
N GLU A 17 2.99 4.45 17.83
CA GLU A 17 3.01 3.18 18.58
C GLU A 17 2.25 3.31 19.91
N ALA A 18 2.40 4.45 20.61
CA ALA A 18 1.72 4.70 21.89
C ALA A 18 0.20 4.79 21.78
N LEU A 19 -0.36 5.03 20.58
CA LEU A 19 -1.78 4.98 20.28
C LEU A 19 -2.30 3.56 19.90
N GLY A 20 -1.42 2.55 19.82
CA GLY A 20 -1.79 1.16 19.57
C GLY A 20 -1.79 0.75 18.08
N PHE A 21 -0.92 1.33 17.26
CA PHE A 21 -0.74 0.96 15.84
C PHE A 21 0.34 -0.13 15.65
N GLU A 22 0.39 -0.72 14.44
CA GLU A 22 1.28 -1.84 14.09
C GLU A 22 2.33 -1.46 13.04
N LEU A 23 1.93 -0.81 11.94
CA LEU A 23 2.83 -0.31 10.92
C LEU A 23 2.83 1.22 10.84
N VAL A 24 4.03 1.80 10.72
CA VAL A 24 4.25 3.21 10.38
C VAL A 24 5.44 3.35 9.44
N GLY A 25 5.37 4.27 8.47
CA GLY A 25 6.45 4.56 7.53
C GLY A 25 6.24 5.84 6.72
N ILE A 26 7.30 6.36 6.09
CA ILE A 26 7.34 7.68 5.43
C ILE A 26 8.01 7.59 4.05
N GLU A 27 7.48 8.31 3.07
CA GLU A 27 8.21 8.75 1.87
C GLU A 27 8.26 10.29 1.76
N PHE A 28 9.33 10.82 1.16
CA PHE A 28 9.59 12.26 1.04
C PHE A 28 9.47 12.72 -0.42
N ILE A 29 8.81 13.87 -0.63
CA ILE A 29 8.63 14.50 -1.94
C ILE A 29 9.00 16.00 -1.83
N ARG A 30 9.82 16.51 -2.75
CA ARG A 30 10.28 17.90 -2.77
C ARG A 30 9.52 18.72 -3.83
N GLY A 31 9.33 20.03 -3.64
CA GLY A 31 8.74 20.89 -4.67
C GLY A 31 8.89 22.40 -4.41
N ARG A 32 7.99 23.21 -4.98
CA ARG A 32 7.82 24.63 -4.62
C ARG A 32 7.18 24.78 -3.22
N THR A 33 6.24 23.90 -2.91
CA THR A 33 6.01 23.35 -1.56
C THR A 33 6.46 21.88 -1.55
N SER A 34 6.95 21.39 -0.40
CA SER A 34 7.45 20.02 -0.20
C SER A 34 6.54 19.24 0.76
N THR A 35 6.57 17.91 0.63
CA THR A 35 5.56 17.01 1.20
C THR A 35 6.20 15.77 1.82
N LEU A 36 5.73 15.36 3.00
CA LEU A 36 5.91 13.99 3.50
C LEU A 36 4.63 13.20 3.25
N ARG A 37 4.74 11.91 2.93
CA ARG A 37 3.58 11.02 2.77
C ARG A 37 3.71 9.82 3.70
N ILE A 38 2.73 9.65 4.59
CA ILE A 38 2.75 8.63 5.65
C ILE A 38 1.93 7.40 5.27
N TYR A 39 2.51 6.23 5.49
CA TYR A 39 1.84 4.93 5.52
C TYR A 39 1.58 4.58 6.98
N ILE A 40 0.33 4.25 7.32
CA ILE A 40 -0.05 3.87 8.70
C ILE A 40 -1.06 2.70 8.71
N ASP A 41 -0.91 1.76 9.64
CA ASP A 41 -1.82 0.62 9.77
C ASP A 41 -1.91 0.09 11.22
N SER A 42 -3.10 -0.34 11.62
CA SER A 42 -3.46 -0.65 13.01
C SER A 42 -3.49 -2.16 13.31
N GLU A 43 -3.47 -2.54 14.59
CA GLU A 43 -3.64 -3.93 15.03
C GLU A 43 -5.13 -4.37 15.03
N ASP A 44 -6.06 -3.41 15.05
CA ASP A 44 -7.51 -3.61 15.27
C ASP A 44 -8.45 -3.10 14.16
N GLY A 45 -7.92 -2.74 12.98
CA GLY A 45 -8.72 -2.43 11.79
C GLY A 45 -9.43 -1.07 11.85
N ILE A 46 -8.65 0.01 11.98
CA ILE A 46 -9.11 1.40 12.11
C ILE A 46 -9.30 2.05 10.72
N ASN A 47 -10.39 2.81 10.56
CA ASN A 47 -10.78 3.49 9.31
C ASN A 47 -9.86 4.70 8.99
N VAL A 48 -9.74 5.00 7.70
CA VAL A 48 -8.89 6.08 7.18
C VAL A 48 -9.18 7.46 7.79
N ASP A 49 -10.41 7.75 8.21
CA ASP A 49 -10.75 9.05 8.81
C ASP A 49 -10.19 9.21 10.24
N ASP A 50 -10.07 8.12 11.00
CA ASP A 50 -9.40 8.11 12.30
C ASP A 50 -7.87 8.08 12.11
N CYS A 51 -7.35 7.31 11.15
CA CYS A 51 -5.94 7.40 10.76
C CYS A 51 -5.56 8.81 10.28
N ALA A 52 -6.48 9.56 9.66
CA ALA A 52 -6.29 10.96 9.27
C ALA A 52 -6.32 11.93 10.47
N ASP A 53 -7.05 11.60 11.55
CA ASP A 53 -7.03 12.40 12.79
C ASP A 53 -5.71 12.18 13.58
N VAL A 54 -5.22 10.94 13.61
CA VAL A 54 -3.85 10.63 14.07
C VAL A 54 -2.81 11.30 13.17
N SER A 55 -3.06 11.39 11.85
CA SER A 55 -2.19 12.14 10.93
C SER A 55 -2.23 13.65 11.16
N HIS A 56 -3.29 14.21 11.77
CA HIS A 56 -3.31 15.58 12.24
C HIS A 56 -2.34 15.79 13.44
N GLN A 57 -2.16 14.76 14.28
CA GLN A 57 -1.14 14.75 15.34
C GLN A 57 0.28 14.58 14.79
N VAL A 58 0.47 13.76 13.76
CA VAL A 58 1.77 13.63 13.04
C VAL A 58 2.11 14.92 12.29
N SER A 59 1.13 15.60 11.71
CA SER A 59 1.29 16.92 11.08
C SER A 59 1.78 17.97 12.08
N ALA A 60 1.28 17.93 13.33
CA ALA A 60 1.75 18.81 14.41
C ALA A 60 3.20 18.51 14.83
N VAL A 61 3.57 17.23 14.86
CA VAL A 61 4.96 16.82 15.22
C VAL A 61 5.90 17.35 14.14
N LEU A 62 5.50 17.27 12.88
CA LEU A 62 6.34 17.81 11.77
C LEU A 62 6.50 19.32 11.98
N ASP A 63 5.41 20.00 12.37
CA ASP A 63 5.46 21.47 12.54
C ASP A 63 6.45 21.84 13.65
N VAL A 64 6.41 21.14 14.79
CA VAL A 64 7.34 21.41 15.91
C VAL A 64 8.78 21.04 15.50
N GLU A 65 8.96 19.95 14.76
CA GLU A 65 10.31 19.48 14.38
C GLU A 65 11.01 20.55 13.54
N ASP A 66 10.29 21.13 12.57
CA ASP A 66 10.87 22.22 11.74
C ASP A 66 10.97 23.48 12.61
N PRO A 67 12.07 24.27 12.56
CA PRO A 67 12.12 25.52 13.31
C PRO A 67 11.00 26.42 12.77
N ILE A 68 10.85 26.48 11.44
CA ILE A 68 9.72 27.24 10.82
C ILE A 68 9.05 26.31 9.81
N THR A 69 7.72 26.20 9.85
CA THR A 69 7.02 25.38 8.82
C THR A 69 6.30 26.30 7.85
N VAL A 70 6.79 26.39 6.60
CA VAL A 70 6.13 27.23 5.56
C VAL A 70 5.81 26.35 4.35
N ALA A 71 6.79 25.59 3.87
CA ALA A 71 6.61 24.76 2.66
C ALA A 71 6.45 23.28 3.03
N TYR A 72 6.24 22.96 4.31
CA TYR A 72 6.18 21.53 4.72
C TYR A 72 4.71 21.10 4.88
N ASN A 73 4.30 20.03 4.19
CA ASN A 73 2.94 19.50 4.35
C ASN A 73 2.93 17.95 4.49
N LEU A 74 1.87 17.36 5.05
CA LEU A 74 1.70 15.90 5.17
C LEU A 74 0.54 15.36 4.30
N GLU A 75 0.75 14.22 3.64
CA GLU A 75 -0.26 13.44 2.92
C GLU A 75 -0.39 12.00 3.49
N VAL A 76 -1.55 11.37 3.36
CA VAL A 76 -1.90 10.11 4.07
C VAL A 76 -2.22 8.97 3.10
N SER A 77 -1.58 7.82 3.28
CA SER A 77 -1.72 6.60 2.46
C SER A 77 -1.96 5.35 3.33
N SER A 78 -2.46 4.28 2.70
CA SER A 78 -2.72 2.96 3.32
C SER A 78 -1.80 1.90 2.71
N PRO A 79 -0.94 1.21 3.48
CA PRO A 79 0.11 0.35 2.91
C PRO A 79 -0.40 -0.88 2.14
N GLY A 80 -1.63 -1.36 2.38
CA GLY A 80 -2.20 -2.58 1.77
C GLY A 80 -2.67 -2.48 0.31
N LEU A 81 -2.35 -1.40 -0.41
CA LEU A 81 -2.83 -1.12 -1.78
C LEU A 81 -2.21 -2.04 -2.87
N ASP A 82 -1.23 -2.86 -2.50
CA ASP A 82 -0.26 -3.51 -3.39
C ASP A 82 -0.46 -5.03 -3.59
N ARG A 83 -1.53 -5.55 -3.00
CA ARG A 83 -1.75 -7.03 -2.93
C ARG A 83 -2.03 -7.72 -4.25
N PRO A 84 -1.54 -8.98 -4.43
CA PRO A 84 -1.86 -9.77 -5.61
C PRO A 84 -3.31 -10.28 -5.55
N LEU A 85 -3.91 -10.57 -6.71
CA LEU A 85 -5.33 -11.02 -6.75
C LEU A 85 -5.38 -12.53 -6.98
N PHE A 86 -5.94 -13.29 -6.02
CA PHE A 86 -6.11 -14.76 -6.22
C PHE A 86 -7.58 -15.14 -6.14
N THR A 87 -8.39 -14.34 -5.46
CA THR A 87 -9.81 -14.72 -5.23
C THR A 87 -10.61 -14.68 -6.54
N ALA A 88 -11.45 -15.69 -6.78
CA ALA A 88 -12.33 -15.70 -7.97
C ALA A 88 -13.31 -14.53 -7.87
N GLU A 89 -13.81 -14.26 -6.66
CA GLU A 89 -14.75 -13.12 -6.45
C GLU A 89 -14.02 -11.81 -6.78
N HIS A 90 -12.75 -11.70 -6.39
CA HIS A 90 -11.95 -10.49 -6.72
C HIS A 90 -11.80 -10.35 -8.23
N TYR A 91 -11.58 -11.48 -8.94
CA TYR A 91 -11.48 -11.43 -10.43
C TYR A 91 -12.82 -10.95 -11.00
N ALA A 92 -13.94 -11.44 -10.45
CA ALA A 92 -15.27 -11.04 -10.96
C ALA A 92 -15.52 -9.56 -10.65
N ARG A 93 -15.13 -9.10 -9.46
CA ARG A 93 -15.27 -7.67 -9.11
C ARG A 93 -14.33 -6.75 -9.92
N PHE A 94 -13.16 -7.23 -10.31
CA PHE A 94 -12.17 -6.44 -11.10
C PHE A 94 -12.26 -6.67 -12.63
N VAL A 95 -13.39 -7.12 -13.17
CA VAL A 95 -13.59 -7.19 -14.63
C VAL A 95 -13.56 -5.82 -15.29
N GLY A 96 -12.91 -5.72 -16.46
CA GLY A 96 -12.61 -4.48 -17.16
C GLY A 96 -11.24 -3.86 -16.79
N GLU A 97 -10.42 -4.56 -15.99
CA GLU A 97 -9.07 -4.12 -15.60
C GLU A 97 -7.96 -5.03 -16.17
N GLU A 98 -6.75 -4.48 -16.34
CA GLU A 98 -5.58 -5.18 -16.83
C GLU A 98 -4.81 -5.84 -15.67
N VAL A 99 -4.28 -7.05 -15.89
CA VAL A 99 -3.61 -7.88 -14.88
C VAL A 99 -2.37 -8.54 -15.48
N THR A 100 -1.33 -8.79 -14.67
CA THR A 100 -0.12 -9.56 -15.02
C THR A 100 0.05 -10.76 -14.08
N LEU A 101 0.42 -11.93 -14.63
CA LEU A 101 0.33 -13.24 -13.96
C LEU A 101 1.49 -14.22 -14.26
N VAL A 102 1.59 -15.26 -13.41
CA VAL A 102 2.42 -16.46 -13.65
C VAL A 102 1.63 -17.78 -13.41
N LEU A 103 1.97 -18.82 -14.17
CA LEU A 103 1.30 -20.14 -14.14
C LEU A 103 2.08 -21.22 -13.35
N ARG A 104 1.35 -22.13 -12.72
CA ARG A 104 1.85 -23.23 -11.86
C ARG A 104 2.44 -24.39 -12.66
N MET A 105 1.86 -24.69 -13.83
CA MET A 105 2.34 -25.75 -14.75
C MET A 105 3.72 -25.45 -15.34
N ALA A 106 4.13 -24.17 -15.38
CA ALA A 106 5.49 -23.73 -15.75
C ALA A 106 6.46 -23.91 -14.57
N VAL A 107 7.62 -24.49 -14.86
CA VAL A 107 8.74 -24.70 -13.91
C VAL A 107 9.66 -23.47 -13.82
N GLN A 108 10.54 -23.41 -12.82
CA GLN A 108 11.38 -22.23 -12.56
C GLN A 108 12.21 -21.75 -13.78
N ASN A 109 12.54 -20.45 -13.80
CA ASN A 109 12.94 -19.68 -15.00
C ASN A 109 11.77 -19.37 -15.97
N ARG A 110 10.52 -19.43 -15.48
CA ARG A 110 9.26 -19.19 -16.21
C ARG A 110 8.99 -17.71 -16.56
N ARG A 111 8.13 -17.51 -17.56
CA ARG A 111 7.75 -16.19 -18.12
C ARG A 111 6.37 -15.71 -17.68
N LYS A 112 6.15 -14.39 -17.76
CA LYS A 112 5.02 -13.65 -17.19
C LYS A 112 4.10 -13.09 -18.26
N TRP A 113 2.78 -13.07 -18.04
CA TRP A 113 1.77 -12.78 -19.06
C TRP A 113 0.80 -11.66 -18.62
N GLN A 114 0.59 -10.64 -19.45
CA GLN A 114 -0.25 -9.47 -19.11
C GLN A 114 -1.36 -9.21 -20.14
N GLY A 115 -2.57 -8.90 -19.64
CA GLY A 115 -3.74 -8.59 -20.49
C GLY A 115 -4.98 -8.15 -19.71
N VAL A 116 -6.01 -7.73 -20.45
CA VAL A 116 -7.28 -7.19 -19.91
C VAL A 116 -8.26 -8.32 -19.62
N ILE A 117 -8.83 -8.33 -18.42
CA ILE A 117 -9.84 -9.31 -17.99
C ILE A 117 -11.24 -8.78 -18.30
N LYS A 118 -12.04 -9.60 -19.01
CA LYS A 118 -13.35 -9.20 -19.58
C LYS A 118 -14.53 -9.76 -18.81
N ALA A 119 -14.56 -11.07 -18.59
CA ALA A 119 -15.60 -11.77 -17.82
C ALA A 119 -15.09 -13.10 -17.26
N VAL A 120 -15.58 -13.48 -16.07
CA VAL A 120 -15.10 -14.73 -15.41
C VAL A 120 -16.27 -15.70 -15.25
N ASP A 121 -16.33 -16.74 -16.09
CA ASP A 121 -17.39 -17.77 -15.94
C ASP A 121 -16.72 -19.03 -15.39
N GLY A 122 -17.17 -19.51 -14.23
CA GLY A 122 -16.50 -20.67 -13.59
C GLY A 122 -15.03 -20.35 -13.36
N GLU A 123 -14.14 -21.26 -13.76
CA GLU A 123 -12.68 -20.99 -13.64
C GLU A 123 -12.17 -20.40 -14.97
N MET A 124 -13.04 -20.29 -15.97
CA MET A 124 -12.59 -19.82 -17.31
C MET A 124 -12.61 -18.30 -17.41
N ILE A 125 -11.47 -17.65 -17.17
CA ILE A 125 -11.36 -16.20 -17.34
C ILE A 125 -11.19 -15.86 -18.82
N THR A 126 -12.03 -14.96 -19.33
CA THR A 126 -11.96 -14.44 -20.71
C THR A 126 -11.15 -13.14 -20.76
N VAL A 127 -10.18 -13.07 -21.67
CA VAL A 127 -9.14 -12.03 -21.67
C VAL A 127 -8.77 -11.55 -23.08
N THR A 128 -8.19 -10.34 -23.17
CA THR A 128 -7.47 -9.89 -24.37
C THR A 128 -5.99 -9.65 -24.04
N VAL A 129 -5.09 -10.26 -24.81
CA VAL A 129 -3.63 -10.32 -24.61
C VAL A 129 -2.92 -10.01 -25.93
N GLU A 130 -1.99 -9.05 -25.93
CA GLU A 130 -1.24 -8.58 -27.12
C GLU A 130 -2.13 -8.33 -28.36
N GLY A 131 -3.32 -7.74 -28.14
CA GLY A 131 -4.31 -7.43 -29.17
C GLY A 131 -5.24 -8.58 -29.60
N LYS A 132 -5.15 -9.77 -28.99
CA LYS A 132 -5.87 -11.01 -29.36
C LYS A 132 -6.70 -11.56 -28.20
N ASP A 133 -7.89 -12.08 -28.50
CA ASP A 133 -8.74 -12.79 -27.52
C ASP A 133 -8.14 -14.14 -27.09
N GLU A 134 -8.11 -14.44 -25.80
CA GLU A 134 -7.69 -15.74 -25.23
C GLU A 134 -8.52 -16.10 -23.98
N VAL A 135 -8.35 -17.33 -23.47
CA VAL A 135 -8.92 -17.81 -22.20
C VAL A 135 -7.86 -18.44 -21.30
N PHE A 136 -8.07 -18.36 -19.97
CA PHE A 136 -7.22 -18.96 -18.95
C PHE A 136 -8.05 -19.71 -17.91
N ALA A 137 -7.54 -20.83 -17.40
CA ALA A 137 -8.08 -21.59 -16.28
C ALA A 137 -7.44 -21.11 -14.97
N LEU A 138 -8.22 -20.52 -14.05
CA LEU A 138 -7.66 -19.89 -12.85
C LEU A 138 -6.97 -20.88 -11.90
N SER A 139 -7.35 -22.17 -11.97
CA SER A 139 -6.66 -23.28 -11.28
C SER A 139 -5.21 -23.52 -11.71
N ASN A 140 -4.76 -22.94 -12.83
CA ASN A 140 -3.34 -22.94 -13.26
C ASN A 140 -2.61 -21.64 -12.85
N ILE A 141 -3.32 -20.57 -12.46
CA ILE A 141 -2.69 -19.29 -12.12
C ILE A 141 -2.17 -19.34 -10.68
N GLN A 142 -0.87 -19.10 -10.49
CA GLN A 142 -0.21 -19.20 -9.17
C GLN A 142 -0.05 -17.85 -8.45
N LYS A 143 0.08 -16.75 -9.22
CA LYS A 143 -0.03 -15.36 -8.76
C LYS A 143 -0.54 -14.46 -9.87
N ALA A 144 -1.31 -13.43 -9.52
CA ALA A 144 -1.69 -12.32 -10.41
C ALA A 144 -1.60 -10.96 -9.68
N ASN A 145 -1.41 -9.86 -10.41
CA ASN A 145 -1.35 -8.49 -9.88
C ASN A 145 -2.04 -7.50 -10.84
N LEU A 146 -2.63 -6.43 -10.29
CA LEU A 146 -3.39 -5.42 -11.05
C LEU A 146 -2.50 -4.36 -11.72
N VAL A 147 -2.84 -4.01 -12.97
CA VAL A 147 -2.25 -2.92 -13.76
C VAL A 147 -3.31 -1.84 -14.07
N PRO A 148 -3.12 -0.58 -13.64
CA PRO A 148 -4.07 0.50 -13.90
C PRO A 148 -4.12 0.92 -15.38
N HIS A 149 -5.19 1.57 -15.79
CA HIS A 149 -5.47 1.95 -17.17
C HIS A 149 -4.90 3.34 -17.55
N PHE A 150 -4.95 3.62 -18.85
CA PHE A 150 -4.87 4.96 -19.44
C PHE A 150 -6.21 5.31 -20.12
N ALA A 151 -6.56 6.59 -20.18
CA ALA A 151 -7.74 7.12 -20.87
C ALA A 151 -7.44 8.47 -21.53
N MET A 1 23.16 13.87 3.49
CA MET A 1 24.05 13.36 4.55
C MET A 1 23.82 14.03 5.90
N SER A 2 23.64 15.36 5.94
CA SER A 2 23.63 16.15 7.18
C SER A 2 22.22 16.58 7.66
N THR A 3 21.20 15.75 7.42
CA THR A 3 19.82 15.93 7.94
C THR A 3 19.55 15.06 9.17
N LEU A 4 18.40 15.27 9.83
CA LEU A 4 17.89 14.52 10.98
C LEU A 4 16.65 13.66 10.63
N GLU A 5 16.52 13.24 9.38
CA GLU A 5 15.29 12.58 8.87
C GLU A 5 15.06 11.18 9.47
N GLN A 6 16.10 10.50 9.98
CA GLN A 6 15.97 9.24 10.72
C GLN A 6 15.54 9.49 12.17
N LYS A 7 16.05 10.55 12.83
CA LYS A 7 15.54 11.02 14.12
C LYS A 7 14.06 11.42 14.03
N LEU A 8 13.67 12.09 12.96
CA LEU A 8 12.27 12.42 12.65
C LEU A 8 11.43 11.17 12.37
N THR A 9 11.99 10.16 11.70
CA THR A 9 11.32 8.86 11.51
C THR A 9 11.06 8.15 12.84
N GLU A 10 12.03 8.12 13.76
CA GLU A 10 11.82 7.62 15.14
C GLU A 10 10.77 8.46 15.90
N MET A 11 10.83 9.80 15.76
CA MET A 11 9.95 10.75 16.44
C MET A 11 8.48 10.62 16.01
N ILE A 12 8.22 10.23 14.77
CA ILE A 12 6.87 9.97 14.23
C ILE A 12 6.44 8.52 14.51
N THR A 13 7.38 7.57 14.52
CA THR A 13 7.11 6.17 14.86
C THR A 13 6.70 6.03 16.33
N ALA A 14 7.35 6.74 17.26
CA ALA A 14 7.10 6.65 18.70
C ALA A 14 5.63 6.86 19.13
N PRO A 15 4.91 7.94 18.72
CA PRO A 15 3.51 8.11 19.09
C PRO A 15 2.58 7.12 18.38
N VAL A 16 2.84 6.74 17.13
CA VAL A 16 1.96 5.84 16.36
C VAL A 16 2.11 4.37 16.82
N GLU A 17 3.32 3.93 17.15
CA GLU A 17 3.58 2.62 17.77
C GLU A 17 2.88 2.53 19.13
N ALA A 18 2.94 3.58 19.96
CA ALA A 18 2.34 3.59 21.29
C ALA A 18 0.80 3.56 21.29
N LEU A 19 0.17 4.05 20.21
CA LEU A 19 -1.28 3.91 19.93
C LEU A 19 -1.68 2.56 19.32
N GLY A 20 -0.75 1.61 19.18
CA GLY A 20 -1.04 0.20 18.89
C GLY A 20 -1.19 -0.15 17.39
N PHE A 21 -0.62 0.65 16.49
CA PHE A 21 -0.71 0.37 15.04
C PHE A 21 0.43 -0.56 14.57
N GLU A 22 0.19 -1.35 13.52
CA GLU A 22 1.06 -2.45 13.10
C GLU A 22 1.94 -2.06 11.89
N LEU A 23 1.47 -1.18 11.01
CA LEU A 23 2.30 -0.49 10.02
C LEU A 23 2.46 0.99 10.38
N VAL A 24 3.70 1.49 10.35
CA VAL A 24 4.03 2.92 10.28
C VAL A 24 5.34 3.13 9.51
N GLY A 25 5.28 3.82 8.37
CA GLY A 25 6.44 4.13 7.50
C GLY A 25 6.24 5.38 6.65
N ILE A 26 7.34 5.99 6.19
CA ILE A 26 7.35 7.35 5.60
C ILE A 26 7.97 7.36 4.18
N GLU A 27 7.53 8.30 3.36
CA GLU A 27 8.05 8.65 2.03
C GLU A 27 8.18 10.19 1.93
N PHE A 28 9.34 10.72 1.52
CA PHE A 28 9.63 12.16 1.54
C PHE A 28 9.64 12.77 0.14
N ILE A 29 8.91 13.88 -0.08
CA ILE A 29 8.66 14.49 -1.39
C ILE A 29 8.93 16.00 -1.32
N ARG A 30 9.74 16.57 -2.23
CA ARG A 30 10.21 17.97 -2.18
C ARG A 30 9.71 18.82 -3.34
N GLY A 31 9.35 20.08 -3.08
CA GLY A 31 8.96 20.99 -4.17
C GLY A 31 8.65 22.39 -3.68
N ARG A 32 7.86 23.17 -4.42
CA ARG A 32 7.45 24.50 -3.90
C ARG A 32 6.67 24.21 -2.63
N THR A 33 5.82 23.19 -2.65
CA THR A 33 5.15 22.75 -1.40
C THR A 33 5.70 21.35 -1.11
N SER A 34 6.38 21.17 0.02
CA SER A 34 7.00 19.86 0.33
C SER A 34 5.98 18.96 1.02
N THR A 35 6.04 17.65 0.77
CA THR A 35 5.05 16.73 1.34
C THR A 35 5.75 15.51 1.96
N LEU A 36 5.39 15.14 3.19
CA LEU A 36 5.61 13.78 3.69
C LEU A 36 4.38 12.93 3.34
N ARG A 37 4.57 11.71 2.84
CA ARG A 37 3.52 10.68 2.74
C ARG A 37 3.76 9.62 3.82
N ILE A 38 2.76 9.35 4.66
CA ILE A 38 2.81 8.35 5.73
C ILE A 38 1.87 7.17 5.41
N TYR A 39 2.39 5.94 5.58
CA TYR A 39 1.64 4.70 5.43
C TYR A 39 1.32 4.12 6.82
N ILE A 40 0.06 3.82 7.09
CA ILE A 40 -0.43 3.39 8.42
C ILE A 40 -1.49 2.27 8.32
N ASP A 41 -1.46 1.30 9.24
CA ASP A 41 -2.42 0.17 9.26
C ASP A 41 -2.57 -0.49 10.64
N SER A 42 -3.79 -1.00 10.92
CA SER A 42 -4.17 -1.61 12.21
C SER A 42 -4.80 -3.01 12.06
N GLU A 43 -4.63 -3.85 13.08
CA GLU A 43 -5.17 -5.22 13.13
C GLU A 43 -6.71 -5.25 13.33
N ASP A 44 -7.27 -4.20 13.94
CA ASP A 44 -8.71 -3.94 14.12
C ASP A 44 -9.40 -3.31 12.88
N GLY A 45 -8.64 -2.92 11.86
CA GLY A 45 -9.17 -2.43 10.59
C GLY A 45 -9.77 -1.01 10.70
N ILE A 46 -8.99 -0.06 11.23
CA ILE A 46 -9.40 1.33 11.43
C ILE A 46 -9.28 2.10 10.10
N ASN A 47 -10.29 2.89 9.78
CA ASN A 47 -10.40 3.63 8.52
C ASN A 47 -9.39 4.79 8.44
N VAL A 48 -9.02 5.16 7.19
CA VAL A 48 -7.97 6.15 6.89
C VAL A 48 -8.32 7.58 7.33
N ASP A 49 -9.58 7.91 7.57
CA ASP A 49 -9.97 9.25 8.08
C ASP A 49 -9.61 9.45 9.56
N ASP A 50 -9.79 8.46 10.43
CA ASP A 50 -9.38 8.59 11.84
C ASP A 50 -7.86 8.43 11.98
N CYS A 51 -7.23 7.63 11.12
CA CYS A 51 -5.78 7.61 10.95
C CYS A 51 -5.25 8.98 10.50
N ALA A 52 -5.99 9.72 9.67
CA ALA A 52 -5.67 11.09 9.29
C ALA A 52 -5.93 12.12 10.40
N ASP A 53 -6.78 11.82 11.38
CA ASP A 53 -6.95 12.68 12.56
C ASP A 53 -5.78 12.53 13.55
N VAL A 54 -5.30 11.29 13.77
CA VAL A 54 -4.01 11.04 14.48
C VAL A 54 -2.86 11.71 13.72
N SER A 55 -2.88 11.65 12.38
CA SER A 55 -1.88 12.31 11.53
C SER A 55 -2.02 13.83 11.52
N HIS A 56 -3.17 14.42 11.87
CA HIS A 56 -3.34 15.87 12.05
C HIS A 56 -2.54 16.39 13.25
N GLN A 57 -2.30 15.52 14.23
CA GLN A 57 -1.38 15.77 15.37
C GLN A 57 0.08 15.46 14.99
N VAL A 58 0.35 14.53 14.05
CA VAL A 58 1.69 14.32 13.48
C VAL A 58 2.12 15.56 12.67
N SER A 59 1.22 16.06 11.82
CA SER A 59 1.54 17.27 11.01
C SER A 59 2.03 18.39 11.95
N ALA A 60 1.44 18.50 13.14
CA ALA A 60 1.84 19.54 14.10
C ALA A 60 3.29 19.34 14.55
N VAL A 61 3.68 18.09 14.84
CA VAL A 61 5.08 17.79 15.26
C VAL A 61 6.04 18.12 14.10
N LEU A 62 5.64 17.81 12.86
CA LEU A 62 6.48 18.15 11.68
C LEU A 62 6.62 19.68 11.60
N ASP A 63 5.53 20.41 11.85
CA ASP A 63 5.56 21.89 11.76
C ASP A 63 6.49 22.48 12.82
N VAL A 64 6.46 21.97 14.06
CA VAL A 64 7.41 22.46 15.11
C VAL A 64 8.85 22.04 14.74
N GLU A 65 9.04 20.84 14.20
CA GLU A 65 10.40 20.32 13.90
C GLU A 65 11.09 21.20 12.84
N ASP A 66 10.37 21.63 11.81
CA ASP A 66 11.00 22.39 10.70
C ASP A 66 10.52 23.85 10.71
N PRO A 67 11.40 24.85 10.50
CA PRO A 67 11.00 26.26 10.60
C PRO A 67 9.87 26.63 9.63
N ILE A 68 9.94 26.13 8.38
CA ILE A 68 8.83 26.40 7.42
C ILE A 68 7.62 25.53 7.80
N THR A 69 6.46 26.16 7.97
CA THR A 69 5.18 25.43 8.12
C THR A 69 4.36 25.55 6.83
N VAL A 70 4.37 26.74 6.23
CA VAL A 70 3.57 27.00 4.99
C VAL A 70 4.11 26.12 3.84
N ALA A 71 5.44 26.00 3.72
CA ALA A 71 6.03 25.24 2.60
C ALA A 71 5.95 23.74 2.88
N TYR A 72 5.29 23.34 3.97
CA TYR A 72 5.19 21.92 4.33
C TYR A 72 3.76 21.42 4.49
N ASN A 73 3.51 20.21 3.96
CA ASN A 73 2.27 19.44 4.04
C ASN A 73 2.56 17.97 4.45
N LEU A 74 1.56 17.24 4.92
CA LEU A 74 1.63 15.79 5.15
C LEU A 74 0.36 15.08 4.63
N GLU A 75 0.52 13.95 3.95
CA GLU A 75 -0.53 13.16 3.31
C GLU A 75 -0.53 11.72 3.86
N VAL A 76 -1.71 11.12 3.99
CA VAL A 76 -1.92 9.82 4.65
C VAL A 76 -2.38 8.76 3.67
N SER A 77 -1.78 7.57 3.73
CA SER A 77 -2.00 6.44 2.84
C SER A 77 -2.19 5.12 3.62
N SER A 78 -2.91 4.18 3.00
CA SER A 78 -3.11 2.84 3.61
C SER A 78 -2.48 1.80 2.67
N PRO A 79 -1.84 0.72 3.17
CA PRO A 79 -1.13 -0.23 2.31
C PRO A 79 -1.98 -1.02 1.28
N GLY A 80 -3.17 -1.48 1.66
CA GLY A 80 -3.94 -2.35 0.76
C GLY A 80 -4.37 -1.68 -0.53
N LEU A 81 -4.11 -2.31 -1.68
CA LEU A 81 -4.56 -1.78 -3.00
C LEU A 81 -5.33 -2.90 -3.69
N ASP A 82 -5.78 -3.91 -2.93
CA ASP A 82 -6.47 -5.09 -3.54
C ASP A 82 -7.82 -4.68 -4.13
N ARG A 83 -8.29 -3.46 -3.88
CA ARG A 83 -9.65 -3.06 -4.34
C ARG A 83 -9.69 -2.96 -5.87
N PRO A 84 -10.71 -3.55 -6.55
CA PRO A 84 -10.87 -3.39 -8.00
C PRO A 84 -11.47 -2.01 -8.27
N LEU A 85 -11.33 -1.49 -9.50
CA LEU A 85 -11.82 -0.11 -9.78
C LEU A 85 -13.31 -0.17 -10.17
N PHE A 86 -14.19 0.26 -9.25
CA PHE A 86 -15.65 0.31 -9.57
C PHE A 86 -16.18 1.72 -9.37
N THR A 87 -15.38 2.62 -8.79
CA THR A 87 -15.89 3.97 -8.47
C THR A 87 -15.86 4.88 -9.70
N ALA A 88 -16.97 5.57 -9.98
CA ALA A 88 -17.06 6.46 -11.15
C ALA A 88 -16.10 7.67 -11.03
N GLU A 89 -15.97 8.24 -9.84
CA GLU A 89 -15.03 9.32 -9.53
C GLU A 89 -13.56 8.87 -9.63
N HIS A 90 -13.27 7.57 -9.48
CA HIS A 90 -11.95 6.95 -9.67
C HIS A 90 -11.66 6.68 -11.15
N TYR A 91 -12.63 6.10 -11.87
CA TYR A 91 -12.58 5.98 -13.34
C TYR A 91 -12.28 7.36 -13.99
N ALA A 92 -12.88 8.43 -13.46
CA ALA A 92 -12.65 9.80 -13.91
C ALA A 92 -11.23 10.34 -13.61
N ARG A 93 -10.53 9.84 -12.57
CA ARG A 93 -9.11 10.14 -12.30
C ARG A 93 -8.15 9.35 -13.19
N PHE A 94 -8.47 8.09 -13.51
CA PHE A 94 -7.60 7.19 -14.29
C PHE A 94 -7.92 7.13 -15.79
N VAL A 95 -8.61 8.14 -16.32
CA VAL A 95 -8.77 8.34 -17.78
C VAL A 95 -7.41 8.43 -18.50
N GLY A 96 -7.38 7.97 -19.75
CA GLY A 96 -6.18 7.79 -20.55
C GLY A 96 -5.40 6.51 -20.27
N GLU A 97 -5.89 5.64 -19.39
CA GLU A 97 -5.23 4.36 -19.04
C GLU A 97 -6.03 3.15 -19.59
N GLU A 98 -5.37 2.02 -19.77
CA GLU A 98 -5.97 0.77 -20.28
C GLU A 98 -6.59 -0.05 -19.14
N VAL A 99 -7.72 -0.71 -19.39
CA VAL A 99 -8.44 -1.56 -18.44
C VAL A 99 -8.86 -2.86 -19.08
N THR A 100 -8.74 -3.98 -18.34
CA THR A 100 -9.34 -5.28 -18.68
C THR A 100 -10.49 -5.63 -17.74
N LEU A 101 -11.63 -6.06 -18.31
CA LEU A 101 -12.91 -6.22 -17.62
C LEU A 101 -13.74 -7.43 -18.09
N VAL A 102 -14.79 -7.74 -17.32
CA VAL A 102 -15.89 -8.67 -17.66
C VAL A 102 -17.26 -7.98 -17.53
N LEU A 103 -18.20 -8.32 -18.42
CA LEU A 103 -19.51 -7.68 -18.56
C LEU A 103 -20.67 -8.53 -18.02
N ARG A 104 -21.66 -7.85 -17.42
CA ARG A 104 -22.81 -8.55 -16.80
C ARG A 104 -23.75 -9.08 -17.88
N MET A 105 -24.01 -8.29 -18.92
CA MET A 105 -24.97 -8.70 -19.98
C MET A 105 -24.23 -9.60 -20.98
N ALA A 106 -23.95 -10.84 -20.59
CA ALA A 106 -23.22 -11.79 -21.49
C ALA A 106 -23.55 -13.23 -21.08
N VAL A 107 -23.28 -14.20 -21.96
CA VAL A 107 -23.57 -15.63 -21.68
C VAL A 107 -22.55 -16.18 -20.68
N GLN A 108 -22.80 -17.36 -20.12
CA GLN A 108 -21.86 -17.98 -19.14
C GLN A 108 -20.55 -18.28 -19.86
N ASN A 109 -19.42 -18.26 -19.12
CA ASN A 109 -18.08 -18.45 -19.77
C ASN A 109 -17.92 -17.35 -20.83
N ARG A 110 -18.30 -16.11 -20.49
CA ARG A 110 -18.25 -14.98 -21.46
C ARG A 110 -16.80 -14.60 -21.80
N ARG A 111 -16.63 -13.76 -22.82
CA ARG A 111 -15.30 -13.30 -23.23
C ARG A 111 -14.79 -12.17 -22.34
N LYS A 112 -13.47 -12.01 -22.28
CA LYS A 112 -12.76 -11.01 -21.48
C LYS A 112 -12.22 -9.89 -22.39
N TRP A 113 -12.52 -8.64 -22.03
CA TRP A 113 -12.37 -7.47 -22.91
C TRP A 113 -11.37 -6.46 -22.34
N GLN A 114 -10.56 -5.86 -23.22
CA GLN A 114 -9.47 -4.97 -22.84
C GLN A 114 -9.29 -3.79 -23.83
N GLY A 115 -9.10 -2.57 -23.33
CA GLY A 115 -8.99 -1.33 -24.12
C GLY A 115 -8.73 -0.08 -23.29
N VAL A 116 -8.58 1.08 -23.94
CA VAL A 116 -8.18 2.36 -23.31
C VAL A 116 -9.41 3.23 -22.99
N ILE A 117 -9.50 3.76 -21.75
CA ILE A 117 -10.60 4.62 -21.29
C ILE A 117 -10.30 6.10 -21.58
N LYS A 118 -11.30 6.83 -22.08
CA LYS A 118 -11.19 8.26 -22.48
C LYS A 118 -11.88 9.22 -21.52
N ALA A 119 -13.15 9.00 -21.16
CA ALA A 119 -13.93 9.89 -20.28
C ALA A 119 -15.08 9.17 -19.54
N VAL A 120 -15.57 9.78 -18.45
CA VAL A 120 -16.76 9.35 -17.69
C VAL A 120 -17.83 10.43 -17.73
N ASP A 121 -19.10 10.07 -17.97
CA ASP A 121 -20.25 10.97 -17.90
C ASP A 121 -21.46 10.29 -17.23
N GLY A 122 -21.71 10.61 -15.96
CA GLY A 122 -22.76 9.98 -15.15
C GLY A 122 -22.38 8.55 -14.75
N GLU A 123 -22.92 7.56 -15.45
CA GLU A 123 -22.49 6.15 -15.38
C GLU A 123 -21.81 5.63 -16.66
N MET A 124 -21.76 6.44 -17.74
CA MET A 124 -21.31 6.01 -19.08
C MET A 124 -19.82 6.30 -19.29
N ILE A 125 -19.10 5.33 -19.86
CA ILE A 125 -17.66 5.37 -20.11
C ILE A 125 -17.37 5.25 -21.61
N THR A 126 -16.50 6.11 -22.14
CA THR A 126 -16.00 6.07 -23.52
C THR A 126 -14.66 5.34 -23.60
N VAL A 127 -14.50 4.48 -24.60
CA VAL A 127 -13.33 3.59 -24.76
C VAL A 127 -12.89 3.44 -26.22
N THR A 128 -11.60 3.13 -26.42
CA THR A 128 -11.05 2.65 -27.69
C THR A 128 -10.51 1.22 -27.53
N VAL A 129 -11.12 0.27 -28.23
CA VAL A 129 -10.95 -1.20 -28.05
C VAL A 129 -10.47 -1.85 -29.35
N GLU A 130 -9.26 -2.40 -29.35
CA GLU A 130 -8.56 -2.92 -30.55
C GLU A 130 -8.54 -1.89 -31.71
N GLY A 131 -8.43 -0.60 -31.39
CA GLY A 131 -8.49 0.52 -32.32
C GLY A 131 -9.89 1.04 -32.67
N LYS A 132 -10.97 0.46 -32.13
CA LYS A 132 -12.37 0.83 -32.42
C LYS A 132 -13.02 1.63 -31.27
N ASP A 133 -13.67 2.75 -31.59
CA ASP A 133 -14.39 3.61 -30.65
C ASP A 133 -15.74 3.00 -30.17
N GLU A 134 -15.95 2.89 -28.85
CA GLU A 134 -17.13 2.27 -28.21
C GLU A 134 -17.56 2.99 -26.91
N VAL A 135 -18.76 2.67 -26.37
CA VAL A 135 -19.23 3.08 -25.03
C VAL A 135 -19.79 1.91 -24.22
N PHE A 136 -19.69 1.98 -22.89
CA PHE A 136 -20.28 1.03 -21.93
C PHE A 136 -20.78 1.74 -20.65
N ALA A 137 -21.79 1.19 -19.98
CA ALA A 137 -22.27 1.64 -18.68
C ALA A 137 -21.55 0.89 -17.54
N LEU A 138 -21.14 1.57 -16.47
CA LEU A 138 -20.47 0.90 -15.33
C LEU A 138 -21.37 -0.04 -14.51
N SER A 139 -22.70 0.05 -14.65
CA SER A 139 -23.65 -0.97 -14.19
C SER A 139 -23.44 -2.32 -14.90
N ASN A 140 -23.07 -2.31 -16.18
CA ASN A 140 -22.76 -3.50 -16.98
C ASN A 140 -21.32 -3.99 -16.76
N ILE A 141 -20.40 -3.17 -16.22
CA ILE A 141 -19.04 -3.58 -15.89
C ILE A 141 -19.05 -4.30 -14.55
N GLN A 142 -18.91 -5.63 -14.55
CA GLN A 142 -19.10 -6.46 -13.38
C GLN A 142 -17.79 -6.73 -12.61
N LYS A 143 -16.62 -6.64 -13.26
CA LYS A 143 -15.29 -6.55 -12.62
C LYS A 143 -14.27 -5.90 -13.57
N ALA A 144 -13.27 -5.17 -13.05
CA ALA A 144 -12.24 -4.48 -13.84
C ALA A 144 -10.88 -4.31 -13.11
N ASN A 145 -9.78 -4.40 -13.87
CA ASN A 145 -8.40 -4.14 -13.42
C ASN A 145 -7.68 -3.20 -14.42
N LEU A 146 -6.75 -2.35 -13.93
CA LEU A 146 -5.94 -1.45 -14.76
C LEU A 146 -4.72 -2.16 -15.39
N VAL A 147 -4.36 -1.76 -16.61
CA VAL A 147 -3.23 -2.27 -17.42
C VAL A 147 -2.20 -1.15 -17.68
N PRO A 148 -0.89 -1.40 -17.53
CA PRO A 148 0.17 -0.37 -17.61
C PRO A 148 0.44 0.17 -19.03
N HIS A 149 1.19 1.28 -19.10
CA HIS A 149 1.46 2.07 -20.32
C HIS A 149 2.11 1.29 -21.48
N PHE A 150 1.83 1.74 -22.72
CA PHE A 150 2.38 1.19 -23.97
C PHE A 150 3.88 1.54 -24.13
N ALA A 151 4.68 0.53 -24.47
CA ALA A 151 6.14 0.56 -24.44
C ALA A 151 6.80 -0.12 -25.65
N MET A 1 22.16 9.77 3.10
CA MET A 1 23.42 10.02 3.83
C MET A 1 23.33 11.28 4.68
N SER A 2 23.18 12.48 4.10
CA SER A 2 23.42 13.77 4.78
C SER A 2 22.15 14.51 5.24
N THR A 3 21.04 13.79 5.49
CA THR A 3 19.82 14.34 6.12
C THR A 3 19.37 13.47 7.31
N LEU A 4 18.86 14.12 8.35
CA LEU A 4 18.42 13.52 9.63
C LEU A 4 16.96 12.99 9.56
N GLU A 5 16.54 12.54 8.39
CA GLU A 5 15.16 12.17 8.11
C GLU A 5 14.75 10.83 8.79
N GLN A 6 15.72 10.03 9.24
CA GLN A 6 15.48 8.82 10.05
C GLN A 6 15.17 9.16 11.52
N LYS A 7 15.87 10.16 12.10
CA LYS A 7 15.52 10.76 13.40
C LYS A 7 14.11 11.33 13.38
N LEU A 8 13.72 12.00 12.29
CA LEU A 8 12.35 12.48 12.07
C LEU A 8 11.32 11.32 12.02
N THR A 9 11.58 10.23 11.29
CA THR A 9 10.70 9.04 11.28
C THR A 9 10.64 8.38 12.67
N GLU A 10 11.72 8.39 13.45
CA GLU A 10 11.75 7.83 14.81
C GLU A 10 10.89 8.65 15.78
N MET A 11 11.00 9.98 15.80
CA MET A 11 10.14 10.83 16.65
C MET A 11 8.66 10.86 16.19
N ILE A 12 8.38 10.54 14.92
CA ILE A 12 7.02 10.32 14.40
C ILE A 12 6.49 8.93 14.81
N THR A 13 7.36 7.92 14.87
CA THR A 13 6.99 6.56 15.30
C THR A 13 6.56 6.54 16.78
N ALA A 14 7.14 7.39 17.65
CA ALA A 14 6.85 7.38 19.09
C ALA A 14 5.34 7.64 19.42
N PRO A 15 4.68 8.70 18.94
CA PRO A 15 3.23 8.86 19.04
C PRO A 15 2.43 7.73 18.37
N VAL A 16 2.86 7.24 17.21
CA VAL A 16 2.10 6.22 16.46
C VAL A 16 2.11 4.85 17.18
N GLU A 17 3.21 4.50 17.86
CA GLU A 17 3.27 3.39 18.82
C GLU A 17 2.37 3.64 20.04
N ALA A 18 2.41 4.84 20.63
CA ALA A 18 1.65 5.23 21.83
C ALA A 18 0.12 5.39 21.60
N LEU A 19 -0.30 5.52 20.34
CA LEU A 19 -1.68 5.52 19.86
C LEU A 19 -2.12 4.17 19.27
N GLY A 20 -1.23 3.17 19.25
CA GLY A 20 -1.61 1.77 19.00
C GLY A 20 -1.76 1.35 17.53
N PHE A 21 -0.86 1.78 16.65
CA PHE A 21 -0.85 1.38 15.22
C PHE A 21 0.31 0.44 14.88
N GLU A 22 0.08 -0.49 13.97
CA GLU A 22 0.93 -1.66 13.70
C GLU A 22 2.00 -1.39 12.63
N LEU A 23 1.60 -0.79 11.50
CA LEU A 23 2.51 -0.37 10.43
C LEU A 23 2.62 1.16 10.44
N VAL A 24 3.86 1.66 10.37
CA VAL A 24 4.16 3.04 9.97
C VAL A 24 5.36 3.08 9.01
N GLY A 25 5.32 4.02 8.04
CA GLY A 25 6.45 4.33 7.15
C GLY A 25 6.29 5.71 6.48
N ILE A 26 7.40 6.33 6.08
CA ILE A 26 7.47 7.67 5.48
C ILE A 26 8.16 7.62 4.12
N GLU A 27 7.62 8.34 3.14
CA GLU A 27 8.17 8.56 1.78
C GLU A 27 8.34 10.07 1.50
N PHE A 28 9.46 10.46 0.88
CA PHE A 28 9.93 11.84 0.85
C PHE A 28 9.79 12.50 -0.52
N ILE A 29 9.07 13.64 -0.59
CA ILE A 29 8.80 14.40 -1.81
C ILE A 29 9.25 15.86 -1.65
N ARG A 30 10.18 16.34 -2.50
CA ARG A 30 10.69 17.73 -2.52
C ARG A 30 9.89 18.61 -3.47
N GLY A 31 9.67 19.89 -3.13
CA GLY A 31 9.16 20.92 -4.06
C GLY A 31 9.20 22.35 -3.51
N ARG A 32 8.59 23.31 -4.22
CA ARG A 32 8.28 24.66 -3.68
C ARG A 32 7.32 24.56 -2.48
N THR A 33 6.50 23.52 -2.49
CA THR A 33 5.98 22.86 -1.27
C THR A 33 6.59 21.44 -1.24
N SER A 34 7.14 21.03 -0.11
CA SER A 34 7.64 19.66 0.11
C SER A 34 6.62 18.82 0.87
N THR A 35 6.48 17.54 0.53
CA THR A 35 5.48 16.63 1.11
C THR A 35 6.13 15.40 1.75
N LEU A 36 5.63 14.99 2.91
CA LEU A 36 5.86 13.66 3.48
C LEU A 36 4.63 12.80 3.21
N ARG A 37 4.78 11.62 2.60
CA ARG A 37 3.69 10.66 2.44
C ARG A 37 3.82 9.55 3.49
N ILE A 38 2.82 9.43 4.37
CA ILE A 38 2.77 8.47 5.47
C ILE A 38 1.92 7.25 5.09
N TYR A 39 2.44 6.08 5.38
CA TYR A 39 1.78 4.79 5.25
C TYR A 39 1.44 4.27 6.64
N ILE A 40 0.19 3.90 6.89
CA ILE A 40 -0.28 3.51 8.25
C ILE A 40 -1.34 2.40 8.21
N ASP A 41 -1.30 1.47 9.16
CA ASP A 41 -2.31 0.41 9.37
C ASP A 41 -2.34 -0.08 10.83
N SER A 42 -3.47 -0.64 11.25
CA SER A 42 -3.71 -1.15 12.61
C SER A 42 -4.18 -2.61 12.64
N GLU A 43 -3.88 -3.27 13.74
CA GLU A 43 -4.38 -4.59 14.14
C GLU A 43 -5.85 -4.54 14.59
N ASP A 44 -6.27 -3.42 15.19
CA ASP A 44 -7.60 -3.22 15.79
C ASP A 44 -8.71 -2.84 14.77
N GLY A 45 -8.34 -2.64 13.51
CA GLY A 45 -9.28 -2.29 12.42
C GLY A 45 -9.79 -0.85 12.51
N ILE A 46 -8.85 0.11 12.56
CA ILE A 46 -9.14 1.54 12.76
C ILE A 46 -9.48 2.21 11.43
N ASN A 47 -10.44 3.15 11.48
CA ASN A 47 -11.02 3.81 10.31
C ASN A 47 -10.06 4.83 9.64
N VAL A 48 -10.27 5.09 8.34
CA VAL A 48 -9.54 6.10 7.55
C VAL A 48 -9.54 7.49 8.20
N ASP A 49 -10.66 7.97 8.72
CA ASP A 49 -10.74 9.31 9.32
C ASP A 49 -10.12 9.38 10.72
N ASP A 50 -9.93 8.23 11.39
CA ASP A 50 -9.12 8.14 12.61
C ASP A 50 -7.63 8.12 12.30
N CYS A 51 -7.21 7.46 11.20
CA CYS A 51 -5.84 7.50 10.69
C CYS A 51 -5.47 8.90 10.16
N ALA A 52 -6.43 9.61 9.55
CA ALA A 52 -6.27 10.99 9.11
C ALA A 52 -6.04 11.97 10.29
N ASP A 53 -6.75 11.77 11.41
CA ASP A 53 -6.56 12.60 12.61
C ASP A 53 -5.26 12.24 13.37
N VAL A 54 -4.83 10.96 13.37
CA VAL A 54 -3.49 10.60 13.87
C VAL A 54 -2.38 11.20 12.99
N SER A 55 -2.59 11.26 11.67
CA SER A 55 -1.70 11.99 10.75
C SER A 55 -1.70 13.51 11.01
N HIS A 56 -2.76 14.05 11.64
CA HIS A 56 -2.80 15.43 12.13
C HIS A 56 -2.04 15.60 13.45
N GLN A 57 -2.07 14.63 14.36
CA GLN A 57 -1.21 14.62 15.56
C GLN A 57 0.29 14.57 15.18
N VAL A 58 0.64 13.79 14.14
CA VAL A 58 1.97 13.78 13.51
C VAL A 58 2.28 15.14 12.86
N SER A 59 1.29 15.77 12.19
CA SER A 59 1.46 17.11 11.61
C SER A 59 1.73 18.18 12.66
N ALA A 60 1.24 18.05 13.90
CA ALA A 60 1.47 18.99 14.99
C ALA A 60 2.90 18.94 15.55
N VAL A 61 3.47 17.73 15.65
CA VAL A 61 4.85 17.58 16.18
C VAL A 61 5.83 17.92 15.06
N LEU A 62 5.39 17.85 13.80
CA LEU A 62 6.24 18.28 12.67
C LEU A 62 6.51 19.77 12.85
N ASP A 63 5.48 20.53 13.28
CA ASP A 63 5.64 21.99 13.51
C ASP A 63 6.64 22.25 14.63
N VAL A 64 6.63 21.44 15.70
CA VAL A 64 7.67 21.64 16.76
C VAL A 64 9.06 21.33 16.18
N GLU A 65 9.18 20.27 15.37
CA GLU A 65 10.49 19.87 14.78
C GLU A 65 11.00 20.93 13.80
N ASP A 66 10.11 21.49 12.96
CA ASP A 66 10.56 22.45 11.91
C ASP A 66 9.97 23.83 12.20
N PRO A 67 10.76 24.92 12.18
CA PRO A 67 10.25 26.25 12.57
C PRO A 67 9.06 26.72 11.73
N ILE A 68 9.07 26.46 10.43
CA ILE A 68 7.97 26.98 9.56
C ILE A 68 6.97 25.87 9.26
N THR A 69 5.71 26.05 9.68
CA THR A 69 4.65 25.06 9.33
C THR A 69 4.44 25.11 7.82
N VAL A 70 4.54 26.30 7.23
CA VAL A 70 4.34 26.48 5.75
C VAL A 70 5.51 25.83 5.02
N ALA A 71 5.33 25.50 3.72
CA ALA A 71 6.36 24.83 2.88
C ALA A 71 6.31 23.32 3.11
N TYR A 72 5.66 22.87 4.19
CA TYR A 72 5.49 21.43 4.38
C TYR A 72 4.01 21.00 4.27
N ASN A 73 3.79 19.81 3.72
CA ASN A 73 2.50 19.17 3.52
C ASN A 73 2.57 17.65 3.83
N LEU A 74 1.43 17.00 4.08
CA LEU A 74 1.35 15.55 4.34
C LEU A 74 0.28 14.86 3.46
N GLU A 75 0.62 13.66 2.96
CA GLU A 75 -0.27 12.72 2.25
C GLU A 75 -0.49 11.42 3.05
N VAL A 76 -1.71 10.94 3.20
CA VAL A 76 -2.06 9.72 3.97
C VAL A 76 -2.24 8.51 3.04
N SER A 77 -1.76 7.32 3.42
CA SER A 77 -1.79 6.09 2.61
C SER A 77 -2.04 4.80 3.42
N SER A 78 -2.52 3.75 2.75
CA SER A 78 -2.77 2.40 3.31
C SER A 78 -1.89 1.33 2.66
N PRO A 79 -1.28 0.39 3.43
CA PRO A 79 -0.35 -0.61 2.89
C PRO A 79 -1.05 -1.80 2.18
N GLY A 80 -2.29 -2.15 2.56
CA GLY A 80 -3.04 -3.29 2.01
C GLY A 80 -3.46 -3.13 0.54
N LEU A 81 -3.10 -2.02 -0.12
CA LEU A 81 -3.43 -1.71 -1.51
C LEU A 81 -2.71 -2.64 -2.51
N ASP A 82 -1.57 -3.23 -2.18
CA ASP A 82 -0.71 -3.97 -3.11
C ASP A 82 -0.95 -5.50 -3.18
N ARG A 83 -2.18 -5.93 -2.86
CA ARG A 83 -2.50 -7.34 -2.60
C ARG A 83 -2.88 -8.15 -3.88
N PRO A 84 -2.51 -9.44 -3.96
CA PRO A 84 -2.74 -10.31 -5.12
C PRO A 84 -4.20 -10.80 -5.23
N LEU A 85 -4.53 -11.51 -6.32
CA LEU A 85 -5.87 -12.00 -6.68
C LEU A 85 -6.13 -13.44 -6.18
N PHE A 86 -7.31 -13.73 -5.62
CA PHE A 86 -7.65 -15.02 -5.00
C PHE A 86 -9.09 -15.51 -5.28
N THR A 87 -10.07 -14.62 -5.24
CA THR A 87 -11.51 -14.98 -5.08
C THR A 87 -12.23 -15.15 -6.42
N ALA A 88 -13.17 -16.09 -6.53
CA ALA A 88 -13.82 -16.47 -7.78
C ALA A 88 -14.77 -15.36 -8.34
N GLU A 89 -15.41 -14.57 -7.46
CA GLU A 89 -16.13 -13.35 -7.85
C GLU A 89 -15.17 -12.25 -8.35
N HIS A 90 -14.04 -12.03 -7.68
CA HIS A 90 -13.02 -11.07 -8.10
C HIS A 90 -12.43 -11.47 -9.46
N TYR A 91 -12.12 -12.74 -9.67
CA TYR A 91 -11.72 -13.29 -10.99
C TYR A 91 -12.78 -13.03 -12.08
N ALA A 92 -14.06 -13.19 -11.77
CA ALA A 92 -15.16 -12.91 -12.70
C ALA A 92 -15.39 -11.40 -12.99
N ARG A 93 -15.02 -10.52 -12.05
CA ARG A 93 -15.04 -9.05 -12.24
C ARG A 93 -13.83 -8.56 -13.06
N PHE A 94 -12.64 -9.08 -12.79
CA PHE A 94 -11.39 -8.75 -13.49
C PHE A 94 -11.15 -9.56 -14.79
N VAL A 95 -12.23 -9.98 -15.46
CA VAL A 95 -12.16 -10.46 -16.85
C VAL A 95 -11.73 -9.36 -17.82
N GLY A 96 -11.14 -9.75 -18.96
CA GLY A 96 -10.59 -8.81 -19.96
C GLY A 96 -9.21 -8.25 -19.60
N GLU A 97 -8.53 -8.84 -18.63
CA GLU A 97 -7.20 -8.43 -18.14
C GLU A 97 -6.09 -9.43 -18.50
N GLU A 98 -4.84 -8.96 -18.60
CA GLU A 98 -3.66 -9.83 -18.55
C GLU A 98 -3.25 -10.06 -17.09
N VAL A 99 -2.90 -11.30 -16.75
CA VAL A 99 -2.56 -11.75 -15.38
C VAL A 99 -1.35 -12.69 -15.42
N THR A 100 -0.49 -12.62 -14.40
CA THR A 100 0.64 -13.56 -14.18
C THR A 100 0.43 -14.38 -12.91
N LEU A 101 0.78 -15.67 -12.95
CA LEU A 101 0.47 -16.66 -11.90
C LEU A 101 1.55 -17.71 -11.67
N VAL A 102 1.45 -18.40 -10.53
CA VAL A 102 2.17 -19.64 -10.20
C VAL A 102 1.19 -20.76 -9.78
N LEU A 103 1.49 -22.00 -10.18
CA LEU A 103 0.64 -23.17 -9.95
C LEU A 103 1.00 -23.95 -8.68
N ARG A 104 0.00 -24.59 -8.07
CA ARG A 104 0.08 -25.30 -6.78
C ARG A 104 0.75 -26.66 -6.88
N MET A 105 0.52 -27.38 -7.97
CA MET A 105 1.10 -28.70 -8.26
C MET A 105 2.57 -28.61 -8.73
N ALA A 106 3.01 -27.44 -9.20
CA ALA A 106 4.40 -27.15 -9.55
C ALA A 106 5.30 -26.99 -8.30
N VAL A 107 6.51 -27.54 -8.37
CA VAL A 107 7.54 -27.56 -7.29
C VAL A 107 8.70 -26.58 -7.54
N GLN A 108 9.55 -26.34 -6.56
CA GLN A 108 10.55 -25.26 -6.59
C GLN A 108 11.50 -25.31 -7.82
N ASN A 109 11.95 -24.13 -8.27
CA ASN A 109 12.50 -23.83 -9.60
C ASN A 109 11.44 -23.78 -10.74
N ARG A 110 10.16 -23.67 -10.34
CA ARG A 110 9.01 -23.47 -11.24
C ARG A 110 8.96 -22.08 -11.86
N ARG A 111 8.39 -22.01 -13.05
CA ARG A 111 8.18 -20.80 -13.84
C ARG A 111 6.85 -20.11 -13.53
N LYS A 112 6.78 -18.83 -13.87
CA LYS A 112 5.55 -18.02 -13.84
C LYS A 112 4.89 -18.07 -15.22
N TRP A 113 3.55 -18.04 -15.21
CA TRP A 113 2.71 -18.18 -16.41
C TRP A 113 1.84 -16.94 -16.62
N GLN A 114 1.78 -16.42 -17.85
CA GLN A 114 1.20 -15.12 -18.18
C GLN A 114 0.30 -15.20 -19.42
N GLY A 115 -0.90 -14.61 -19.33
CA GLY A 115 -1.92 -14.66 -20.38
C GLY A 115 -3.15 -13.81 -20.08
N VAL A 116 -4.11 -13.80 -21.01
CA VAL A 116 -5.33 -12.98 -20.95
C VAL A 116 -6.51 -13.79 -20.45
N ILE A 117 -7.22 -13.27 -19.45
CA ILE A 117 -8.42 -13.90 -18.87
C ILE A 117 -9.66 -13.42 -19.63
N LYS A 118 -10.31 -14.33 -20.37
CA LYS A 118 -11.51 -14.04 -21.17
C LYS A 118 -12.80 -14.19 -20.36
N ALA A 119 -12.95 -15.31 -19.64
CA ALA A 119 -14.16 -15.66 -18.89
C ALA A 119 -13.90 -16.69 -17.79
N VAL A 120 -14.80 -16.74 -16.80
CA VAL A 120 -14.65 -17.76 -15.70
C VAL A 120 -15.95 -18.59 -15.66
N ASP A 121 -15.92 -19.80 -16.23
CA ASP A 121 -17.10 -20.68 -16.18
C ASP A 121 -16.88 -21.70 -15.05
N GLY A 122 -17.74 -21.71 -14.04
CA GLY A 122 -17.52 -22.59 -12.88
C GLY A 122 -16.16 -22.30 -12.25
N GLU A 123 -15.36 -23.33 -12.00
CA GLU A 123 -13.98 -23.10 -11.47
C GLU A 123 -12.99 -23.12 -12.63
N MET A 124 -13.48 -23.28 -13.88
CA MET A 124 -12.56 -23.39 -15.04
C MET A 124 -12.36 -22.04 -15.73
N ILE A 125 -11.30 -21.32 -15.37
CA ILE A 125 -10.97 -20.06 -16.06
C ILE A 125 -10.59 -20.38 -17.51
N THR A 126 -11.16 -19.63 -18.45
CA THR A 126 -10.92 -19.72 -19.90
C THR A 126 -10.03 -18.57 -20.37
N VAL A 127 -8.89 -18.89 -20.99
CA VAL A 127 -7.76 -17.96 -21.17
C VAL A 127 -7.09 -18.05 -22.54
N THR A 128 -6.42 -16.98 -22.95
CA THR A 128 -5.53 -16.97 -24.13
C THR A 128 -4.08 -16.89 -23.69
N VAL A 129 -3.23 -17.81 -24.17
CA VAL A 129 -1.79 -17.90 -23.86
C VAL A 129 -0.98 -18.05 -25.15
N GLU A 130 -0.09 -17.11 -25.44
CA GLU A 130 0.67 -17.04 -26.72
C GLU A 130 -0.24 -17.10 -27.97
N GLY A 131 -1.45 -16.55 -27.87
CA GLY A 131 -2.48 -16.55 -28.92
C GLY A 131 -3.33 -17.83 -29.00
N LYS A 132 -3.09 -18.82 -28.14
CA LYS A 132 -3.79 -20.12 -28.11
C LYS A 132 -4.83 -20.18 -26.98
N ASP A 133 -6.01 -20.75 -27.24
CA ASP A 133 -7.05 -20.97 -26.22
C ASP A 133 -6.68 -22.12 -25.26
N GLU A 134 -6.73 -21.88 -23.95
CA GLU A 134 -6.45 -22.86 -22.89
C GLU A 134 -7.49 -22.78 -21.75
N VAL A 135 -7.48 -23.77 -20.84
CA VAL A 135 -8.33 -23.83 -19.65
C VAL A 135 -7.51 -24.13 -18.39
N PHE A 136 -7.84 -23.45 -17.29
CA PHE A 136 -7.19 -23.59 -15.98
C PHE A 136 -8.21 -23.84 -14.87
N ALA A 137 -7.94 -24.80 -14.00
CA ALA A 137 -8.69 -25.01 -12.77
C ALA A 137 -8.20 -24.01 -11.69
N LEU A 138 -9.09 -23.13 -11.19
CA LEU A 138 -8.68 -22.09 -10.23
C LEU A 138 -8.20 -22.65 -8.89
N SER A 139 -8.59 -23.90 -8.58
CA SER A 139 -8.05 -24.67 -7.45
C SER A 139 -6.54 -24.96 -7.57
N ASN A 140 -5.97 -25.05 -8.77
CA ASN A 140 -4.53 -25.25 -8.98
C ASN A 140 -3.73 -23.92 -9.02
N ILE A 141 -4.38 -22.74 -8.98
CA ILE A 141 -3.70 -21.45 -8.97
C ILE A 141 -3.37 -21.07 -7.51
N GLN A 142 -2.09 -20.82 -7.22
CA GLN A 142 -1.58 -20.62 -5.85
C GLN A 142 -1.34 -19.14 -5.51
N LYS A 143 -0.77 -18.34 -6.43
CA LYS A 143 -0.68 -16.87 -6.33
C LYS A 143 -0.76 -16.22 -7.70
N ALA A 144 -1.48 -15.11 -7.84
CA ALA A 144 -1.55 -14.33 -9.10
C ALA A 144 -1.61 -12.81 -8.92
N ASN A 145 -1.05 -12.06 -9.88
CA ASN A 145 -0.98 -10.61 -9.93
C ASN A 145 -1.42 -10.05 -11.31
N LEU A 146 -1.98 -8.85 -11.32
CA LEU A 146 -2.54 -8.18 -12.51
C LEU A 146 -1.44 -7.50 -13.34
N VAL A 147 -1.50 -7.59 -14.66
CA VAL A 147 -0.63 -6.89 -15.62
C VAL A 147 -1.46 -5.86 -16.44
N PRO A 148 -1.35 -4.55 -16.18
CA PRO A 148 -2.14 -3.52 -16.88
C PRO A 148 -1.61 -3.14 -18.27
N HIS A 149 -2.44 -2.46 -19.06
CA HIS A 149 -2.09 -1.94 -20.40
C HIS A 149 -1.25 -0.65 -20.37
N PHE A 150 -0.48 -0.42 -21.46
CA PHE A 150 0.43 0.73 -21.63
C PHE A 150 -0.27 1.99 -22.16
N ALA A 151 0.06 3.16 -21.61
CA ALA A 151 -0.36 4.49 -22.10
C ALA A 151 0.76 5.54 -22.04
N MET A 1 20.60 7.86 7.11
CA MET A 1 21.20 7.54 8.44
C MET A 1 21.80 8.81 9.05
N SER A 2 22.78 9.41 8.35
CA SER A 2 23.41 10.66 8.84
C SER A 2 22.37 11.78 8.91
N THR A 3 21.49 11.86 7.91
CA THR A 3 20.43 12.90 7.90
C THR A 3 19.48 12.68 9.07
N LEU A 4 19.03 13.76 9.71
CA LEU A 4 18.08 13.64 10.84
C LEU A 4 16.70 13.27 10.29
N GLU A 5 16.62 12.94 8.99
CA GLU A 5 15.36 12.50 8.38
C GLU A 5 14.89 11.13 8.89
N GLN A 6 15.82 10.24 9.22
CA GLN A 6 15.52 8.95 9.83
C GLN A 6 15.17 9.10 11.32
N LYS A 7 15.71 10.13 12.00
CA LYS A 7 15.32 10.55 13.37
C LYS A 7 13.98 11.29 13.38
N LEU A 8 13.66 12.08 12.36
CA LEU A 8 12.32 12.66 12.15
C LEU A 8 11.29 11.53 11.99
N THR A 9 11.66 10.48 11.24
CA THR A 9 10.85 9.24 11.09
C THR A 9 10.74 8.46 12.40
N GLU A 10 11.79 8.42 13.21
CA GLU A 10 11.81 7.83 14.56
C GLU A 10 10.87 8.54 15.54
N MET A 11 10.91 9.88 15.62
CA MET A 11 10.01 10.66 16.47
C MET A 11 8.55 10.68 15.99
N ILE A 12 8.27 10.29 14.74
CA ILE A 12 6.91 9.97 14.26
C ILE A 12 6.53 8.51 14.59
N THR A 13 7.49 7.58 14.53
CA THR A 13 7.27 6.17 14.86
C THR A 13 6.94 5.98 16.35
N ALA A 14 7.68 6.61 17.26
CA ALA A 14 7.49 6.48 18.70
C ALA A 14 6.05 6.77 19.21
N PRO A 15 5.37 7.89 18.86
CA PRO A 15 4.01 8.13 19.30
C PRO A 15 2.98 7.22 18.61
N VAL A 16 3.16 6.85 17.34
CA VAL A 16 2.19 5.99 16.63
C VAL A 16 2.32 4.52 17.07
N GLU A 17 3.52 4.08 17.46
CA GLU A 17 3.74 2.80 18.15
C GLU A 17 3.12 2.79 19.55
N ALA A 18 3.17 3.89 20.29
CA ALA A 18 2.46 4.04 21.58
C ALA A 18 0.94 4.04 21.40
N LEU A 19 0.42 4.63 20.32
CA LEU A 19 -0.99 4.57 19.90
C LEU A 19 -1.43 3.20 19.36
N GLY A 20 -0.50 2.24 19.21
CA GLY A 20 -0.79 0.81 19.10
C GLY A 20 -1.03 0.26 17.70
N PHE A 21 -0.57 0.95 16.64
CA PHE A 21 -0.83 0.58 15.23
C PHE A 21 0.22 -0.39 14.67
N GLU A 22 -0.16 -1.17 13.64
CA GLU A 22 0.62 -2.29 13.08
C GLU A 22 1.65 -1.83 12.04
N LEU A 23 1.32 -0.86 11.19
CA LEU A 23 2.27 -0.13 10.34
C LEU A 23 2.37 1.35 10.73
N VAL A 24 3.59 1.88 10.79
CA VAL A 24 3.87 3.31 10.55
C VAL A 24 5.15 3.46 9.72
N GLY A 25 5.10 4.26 8.66
CA GLY A 25 6.26 4.52 7.77
C GLY A 25 6.12 5.82 6.97
N ILE A 26 7.25 6.37 6.50
CA ILE A 26 7.35 7.65 5.80
C ILE A 26 8.03 7.47 4.42
N GLU A 27 7.59 8.25 3.45
CA GLU A 27 8.17 8.41 2.10
C GLU A 27 8.44 9.90 1.82
N PHE A 28 9.64 10.25 1.34
CA PHE A 28 10.09 11.64 1.14
C PHE A 28 10.03 12.08 -0.32
N ILE A 29 9.24 13.12 -0.60
CA ILE A 29 9.09 13.61 -2.00
C ILE A 29 9.85 14.93 -2.13
N ARG A 30 10.66 15.07 -3.18
CA ARG A 30 11.50 16.30 -3.33
C ARG A 30 10.78 17.27 -4.27
N GLY A 31 10.50 18.48 -3.80
CA GLY A 31 9.75 19.48 -4.60
C GLY A 31 9.93 20.86 -4.01
N ARG A 32 9.31 21.88 -4.62
CA ARG A 32 9.36 23.25 -4.02
C ARG A 32 8.76 23.12 -2.62
N THR A 33 7.67 22.34 -2.49
CA THR A 33 7.11 22.07 -1.13
C THR A 33 7.50 20.63 -0.79
N SER A 34 8.26 20.43 0.29
CA SER A 34 8.74 19.07 0.64
C SER A 34 7.59 18.24 1.20
N THR A 35 7.09 17.28 0.42
CA THR A 35 6.00 16.41 0.91
C THR A 35 6.57 15.18 1.63
N LEU A 36 6.01 14.85 2.80
CA LEU A 36 6.14 13.53 3.42
C LEU A 36 4.82 12.79 3.19
N ARG A 37 4.86 11.55 2.69
CA ARG A 37 3.68 10.66 2.67
C ARG A 37 3.81 9.64 3.80
N ILE A 38 2.78 9.53 4.63
CA ILE A 38 2.69 8.58 5.73
C ILE A 38 1.85 7.35 5.36
N TYR A 39 2.30 6.19 5.82
CA TYR A 39 1.66 4.89 5.67
C TYR A 39 1.21 4.37 7.03
N ILE A 40 -0.07 4.03 7.15
CA ILE A 40 -0.72 3.58 8.40
C ILE A 40 -1.48 2.27 8.18
N ASP A 41 -1.44 1.37 9.15
CA ASP A 41 -2.26 0.13 9.15
C ASP A 41 -2.63 -0.29 10.58
N SER A 42 -3.84 -0.81 10.76
CA SER A 42 -4.41 -1.24 12.04
C SER A 42 -4.84 -2.70 12.02
N GLU A 43 -4.63 -3.40 13.13
CA GLU A 43 -5.15 -4.77 13.32
C GLU A 43 -6.65 -4.77 13.69
N ASP A 44 -7.13 -3.68 14.32
CA ASP A 44 -8.52 -3.50 14.77
C ASP A 44 -9.49 -3.15 13.62
N GLY A 45 -8.97 -2.79 12.45
CA GLY A 45 -9.75 -2.50 11.23
C GLY A 45 -10.27 -1.06 11.18
N ILE A 46 -9.43 -0.10 11.54
CA ILE A 46 -9.75 1.33 11.68
C ILE A 46 -9.64 2.01 10.30
N ASN A 47 -10.61 2.86 10.00
CA ASN A 47 -10.75 3.57 8.73
C ASN A 47 -9.70 4.68 8.53
N VAL A 48 -9.36 4.97 7.27
CA VAL A 48 -8.37 5.99 6.90
C VAL A 48 -8.73 7.41 7.35
N ASP A 49 -10.02 7.78 7.44
CA ASP A 49 -10.42 9.13 7.89
C ASP A 49 -10.13 9.35 9.38
N ASP A 50 -10.31 8.30 10.21
CA ASP A 50 -9.98 8.30 11.64
C ASP A 50 -8.45 8.33 11.84
N CYS A 51 -7.72 7.59 11.00
CA CYS A 51 -6.26 7.60 10.95
C CYS A 51 -5.68 8.93 10.45
N ALA A 52 -6.38 9.65 9.56
CA ALA A 52 -6.02 10.98 9.12
C ALA A 52 -6.14 12.01 10.25
N ASP A 53 -7.07 11.82 11.21
CA ASP A 53 -7.14 12.66 12.41
C ASP A 53 -5.93 12.44 13.35
N VAL A 54 -5.39 11.22 13.44
CA VAL A 54 -4.11 10.97 14.11
C VAL A 54 -2.94 11.58 13.31
N SER A 55 -3.01 11.53 11.98
CA SER A 55 -2.03 12.15 11.09
C SER A 55 -2.02 13.69 11.19
N HIS A 56 -3.15 14.29 11.59
CA HIS A 56 -3.25 15.72 11.88
C HIS A 56 -2.54 16.12 13.20
N GLN A 57 -2.44 15.20 14.16
CA GLN A 57 -1.57 15.37 15.34
C GLN A 57 -0.09 15.21 14.95
N VAL A 58 0.24 14.20 14.11
CA VAL A 58 1.59 14.01 13.55
C VAL A 58 2.04 15.22 12.72
N SER A 59 1.11 15.86 11.99
CA SER A 59 1.36 17.08 11.23
C SER A 59 1.78 18.25 12.12
N ALA A 60 1.20 18.31 13.32
CA ALA A 60 1.55 19.37 14.29
C ALA A 60 2.94 19.11 14.89
N VAL A 61 3.29 17.84 15.15
CA VAL A 61 4.66 17.53 15.66
C VAL A 61 5.70 17.90 14.59
N LEU A 62 5.36 17.73 13.31
CA LEU A 62 6.27 18.16 12.23
C LEU A 62 6.38 19.70 12.27
N ASP A 63 5.25 20.38 12.43
CA ASP A 63 5.24 21.87 12.42
C ASP A 63 6.10 22.42 13.56
N VAL A 64 5.87 21.96 14.80
CA VAL A 64 6.62 22.51 15.97
C VAL A 64 8.11 22.20 15.82
N GLU A 65 8.46 21.01 15.31
CA GLU A 65 9.88 20.59 15.19
C GLU A 65 10.66 21.55 14.27
N ASP A 66 10.05 21.98 13.17
CA ASP A 66 10.79 22.81 12.18
C ASP A 66 10.34 24.27 12.24
N PRO A 67 11.23 25.29 12.32
CA PRO A 67 10.77 26.69 12.50
C PRO A 67 9.86 27.25 11.40
N ILE A 68 9.77 26.58 10.24
CA ILE A 68 8.97 27.14 9.12
C ILE A 68 7.67 26.35 8.97
N THR A 69 6.52 27.01 9.07
CA THR A 69 5.19 26.34 8.99
C THR A 69 4.95 25.74 7.60
N VAL A 70 5.30 26.45 6.52
CA VAL A 70 4.95 25.99 5.15
C VAL A 70 6.08 25.12 4.57
N ALA A 71 7.17 24.91 5.32
CA ALA A 71 8.32 24.16 4.78
C ALA A 71 7.94 22.72 4.45
N TYR A 72 7.13 22.07 5.30
CA TYR A 72 6.84 20.62 5.06
C TYR A 72 5.34 20.30 5.08
N ASN A 73 4.84 19.64 4.04
CA ASN A 73 3.45 19.17 4.00
C ASN A 73 3.36 17.65 4.19
N LEU A 74 2.32 17.17 4.90
CA LEU A 74 2.05 15.74 5.12
C LEU A 74 0.87 15.24 4.27
N GLU A 75 0.99 14.06 3.68
CA GLU A 75 -0.07 13.35 2.96
C GLU A 75 -0.32 11.94 3.55
N VAL A 76 -1.58 11.53 3.71
CA VAL A 76 -1.96 10.28 4.40
C VAL A 76 -2.31 9.18 3.39
N SER A 77 -1.86 7.94 3.63
CA SER A 77 -2.20 6.80 2.77
C SER A 77 -2.30 5.45 3.49
N SER A 78 -3.11 4.55 2.93
CA SER A 78 -3.20 3.17 3.47
C SER A 78 -2.16 2.31 2.76
N PRO A 79 -1.74 1.13 3.28
CA PRO A 79 -0.66 0.34 2.64
C PRO A 79 -1.03 -0.13 1.23
N GLY A 80 -2.26 -0.61 1.04
CA GLY A 80 -2.70 -1.10 -0.28
C GLY A 80 -2.27 -2.54 -0.55
N LEU A 81 -2.36 -3.00 -1.80
CA LEU A 81 -1.97 -4.38 -2.15
C LEU A 81 -0.64 -4.35 -2.93
N ASP A 82 0.27 -3.43 -2.56
CA ASP A 82 1.55 -3.30 -3.30
C ASP A 82 2.69 -4.02 -2.57
N ARG A 83 2.38 -4.74 -1.48
CA ARG A 83 3.43 -5.40 -0.67
C ARG A 83 4.14 -6.48 -1.52
N PRO A 84 5.50 -6.56 -1.50
CA PRO A 84 6.22 -7.61 -2.22
C PRO A 84 6.09 -9.00 -1.56
N LEU A 85 6.11 -10.07 -2.36
CA LEU A 85 5.93 -11.44 -1.82
C LEU A 85 7.16 -12.31 -2.13
N PHE A 86 7.76 -12.93 -1.10
CA PHE A 86 8.92 -13.84 -1.32
C PHE A 86 8.66 -15.21 -0.70
N THR A 87 7.51 -15.41 -0.06
CA THR A 87 7.26 -16.70 0.66
C THR A 87 7.21 -17.88 -0.31
N ALA A 88 7.89 -19.00 0.02
CA ALA A 88 7.90 -20.20 -0.84
C ALA A 88 6.51 -20.83 -0.93
N GLU A 89 5.78 -20.90 0.19
CA GLU A 89 4.43 -21.53 0.21
C GLU A 89 3.51 -20.68 -0.67
N HIS A 90 3.55 -19.36 -0.50
CA HIS A 90 2.77 -18.46 -1.33
C HIS A 90 3.19 -18.56 -2.81
N TYR A 91 4.50 -18.66 -3.09
CA TYR A 91 5.00 -18.95 -4.43
C TYR A 91 4.52 -20.30 -5.01
N ALA A 92 4.19 -21.29 -4.18
CA ALA A 92 3.53 -22.53 -4.63
C ALA A 92 2.01 -22.35 -4.85
N ARG A 93 1.36 -21.42 -4.14
CA ARG A 93 -0.07 -21.08 -4.34
C ARG A 93 -0.30 -20.21 -5.56
N PHE A 94 0.68 -19.41 -5.98
CA PHE A 94 0.68 -18.56 -7.19
C PHE A 94 1.17 -19.26 -8.48
N VAL A 95 1.06 -20.59 -8.58
CA VAL A 95 1.33 -21.32 -9.84
C VAL A 95 0.40 -20.86 -10.98
N GLY A 96 0.99 -20.62 -12.16
CA GLY A 96 0.34 -20.11 -13.37
C GLY A 96 0.23 -18.59 -13.48
N GLU A 97 0.79 -17.81 -12.55
CA GLU A 97 0.57 -16.35 -12.45
C GLU A 97 1.77 -15.53 -12.98
N GLU A 98 1.57 -14.26 -13.38
CA GLU A 98 2.67 -13.41 -13.83
C GLU A 98 3.13 -12.45 -12.73
N VAL A 99 4.42 -12.17 -12.63
CA VAL A 99 5.05 -11.30 -11.61
C VAL A 99 6.10 -10.39 -12.24
N THR A 100 6.29 -9.17 -11.72
CA THR A 100 7.42 -8.28 -12.05
C THR A 100 8.31 -8.01 -10.83
N LEU A 101 9.63 -8.12 -11.01
CA LEU A 101 10.64 -8.18 -9.95
C LEU A 101 11.96 -7.46 -10.27
N VAL A 102 12.78 -7.26 -9.24
CA VAL A 102 14.17 -6.74 -9.31
C VAL A 102 15.10 -7.51 -8.35
N LEU A 103 16.35 -7.78 -8.75
CA LEU A 103 17.20 -8.85 -8.19
C LEU A 103 18.36 -8.34 -7.30
N ARG A 104 18.70 -9.11 -6.25
CA ARG A 104 19.78 -8.84 -5.29
C ARG A 104 21.18 -9.03 -5.87
N MET A 105 21.36 -9.97 -6.80
CA MET A 105 22.68 -10.29 -7.39
C MET A 105 23.26 -9.15 -8.23
N ALA A 106 22.40 -8.31 -8.81
CA ALA A 106 22.75 -7.23 -9.73
C ALA A 106 23.13 -5.91 -9.03
N VAL A 107 24.06 -5.14 -9.60
CA VAL A 107 24.43 -3.79 -9.13
C VAL A 107 23.69 -2.68 -9.90
N GLN A 108 23.73 -1.45 -9.38
CA GLN A 108 22.97 -0.31 -9.91
C GLN A 108 23.20 -0.05 -11.42
N ASN A 109 22.16 0.48 -12.08
CA ASN A 109 21.83 0.34 -13.51
C ASN A 109 21.22 -1.05 -13.89
N ARG A 110 20.79 -1.85 -12.90
CA ARG A 110 20.19 -3.19 -13.10
C ARG A 110 18.81 -3.12 -13.76
N ARG A 111 18.44 -4.20 -14.47
CA ARG A 111 17.18 -4.31 -15.23
C ARG A 111 16.00 -4.80 -14.42
N LYS A 112 14.79 -4.54 -14.93
CA LYS A 112 13.51 -5.05 -14.38
C LYS A 112 13.03 -6.28 -15.14
N TRP A 113 12.39 -7.23 -14.46
CA TRP A 113 12.06 -8.55 -15.03
C TRP A 113 10.61 -8.96 -14.80
N GLN A 114 9.86 -9.23 -15.87
CA GLN A 114 8.47 -9.73 -15.85
C GLN A 114 8.39 -11.13 -16.46
N GLY A 115 7.68 -12.06 -15.83
CA GLY A 115 7.59 -13.46 -16.26
C GLY A 115 6.58 -14.32 -15.50
N VAL A 116 6.21 -15.46 -16.09
CA VAL A 116 5.14 -16.35 -15.62
C VAL A 116 5.70 -17.49 -14.75
N ILE A 117 5.09 -17.70 -13.60
CA ILE A 117 5.44 -18.68 -12.57
C ILE A 117 4.80 -20.03 -12.90
N LYS A 118 5.60 -21.11 -12.96
CA LYS A 118 5.14 -22.45 -13.39
C LYS A 118 5.10 -23.49 -12.25
N ALA A 119 6.15 -23.57 -11.44
CA ALA A 119 6.25 -24.44 -10.25
C ALA A 119 7.41 -24.02 -9.32
N VAL A 120 7.40 -24.49 -8.07
CA VAL A 120 8.53 -24.39 -7.13
C VAL A 120 9.21 -25.76 -6.96
N ASP A 121 10.53 -25.79 -6.87
CA ASP A 121 11.32 -26.99 -6.51
C ASP A 121 12.38 -26.58 -5.46
N GLY A 122 12.14 -26.90 -4.17
CA GLY A 122 13.01 -26.48 -3.06
C GLY A 122 13.05 -24.94 -2.88
N GLU A 123 14.25 -24.34 -2.98
CA GLU A 123 14.46 -22.89 -2.96
C GLU A 123 14.24 -22.19 -4.32
N MET A 124 14.00 -22.93 -5.40
CA MET A 124 13.94 -22.42 -6.76
C MET A 124 12.50 -22.21 -7.26
N ILE A 125 12.23 -21.02 -7.78
CA ILE A 125 11.01 -20.64 -8.48
C ILE A 125 11.28 -20.79 -9.99
N THR A 126 10.46 -21.58 -10.68
CA THR A 126 10.65 -21.88 -12.11
C THR A 126 9.70 -21.08 -12.99
N VAL A 127 10.24 -20.46 -14.05
CA VAL A 127 9.58 -19.37 -14.80
C VAL A 127 9.81 -19.44 -16.31
N THR A 128 8.88 -18.85 -17.07
CA THR A 128 9.18 -18.35 -18.43
C THR A 128 9.44 -16.84 -18.37
N VAL A 129 10.50 -16.37 -19.04
CA VAL A 129 10.90 -14.95 -19.11
C VAL A 129 11.23 -14.59 -20.55
N GLU A 130 10.40 -13.74 -21.16
CA GLU A 130 10.58 -13.23 -22.55
C GLU A 130 10.71 -14.38 -23.58
N GLY A 131 9.97 -15.47 -23.38
CA GLY A 131 9.98 -16.70 -24.18
C GLY A 131 11.08 -17.72 -23.88
N LYS A 132 11.98 -17.48 -22.88
CA LYS A 132 13.03 -18.40 -22.44
C LYS A 132 12.65 -19.09 -21.12
N ASP A 133 13.07 -20.35 -20.95
CA ASP A 133 12.93 -21.09 -19.67
C ASP A 133 14.07 -20.76 -18.69
N GLU A 134 13.72 -20.28 -17.50
CA GLU A 134 14.63 -19.70 -16.50
C GLU A 134 14.21 -20.09 -15.07
N VAL A 135 15.07 -19.77 -14.08
CA VAL A 135 14.80 -19.94 -12.64
C VAL A 135 15.28 -18.74 -11.83
N PHE A 136 14.65 -18.48 -10.68
CA PHE A 136 15.12 -17.54 -9.66
C PHE A 136 15.09 -18.19 -8.27
N ALA A 137 16.14 -18.01 -7.48
CA ALA A 137 16.15 -18.44 -6.08
C ALA A 137 15.44 -17.40 -5.21
N LEU A 138 14.69 -17.83 -4.20
CA LEU A 138 14.05 -16.92 -3.24
C LEU A 138 15.04 -16.08 -2.39
N SER A 139 16.33 -16.43 -2.41
CA SER A 139 17.45 -15.65 -1.84
C SER A 139 18.04 -14.60 -2.80
N ASN A 140 17.68 -14.61 -4.09
CA ASN A 140 17.98 -13.54 -5.06
C ASN A 140 16.79 -12.56 -5.23
N ILE A 141 15.60 -12.97 -4.82
CA ILE A 141 14.37 -12.15 -4.86
C ILE A 141 14.39 -11.10 -3.72
N GLN A 142 14.35 -9.82 -4.10
CA GLN A 142 14.50 -8.64 -3.25
C GLN A 142 13.23 -7.76 -3.20
N LYS A 143 12.56 -7.58 -4.34
CA LYS A 143 11.20 -7.00 -4.46
C LYS A 143 10.50 -7.58 -5.68
N ALA A 144 9.26 -8.06 -5.51
CA ALA A 144 8.48 -8.76 -6.54
C ALA A 144 6.97 -8.58 -6.32
N ASN A 145 6.22 -8.23 -7.36
CA ASN A 145 4.78 -7.91 -7.29
C ASN A 145 3.97 -8.67 -8.36
N LEU A 146 2.73 -9.05 -8.02
CA LEU A 146 1.79 -9.71 -8.94
C LEU A 146 1.45 -8.80 -10.12
N VAL A 147 1.36 -9.36 -11.34
CA VAL A 147 0.86 -8.71 -12.56
C VAL A 147 -0.46 -9.39 -12.97
N PRO A 148 -1.56 -8.63 -13.17
CA PRO A 148 -2.88 -9.18 -13.46
C PRO A 148 -3.10 -9.54 -14.93
N HIS A 149 -3.83 -10.64 -15.15
CA HIS A 149 -4.25 -11.08 -16.49
C HIS A 149 -5.22 -10.10 -17.15
N PHE A 150 -5.40 -10.21 -18.46
CA PHE A 150 -6.31 -9.38 -19.24
C PHE A 150 -7.66 -10.08 -19.50
N ALA A 151 -8.77 -9.39 -19.21
CA ALA A 151 -10.14 -9.92 -19.23
C ALA A 151 -11.15 -9.01 -19.95
N MET A 1 21.92 11.55 3.39
CA MET A 1 23.37 11.40 3.58
C MET A 1 23.76 11.51 5.06
N SER A 2 23.54 12.67 5.69
CA SER A 2 23.97 12.95 7.08
C SER A 2 22.95 13.74 7.91
N THR A 3 21.98 14.40 7.29
CA THR A 3 20.92 15.17 7.96
C THR A 3 19.85 14.25 8.55
N LEU A 4 19.22 14.69 9.65
CA LEU A 4 18.48 13.83 10.60
C LEU A 4 17.04 13.53 10.18
N GLU A 5 16.87 12.94 8.99
CA GLU A 5 15.59 12.57 8.39
C GLU A 5 15.04 11.22 8.92
N GLN A 6 15.86 10.20 9.09
CA GLN A 6 15.42 8.90 9.66
C GLN A 6 15.22 9.00 11.19
N LYS A 7 15.89 9.97 11.84
CA LYS A 7 15.58 10.41 13.20
C LYS A 7 14.17 11.03 13.28
N LEU A 8 13.74 11.80 12.27
CA LEU A 8 12.38 12.32 12.17
C LEU A 8 11.35 11.18 11.93
N THR A 9 11.69 10.18 11.10
CA THR A 9 10.85 8.99 10.91
C THR A 9 10.67 8.21 12.22
N GLU A 10 11.70 8.11 13.08
CA GLU A 10 11.60 7.50 14.40
C GLU A 10 10.87 8.39 15.43
N MET A 11 10.96 9.73 15.29
CA MET A 11 10.21 10.71 16.07
C MET A 11 8.70 10.67 15.79
N ILE A 12 8.30 10.28 14.57
CA ILE A 12 6.91 9.99 14.17
C ILE A 12 6.50 8.55 14.52
N THR A 13 7.43 7.58 14.39
CA THR A 13 7.18 6.17 14.78
C THR A 13 6.80 6.06 16.27
N ALA A 14 7.48 6.81 17.14
CA ALA A 14 7.28 6.74 18.58
C ALA A 14 5.83 7.00 19.06
N PRO A 15 5.16 8.13 18.73
CA PRO A 15 3.77 8.36 19.11
C PRO A 15 2.79 7.42 18.39
N VAL A 16 3.01 7.08 17.12
CA VAL A 16 2.10 6.20 16.36
C VAL A 16 2.13 4.76 16.91
N GLU A 17 3.30 4.28 17.34
CA GLU A 17 3.42 2.99 18.03
C GLU A 17 2.92 3.06 19.48
N ALA A 18 3.08 4.18 20.18
CA ALA A 18 2.53 4.39 21.54
C ALA A 18 1.00 4.46 21.55
N LEU A 19 0.37 4.90 20.47
CA LEU A 19 -1.08 4.83 20.24
C LEU A 19 -1.55 3.46 19.72
N GLY A 20 -0.61 2.52 19.47
CA GLY A 20 -0.93 1.11 19.18
C GLY A 20 -1.25 0.79 17.73
N PHE A 21 -0.68 1.51 16.76
CA PHE A 21 -0.86 1.19 15.33
C PHE A 21 0.23 0.21 14.85
N GLU A 22 -0.14 -0.68 13.93
CA GLU A 22 0.64 -1.87 13.58
C GLU A 22 1.58 -1.62 12.40
N LEU A 23 1.09 -0.96 11.34
CA LEU A 23 1.92 -0.39 10.29
C LEU A 23 2.15 1.10 10.58
N VAL A 24 3.41 1.52 10.54
CA VAL A 24 3.82 2.93 10.40
C VAL A 24 5.06 3.02 9.51
N GLY A 25 5.03 3.89 8.49
CA GLY A 25 6.15 4.12 7.58
C GLY A 25 6.08 5.45 6.84
N ILE A 26 7.21 5.88 6.27
CA ILE A 26 7.40 7.20 5.65
C ILE A 26 8.00 7.09 4.25
N GLU A 27 7.68 8.07 3.41
CA GLU A 27 8.32 8.44 2.15
C GLU A 27 8.57 9.95 2.13
N PHE A 28 9.71 10.38 1.56
CA PHE A 28 10.09 11.79 1.43
C PHE A 28 9.98 12.30 -0.01
N ILE A 29 9.33 13.45 -0.19
CA ILE A 29 9.13 14.16 -1.46
C ILE A 29 9.61 15.62 -1.30
N ARG A 30 10.31 16.14 -2.32
CA ARG A 30 10.81 17.54 -2.28
C ARG A 30 9.93 18.40 -3.19
N GLY A 31 10.38 19.61 -3.53
CA GLY A 31 9.63 20.50 -4.43
C GLY A 31 9.58 21.92 -3.89
N ARG A 32 8.70 22.77 -4.43
CA ARG A 32 8.53 24.14 -3.86
C ARG A 32 8.03 23.97 -2.42
N THR A 33 7.10 23.03 -2.21
CA THR A 33 6.66 22.72 -0.83
C THR A 33 7.06 21.27 -0.56
N SER A 34 7.82 21.01 0.51
CA SER A 34 8.30 19.63 0.76
C SER A 34 7.20 18.79 1.41
N THR A 35 7.01 17.56 0.94
CA THR A 35 5.95 16.69 1.45
C THR A 35 6.54 15.42 2.07
N LEU A 36 6.06 15.05 3.26
CA LEU A 36 6.16 13.67 3.77
C LEU A 36 4.88 12.93 3.34
N ARG A 37 4.99 11.66 2.98
CA ARG A 37 3.84 10.76 2.82
C ARG A 37 3.89 9.62 3.85
N ILE A 38 2.83 9.48 4.63
CA ILE A 38 2.72 8.48 5.70
C ILE A 38 1.90 7.27 5.25
N TYR A 39 2.35 6.11 5.72
CA TYR A 39 1.78 4.79 5.49
C TYR A 39 1.38 4.23 6.86
N ILE A 40 0.08 3.99 7.08
CA ILE A 40 -0.46 3.61 8.40
C ILE A 40 -1.58 2.56 8.33
N ASP A 41 -1.65 1.64 9.29
CA ASP A 41 -2.78 0.72 9.48
C ASP A 41 -2.92 0.22 10.93
N SER A 42 -4.15 0.09 11.43
CA SER A 42 -4.45 -0.48 12.75
C SER A 42 -4.82 -1.96 12.66
N GLU A 43 -4.53 -2.73 13.71
CA GLU A 43 -5.10 -4.05 13.93
C GLU A 43 -6.52 -3.98 14.55
N ASP A 44 -6.81 -2.88 15.25
CA ASP A 44 -8.02 -2.65 16.06
C ASP A 44 -9.28 -2.22 15.25
N GLY A 45 -9.20 -2.18 13.91
CA GLY A 45 -10.34 -1.90 13.04
C GLY A 45 -10.74 -0.40 13.05
N ILE A 46 -9.76 0.49 13.08
CA ILE A 46 -9.96 1.94 13.05
C ILE A 46 -10.10 2.42 11.60
N ASN A 47 -11.00 3.37 11.35
CA ASN A 47 -11.24 3.94 10.02
C ASN A 47 -10.06 4.81 9.55
N VAL A 48 -9.82 4.88 8.23
CA VAL A 48 -8.69 5.60 7.67
C VAL A 48 -8.75 7.12 7.87
N ASP A 49 -9.92 7.72 7.95
CA ASP A 49 -10.05 9.16 8.27
C ASP A 49 -9.80 9.46 9.75
N ASP A 50 -10.02 8.50 10.64
CA ASP A 50 -9.64 8.58 12.05
C ASP A 50 -8.14 8.27 12.28
N CYS A 51 -7.52 7.57 11.34
CA CYS A 51 -6.05 7.51 11.19
C CYS A 51 -5.51 8.84 10.60
N ALA A 52 -6.28 9.54 9.76
CA ALA A 52 -5.97 10.90 9.33
C ALA A 52 -6.13 11.92 10.49
N ASP A 53 -6.99 11.66 11.50
CA ASP A 53 -7.07 12.46 12.72
C ASP A 53 -5.78 12.37 13.56
N VAL A 54 -5.22 11.15 13.68
CA VAL A 54 -3.86 10.94 14.24
C VAL A 54 -2.81 11.64 13.36
N SER A 55 -2.98 11.63 12.03
CA SER A 55 -2.04 12.31 11.10
C SER A 55 -2.11 13.85 11.21
N HIS A 56 -3.23 14.41 11.67
CA HIS A 56 -3.32 15.83 12.05
C HIS A 56 -2.58 16.12 13.37
N GLN A 57 -2.61 15.17 14.33
CA GLN A 57 -1.80 15.24 15.56
C GLN A 57 -0.29 15.08 15.28
N VAL A 58 0.09 14.23 14.31
CA VAL A 58 1.46 14.17 13.77
C VAL A 58 1.83 15.49 13.09
N SER A 59 0.93 16.05 12.28
CA SER A 59 1.12 17.37 11.66
C SER A 59 1.29 18.51 12.67
N ALA A 60 0.77 18.36 13.89
CA ALA A 60 0.93 19.32 14.98
C ALA A 60 2.33 19.27 15.62
N VAL A 61 2.89 18.07 15.83
CA VAL A 61 4.27 17.92 16.32
C VAL A 61 5.31 18.22 15.22
N LEU A 62 4.95 17.93 13.96
CA LEU A 62 5.87 18.15 12.82
C LEU A 62 6.01 19.65 12.55
N ASP A 63 4.90 20.40 12.64
CA ASP A 63 4.96 21.85 12.30
C ASP A 63 5.90 22.59 13.25
N VAL A 64 5.81 22.32 14.56
CA VAL A 64 6.74 22.95 15.54
C VAL A 64 8.18 22.47 15.27
N GLU A 65 8.35 21.18 14.94
CA GLU A 65 9.70 20.62 14.69
C GLU A 65 10.31 21.31 13.46
N ASP A 66 9.52 21.52 12.41
CA ASP A 66 10.01 22.21 11.18
C ASP A 66 10.28 23.68 11.51
N PRO A 67 11.37 24.31 11.02
CA PRO A 67 11.60 25.74 11.24
C PRO A 67 10.45 26.54 10.61
N ILE A 68 10.02 26.14 9.40
CA ILE A 68 8.84 26.82 8.76
C ILE A 68 7.71 25.80 8.64
N THR A 69 6.55 26.12 9.21
CA THR A 69 5.35 25.24 9.14
C THR A 69 4.88 25.13 7.69
N VAL A 70 4.89 26.24 6.94
CA VAL A 70 4.38 26.25 5.54
C VAL A 70 5.23 25.33 4.66
N ALA A 71 6.56 25.33 4.84
CA ALA A 71 7.44 24.53 3.94
C ALA A 71 7.12 23.04 4.05
N TYR A 72 6.90 22.54 5.27
CA TYR A 72 6.57 21.11 5.46
C TYR A 72 5.11 20.82 5.09
N ASN A 73 4.85 19.60 4.58
CA ASN A 73 3.47 19.20 4.20
C ASN A 73 3.32 17.71 4.50
N LEU A 74 2.11 17.23 4.77
CA LEU A 74 1.90 15.79 5.00
C LEU A 74 0.73 15.22 4.15
N GLU A 75 0.95 14.11 3.47
CA GLU A 75 -0.07 13.31 2.74
C GLU A 75 -0.25 11.93 3.40
N VAL A 76 -1.45 11.35 3.37
CA VAL A 76 -1.85 10.19 4.19
C VAL A 76 -2.34 9.01 3.33
N SER A 77 -1.87 7.78 3.66
CA SER A 77 -2.30 6.54 2.99
C SER A 77 -2.31 5.29 3.89
N SER A 78 -3.17 4.32 3.55
CA SER A 78 -3.15 2.94 4.04
C SER A 78 -2.90 1.95 2.88
N PRO A 79 -2.41 0.73 3.13
CA PRO A 79 -2.12 -0.25 2.06
C PRO A 79 -3.37 -0.86 1.40
N GLY A 80 -4.45 -1.11 2.15
CA GLY A 80 -5.78 -1.47 1.65
C GLY A 80 -5.94 -2.83 0.94
N LEU A 81 -4.91 -3.68 0.91
CA LEU A 81 -4.76 -4.82 -0.01
C LEU A 81 -5.41 -6.15 0.45
N ASP A 82 -5.96 -6.20 1.66
CA ASP A 82 -6.04 -7.43 2.48
C ASP A 82 -7.11 -8.49 2.13
N ARG A 83 -7.88 -8.33 1.05
CA ARG A 83 -8.93 -9.31 0.65
C ARG A 83 -8.43 -10.38 -0.35
N PRO A 84 -8.89 -11.66 -0.33
CA PRO A 84 -8.51 -12.62 -1.38
C PRO A 84 -9.12 -12.15 -2.71
N LEU A 85 -8.58 -12.59 -3.85
CA LEU A 85 -9.05 -12.05 -5.16
C LEU A 85 -10.13 -12.97 -5.78
N PHE A 86 -11.37 -12.49 -5.87
CA PHE A 86 -12.46 -13.28 -6.48
C PHE A 86 -13.31 -12.45 -7.47
N THR A 87 -12.89 -11.23 -7.82
CA THR A 87 -13.77 -10.37 -8.66
C THR A 87 -13.11 -10.03 -10.00
N ALA A 88 -13.87 -10.12 -11.10
CA ALA A 88 -13.35 -9.82 -12.45
C ALA A 88 -12.71 -8.43 -12.50
N GLU A 89 -13.47 -7.37 -12.21
CA GLU A 89 -12.92 -6.02 -12.22
C GLU A 89 -11.68 -5.88 -11.30
N HIS A 90 -11.61 -6.64 -10.20
CA HIS A 90 -10.46 -6.58 -9.28
C HIS A 90 -9.25 -7.33 -9.88
N TYR A 91 -9.49 -8.46 -10.56
CA TYR A 91 -8.49 -9.13 -11.43
C TYR A 91 -7.98 -8.16 -12.51
N ALA A 92 -8.90 -7.49 -13.23
CA ALA A 92 -8.57 -6.58 -14.32
C ALA A 92 -7.77 -5.35 -13.88
N ARG A 93 -7.91 -4.93 -12.61
CA ARG A 93 -7.14 -3.82 -12.01
C ARG A 93 -5.80 -4.25 -11.38
N PHE A 94 -5.58 -5.54 -11.16
CA PHE A 94 -4.30 -6.14 -10.69
C PHE A 94 -3.46 -6.79 -11.82
N VAL A 95 -3.69 -6.37 -13.07
CA VAL A 95 -2.85 -6.73 -14.23
C VAL A 95 -1.40 -6.23 -14.10
N GLY A 96 -0.48 -7.03 -14.64
CA GLY A 96 0.97 -6.91 -14.55
C GLY A 96 1.60 -7.68 -13.39
N GLU A 97 0.82 -8.10 -12.39
CA GLU A 97 1.30 -8.61 -11.09
C GLU A 97 0.98 -10.11 -10.89
N GLU A 98 1.66 -10.79 -9.97
CA GLU A 98 1.67 -12.25 -9.83
C GLU A 98 0.67 -12.76 -8.78
N VAL A 99 0.11 -13.96 -9.00
CA VAL A 99 -0.94 -14.60 -8.17
C VAL A 99 -0.71 -16.10 -8.06
N THR A 100 -1.07 -16.70 -6.92
CA THR A 100 -1.10 -18.15 -6.68
C THR A 100 -2.53 -18.63 -6.40
N LEU A 101 -2.92 -19.78 -6.95
CA LEU A 101 -4.32 -20.27 -6.97
C LEU A 101 -4.52 -21.78 -6.81
N VAL A 102 -5.77 -22.16 -6.53
CA VAL A 102 -6.28 -23.56 -6.52
C VAL A 102 -7.60 -23.72 -7.30
N LEU A 103 -7.81 -24.89 -7.91
CA LEU A 103 -8.95 -25.20 -8.81
C LEU A 103 -9.99 -26.16 -8.17
N ARG A 104 -11.27 -25.97 -8.50
CA ARG A 104 -12.39 -26.84 -8.04
C ARG A 104 -12.45 -28.19 -8.78
N MET A 105 -12.05 -28.25 -10.05
CA MET A 105 -12.00 -29.51 -10.82
C MET A 105 -10.96 -30.52 -10.27
N ALA A 106 -10.03 -30.06 -9.42
CA ALA A 106 -9.11 -30.89 -8.65
C ALA A 106 -9.63 -31.12 -7.22
N VAL A 107 -9.51 -32.36 -6.75
CA VAL A 107 -9.87 -32.82 -5.39
C VAL A 107 -8.63 -32.89 -4.50
N GLN A 108 -8.78 -33.14 -3.20
CA GLN A 108 -7.67 -33.05 -2.23
C GLN A 108 -6.44 -33.87 -2.66
N ASN A 109 -5.24 -33.45 -2.21
CA ASN A 109 -3.90 -33.83 -2.74
C ASN A 109 -3.47 -33.01 -3.98
N ARG A 110 -4.21 -31.93 -4.27
CA ARG A 110 -4.04 -31.05 -5.45
C ARG A 110 -2.83 -30.09 -5.38
N ARG A 111 -2.33 -29.72 -6.56
CA ARG A 111 -1.25 -28.76 -6.77
C ARG A 111 -1.77 -27.31 -6.70
N LYS A 112 -0.89 -26.38 -6.38
CA LYS A 112 -1.10 -24.93 -6.48
C LYS A 112 -0.38 -24.39 -7.71
N TRP A 113 -0.89 -23.31 -8.29
CA TRP A 113 -0.39 -22.78 -9.57
C TRP A 113 -0.05 -21.28 -9.44
N GLN A 114 1.20 -20.90 -9.70
CA GLN A 114 1.68 -19.50 -9.67
C GLN A 114 1.81 -18.96 -11.11
N GLY A 115 1.44 -17.67 -11.30
CA GLY A 115 1.56 -16.99 -12.59
C GLY A 115 1.14 -15.52 -12.57
N VAL A 116 1.54 -14.76 -13.60
CA VAL A 116 1.33 -13.31 -13.75
C VAL A 116 0.02 -13.02 -14.47
N ILE A 117 -0.81 -12.13 -13.91
CA ILE A 117 -2.07 -11.65 -14.52
C ILE A 117 -1.73 -10.66 -15.65
N LYS A 118 -2.12 -10.95 -16.89
CA LYS A 118 -1.81 -10.12 -18.08
C LYS A 118 -2.96 -9.19 -18.49
N ALA A 119 -4.16 -9.77 -18.64
CA ALA A 119 -5.38 -9.10 -19.13
C ALA A 119 -6.63 -9.93 -18.81
N VAL A 120 -7.83 -9.36 -18.93
CA VAL A 120 -9.12 -10.01 -18.63
C VAL A 120 -10.11 -9.81 -19.77
N ASP A 121 -10.85 -10.86 -20.15
CA ASP A 121 -11.84 -10.87 -21.22
C ASP A 121 -13.18 -11.46 -20.74
N GLY A 122 -14.11 -10.59 -20.37
CA GLY A 122 -15.41 -10.99 -19.82
C GLY A 122 -15.27 -11.75 -18.49
N GLU A 123 -15.47 -13.07 -18.52
CA GLU A 123 -15.32 -13.98 -17.38
C GLU A 123 -14.06 -14.88 -17.44
N MET A 124 -13.11 -14.55 -18.31
CA MET A 124 -11.85 -15.28 -18.51
C MET A 124 -10.62 -14.42 -18.15
N ILE A 125 -9.66 -15.02 -17.45
CA ILE A 125 -8.41 -14.40 -16.99
C ILE A 125 -7.26 -14.91 -17.89
N THR A 126 -6.40 -14.01 -18.37
CA THR A 126 -5.25 -14.35 -19.24
C THR A 126 -3.93 -14.11 -18.51
N VAL A 127 -3.01 -15.07 -18.61
CA VAL A 127 -1.90 -15.26 -17.67
C VAL A 127 -0.61 -15.80 -18.31
N THR A 128 0.52 -15.56 -17.67
CA THR A 128 1.72 -16.42 -17.84
C THR A 128 1.89 -17.30 -16.61
N VAL A 129 1.74 -18.62 -16.73
CA VAL A 129 1.76 -19.61 -15.63
C VAL A 129 2.91 -20.57 -15.84
N GLU A 130 3.82 -20.63 -14.87
CA GLU A 130 5.04 -21.45 -14.92
C GLU A 130 5.83 -21.23 -16.24
N GLY A 131 6.09 -19.94 -16.54
CA GLY A 131 6.80 -19.50 -17.75
C GLY A 131 6.05 -19.67 -19.08
N LYS A 132 4.76 -20.06 -19.07
CA LYS A 132 3.97 -20.40 -20.27
C LYS A 132 2.72 -19.52 -20.41
N ASP A 133 2.44 -19.03 -21.62
CA ASP A 133 1.24 -18.25 -21.95
C ASP A 133 -0.04 -19.12 -21.92
N GLU A 134 -0.98 -18.83 -21.01
CA GLU A 134 -2.19 -19.65 -20.75
C GLU A 134 -3.43 -18.76 -20.47
N VAL A 135 -4.63 -19.35 -20.43
CA VAL A 135 -5.84 -18.70 -19.91
C VAL A 135 -6.57 -19.59 -18.88
N PHE A 136 -7.26 -18.96 -17.92
CA PHE A 136 -7.92 -19.59 -16.77
C PHE A 136 -9.33 -19.02 -16.55
N ALA A 137 -10.27 -19.85 -16.11
CA ALA A 137 -11.67 -19.48 -15.87
C ALA A 137 -11.96 -19.21 -14.37
N LEU A 138 -12.47 -18.02 -14.02
CA LEU A 138 -12.82 -17.73 -12.61
C LEU A 138 -14.04 -18.49 -12.08
N SER A 139 -14.79 -19.18 -12.95
CA SER A 139 -15.77 -20.20 -12.58
C SER A 139 -15.14 -21.47 -12.02
N ASN A 140 -13.92 -21.83 -12.43
CA ASN A 140 -13.22 -23.05 -12.01
C ASN A 140 -12.12 -22.80 -10.93
N ILE A 141 -11.67 -21.55 -10.77
CA ILE A 141 -10.82 -21.15 -9.65
C ILE A 141 -11.62 -21.14 -8.34
N GLN A 142 -11.14 -21.81 -7.30
CA GLN A 142 -11.79 -21.88 -5.99
C GLN A 142 -11.20 -20.89 -4.98
N LYS A 143 -9.89 -20.64 -5.00
CA LYS A 143 -9.22 -19.57 -4.23
C LYS A 143 -7.99 -19.01 -4.96
N ALA A 144 -7.70 -17.73 -4.75
CA ALA A 144 -6.51 -17.05 -5.26
C ALA A 144 -6.01 -15.94 -4.31
N ASN A 145 -4.69 -15.85 -4.12
CA ASN A 145 -4.02 -14.81 -3.32
C ASN A 145 -2.83 -14.19 -4.09
N LEU A 146 -2.49 -12.94 -3.73
CA LEU A 146 -1.50 -12.12 -4.43
C LEU A 146 -0.06 -12.52 -4.07
N VAL A 147 0.83 -12.51 -5.06
CA VAL A 147 2.28 -12.76 -4.94
C VAL A 147 3.06 -11.47 -5.26
N PRO A 148 3.76 -10.85 -4.29
CA PRO A 148 4.61 -9.70 -4.56
C PRO A 148 5.91 -10.11 -5.27
N HIS A 149 6.47 -9.22 -6.10
CA HIS A 149 7.77 -9.43 -6.77
C HIS A 149 8.96 -9.00 -5.89
N PHE A 150 10.15 -9.51 -6.23
CA PHE A 150 11.44 -8.96 -5.75
C PHE A 150 11.67 -7.54 -6.33
N ALA A 151 11.91 -6.55 -5.47
CA ALA A 151 11.88 -5.12 -5.82
C ALA A 151 12.94 -4.27 -5.10
N MET A 1 21.40 8.33 7.73
CA MET A 1 22.26 8.35 8.93
C MET A 1 22.63 9.81 9.25
N SER A 2 23.44 10.43 8.40
CA SER A 2 23.82 11.85 8.59
C SER A 2 22.58 12.74 8.52
N THR A 3 21.68 12.43 7.59
CA THR A 3 20.41 13.21 7.45
C THR A 3 19.51 12.94 8.67
N LEU A 4 18.71 13.92 9.06
CA LEU A 4 17.80 13.75 10.23
C LEU A 4 16.48 13.14 9.76
N GLU A 5 16.33 12.90 8.45
CA GLU A 5 15.09 12.30 7.91
C GLU A 5 14.74 11.03 8.68
N GLN A 6 15.75 10.26 9.11
CA GLN A 6 15.49 8.99 9.81
C GLN A 6 15.11 9.23 11.29
N LYS A 7 15.69 10.27 11.93
CA LYS A 7 15.28 10.75 13.26
C LYS A 7 13.89 11.38 13.23
N LEU A 8 13.52 12.07 12.14
CA LEU A 8 12.14 12.53 11.90
C LEU A 8 11.16 11.33 11.84
N THR A 9 11.51 10.25 11.12
CA THR A 9 10.72 9.00 11.13
C THR A 9 10.63 8.36 12.52
N GLU A 10 11.68 8.49 13.36
CA GLU A 10 11.69 7.97 14.72
C GLU A 10 10.77 8.75 15.67
N MET A 11 10.68 10.08 15.55
CA MET A 11 9.70 10.91 16.31
C MET A 11 8.25 10.80 15.78
N ILE A 12 8.06 10.35 14.53
CA ILE A 12 6.75 10.02 13.97
C ILE A 12 6.32 8.59 14.38
N THR A 13 7.28 7.67 14.57
CA THR A 13 7.01 6.31 15.03
C THR A 13 6.55 6.31 16.50
N ALA A 14 7.22 7.05 17.39
CA ALA A 14 6.93 7.08 18.82
C ALA A 14 5.45 7.33 19.20
N PRO A 15 4.71 8.31 18.60
CA PRO A 15 3.30 8.52 18.94
C PRO A 15 2.38 7.47 18.34
N VAL A 16 2.64 6.97 17.13
CA VAL A 16 1.77 5.98 16.48
C VAL A 16 1.96 4.58 17.07
N GLU A 17 3.19 4.22 17.44
CA GLU A 17 3.49 2.94 18.09
C GLU A 17 3.11 2.94 19.60
N ALA A 18 3.06 4.11 20.27
CA ALA A 18 2.46 4.25 21.59
C ALA A 18 0.92 4.05 21.60
N LEU A 19 0.26 4.25 20.45
CA LEU A 19 -1.16 3.90 20.25
C LEU A 19 -1.40 2.43 19.88
N GLY A 20 -0.34 1.63 19.72
CA GLY A 20 -0.42 0.16 19.52
C GLY A 20 -0.57 -0.32 18.07
N PHE A 21 -0.18 0.48 17.08
CA PHE A 21 -0.49 0.25 15.65
C PHE A 21 0.48 -0.72 14.94
N GLU A 22 0.01 -1.28 13.82
CA GLU A 22 0.68 -2.36 13.07
C GLU A 22 1.69 -1.81 12.04
N LEU A 23 1.29 -0.83 11.22
CA LEU A 23 2.15 -0.08 10.28
C LEU A 23 2.30 1.40 10.66
N VAL A 24 3.54 1.90 10.65
CA VAL A 24 3.89 3.31 10.49
C VAL A 24 5.21 3.49 9.72
N GLY A 25 5.18 4.20 8.58
CA GLY A 25 6.35 4.42 7.72
C GLY A 25 6.21 5.63 6.78
N ILE A 26 7.35 6.13 6.26
CA ILE A 26 7.45 7.39 5.48
C ILE A 26 8.04 7.19 4.09
N GLU A 27 7.47 7.90 3.09
CA GLU A 27 8.01 8.16 1.75
C GLU A 27 8.26 9.66 1.55
N PHE A 28 9.32 10.02 0.83
CA PHE A 28 9.75 11.41 0.66
C PHE A 28 9.51 11.92 -0.79
N ILE A 29 8.91 13.10 -0.90
CA ILE A 29 8.49 13.76 -2.15
C ILE A 29 9.00 15.21 -2.12
N ARG A 30 9.77 15.67 -3.11
CA ARG A 30 10.52 16.94 -3.06
C ARG A 30 10.14 17.92 -4.17
N GLY A 31 10.09 19.21 -3.85
CA GLY A 31 9.88 20.29 -4.82
C GLY A 31 10.07 21.70 -4.27
N ARG A 32 9.40 22.70 -4.86
CA ARG A 32 9.20 24.03 -4.24
C ARG A 32 8.34 23.94 -3.00
N THR A 33 7.35 23.04 -3.01
CA THR A 33 6.76 22.41 -1.82
C THR A 33 7.29 20.98 -1.71
N SER A 34 7.69 20.57 -0.52
CA SER A 34 8.15 19.20 -0.21
C SER A 34 7.20 18.52 0.79
N THR A 35 6.95 17.23 0.55
CA THR A 35 5.93 16.44 1.24
C THR A 35 6.55 15.18 1.88
N LEU A 36 6.11 14.85 3.09
CA LEU A 36 6.19 13.50 3.64
C LEU A 36 4.88 12.76 3.35
N ARG A 37 4.93 11.56 2.79
CA ARG A 37 3.76 10.67 2.72
C ARG A 37 3.87 9.60 3.78
N ILE A 38 2.88 9.51 4.67
CA ILE A 38 2.82 8.52 5.74
C ILE A 38 1.92 7.36 5.33
N TYR A 39 2.45 6.14 5.47
CA TYR A 39 1.71 4.89 5.35
C TYR A 39 1.37 4.39 6.75
N ILE A 40 0.08 4.10 6.99
CA ILE A 40 -0.43 3.74 8.33
C ILE A 40 -1.47 2.62 8.25
N ASP A 41 -1.44 1.71 9.24
CA ASP A 41 -2.43 0.65 9.39
C ASP A 41 -2.63 0.29 10.88
N SER A 42 -3.90 0.19 11.30
CA SER A 42 -4.28 -0.15 12.66
C SER A 42 -4.32 -1.66 12.92
N GLU A 43 -4.01 -2.05 14.15
CA GLU A 43 -4.24 -3.39 14.67
C GLU A 43 -5.71 -3.58 15.12
N ASP A 44 -6.30 -2.56 15.75
CA ASP A 44 -7.65 -2.63 16.36
C ASP A 44 -8.80 -2.26 15.39
N GLY A 45 -8.53 -2.21 14.08
CA GLY A 45 -9.53 -1.98 13.03
C GLY A 45 -10.18 -0.60 13.10
N ILE A 46 -9.35 0.43 13.11
CA ILE A 46 -9.70 1.85 13.19
C ILE A 46 -9.87 2.40 11.75
N ASN A 47 -10.86 3.26 11.52
CA ASN A 47 -11.19 3.78 10.19
C ASN A 47 -10.11 4.75 9.69
N VAL A 48 -9.96 4.85 8.35
CA VAL A 48 -8.91 5.67 7.73
C VAL A 48 -9.03 7.18 8.03
N ASP A 49 -10.22 7.68 8.31
CA ASP A 49 -10.44 9.09 8.66
C ASP A 49 -10.02 9.43 10.12
N ASP A 50 -10.05 8.45 11.03
CA ASP A 50 -9.46 8.60 12.37
C ASP A 50 -7.94 8.40 12.34
N CYS A 51 -7.43 7.52 11.46
CA CYS A 51 -6.00 7.41 11.17
C CYS A 51 -5.44 8.72 10.56
N ALA A 52 -6.24 9.42 9.76
CA ALA A 52 -5.93 10.76 9.28
C ALA A 52 -5.94 11.83 10.39
N ASP A 53 -6.76 11.69 11.43
CA ASP A 53 -6.75 12.56 12.61
C ASP A 53 -5.57 12.29 13.55
N VAL A 54 -5.15 11.03 13.74
CA VAL A 54 -3.86 10.69 14.39
C VAL A 54 -2.69 11.31 13.62
N SER A 55 -2.78 11.31 12.28
CA SER A 55 -1.82 11.99 11.38
C SER A 55 -1.91 13.52 11.44
N HIS A 56 -3.02 14.08 11.91
CA HIS A 56 -3.16 15.50 12.25
C HIS A 56 -2.39 15.85 13.54
N GLN A 57 -2.31 14.92 14.51
CA GLN A 57 -1.43 15.07 15.68
C GLN A 57 0.06 14.88 15.34
N VAL A 58 0.37 14.11 14.27
CA VAL A 58 1.72 14.08 13.67
C VAL A 58 2.03 15.41 12.97
N SER A 59 1.07 15.94 12.20
CA SER A 59 1.21 17.23 11.51
C SER A 59 1.52 18.38 12.47
N ALA A 60 1.00 18.34 13.70
CA ALA A 60 1.25 19.33 14.73
C ALA A 60 2.69 19.30 15.27
N VAL A 61 3.30 18.11 15.47
CA VAL A 61 4.72 18.01 15.88
C VAL A 61 5.69 18.25 14.73
N LEU A 62 5.27 17.93 13.51
CA LEU A 62 6.12 18.25 12.32
C LEU A 62 6.21 19.77 12.22
N ASP A 63 5.16 20.47 12.65
CA ASP A 63 5.16 21.96 12.64
C ASP A 63 6.24 22.48 13.59
N VAL A 64 6.40 21.87 14.77
CA VAL A 64 7.51 22.28 15.68
C VAL A 64 8.85 21.95 15.01
N GLU A 65 8.95 20.78 14.35
CA GLU A 65 10.22 20.35 13.71
C GLU A 65 10.60 21.30 12.56
N ASP A 66 9.62 21.72 11.75
CA ASP A 66 9.94 22.56 10.56
C ASP A 66 9.25 23.92 10.70
N PRO A 67 9.96 25.06 10.53
CA PRO A 67 9.35 26.38 10.77
C PRO A 67 8.12 26.67 9.90
N ILE A 68 8.17 26.30 8.62
CA ILE A 68 7.02 26.61 7.71
C ILE A 68 6.22 25.33 7.47
N THR A 69 4.95 25.33 7.89
CA THR A 69 4.05 24.16 7.71
C THR A 69 3.79 23.90 6.22
N VAL A 70 3.59 24.96 5.43
CA VAL A 70 3.31 24.82 3.98
C VAL A 70 4.53 24.19 3.29
N ALA A 71 5.73 24.60 3.67
CA ALA A 71 6.96 24.08 3.04
C ALA A 71 7.08 22.57 3.29
N TYR A 72 6.73 22.12 4.51
CA TYR A 72 6.82 20.68 4.84
C TYR A 72 5.40 20.08 4.97
N ASN A 73 4.71 19.90 3.84
CA ASN A 73 3.38 19.28 3.85
C ASN A 73 3.45 17.79 4.25
N LEU A 74 2.31 17.23 4.70
CA LEU A 74 2.13 15.79 4.93
C LEU A 74 0.87 15.26 4.22
N GLU A 75 1.00 14.10 3.55
CA GLU A 75 -0.08 13.34 2.93
C GLU A 75 -0.22 11.95 3.59
N VAL A 76 -1.43 11.39 3.58
CA VAL A 76 -1.68 10.07 4.23
C VAL A 76 -2.08 9.06 3.15
N SER A 77 -1.69 7.79 3.31
CA SER A 77 -2.06 6.73 2.32
C SER A 77 -2.81 5.59 3.00
N SER A 78 -3.91 5.13 2.40
CA SER A 78 -4.70 4.01 2.96
C SER A 78 -3.91 2.69 2.85
N PRO A 79 -4.05 1.74 3.79
CA PRO A 79 -3.36 0.44 3.70
C PRO A 79 -3.80 -0.37 2.46
N GLY A 80 -5.09 -0.34 2.11
CA GLY A 80 -5.59 -1.09 0.95
C GLY A 80 -5.93 -2.52 1.30
N LEU A 81 -6.11 -3.38 0.28
CA LEU A 81 -6.50 -4.80 0.52
C LEU A 81 -5.26 -5.63 0.83
N ASP A 82 -4.69 -5.49 2.02
CA ASP A 82 -3.47 -6.24 2.41
C ASP A 82 -3.81 -7.73 2.56
N ARG A 83 -5.10 -8.06 2.65
CA ARG A 83 -5.53 -9.48 2.86
C ARG A 83 -5.25 -10.32 1.61
N PRO A 84 -4.74 -11.57 1.74
CA PRO A 84 -4.54 -12.47 0.60
C PRO A 84 -5.86 -13.11 0.15
N LEU A 85 -5.91 -13.64 -1.07
CA LEU A 85 -7.18 -14.23 -1.60
C LEU A 85 -7.22 -15.73 -1.31
N PHE A 86 -8.12 -16.16 -0.43
CA PHE A 86 -8.27 -17.62 -0.13
C PHE A 86 -9.74 -18.07 -0.28
N THR A 87 -10.70 -17.19 -0.05
CA THR A 87 -12.13 -17.61 -0.07
C THR A 87 -12.59 -18.02 -1.47
N ALA A 88 -13.39 -19.08 -1.57
CA ALA A 88 -13.90 -19.56 -2.88
C ALA A 88 -14.87 -18.53 -3.46
N GLU A 89 -15.86 -18.07 -2.69
CA GLU A 89 -16.77 -17.02 -3.17
C GLU A 89 -16.00 -15.85 -3.80
N HIS A 90 -14.81 -15.54 -3.27
CA HIS A 90 -13.99 -14.40 -3.73
C HIS A 90 -13.17 -14.76 -4.97
N TYR A 91 -12.60 -15.97 -5.04
CA TYR A 91 -12.06 -16.51 -6.31
C TYR A 91 -13.12 -16.46 -7.42
N ALA A 92 -14.40 -16.72 -7.12
CA ALA A 92 -15.50 -16.57 -8.07
C ALA A 92 -15.83 -15.10 -8.44
N ARG A 93 -15.51 -14.10 -7.61
CA ARG A 93 -15.54 -12.66 -7.98
C ARG A 93 -14.44 -12.27 -8.96
N PHE A 94 -13.33 -13.04 -8.97
CA PHE A 94 -12.09 -12.74 -9.70
C PHE A 94 -11.83 -13.67 -10.90
N VAL A 95 -12.83 -14.39 -11.41
CA VAL A 95 -12.72 -15.09 -12.71
C VAL A 95 -12.43 -14.06 -13.83
N GLY A 96 -11.51 -14.39 -14.73
CA GLY A 96 -10.96 -13.48 -15.74
C GLY A 96 -9.78 -12.62 -15.25
N GLU A 97 -9.30 -12.80 -14.02
CA GLU A 97 -8.14 -12.06 -13.46
C GLU A 97 -6.89 -12.93 -13.32
N GLU A 98 -5.71 -12.33 -13.31
CA GLU A 98 -4.44 -13.01 -13.08
C GLU A 98 -4.09 -13.03 -11.58
N VAL A 99 -3.50 -14.11 -11.10
CA VAL A 99 -3.11 -14.36 -9.70
C VAL A 99 -1.74 -15.04 -9.68
N THR A 100 -0.88 -14.68 -8.72
CA THR A 100 0.37 -15.40 -8.41
C THR A 100 0.36 -15.98 -7.00
N LEU A 101 0.79 -17.25 -6.87
CA LEU A 101 0.64 -18.04 -5.64
C LEU A 101 1.85 -18.93 -5.31
N VAL A 102 1.88 -19.38 -4.05
CA VAL A 102 2.86 -20.31 -3.50
C VAL A 102 2.19 -21.51 -2.82
N LEU A 103 2.83 -22.69 -2.90
CA LEU A 103 2.24 -23.98 -2.51
C LEU A 103 2.78 -24.52 -1.18
N ARG A 104 1.93 -25.18 -0.40
CA ARG A 104 2.18 -25.69 0.95
C ARG A 104 3.08 -26.92 0.95
N MET A 105 2.80 -27.87 0.05
CA MET A 105 3.58 -29.13 0.01
C MET A 105 4.74 -28.97 -0.98
N ALA A 106 4.98 -27.74 -1.45
CA ALA A 106 6.10 -27.48 -2.38
C ALA A 106 7.44 -27.55 -1.64
N VAL A 107 8.53 -27.80 -2.36
CA VAL A 107 9.89 -27.92 -1.73
C VAL A 107 10.38 -26.53 -1.30
N GLN A 108 11.44 -26.48 -0.48
CA GLN A 108 11.97 -25.19 0.02
C GLN A 108 12.47 -24.34 -1.16
N ASN A 109 12.45 -23.01 -1.02
CA ASN A 109 12.81 -22.11 -2.15
C ASN A 109 11.82 -22.36 -3.30
N ARG A 110 10.54 -22.57 -2.97
CA ARG A 110 9.49 -22.84 -3.98
C ARG A 110 9.32 -21.63 -4.89
N ARG A 111 9.06 -21.87 -6.18
CA ARG A 111 8.87 -20.76 -7.15
C ARG A 111 7.40 -20.31 -7.14
N LYS A 112 7.15 -19.05 -7.49
CA LYS A 112 5.78 -18.52 -7.55
C LYS A 112 5.12 -18.90 -8.87
N TRP A 113 3.86 -19.33 -8.81
CA TRP A 113 3.07 -19.78 -9.96
C TRP A 113 2.01 -18.75 -10.34
N GLN A 114 2.05 -18.24 -11.57
CA GLN A 114 1.22 -17.12 -12.05
C GLN A 114 0.32 -17.53 -13.22
N GLY A 115 -0.99 -17.26 -13.09
CA GLY A 115 -2.00 -17.68 -14.06
C GLY A 115 -3.34 -16.98 -13.91
N VAL A 116 -4.20 -17.12 -14.92
CA VAL A 116 -5.54 -16.50 -14.98
C VAL A 116 -6.58 -17.44 -14.41
N ILE A 117 -7.45 -16.94 -13.52
CA ILE A 117 -8.57 -17.67 -12.93
C ILE A 117 -9.69 -17.85 -13.97
N LYS A 118 -10.07 -19.08 -14.29
CA LYS A 118 -11.17 -19.39 -15.24
C LYS A 118 -12.49 -19.71 -14.53
N ALA A 119 -12.49 -20.64 -13.57
CA ALA A 119 -13.67 -21.04 -12.81
C ALA A 119 -13.31 -21.78 -11.50
N VAL A 120 -14.24 -21.79 -10.54
CA VAL A 120 -14.15 -22.48 -9.24
C VAL A 120 -15.07 -23.71 -9.19
N ASP A 121 -14.62 -24.79 -8.54
CA ASP A 121 -15.39 -26.00 -8.27
C ASP A 121 -15.20 -26.45 -6.82
N GLY A 122 -16.11 -26.09 -5.91
CA GLY A 122 -16.07 -26.51 -4.50
C GLY A 122 -14.93 -25.88 -3.71
N GLU A 123 -13.83 -26.62 -3.52
CA GLU A 123 -12.55 -26.15 -2.97
C GLU A 123 -11.36 -26.28 -3.96
N MET A 124 -11.65 -26.43 -5.26
CA MET A 124 -10.70 -26.44 -6.38
C MET A 124 -10.87 -25.19 -7.24
N ILE A 125 -9.77 -24.68 -7.82
CA ILE A 125 -9.79 -23.60 -8.81
C ILE A 125 -9.14 -24.08 -10.10
N THR A 126 -9.77 -23.74 -11.24
CA THR A 126 -9.33 -24.07 -12.61
C THR A 126 -8.78 -22.82 -13.30
N VAL A 127 -7.63 -22.95 -13.96
CA VAL A 127 -6.72 -21.83 -14.29
C VAL A 127 -6.01 -22.00 -15.62
N THR A 128 -5.58 -20.88 -16.22
CA THR A 128 -4.58 -20.87 -17.32
C THR A 128 -3.25 -20.29 -16.80
N VAL A 129 -2.27 -21.13 -16.52
CA VAL A 129 -0.96 -20.80 -15.92
C VAL A 129 0.10 -20.71 -17.00
N GLU A 130 0.66 -19.51 -17.23
CA GLU A 130 1.67 -19.26 -18.27
C GLU A 130 1.26 -19.82 -19.66
N GLY A 131 0.00 -19.57 -20.04
CA GLY A 131 -0.63 -20.05 -21.28
C GLY A 131 -1.20 -21.48 -21.27
N LYS A 132 -1.00 -22.26 -20.20
CA LYS A 132 -1.37 -23.70 -20.11
C LYS A 132 -2.55 -23.96 -19.16
N ASP A 133 -3.47 -24.84 -19.51
CA ASP A 133 -4.60 -25.27 -18.66
C ASP A 133 -4.11 -26.12 -17.47
N GLU A 134 -4.49 -25.73 -16.25
CA GLU A 134 -4.07 -26.35 -14.98
C GLU A 134 -5.20 -26.30 -13.91
N VAL A 135 -4.94 -26.92 -12.75
CA VAL A 135 -5.76 -26.83 -11.52
C VAL A 135 -4.94 -26.58 -10.27
N PHE A 136 -5.55 -25.93 -9.25
CA PHE A 136 -4.99 -25.80 -7.90
C PHE A 136 -6.04 -26.08 -6.80
N ALA A 137 -5.58 -26.59 -5.66
CA ALA A 137 -6.37 -26.97 -4.49
C ALA A 137 -6.12 -25.99 -3.31
N LEU A 138 -7.15 -25.34 -2.75
CA LEU A 138 -6.95 -24.35 -1.68
C LEU A 138 -6.50 -24.95 -0.32
N SER A 139 -6.53 -26.28 -0.15
CA SER A 139 -5.84 -26.97 0.94
C SER A 139 -4.32 -27.10 0.75
N ASN A 140 -3.80 -26.84 -0.47
CA ASN A 140 -2.38 -26.79 -0.81
C ASN A 140 -1.90 -25.39 -1.28
N ILE A 141 -2.77 -24.45 -1.64
CA ILE A 141 -2.38 -23.04 -1.86
C ILE A 141 -2.07 -22.40 -0.50
N GLN A 142 -0.82 -22.01 -0.26
CA GLN A 142 -0.37 -21.46 1.03
C GLN A 142 -0.57 -19.94 1.13
N LYS A 143 -0.27 -19.19 0.06
CA LYS A 143 -0.65 -17.78 -0.12
C LYS A 143 -0.85 -17.46 -1.61
N ALA A 144 -1.75 -16.54 -1.93
CA ALA A 144 -2.05 -16.10 -3.31
C ALA A 144 -2.35 -14.60 -3.35
N ASN A 145 -1.95 -13.93 -4.43
CA ASN A 145 -2.03 -12.47 -4.61
C ASN A 145 -2.48 -12.14 -6.04
N LEU A 146 -3.33 -11.12 -6.21
CA LEU A 146 -3.85 -10.70 -7.51
C LEU A 146 -2.82 -9.89 -8.33
N VAL A 147 -2.88 -10.04 -9.65
CA VAL A 147 -2.19 -9.23 -10.66
C VAL A 147 -3.23 -8.50 -11.54
N PRO A 148 -3.12 -7.16 -11.76
CA PRO A 148 -3.97 -6.42 -12.68
C PRO A 148 -3.47 -6.55 -14.14
N HIS A 149 -4.35 -6.41 -15.11
CA HIS A 149 -4.00 -6.40 -16.53
C HIS A 149 -3.34 -5.07 -16.94
N PHE A 150 -2.39 -5.12 -17.88
CA PHE A 150 -1.70 -3.94 -18.38
C PHE A 150 -2.51 -3.20 -19.47
N ALA A 151 -2.76 -1.91 -19.25
CA ALA A 151 -3.30 -0.95 -20.21
C ALA A 151 -2.83 0.47 -19.86
N MET A 1 22.43 8.20 5.86
CA MET A 1 22.89 8.08 7.26
C MET A 1 23.13 9.46 7.91
N SER A 2 23.82 10.39 7.22
CA SER A 2 24.12 11.72 7.75
C SER A 2 22.90 12.64 7.97
N THR A 3 21.83 12.50 7.21
CA THR A 3 20.62 13.34 7.33
C THR A 3 19.72 12.90 8.50
N LEU A 4 18.96 13.85 9.07
CA LEU A 4 18.05 13.63 10.22
C LEU A 4 16.68 13.01 9.85
N GLU A 5 16.44 12.68 8.57
CA GLU A 5 15.13 12.20 8.09
C GLU A 5 14.70 10.85 8.72
N GLN A 6 15.66 10.01 9.08
CA GLN A 6 15.42 8.70 9.69
C GLN A 6 15.14 8.84 11.21
N LYS A 7 15.77 9.81 11.88
CA LYS A 7 15.48 10.19 13.27
C LYS A 7 14.16 10.97 13.41
N LEU A 8 13.81 11.79 12.40
CA LEU A 8 12.47 12.36 12.25
C LEU A 8 11.41 11.24 12.14
N THR A 9 11.70 10.19 11.37
CA THR A 9 10.84 9.00 11.28
C THR A 9 10.75 8.25 12.62
N GLU A 10 11.82 8.21 13.42
CA GLU A 10 11.78 7.63 14.78
C GLU A 10 10.96 8.47 15.79
N MET A 11 11.01 9.81 15.75
CA MET A 11 10.19 10.64 16.66
C MET A 11 8.69 10.64 16.31
N ILE A 12 8.34 10.37 15.04
CA ILE A 12 6.95 10.16 14.58
C ILE A 12 6.50 8.72 14.89
N THR A 13 7.39 7.74 14.75
CA THR A 13 7.12 6.35 15.14
C THR A 13 6.84 6.25 16.64
N ALA A 14 7.59 6.96 17.49
CA ALA A 14 7.49 6.86 18.96
C ALA A 14 6.05 7.00 19.53
N PRO A 15 5.28 8.07 19.24
CA PRO A 15 3.91 8.21 19.73
C PRO A 15 2.91 7.32 18.97
N VAL A 16 3.11 7.03 17.66
CA VAL A 16 2.18 6.20 16.89
C VAL A 16 2.30 4.71 17.28
N GLU A 17 3.49 4.27 17.70
CA GLU A 17 3.74 3.00 18.39
C GLU A 17 3.04 2.93 19.75
N ALA A 18 3.08 4.00 20.54
CA ALA A 18 2.38 4.09 21.83
C ALA A 18 0.84 4.15 21.70
N LEU A 19 0.34 4.78 20.63
CA LEU A 19 -1.08 4.74 20.22
C LEU A 19 -1.49 3.35 19.66
N GLY A 20 -0.53 2.45 19.44
CA GLY A 20 -0.77 1.04 19.22
C GLY A 20 -0.85 0.57 17.76
N PHE A 21 -0.30 1.31 16.80
CA PHE A 21 -0.47 0.98 15.37
C PHE A 21 0.56 -0.06 14.90
N GLU A 22 0.17 -0.85 13.90
CA GLU A 22 0.90 -2.03 13.43
C GLU A 22 1.98 -1.66 12.40
N LEU A 23 1.66 -0.78 11.44
CA LEU A 23 2.63 -0.03 10.63
C LEU A 23 2.57 1.47 10.88
N VAL A 24 3.74 2.11 10.98
CA VAL A 24 3.93 3.54 10.69
C VAL A 24 5.24 3.76 9.94
N GLY A 25 5.20 4.49 8.81
CA GLY A 25 6.35 4.74 7.93
C GLY A 25 6.21 5.99 7.06
N ILE A 26 7.31 6.48 6.51
CA ILE A 26 7.39 7.79 5.80
C ILE A 26 8.11 7.65 4.46
N GLU A 27 7.62 8.35 3.43
CA GLU A 27 8.24 8.56 2.11
C GLU A 27 8.36 10.06 1.81
N PHE A 28 9.44 10.48 1.12
CA PHE A 28 9.79 11.90 0.93
C PHE A 28 9.84 12.33 -0.53
N ILE A 29 9.07 13.37 -0.86
CA ILE A 29 9.05 14.07 -2.14
C ILE A 29 9.77 15.42 -1.98
N ARG A 30 10.66 15.75 -2.92
CA ARG A 30 11.47 16.98 -2.91
C ARG A 30 11.00 17.95 -4.01
N GLY A 31 10.94 19.23 -3.69
CA GLY A 31 10.79 20.33 -4.64
C GLY A 31 11.01 21.68 -3.93
N ARG A 32 10.73 22.80 -4.60
CA ARG A 32 10.74 24.13 -3.97
C ARG A 32 9.73 24.19 -2.81
N THR A 33 8.58 23.53 -2.97
CA THR A 33 7.80 22.96 -1.86
C THR A 33 8.02 21.43 -1.80
N SER A 34 8.19 20.88 -0.61
CA SER A 34 8.45 19.46 -0.36
C SER A 34 7.28 18.78 0.37
N THR A 35 7.11 17.47 0.19
CA THR A 35 5.96 16.73 0.74
C THR A 35 6.39 15.43 1.40
N LEU A 36 5.78 15.11 2.53
CA LEU A 36 5.85 13.80 3.18
C LEU A 36 4.61 12.98 2.81
N ARG A 37 4.75 11.68 2.61
CA ARG A 37 3.64 10.73 2.60
C ARG A 37 3.79 9.73 3.74
N ILE A 38 2.76 9.63 4.60
CA ILE A 38 2.72 8.71 5.75
C ILE A 38 1.91 7.46 5.39
N TYR A 39 2.52 6.31 5.61
CA TYR A 39 1.91 4.98 5.46
C TYR A 39 1.56 4.44 6.86
N ILE A 40 0.30 4.04 7.06
CA ILE A 40 -0.22 3.64 8.36
C ILE A 40 -1.21 2.49 8.25
N ASP A 41 -1.15 1.54 9.21
CA ASP A 41 -1.94 0.32 9.26
C ASP A 41 -2.13 -0.13 10.73
N SER A 42 -3.32 -0.57 11.10
CA SER A 42 -3.68 -0.87 12.51
C SER A 42 -3.99 -2.36 12.76
N GLU A 43 -3.71 -2.80 13.98
CA GLU A 43 -4.09 -4.12 14.52
C GLU A 43 -5.54 -4.13 15.04
N ASP A 44 -6.03 -2.99 15.53
CA ASP A 44 -7.39 -2.84 16.11
C ASP A 44 -8.50 -2.51 15.08
N GLY A 45 -8.17 -2.45 13.78
CA GLY A 45 -9.14 -2.34 12.68
C GLY A 45 -9.67 -0.93 12.40
N ILE A 46 -8.79 0.09 12.48
CA ILE A 46 -9.10 1.50 12.37
C ILE A 46 -9.14 1.95 10.89
N ASN A 47 -10.14 2.75 10.48
CA ASN A 47 -10.28 3.24 9.10
C ASN A 47 -9.24 4.33 8.77
N VAL A 48 -8.85 4.45 7.51
CA VAL A 48 -7.90 5.49 7.03
C VAL A 48 -8.42 6.93 7.18
N ASP A 49 -9.73 7.13 7.34
CA ASP A 49 -10.35 8.41 7.74
C ASP A 49 -9.96 8.82 9.18
N ASP A 50 -9.96 7.89 10.14
CA ASP A 50 -9.53 8.17 11.51
C ASP A 50 -8.01 8.24 11.62
N CYS A 51 -7.28 7.49 10.75
CA CYS A 51 -5.84 7.64 10.59
C CYS A 51 -5.44 9.04 10.07
N ALA A 52 -6.32 9.74 9.35
CA ALA A 52 -6.12 11.13 8.96
C ALA A 52 -6.32 12.13 10.13
N ASP A 53 -7.12 11.78 11.14
CA ASP A 53 -7.27 12.53 12.39
C ASP A 53 -6.09 12.28 13.37
N VAL A 54 -5.45 11.12 13.28
CA VAL A 54 -4.11 10.86 13.87
C VAL A 54 -3.02 11.61 13.10
N SER A 55 -3.11 11.69 11.78
CA SER A 55 -2.15 12.44 10.94
C SER A 55 -2.22 13.95 11.14
N HIS A 56 -3.33 14.48 11.67
CA HIS A 56 -3.41 15.82 12.25
C HIS A 56 -2.53 15.97 13.50
N GLN A 57 -2.52 14.98 14.42
CA GLN A 57 -1.59 14.98 15.57
C GLN A 57 -0.11 14.79 15.15
N VAL A 58 0.16 14.12 14.01
CA VAL A 58 1.48 14.09 13.38
C VAL A 58 1.82 15.46 12.76
N SER A 59 0.88 16.03 12.01
CA SER A 59 1.11 17.38 11.44
C SER A 59 1.66 18.31 12.53
N ALA A 60 1.11 18.21 13.76
CA ALA A 60 1.57 19.08 14.86
C ALA A 60 3.02 18.79 15.24
N VAL A 61 3.41 17.50 15.33
CA VAL A 61 4.80 17.15 15.73
C VAL A 61 5.78 17.63 14.65
N LEU A 62 5.41 17.51 13.37
CA LEU A 62 6.29 18.01 12.28
C LEU A 62 6.42 19.53 12.40
N ASP A 63 5.32 20.22 12.71
CA ASP A 63 5.34 21.70 12.79
C ASP A 63 6.25 22.19 13.92
N VAL A 64 6.18 21.55 15.10
CA VAL A 64 7.11 21.92 16.21
C VAL A 64 8.56 21.57 15.83
N GLU A 65 8.77 20.41 15.20
CA GLU A 65 10.15 19.96 14.86
C GLU A 65 10.81 20.92 13.86
N ASP A 66 10.07 21.35 12.84
CA ASP A 66 10.68 22.21 11.79
C ASP A 66 9.96 23.57 11.75
N PRO A 67 10.69 24.71 11.84
CA PRO A 67 10.05 26.03 11.89
C PRO A 67 9.23 26.31 10.63
N ILE A 68 9.76 25.94 9.46
CA ILE A 68 9.03 26.17 8.17
C ILE A 68 7.73 25.36 8.19
N THR A 69 6.61 26.00 7.85
CA THR A 69 5.31 25.29 7.73
C THR A 69 4.94 25.17 6.25
N VAL A 70 5.04 26.27 5.49
CA VAL A 70 4.66 26.26 4.04
C VAL A 70 5.57 25.31 3.25
N ALA A 71 6.87 25.30 3.55
CA ALA A 71 7.83 24.46 2.79
C ALA A 71 7.38 23.00 2.79
N TYR A 72 6.70 22.56 3.85
CA TYR A 72 6.28 21.14 3.95
C TYR A 72 4.76 20.95 3.79
N ASN A 73 4.35 19.75 3.38
CA ASN A 73 2.96 19.25 3.35
C ASN A 73 2.92 17.75 3.71
N LEU A 74 1.77 17.20 4.14
CA LEU A 74 1.58 15.79 4.50
C LEU A 74 0.39 15.12 3.80
N GLU A 75 0.65 14.00 3.14
CA GLU A 75 -0.34 13.10 2.52
C GLU A 75 -0.43 11.76 3.28
N VAL A 76 -1.66 11.22 3.41
CA VAL A 76 -1.87 9.93 4.13
C VAL A 76 -2.28 8.86 3.11
N SER A 77 -1.54 7.75 3.03
CA SER A 77 -1.85 6.67 2.06
C SER A 77 -1.50 5.29 2.63
N SER A 78 -2.06 4.21 2.06
CA SER A 78 -1.70 2.84 2.49
C SER A 78 -0.97 2.16 1.32
N PRO A 79 0.23 1.58 1.50
CA PRO A 79 1.00 1.05 0.35
C PRO A 79 0.37 -0.15 -0.39
N GLY A 80 -0.08 -1.16 0.35
CA GLY A 80 -0.69 -2.36 -0.27
C GLY A 80 0.34 -3.24 -0.93
N LEU A 81 1.63 -2.89 -0.81
CA LEU A 81 2.72 -3.65 -1.49
C LEU A 81 3.59 -4.34 -0.44
N ASP A 82 3.14 -4.35 0.83
CA ASP A 82 3.96 -4.94 1.92
C ASP A 82 4.19 -6.43 1.64
N ARG A 83 3.16 -7.14 1.17
CA ARG A 83 3.30 -8.57 0.82
C ARG A 83 4.18 -8.71 -0.42
N PRO A 84 5.09 -9.70 -0.50
CA PRO A 84 5.90 -9.92 -1.72
C PRO A 84 5.05 -10.61 -2.81
N LEU A 85 5.56 -10.66 -4.04
CA LEU A 85 4.80 -11.27 -5.14
C LEU A 85 5.18 -12.77 -5.30
N PHE A 86 4.19 -13.65 -5.50
CA PHE A 86 4.41 -15.11 -5.53
C PHE A 86 3.64 -15.88 -6.62
N THR A 87 2.38 -15.51 -6.92
CA THR A 87 1.47 -16.39 -7.67
C THR A 87 1.58 -16.18 -9.19
N ALA A 88 1.50 -17.26 -9.98
CA ALA A 88 1.68 -17.20 -11.43
C ALA A 88 0.57 -16.41 -12.13
N GLU A 89 -0.68 -16.62 -11.70
CA GLU A 89 -1.87 -15.82 -12.08
C GLU A 89 -1.61 -14.30 -11.96
N HIS A 90 -0.84 -13.88 -10.94
CA HIS A 90 -0.55 -12.47 -10.65
C HIS A 90 0.60 -11.93 -11.52
N TYR A 91 1.70 -12.68 -11.65
CA TYR A 91 2.75 -12.37 -12.64
C TYR A 91 2.17 -12.19 -14.06
N ALA A 92 1.17 -13.02 -14.42
CA ALA A 92 0.45 -12.92 -15.69
C ALA A 92 -0.46 -11.69 -15.82
N ARG A 93 -0.97 -11.10 -14.72
CA ARG A 93 -1.64 -9.78 -14.73
C ARG A 93 -0.65 -8.64 -14.89
N PHE A 94 0.51 -8.73 -14.23
CA PHE A 94 1.58 -7.72 -14.20
C PHE A 94 2.55 -7.77 -15.40
N VAL A 95 2.12 -8.36 -16.54
CA VAL A 95 2.83 -8.24 -17.81
C VAL A 95 2.99 -6.77 -18.23
N GLY A 96 4.17 -6.42 -18.71
CA GLY A 96 4.57 -5.04 -19.02
C GLY A 96 5.05 -4.21 -17.83
N GLU A 97 5.15 -4.77 -16.63
CA GLU A 97 5.59 -4.06 -15.41
C GLU A 97 6.99 -4.51 -14.93
N GLU A 98 7.70 -3.68 -14.16
CA GLU A 98 9.04 -4.02 -13.64
C GLU A 98 8.97 -4.68 -12.26
N VAL A 99 9.89 -5.62 -11.99
CA VAL A 99 9.97 -6.41 -10.74
C VAL A 99 11.44 -6.51 -10.30
N THR A 100 11.69 -6.46 -8.99
CA THR A 100 13.01 -6.70 -8.38
C THR A 100 12.98 -7.97 -7.54
N LEU A 101 13.99 -8.85 -7.65
CA LEU A 101 13.99 -10.20 -7.07
C LEU A 101 15.36 -10.73 -6.58
N VAL A 102 15.31 -11.80 -5.77
CA VAL A 102 16.46 -12.61 -5.32
C VAL A 102 16.26 -14.11 -5.65
N LEU A 103 17.34 -14.79 -6.03
CA LEU A 103 17.36 -16.18 -6.50
C LEU A 103 17.71 -17.19 -5.39
N ARG A 104 17.10 -18.37 -5.43
CA ARG A 104 17.04 -19.34 -4.32
C ARG A 104 18.33 -20.14 -4.06
N MET A 105 19.06 -20.49 -5.13
CA MET A 105 20.24 -21.35 -5.10
C MET A 105 21.57 -20.55 -5.13
N ALA A 106 21.48 -19.21 -5.15
CA ALA A 106 22.64 -18.33 -5.08
C ALA A 106 23.26 -18.30 -3.67
N VAL A 107 24.58 -18.21 -3.56
CA VAL A 107 25.29 -18.19 -2.26
C VAL A 107 25.30 -16.80 -1.64
N GLN A 108 25.61 -16.67 -0.35
CA GLN A 108 25.57 -15.36 0.35
C GLN A 108 26.47 -14.30 -0.32
N ASN A 109 26.10 -13.03 -0.14
CA ASN A 109 26.49 -11.92 -1.03
C ASN A 109 25.73 -11.92 -2.39
N ARG A 110 24.59 -12.59 -2.48
CA ARG A 110 23.74 -12.65 -3.69
C ARG A 110 23.09 -11.30 -4.01
N ARG A 111 23.27 -10.86 -5.25
CA ARG A 111 22.83 -9.55 -5.78
C ARG A 111 21.32 -9.57 -6.10
N LYS A 112 20.68 -8.39 -6.08
CA LYS A 112 19.26 -8.19 -6.38
C LYS A 112 19.05 -7.73 -7.83
N TRP A 113 18.18 -8.43 -8.54
CA TRP A 113 18.02 -8.32 -10.00
C TRP A 113 16.68 -7.66 -10.38
N GLN A 114 16.71 -6.63 -11.24
CA GLN A 114 15.56 -5.80 -11.59
C GLN A 114 15.28 -5.81 -13.11
N GLY A 115 14.04 -6.10 -13.51
CA GLY A 115 13.64 -6.25 -14.92
C GLY A 115 12.14 -6.42 -15.15
N VAL A 116 11.72 -6.25 -16.41
CA VAL A 116 10.31 -6.15 -16.84
C VAL A 116 9.73 -7.50 -17.23
N ILE A 117 8.52 -7.82 -16.76
CA ILE A 117 7.78 -9.04 -17.11
C ILE A 117 7.21 -8.94 -18.52
N LYS A 118 7.45 -9.95 -19.37
CA LYS A 118 6.91 -10.04 -20.75
C LYS A 118 5.81 -11.10 -20.91
N ALA A 119 6.05 -12.35 -20.52
CA ALA A 119 5.07 -13.44 -20.61
C ALA A 119 5.29 -14.54 -19.55
N VAL A 120 4.21 -15.27 -19.22
CA VAL A 120 4.20 -16.40 -18.28
C VAL A 120 3.56 -17.62 -18.96
N ASP A 121 4.15 -18.81 -18.87
CA ASP A 121 3.47 -20.08 -19.17
C ASP A 121 3.96 -21.18 -18.20
N GLY A 122 3.04 -22.00 -17.67
CA GLY A 122 3.37 -23.11 -16.78
C GLY A 122 4.05 -22.62 -15.49
N GLU A 123 5.36 -22.86 -15.35
CA GLU A 123 6.19 -22.34 -14.26
C GLU A 123 7.42 -21.52 -14.73
N MET A 124 7.37 -21.00 -15.96
CA MET A 124 8.44 -20.23 -16.61
C MET A 124 8.01 -18.84 -17.07
N ILE A 125 8.87 -17.84 -16.83
CA ILE A 125 8.63 -16.41 -17.10
C ILE A 125 9.71 -15.86 -18.05
N THR A 126 9.29 -15.11 -19.07
CA THR A 126 10.19 -14.30 -19.92
C THR A 126 10.26 -12.86 -19.43
N VAL A 127 11.47 -12.30 -19.44
CA VAL A 127 11.77 -11.01 -18.82
C VAL A 127 12.79 -10.20 -19.61
N THR A 128 12.75 -8.87 -19.47
CA THR A 128 13.83 -7.97 -19.93
C THR A 128 14.55 -7.39 -18.71
N VAL A 129 15.75 -7.87 -18.40
CA VAL A 129 16.51 -7.55 -17.17
C VAL A 129 17.78 -6.78 -17.54
N GLU A 130 17.96 -5.57 -17.02
CA GLU A 130 18.99 -4.61 -17.47
C GLU A 130 19.01 -4.46 -19.01
N GLY A 131 17.82 -4.32 -19.62
CA GLY A 131 17.62 -4.22 -21.07
C GLY A 131 17.85 -5.51 -21.88
N LYS A 132 18.31 -6.60 -21.25
CA LYS A 132 18.66 -7.89 -21.89
C LYS A 132 17.50 -8.89 -21.83
N ASP A 133 17.26 -9.61 -22.95
CA ASP A 133 16.22 -10.64 -23.03
C ASP A 133 16.61 -11.94 -22.29
N GLU A 134 15.94 -12.24 -21.18
CA GLU A 134 16.32 -13.26 -20.21
C GLU A 134 15.09 -14.13 -19.81
N VAL A 135 15.31 -15.21 -19.06
CA VAL A 135 14.24 -16.08 -18.52
C VAL A 135 14.48 -16.45 -17.05
N PHE A 136 13.39 -16.59 -16.29
CA PHE A 136 13.39 -17.08 -14.89
C PHE A 136 12.35 -18.19 -14.68
N ALA A 137 12.67 -19.12 -13.78
CA ALA A 137 11.76 -20.16 -13.30
C ALA A 137 11.15 -19.75 -11.95
N LEU A 138 9.83 -19.75 -11.82
CA LEU A 138 9.15 -19.13 -10.67
C LEU A 138 9.33 -19.91 -9.34
N SER A 139 9.74 -21.18 -9.38
CA SER A 139 10.16 -21.94 -8.20
C SER A 139 11.60 -21.61 -7.76
N ASN A 140 12.42 -21.07 -8.65
CA ASN A 140 13.85 -20.74 -8.43
C ASN A 140 14.06 -19.28 -8.02
N ILE A 141 13.06 -18.41 -8.22
CA ILE A 141 12.89 -17.16 -7.46
C ILE A 141 12.61 -17.52 -5.99
N GLN A 142 13.21 -16.79 -5.04
CA GLN A 142 12.91 -16.94 -3.60
C GLN A 142 12.01 -15.80 -3.06
N LYS A 143 12.28 -14.56 -3.45
CA LYS A 143 11.45 -13.38 -3.13
C LYS A 143 11.46 -12.39 -4.29
N ALA A 144 10.32 -11.71 -4.52
CA ALA A 144 10.18 -10.63 -5.49
C ALA A 144 9.26 -9.50 -5.02
N ASN A 145 9.49 -8.28 -5.47
CA ASN A 145 8.67 -7.08 -5.24
C ASN A 145 8.41 -6.34 -6.57
N LEU A 146 7.19 -5.80 -6.75
CA LEU A 146 6.79 -5.00 -7.90
C LEU A 146 7.42 -3.60 -7.87
N VAL A 147 7.91 -3.11 -9.01
CA VAL A 147 8.37 -1.74 -9.23
C VAL A 147 7.44 -1.05 -10.27
N PRO A 148 6.50 -0.21 -9.83
CA PRO A 148 5.54 0.44 -10.74
C PRO A 148 6.15 1.55 -11.60
N HIS A 149 5.40 1.98 -12.60
CA HIS A 149 5.69 3.13 -13.47
C HIS A 149 5.34 4.49 -12.83
N PHE A 150 5.63 5.59 -13.55
CA PHE A 150 5.13 6.93 -13.24
C PHE A 150 4.14 7.45 -14.29
N ALA A 151 3.18 8.28 -13.85
CA ALA A 151 2.15 8.95 -14.64
C ALA A 151 1.97 10.43 -14.26
N MET A 1 22.44 8.30 10.63
CA MET A 1 22.28 8.96 9.31
C MET A 1 22.47 10.47 9.47
N SER A 2 23.17 11.10 8.53
CA SER A 2 23.43 12.56 8.61
C SER A 2 22.10 13.34 8.55
N THR A 3 21.18 12.91 7.69
CA THR A 3 19.85 13.58 7.58
C THR A 3 19.05 13.32 8.86
N LEU A 4 18.26 14.30 9.28
CA LEU A 4 17.43 14.17 10.52
C LEU A 4 16.08 13.54 10.15
N GLU A 5 15.88 13.24 8.86
CA GLU A 5 14.61 12.61 8.41
C GLU A 5 14.45 11.24 9.07
N GLN A 6 15.54 10.48 9.16
CA GLN A 6 15.50 9.15 9.85
C GLN A 6 15.15 9.37 11.33
N LYS A 7 15.74 10.39 11.95
CA LYS A 7 15.42 10.71 13.37
C LYS A 7 13.94 11.11 13.46
N LEU A 8 13.47 11.89 12.48
CA LEU A 8 12.05 12.34 12.47
C LEU A 8 11.13 11.11 12.38
N THR A 9 11.52 10.10 11.60
CA THR A 9 10.71 8.86 11.52
C THR A 9 10.62 8.15 12.88
N GLU A 10 11.68 8.15 13.70
CA GLU A 10 11.64 7.61 15.07
C GLU A 10 10.71 8.46 15.98
N MET A 11 10.78 9.79 15.83
CA MET A 11 9.94 10.79 16.51
C MET A 11 8.46 10.74 16.10
N ILE A 12 8.14 10.28 14.90
CA ILE A 12 6.78 10.02 14.40
C ILE A 12 6.31 8.61 14.81
N THR A 13 7.20 7.62 14.87
CA THR A 13 6.87 6.26 15.32
C THR A 13 6.46 6.25 16.79
N ALA A 14 7.10 7.06 17.65
CA ALA A 14 6.81 7.16 19.08
C ALA A 14 5.32 7.44 19.43
N PRO A 15 4.66 8.51 18.91
CA PRO A 15 3.24 8.77 19.16
C PRO A 15 2.30 7.81 18.44
N VAL A 16 2.65 7.32 17.23
CA VAL A 16 1.82 6.33 16.51
C VAL A 16 1.76 5.00 17.28
N GLU A 17 2.87 4.62 17.93
CA GLU A 17 2.97 3.45 18.81
C GLU A 17 2.36 3.68 20.21
N ALA A 18 2.30 4.93 20.67
CA ALA A 18 1.61 5.32 21.91
C ALA A 18 0.08 5.48 21.73
N LEU A 19 -0.39 5.57 20.49
CA LEU A 19 -1.80 5.51 20.08
C LEU A 19 -2.23 4.12 19.56
N GLY A 20 -1.38 3.10 19.72
CA GLY A 20 -1.75 1.71 19.51
C GLY A 20 -1.90 1.26 18.06
N PHE A 21 -1.15 1.83 17.11
CA PHE A 21 -1.07 1.37 15.71
C PHE A 21 0.14 0.43 15.50
N GLU A 22 0.11 -0.36 14.43
CA GLU A 22 1.03 -1.51 14.24
C GLU A 22 2.04 -1.29 13.10
N LEU A 23 1.57 -0.82 11.94
CA LEU A 23 2.38 -0.52 10.76
C LEU A 23 2.48 1.00 10.56
N VAL A 24 3.71 1.49 10.35
CA VAL A 24 3.98 2.88 9.93
C VAL A 24 5.11 2.91 8.90
N GLY A 25 5.11 3.89 8.00
CA GLY A 25 6.23 4.20 7.10
C GLY A 25 6.16 5.60 6.49
N ILE A 26 7.31 6.18 6.15
CA ILE A 26 7.45 7.51 5.56
C ILE A 26 8.11 7.42 4.16
N GLU A 27 7.59 8.18 3.21
CA GLU A 27 8.14 8.40 1.86
C GLU A 27 8.21 9.91 1.55
N PHE A 28 9.27 10.36 0.85
CA PHE A 28 9.56 11.79 0.69
C PHE A 28 9.32 12.31 -0.74
N ILE A 29 8.77 13.54 -0.83
CA ILE A 29 8.50 14.26 -2.08
C ILE A 29 9.04 15.70 -1.93
N ARG A 30 9.93 16.14 -2.83
CA ARG A 30 10.69 17.41 -2.70
C ARG A 30 10.25 18.50 -3.69
N GLY A 31 10.39 19.77 -3.30
CA GLY A 31 10.16 20.94 -4.17
C GLY A 31 10.43 22.28 -3.48
N ARG A 32 9.87 23.38 -3.99
CA ARG A 32 9.81 24.67 -3.25
C ARG A 32 8.81 24.58 -2.08
N THR A 33 7.82 23.70 -2.21
CA THR A 33 7.13 23.03 -1.11
C THR A 33 7.60 21.58 -1.06
N SER A 34 7.91 21.04 0.13
CA SER A 34 8.25 19.62 0.31
C SER A 34 7.18 18.91 1.13
N THR A 35 6.97 17.62 0.86
CA THR A 35 5.92 16.80 1.44
C THR A 35 6.49 15.50 2.01
N LEU A 36 5.93 15.04 3.12
CA LEU A 36 6.01 13.67 3.60
C LEU A 36 4.71 12.95 3.21
N ARG A 37 4.83 11.71 2.73
CA ARG A 37 3.70 10.81 2.54
C ARG A 37 3.79 9.69 3.59
N ILE A 38 2.81 9.63 4.50
CA ILE A 38 2.77 8.66 5.60
C ILE A 38 1.84 7.50 5.25
N TYR A 39 2.32 6.29 5.52
CA TYR A 39 1.58 5.03 5.38
C TYR A 39 1.29 4.47 6.78
N ILE A 40 0.06 4.06 7.08
CA ILE A 40 -0.34 3.61 8.43
C ILE A 40 -1.39 2.48 8.41
N ASP A 41 -1.26 1.50 9.31
CA ASP A 41 -2.26 0.47 9.56
C ASP A 41 -2.17 -0.11 11.01
N SER A 42 -3.20 -0.86 11.44
CA SER A 42 -3.33 -1.40 12.81
C SER A 42 -3.45 -2.93 12.84
N GLU A 43 -3.31 -3.51 14.02
CA GLU A 43 -3.62 -4.92 14.31
C GLU A 43 -5.14 -5.16 14.48
N ASP A 44 -5.92 -4.10 14.77
CA ASP A 44 -7.35 -4.15 15.14
C ASP A 44 -8.32 -3.80 14.00
N GLY A 45 -7.79 -3.36 12.84
CA GLY A 45 -8.55 -3.06 11.61
C GLY A 45 -9.29 -1.72 11.64
N ILE A 46 -8.57 -0.63 11.89
CA ILE A 46 -9.08 0.75 12.04
C ILE A 46 -9.17 1.48 10.69
N ASN A 47 -10.28 2.20 10.45
CA ASN A 47 -10.55 2.98 9.23
C ASN A 47 -9.73 4.28 9.11
N VAL A 48 -9.52 4.74 7.86
CA VAL A 48 -8.68 5.90 7.52
C VAL A 48 -9.11 7.23 8.17
N ASP A 49 -10.39 7.46 8.47
CA ASP A 49 -10.83 8.71 9.08
C ASP A 49 -10.30 8.89 10.53
N ASP A 50 -10.01 7.78 11.21
CA ASP A 50 -9.36 7.74 12.53
C ASP A 50 -7.81 7.78 12.41
N CYS A 51 -7.26 7.27 11.29
CA CYS A 51 -5.86 7.47 10.91
C CYS A 51 -5.56 8.93 10.55
N ALA A 52 -6.51 9.64 9.94
CA ALA A 52 -6.44 11.08 9.65
C ALA A 52 -6.41 11.93 10.95
N ASP A 53 -7.08 11.45 12.00
CA ASP A 53 -7.04 12.07 13.35
C ASP A 53 -5.65 11.88 14.03
N VAL A 54 -4.99 10.72 13.84
CA VAL A 54 -3.57 10.54 14.21
C VAL A 54 -2.68 11.43 13.35
N SER A 55 -2.94 11.50 12.05
CA SER A 55 -2.12 12.27 11.09
C SER A 55 -2.14 13.78 11.38
N HIS A 56 -3.23 14.30 11.94
CA HIS A 56 -3.29 15.68 12.47
C HIS A 56 -2.28 15.92 13.61
N GLN A 57 -2.04 14.91 14.45
CA GLN A 57 -1.00 14.93 15.49
C GLN A 57 0.42 14.72 14.92
N VAL A 58 0.58 14.01 13.79
CA VAL A 58 1.86 13.87 13.08
C VAL A 58 2.23 15.19 12.37
N SER A 59 1.27 15.87 11.74
CA SER A 59 1.47 17.22 11.19
C SER A 59 1.93 18.21 12.25
N ALA A 60 1.49 18.03 13.50
CA ALA A 60 1.91 18.92 14.61
C ALA A 60 3.43 18.80 14.82
N VAL A 61 3.95 17.56 14.90
CA VAL A 61 5.42 17.36 15.08
C VAL A 61 6.16 17.89 13.87
N LEU A 62 5.61 17.72 12.65
CA LEU A 62 6.23 18.27 11.43
C LEU A 62 6.26 19.80 11.54
N ASP A 63 5.20 20.40 12.07
CA ASP A 63 5.12 21.88 12.20
C ASP A 63 6.21 22.38 13.15
N VAL A 64 6.45 21.69 14.27
CA VAL A 64 7.57 22.11 15.18
C VAL A 64 8.91 21.88 14.47
N GLU A 65 9.03 20.79 13.69
CA GLU A 65 10.32 20.46 13.02
C GLU A 65 10.70 21.55 12.01
N ASP A 66 9.73 22.11 11.29
CA ASP A 66 10.06 23.12 10.24
C ASP A 66 9.84 24.53 10.80
N PRO A 67 10.73 25.51 10.51
CA PRO A 67 10.50 26.90 10.94
C PRO A 67 9.22 27.47 10.32
N ILE A 68 8.97 27.15 9.05
CA ILE A 68 7.74 27.64 8.35
C ILE A 68 6.76 26.48 8.21
N THR A 69 5.54 26.63 8.74
CA THR A 69 4.55 25.52 8.69
C THR A 69 4.17 25.20 7.24
N VAL A 70 3.96 26.22 6.40
CA VAL A 70 3.53 26.00 4.99
C VAL A 70 4.62 25.24 4.21
N ALA A 71 5.89 25.58 4.42
CA ALA A 71 6.99 24.95 3.65
C ALA A 71 6.89 23.43 3.72
N TYR A 72 6.53 22.88 4.88
CA TYR A 72 6.47 21.40 5.06
C TYR A 72 5.02 20.92 4.92
N ASN A 73 4.82 19.68 4.45
CA ASN A 73 3.44 19.21 4.20
C ASN A 73 3.30 17.71 4.48
N LEU A 74 2.12 17.28 4.95
CA LEU A 74 1.83 15.86 5.15
C LEU A 74 0.60 15.42 4.35
N GLU A 75 0.77 14.39 3.50
CA GLU A 75 -0.31 13.65 2.85
C GLU A 75 -0.34 12.21 3.39
N VAL A 76 -1.53 11.59 3.41
CA VAL A 76 -1.81 10.34 4.15
C VAL A 76 -2.22 9.23 3.18
N SER A 77 -1.63 8.05 3.32
CA SER A 77 -1.87 6.86 2.51
C SER A 77 -2.11 5.61 3.36
N SER A 78 -2.68 4.60 2.73
CA SER A 78 -2.78 3.23 3.25
C SER A 78 -1.85 2.28 2.47
N PRO A 79 -1.44 1.13 3.03
CA PRO A 79 -0.28 0.35 2.54
C PRO A 79 -0.35 -0.16 1.09
N GLY A 80 -1.54 -0.23 0.50
CA GLY A 80 -1.73 -0.37 -0.94
C GLY A 80 -1.46 -1.76 -1.52
N LEU A 81 -1.36 -1.83 -2.85
CA LEU A 81 -1.08 -3.06 -3.59
C LEU A 81 0.42 -3.39 -3.63
N ASP A 82 1.26 -2.37 -3.49
CA ASP A 82 2.73 -2.45 -3.60
C ASP A 82 3.44 -2.99 -2.34
N ARG A 83 2.69 -3.50 -1.35
CA ARG A 83 3.19 -4.18 -0.15
C ARG A 83 3.36 -5.69 -0.40
N PRO A 84 4.29 -6.39 0.30
CA PRO A 84 4.49 -7.82 0.13
C PRO A 84 3.24 -8.69 0.41
N LEU A 85 3.17 -9.84 -0.26
CA LEU A 85 2.04 -10.79 -0.21
C LEU A 85 2.41 -12.10 0.51
N PHE A 86 1.51 -12.62 1.35
CA PHE A 86 1.80 -13.78 2.23
C PHE A 86 0.64 -14.80 2.39
N THR A 87 -0.60 -14.33 2.53
CA THR A 87 -1.74 -15.15 3.03
C THR A 87 -2.66 -15.66 1.92
N ALA A 88 -3.24 -16.85 2.13
CA ALA A 88 -4.01 -17.59 1.13
C ALA A 88 -5.28 -16.88 0.64
N GLU A 89 -6.03 -16.15 1.49
CA GLU A 89 -7.18 -15.35 1.05
C GLU A 89 -6.75 -14.21 0.09
N HIS A 90 -5.60 -13.58 0.32
CA HIS A 90 -5.07 -12.52 -0.51
C HIS A 90 -4.54 -13.07 -1.83
N TYR A 91 -3.76 -14.14 -1.81
CA TYR A 91 -3.31 -14.87 -3.01
C TYR A 91 -4.50 -15.30 -3.90
N ALA A 92 -5.59 -15.82 -3.30
CA ALA A 92 -6.78 -16.25 -4.04
C ALA A 92 -7.58 -15.08 -4.65
N ARG A 93 -7.43 -13.86 -4.14
CA ARG A 93 -8.03 -12.63 -4.69
C ARG A 93 -7.14 -11.92 -5.71
N PHE A 94 -5.82 -12.11 -5.63
CA PHE A 94 -4.83 -11.66 -6.63
C PHE A 94 -4.57 -12.68 -7.75
N VAL A 95 -5.53 -13.56 -8.09
CA VAL A 95 -5.42 -14.45 -9.27
C VAL A 95 -5.55 -13.68 -10.59
N GLY A 96 -4.83 -14.14 -11.62
CA GLY A 96 -4.67 -13.46 -12.90
C GLY A 96 -3.57 -12.38 -12.92
N GLU A 97 -2.78 -12.26 -11.85
CA GLU A 97 -1.72 -11.25 -11.72
C GLU A 97 -0.32 -11.84 -11.85
N GLU A 98 0.63 -11.00 -12.27
CA GLU A 98 2.05 -11.35 -12.28
C GLU A 98 2.69 -10.97 -10.93
N VAL A 99 3.58 -11.83 -10.42
CA VAL A 99 4.22 -11.71 -9.10
C VAL A 99 5.72 -12.04 -9.23
N THR A 100 6.58 -11.37 -8.45
CA THR A 100 8.04 -11.59 -8.40
C THR A 100 8.50 -11.88 -6.96
N LEU A 101 9.20 -13.00 -6.75
CA LEU A 101 9.39 -13.65 -5.44
C LEU A 101 10.76 -14.27 -5.20
N VAL A 102 11.04 -14.56 -3.92
CA VAL A 102 12.32 -15.24 -3.54
C VAL A 102 11.95 -16.48 -2.73
N LEU A 103 12.88 -17.43 -2.57
CA LEU A 103 12.54 -18.70 -1.86
C LEU A 103 13.24 -18.75 -0.49
N ARG A 104 12.52 -19.16 0.56
CA ARG A 104 13.12 -19.28 1.92
C ARG A 104 14.39 -20.13 1.83
N MET A 105 14.33 -21.22 1.06
CA MET A 105 15.54 -22.06 0.86
C MET A 105 16.06 -21.80 -0.55
N ALA A 106 17.31 -21.34 -0.67
CA ALA A 106 17.88 -20.99 -1.99
C ALA A 106 19.41 -21.13 -1.96
N VAL A 107 20.04 -21.17 -3.13
CA VAL A 107 21.54 -21.23 -3.20
C VAL A 107 22.09 -19.86 -2.82
N GLN A 108 23.41 -19.77 -2.58
CA GLN A 108 23.99 -18.48 -2.10
C GLN A 108 23.72 -17.39 -3.15
N ASN A 109 23.83 -17.70 -4.44
CA ASN A 109 23.46 -16.70 -5.48
C ASN A 109 21.95 -16.47 -5.41
N ARG A 110 21.51 -15.21 -5.42
CA ARG A 110 20.06 -14.94 -5.26
C ARG A 110 19.29 -15.42 -6.48
N ARG A 111 18.12 -16.02 -6.27
CA ARG A 111 17.28 -16.51 -7.40
C ARG A 111 15.90 -15.84 -7.31
N LYS A 112 15.67 -14.80 -8.13
CA LYS A 112 14.35 -14.16 -8.16
C LYS A 112 13.49 -14.77 -9.27
N TRP A 113 12.26 -15.18 -8.94
CA TRP A 113 11.35 -15.85 -9.88
C TRP A 113 10.15 -14.95 -10.18
N GLN A 114 9.71 -14.86 -11.44
CA GLN A 114 8.56 -14.05 -11.85
C GLN A 114 7.57 -14.88 -12.68
N GLY A 115 6.28 -14.78 -12.39
CA GLY A 115 5.25 -15.54 -13.11
C GLY A 115 3.82 -15.09 -12.80
N VAL A 116 2.87 -15.60 -13.61
CA VAL A 116 1.43 -15.26 -13.50
C VAL A 116 0.70 -16.29 -12.63
N ILE A 117 0.02 -15.82 -11.58
CA ILE A 117 -0.72 -16.63 -10.62
C ILE A 117 -2.09 -17.03 -11.19
N LYS A 118 -2.40 -18.34 -11.17
CA LYS A 118 -3.59 -18.91 -11.82
C LYS A 118 -4.68 -19.35 -10.83
N ALA A 119 -4.35 -20.27 -9.92
CA ALA A 119 -5.34 -20.76 -8.92
C ALA A 119 -4.61 -21.17 -7.64
N VAL A 120 -5.03 -20.63 -6.50
CA VAL A 120 -4.34 -20.94 -5.21
C VAL A 120 -5.21 -21.89 -4.40
N ASP A 121 -4.71 -23.10 -4.13
CA ASP A 121 -5.47 -24.04 -3.24
C ASP A 121 -4.61 -24.27 -1.99
N GLY A 122 -5.07 -23.79 -0.83
CA GLY A 122 -4.25 -23.91 0.39
C GLY A 122 -2.87 -23.30 0.18
N GLU A 123 -1.83 -24.01 0.61
CA GLU A 123 -0.42 -23.53 0.38
C GLU A 123 -0.10 -23.55 -1.12
N MET A 124 -0.55 -24.59 -1.84
CA MET A 124 -0.17 -24.75 -3.28
C MET A 124 -0.71 -23.60 -4.14
N ILE A 125 0.11 -23.10 -5.07
CA ILE A 125 -0.31 -21.99 -5.98
C ILE A 125 0.00 -22.44 -7.42
N THR A 126 -0.96 -22.32 -8.34
CA THR A 126 -0.65 -22.65 -9.76
C THR A 126 -0.07 -21.40 -10.44
N VAL A 127 1.03 -21.54 -11.18
CA VAL A 127 1.73 -20.39 -11.79
C VAL A 127 2.12 -20.71 -13.23
N THR A 128 2.23 -19.71 -14.09
CA THR A 128 3.05 -19.82 -15.33
C THR A 128 4.35 -19.04 -15.13
N VAL A 129 5.48 -19.73 -15.20
CA VAL A 129 6.84 -19.18 -15.06
C VAL A 129 7.61 -19.43 -16.35
N GLU A 130 8.00 -18.36 -17.05
CA GLU A 130 8.74 -18.39 -18.33
C GLU A 130 8.08 -19.36 -19.33
N GLY A 131 6.77 -19.18 -19.53
CA GLY A 131 5.94 -19.99 -20.45
C GLY A 131 5.61 -21.41 -20.00
N LYS A 132 6.08 -21.87 -18.83
CA LYS A 132 5.85 -23.23 -18.29
C LYS A 132 4.92 -23.23 -17.08
N ASP A 133 4.04 -24.22 -17.00
CA ASP A 133 3.13 -24.47 -15.88
C ASP A 133 3.90 -25.07 -14.67
N GLU A 134 3.86 -24.37 -13.52
CA GLU A 134 4.60 -24.72 -12.29
C GLU A 134 3.75 -24.53 -11.02
N VAL A 135 4.20 -25.06 -9.89
CA VAL A 135 3.52 -24.99 -8.57
C VAL A 135 4.42 -24.43 -7.48
N PHE A 136 3.86 -23.64 -6.57
CA PHE A 136 4.57 -22.96 -5.48
C PHE A 136 3.84 -23.06 -4.14
N ALA A 137 4.60 -23.11 -3.05
CA ALA A 137 4.12 -23.18 -1.67
C ALA A 137 4.36 -21.84 -0.94
N LEU A 138 3.29 -21.20 -0.44
CA LEU A 138 3.39 -19.95 0.34
C LEU A 138 4.09 -20.13 1.69
N SER A 139 4.35 -21.36 2.13
CA SER A 139 5.22 -21.73 3.25
C SER A 139 6.72 -21.67 2.93
N ASN A 140 7.11 -21.80 1.66
CA ASN A 140 8.52 -21.69 1.22
C ASN A 140 8.83 -20.31 0.59
N ILE A 141 7.80 -19.56 0.17
CA ILE A 141 7.97 -18.14 -0.19
C ILE A 141 8.35 -17.34 1.06
N GLN A 142 9.36 -16.48 0.95
CA GLN A 142 9.84 -15.63 2.05
C GLN A 142 9.54 -14.14 1.83
N LYS A 143 9.59 -13.68 0.58
CA LYS A 143 9.11 -12.35 0.13
C LYS A 143 8.56 -12.45 -1.30
N ALA A 144 7.41 -11.85 -1.58
CA ALA A 144 6.81 -11.76 -2.90
C ALA A 144 6.05 -10.44 -3.12
N ASN A 145 6.08 -9.93 -4.34
CA ASN A 145 5.58 -8.60 -4.73
C ASN A 145 4.77 -8.67 -6.03
N LEU A 146 3.73 -7.84 -6.13
CA LEU A 146 2.91 -7.72 -7.35
C LEU A 146 3.69 -7.01 -8.48
N VAL A 147 3.42 -7.45 -9.71
CA VAL A 147 3.87 -6.83 -10.96
C VAL A 147 2.62 -6.28 -11.71
N PRO A 148 2.60 -4.99 -12.09
CA PRO A 148 1.46 -4.37 -12.77
C PRO A 148 1.35 -4.85 -14.23
N HIS A 149 0.18 -4.60 -14.85
CA HIS A 149 -0.15 -5.13 -16.18
C HIS A 149 -0.12 -4.10 -17.31
N PHE A 150 0.06 -4.60 -18.53
CA PHE A 150 -0.17 -3.86 -19.78
C PHE A 150 -1.67 -3.85 -20.14
N ALA A 151 -2.14 -2.74 -20.70
CA ALA A 151 -3.54 -2.52 -21.08
C ALA A 151 -3.73 -1.65 -22.34
N MET A 1 21.75 11.19 4.04
CA MET A 1 23.03 11.46 4.72
C MET A 1 23.02 12.80 5.46
N SER A 2 22.79 13.91 4.74
CA SER A 2 23.03 15.29 5.17
C SER A 2 21.99 15.87 6.14
N THR A 3 20.72 15.49 6.00
CA THR A 3 19.54 16.07 6.69
C THR A 3 18.95 15.11 7.73
N LEU A 4 18.08 15.62 8.63
CA LEU A 4 17.63 14.90 9.84
C LEU A 4 16.36 14.07 9.63
N GLU A 5 16.26 13.36 8.51
CA GLU A 5 15.04 12.65 8.05
C GLU A 5 14.80 11.31 8.77
N GLN A 6 15.87 10.58 9.10
CA GLN A 6 15.78 9.30 9.83
C GLN A 6 15.48 9.54 11.32
N LYS A 7 16.06 10.61 11.86
CA LYS A 7 15.78 11.16 13.21
C LYS A 7 14.33 11.63 13.33
N LEU A 8 13.82 12.35 12.32
CA LEU A 8 12.39 12.72 12.22
C LEU A 8 11.48 11.48 12.12
N THR A 9 11.88 10.47 11.36
CA THR A 9 11.12 9.20 11.23
C THR A 9 10.97 8.48 12.57
N GLU A 10 11.99 8.52 13.45
CA GLU A 10 11.92 7.90 14.78
C GLU A 10 10.94 8.65 15.73
N MET A 11 10.97 9.98 15.76
CA MET A 11 10.04 10.76 16.61
C MET A 11 8.58 10.75 16.09
N ILE A 12 8.35 10.38 14.83
CA ILE A 12 7.02 10.11 14.27
C ILE A 12 6.58 8.68 14.61
N THR A 13 7.48 7.69 14.57
CA THR A 13 7.18 6.28 14.85
C THR A 13 6.78 6.07 16.32
N ALA A 14 7.46 6.76 17.26
CA ALA A 14 7.22 6.60 18.70
C ALA A 14 5.75 6.86 19.16
N PRO A 15 5.11 7.99 18.81
CA PRO A 15 3.72 8.25 19.19
C PRO A 15 2.71 7.35 18.43
N VAL A 16 3.01 6.91 17.20
CA VAL A 16 2.10 6.00 16.47
C VAL A 16 2.11 4.59 17.10
N GLU A 17 3.24 4.15 17.66
CA GLU A 17 3.30 2.96 18.53
C GLU A 17 2.58 3.20 19.87
N ALA A 18 2.67 4.39 20.46
CA ALA A 18 1.97 4.73 21.70
C ALA A 18 0.45 4.78 21.53
N LEU A 19 -0.05 5.19 20.35
CA LEU A 19 -1.46 5.09 19.94
C LEU A 19 -1.86 3.68 19.49
N GLY A 20 -0.92 2.73 19.46
CA GLY A 20 -1.19 1.29 19.32
C GLY A 20 -1.51 0.81 17.89
N PHE A 21 -0.87 1.38 16.87
CA PHE A 21 -1.01 0.95 15.47
C PHE A 21 -0.01 -0.16 15.12
N GLU A 22 -0.23 -0.82 13.97
CA GLU A 22 0.49 -2.04 13.59
C GLU A 22 1.69 -1.76 12.67
N LEU A 23 1.42 -1.09 11.55
CA LEU A 23 2.41 -0.57 10.60
C LEU A 23 2.41 0.97 10.63
N VAL A 24 3.61 1.57 10.68
CA VAL A 24 3.82 2.97 10.31
C VAL A 24 5.02 3.09 9.39
N GLY A 25 4.89 3.88 8.31
CA GLY A 25 5.95 4.08 7.32
C GLY A 25 5.94 5.48 6.71
N ILE A 26 7.13 6.01 6.39
CA ILE A 26 7.31 7.36 5.84
C ILE A 26 8.07 7.32 4.52
N GLU A 27 7.66 8.16 3.58
CA GLU A 27 8.34 8.49 2.32
C GLU A 27 8.44 10.02 2.20
N PHE A 28 9.58 10.54 1.77
CA PHE A 28 9.82 11.98 1.55
C PHE A 28 9.73 12.36 0.07
N ILE A 29 9.02 13.45 -0.22
CA ILE A 29 8.81 14.03 -1.55
C ILE A 29 9.35 15.46 -1.54
N ARG A 30 10.21 15.77 -2.52
CA ARG A 30 10.80 17.14 -2.63
C ARG A 30 9.99 17.95 -3.63
N GLY A 31 10.06 19.29 -3.55
CA GLY A 31 9.32 20.16 -4.46
C GLY A 31 9.31 21.59 -3.95
N ARG A 32 8.48 22.46 -4.52
CA ARG A 32 8.36 23.85 -3.97
C ARG A 32 7.87 23.69 -2.53
N THR A 33 6.92 22.79 -2.30
CA THR A 33 6.47 22.48 -0.91
C THR A 33 6.88 21.03 -0.63
N SER A 34 7.69 20.80 0.41
CA SER A 34 8.17 19.42 0.71
C SER A 34 7.05 18.61 1.35
N THR A 35 6.84 17.38 0.89
CA THR A 35 5.75 16.55 1.43
C THR A 35 6.29 15.26 2.04
N LEU A 36 5.71 14.83 3.16
CA LEU A 36 5.82 13.46 3.65
C LEU A 36 4.57 12.70 3.22
N ARG A 37 4.74 11.48 2.69
CA ARG A 37 3.65 10.53 2.48
C ARG A 37 3.73 9.48 3.59
N ILE A 38 2.67 9.39 4.41
CA ILE A 38 2.58 8.43 5.51
C ILE A 38 1.73 7.22 5.12
N TYR A 39 2.25 6.04 5.46
CA TYR A 39 1.62 4.73 5.30
C TYR A 39 1.26 4.18 6.68
N ILE A 40 0.02 3.72 6.88
CA ILE A 40 -0.46 3.26 8.19
C ILE A 40 -1.39 2.04 8.07
N ASP A 41 -1.32 1.12 9.05
CA ASP A 41 -2.28 0.02 9.22
C ASP A 41 -2.53 -0.26 10.72
N SER A 42 -3.73 -0.78 11.04
CA SER A 42 -4.19 -0.98 12.42
C SER A 42 -4.20 -2.45 12.86
N GLU A 43 -4.07 -2.70 14.17
CA GLU A 43 -4.21 -4.03 14.76
C GLU A 43 -5.68 -4.43 14.97
N ASP A 44 -6.57 -3.44 15.18
CA ASP A 44 -7.97 -3.65 15.56
C ASP A 44 -8.99 -3.51 14.39
N GLY A 45 -8.61 -2.82 13.31
CA GLY A 45 -9.54 -2.36 12.27
C GLY A 45 -10.05 -0.94 12.54
N ILE A 46 -9.33 0.05 12.02
CA ILE A 46 -9.52 1.50 12.24
C ILE A 46 -9.68 2.21 10.90
N ASN A 47 -10.64 3.15 10.83
CA ASN A 47 -11.08 3.81 9.62
C ASN A 47 -10.08 4.89 9.12
N VAL A 48 -10.08 5.17 7.81
CA VAL A 48 -9.22 6.18 7.17
C VAL A 48 -9.40 7.58 7.76
N ASP A 49 -10.62 7.99 8.12
CA ASP A 49 -10.88 9.32 8.69
C ASP A 49 -10.45 9.45 10.18
N ASP A 50 -10.39 8.32 10.89
CA ASP A 50 -9.85 8.25 12.25
C ASP A 50 -8.32 8.12 12.26
N CYS A 51 -7.75 7.50 11.21
CA CYS A 51 -6.31 7.54 10.92
C CYS A 51 -5.86 8.95 10.50
N ALA A 52 -6.73 9.73 9.85
CA ALA A 52 -6.47 11.15 9.58
C ALA A 52 -6.41 12.00 10.87
N ASP A 53 -7.04 11.58 11.97
CA ASP A 53 -6.84 12.23 13.28
C ASP A 53 -5.42 11.99 13.84
N VAL A 54 -4.80 10.84 13.51
CA VAL A 54 -3.37 10.59 13.76
C VAL A 54 -2.49 11.45 12.86
N SER A 55 -2.89 11.68 11.60
CA SER A 55 -2.17 12.59 10.69
C SER A 55 -2.13 14.05 11.18
N HIS A 56 -3.14 14.51 11.94
CA HIS A 56 -3.08 15.76 12.67
C HIS A 56 -1.97 15.75 13.73
N GLN A 57 -1.82 14.67 14.51
CA GLN A 57 -0.76 14.55 15.52
C GLN A 57 0.65 14.51 14.93
N VAL A 58 0.82 13.83 13.79
CA VAL A 58 2.09 13.81 13.03
C VAL A 58 2.40 15.18 12.45
N SER A 59 1.40 15.88 11.90
CA SER A 59 1.56 17.26 11.40
C SER A 59 1.91 18.23 12.55
N ALA A 60 1.34 18.04 13.73
CA ALA A 60 1.56 18.92 14.88
C ALA A 60 3.02 18.89 15.38
N VAL A 61 3.68 17.73 15.37
CA VAL A 61 5.12 17.62 15.67
C VAL A 61 6.00 18.11 14.52
N LEU A 62 5.65 17.83 13.27
CA LEU A 62 6.37 18.31 12.08
C LEU A 62 6.41 19.85 12.02
N ASP A 63 5.34 20.49 12.46
CA ASP A 63 5.14 21.95 12.46
C ASP A 63 5.89 22.70 13.59
N VAL A 64 6.21 22.04 14.71
CA VAL A 64 7.09 22.60 15.77
C VAL A 64 8.56 22.19 15.64
N GLU A 65 8.86 21.04 15.03
CA GLU A 65 10.23 20.51 14.92
C GLU A 65 11.05 21.24 13.84
N ASP A 66 10.38 21.73 12.80
CA ASP A 66 11.10 22.43 11.70
C ASP A 66 10.69 23.90 11.68
N PRO A 67 11.64 24.85 11.50
CA PRO A 67 11.34 26.27 11.54
C PRO A 67 10.36 26.69 10.41
N ILE A 68 10.55 26.13 9.21
CA ILE A 68 9.62 26.44 8.08
C ILE A 68 8.36 25.58 8.26
N THR A 69 7.19 26.22 8.35
CA THR A 69 5.96 25.51 8.79
C THR A 69 5.12 25.14 7.57
N VAL A 70 4.84 26.10 6.69
CA VAL A 70 4.05 25.83 5.44
C VAL A 70 4.89 24.92 4.53
N ALA A 71 6.20 25.16 4.46
CA ALA A 71 7.08 24.39 3.54
C ALA A 71 6.88 22.87 3.69
N TYR A 72 6.50 22.38 4.87
CA TYR A 72 6.41 20.93 5.03
C TYR A 72 4.96 20.47 5.17
N ASN A 73 4.55 19.52 4.31
CA ASN A 73 3.17 19.03 4.12
C ASN A 73 3.07 17.52 4.43
N LEU A 74 1.87 17.02 4.75
CA LEU A 74 1.61 15.58 5.02
C LEU A 74 0.42 15.05 4.22
N GLU A 75 0.66 14.00 3.41
CA GLU A 75 -0.34 13.25 2.66
C GLU A 75 -0.46 11.81 3.17
N VAL A 76 -1.65 11.21 3.10
CA VAL A 76 -2.04 10.04 3.93
C VAL A 76 -2.43 8.86 3.04
N SER A 77 -1.94 7.65 3.35
CA SER A 77 -2.14 6.47 2.51
C SER A 77 -2.30 5.14 3.28
N SER A 78 -3.06 4.22 2.68
CA SER A 78 -3.17 2.83 3.14
C SER A 78 -2.34 1.92 2.22
N PRO A 79 -1.46 1.03 2.77
CA PRO A 79 -0.52 0.22 1.99
C PRO A 79 -1.09 -1.15 1.55
N GLY A 80 -2.32 -1.48 1.90
CA GLY A 80 -2.90 -2.82 1.87
C GLY A 80 -3.67 -3.17 0.59
N LEU A 81 -4.86 -3.76 0.80
CA LEU A 81 -5.61 -4.54 -0.21
C LEU A 81 -6.27 -3.70 -1.32
N ASP A 82 -6.25 -2.36 -1.26
CA ASP A 82 -6.98 -1.50 -2.20
C ASP A 82 -6.35 -1.29 -3.59
N ARG A 83 -5.28 -2.01 -3.95
CA ARG A 83 -4.62 -1.89 -5.27
C ARG A 83 -5.25 -2.83 -6.32
N PRO A 84 -5.46 -2.42 -7.59
CA PRO A 84 -6.31 -3.15 -8.52
C PRO A 84 -5.66 -4.42 -9.11
N LEU A 85 -6.48 -5.41 -9.44
CA LEU A 85 -6.10 -6.74 -9.94
C LEU A 85 -6.34 -6.85 -11.46
N PHE A 86 -5.39 -7.42 -12.21
CA PHE A 86 -5.42 -7.50 -13.67
C PHE A 86 -4.93 -8.86 -14.26
N THR A 87 -3.88 -9.46 -13.70
CA THR A 87 -3.14 -10.56 -14.35
C THR A 87 -3.72 -11.95 -14.05
N ALA A 88 -3.69 -12.86 -15.02
CA ALA A 88 -4.32 -14.18 -14.90
C ALA A 88 -3.64 -15.09 -13.86
N GLU A 89 -2.30 -15.10 -13.79
CA GLU A 89 -1.57 -15.85 -12.75
C GLU A 89 -1.89 -15.37 -11.33
N HIS A 90 -2.15 -14.07 -11.18
CA HIS A 90 -2.49 -13.49 -9.87
C HIS A 90 -3.98 -13.75 -9.56
N TYR A 91 -4.81 -13.84 -10.59
CA TYR A 91 -6.25 -14.18 -10.37
C TYR A 91 -6.33 -15.58 -9.76
N ALA A 92 -5.48 -16.50 -10.22
CA ALA A 92 -5.44 -17.87 -9.66
C ALA A 92 -5.05 -17.81 -8.19
N ARG A 93 -4.11 -16.92 -7.83
CA ARG A 93 -3.70 -16.75 -6.41
C ARG A 93 -4.88 -16.24 -5.58
N PHE A 94 -5.72 -15.37 -6.15
CA PHE A 94 -6.82 -14.73 -5.37
C PHE A 94 -8.14 -15.50 -5.49
N VAL A 95 -8.11 -16.76 -5.94
CA VAL A 95 -9.38 -17.55 -5.97
C VAL A 95 -9.89 -17.70 -4.53
N GLY A 96 -11.22 -17.66 -4.34
CA GLY A 96 -11.79 -17.75 -2.98
C GLY A 96 -11.83 -16.40 -2.29
N GLU A 97 -11.48 -15.33 -3.01
CA GLU A 97 -11.52 -13.96 -2.43
C GLU A 97 -12.56 -13.12 -3.18
N GLU A 98 -13.42 -12.40 -2.44
CA GLU A 98 -14.50 -11.60 -3.08
C GLU A 98 -13.89 -10.43 -3.86
N VAL A 99 -14.51 -10.05 -4.99
CA VAL A 99 -14.00 -8.95 -5.84
C VAL A 99 -15.14 -8.05 -6.28
N THR A 100 -14.90 -6.74 -6.38
CA THR A 100 -15.78 -5.74 -7.04
C THR A 100 -15.12 -5.21 -8.32
N LEU A 101 -15.87 -5.16 -9.42
CA LEU A 101 -15.36 -4.82 -10.76
C LEU A 101 -16.31 -3.94 -11.60
N VAL A 102 -15.75 -3.36 -12.67
CA VAL A 102 -16.48 -2.68 -13.75
C VAL A 102 -16.01 -3.14 -15.14
N LEU A 103 -16.95 -3.24 -16.09
CA LEU A 103 -16.72 -3.76 -17.44
C LEU A 103 -16.52 -2.66 -18.49
N ARG A 104 -15.62 -2.91 -19.45
CA ARG A 104 -15.22 -1.96 -20.50
C ARG A 104 -16.32 -1.75 -21.56
N MET A 105 -17.05 -2.81 -21.91
CA MET A 105 -18.14 -2.76 -22.90
C MET A 105 -19.32 -1.86 -22.48
N ALA A 106 -19.44 -1.54 -21.19
CA ALA A 106 -20.58 -0.80 -20.62
C ALA A 106 -20.41 0.74 -20.69
N VAL A 107 -21.53 1.44 -20.90
CA VAL A 107 -21.62 2.91 -20.98
C VAL A 107 -21.80 3.56 -19.60
N GLN A 108 -21.65 4.88 -19.50
CA GLN A 108 -21.84 5.62 -18.25
C GLN A 108 -23.21 5.33 -17.57
N ASN A 109 -23.27 5.40 -16.24
CA ASN A 109 -24.36 4.81 -15.43
C ASN A 109 -24.33 3.26 -15.37
N ARG A 110 -23.17 2.64 -15.67
CA ARG A 110 -22.97 1.17 -15.63
C ARG A 110 -23.00 0.61 -14.21
N ARG A 111 -23.30 -0.68 -14.09
CA ARG A 111 -23.37 -1.42 -12.82
C ARG A 111 -21.96 -1.74 -12.32
N LYS A 112 -21.83 -1.87 -10.98
CA LYS A 112 -20.68 -2.53 -10.34
C LYS A 112 -21.07 -3.98 -10.01
N TRP A 113 -20.14 -4.90 -10.22
CA TRP A 113 -20.36 -6.33 -10.01
C TRP A 113 -19.49 -6.86 -8.89
N GLN A 114 -20.13 -7.39 -7.84
CA GLN A 114 -19.50 -8.00 -6.67
C GLN A 114 -19.76 -9.52 -6.69
N GLY A 115 -18.72 -10.33 -6.49
CA GLY A 115 -18.81 -11.80 -6.56
C GLY A 115 -17.51 -12.52 -6.21
N VAL A 116 -17.58 -13.86 -6.09
CA VAL A 116 -16.48 -14.72 -5.60
C VAL A 116 -15.76 -15.41 -6.76
N ILE A 117 -14.42 -15.42 -6.73
CA ILE A 117 -13.56 -16.11 -7.70
C ILE A 117 -13.49 -17.61 -7.40
N LYS A 118 -13.71 -18.46 -8.41
CA LYS A 118 -13.68 -19.93 -8.29
C LYS A 118 -12.45 -20.58 -8.95
N ALA A 119 -12.21 -20.27 -10.21
CA ALA A 119 -11.09 -20.81 -11.01
C ALA A 119 -10.86 -19.98 -12.30
N VAL A 120 -9.61 -19.92 -12.79
CA VAL A 120 -9.33 -19.06 -13.98
C VAL A 120 -8.80 -19.92 -15.12
N ASP A 121 -9.61 -20.13 -16.16
CA ASP A 121 -9.12 -20.88 -17.35
C ASP A 121 -8.94 -19.87 -18.49
N GLY A 122 -7.69 -19.67 -18.92
CA GLY A 122 -7.40 -18.69 -20.00
C GLY A 122 -7.91 -17.30 -19.64
N GLU A 123 -8.52 -16.61 -20.61
CA GLU A 123 -9.12 -15.27 -20.34
C GLU A 123 -10.33 -15.40 -19.40
N MET A 124 -11.13 -16.47 -19.57
CA MET A 124 -12.38 -16.60 -18.77
C MET A 124 -12.08 -16.74 -17.27
N ILE A 125 -12.87 -16.07 -16.43
CA ILE A 125 -12.71 -16.16 -14.95
C ILE A 125 -14.03 -16.68 -14.38
N THR A 126 -14.04 -17.91 -13.88
CA THR A 126 -15.28 -18.53 -13.36
C THR A 126 -15.63 -17.95 -11.98
N VAL A 127 -16.89 -17.54 -11.81
CA VAL A 127 -17.34 -16.70 -10.68
C VAL A 127 -18.74 -17.07 -10.20
N THR A 128 -19.01 -16.78 -8.92
CA THR A 128 -20.38 -16.75 -8.37
C THR A 128 -20.79 -15.30 -8.12
N VAL A 129 -21.86 -14.85 -8.75
CA VAL A 129 -22.31 -13.45 -8.76
C VAL A 129 -23.81 -13.37 -8.45
N GLU A 130 -24.18 -12.79 -7.32
CA GLU A 130 -25.55 -12.82 -6.76
C GLU A 130 -26.11 -14.25 -6.59
N GLY A 131 -25.25 -15.20 -6.24
CA GLY A 131 -25.57 -16.64 -6.14
C GLY A 131 -25.65 -17.37 -7.50
N LYS A 132 -25.51 -16.65 -8.63
CA LYS A 132 -25.58 -17.20 -10.00
C LYS A 132 -24.21 -17.69 -10.46
N ASP A 133 -24.16 -18.82 -11.13
CA ASP A 133 -22.94 -19.40 -11.71
C ASP A 133 -22.64 -18.76 -13.08
N GLU A 134 -21.58 -17.95 -13.16
CA GLU A 134 -21.29 -17.04 -14.28
C GLU A 134 -19.79 -17.04 -14.66
N VAL A 135 -19.48 -16.35 -15.77
CA VAL A 135 -18.10 -16.10 -16.23
C VAL A 135 -17.88 -14.65 -16.65
N PHE A 136 -16.65 -14.17 -16.54
CA PHE A 136 -16.17 -12.93 -17.16
C PHE A 136 -14.90 -13.18 -17.99
N ALA A 137 -14.70 -12.38 -19.05
CA ALA A 137 -13.47 -12.33 -19.83
C ALA A 137 -12.54 -11.26 -19.24
N LEU A 138 -11.28 -11.60 -18.91
CA LEU A 138 -10.36 -10.60 -18.31
C LEU A 138 -10.06 -9.43 -19.26
N SER A 139 -10.09 -9.67 -20.58
CA SER A 139 -9.98 -8.63 -21.63
C SER A 139 -11.19 -7.68 -21.73
N ASN A 140 -12.24 -7.90 -20.94
CA ASN A 140 -13.42 -7.04 -20.83
C ASN A 140 -13.54 -6.34 -19.47
N ILE A 141 -12.76 -6.75 -18.46
CA ILE A 141 -12.75 -6.11 -17.14
C ILE A 141 -11.82 -4.88 -17.18
N GLN A 142 -12.37 -3.68 -16.97
CA GLN A 142 -11.59 -2.43 -16.98
C GLN A 142 -10.87 -2.20 -15.64
N LYS A 143 -11.52 -2.50 -14.53
CA LYS A 143 -10.89 -2.50 -13.19
C LYS A 143 -11.57 -3.54 -12.27
N ALA A 144 -10.78 -4.14 -11.38
CA ALA A 144 -11.23 -5.05 -10.33
C ALA A 144 -10.45 -4.84 -9.02
N ASN A 145 -11.14 -4.91 -7.88
CA ASN A 145 -10.56 -4.68 -6.55
C ASN A 145 -11.05 -5.72 -5.52
N LEU A 146 -10.19 -6.07 -4.56
CA LEU A 146 -10.37 -7.19 -3.63
C LEU A 146 -11.13 -6.80 -2.33
N VAL A 147 -12.03 -7.69 -1.92
CA VAL A 147 -12.87 -7.62 -0.71
C VAL A 147 -12.53 -8.79 0.23
N PRO A 148 -12.14 -8.56 1.49
CA PRO A 148 -11.82 -9.63 2.44
C PRO A 148 -13.07 -10.26 3.10
N HIS A 149 -12.92 -11.46 3.65
CA HIS A 149 -13.95 -12.21 4.38
C HIS A 149 -13.85 -12.06 5.90
N PHE A 150 -14.85 -12.60 6.61
CA PHE A 150 -14.86 -12.77 8.07
C PHE A 150 -15.19 -14.23 8.45
N ALA A 151 -14.53 -14.74 9.49
CA ALA A 151 -14.66 -16.13 9.99
C ALA A 151 -14.78 -16.20 11.51
N MET A 1 20.05 7.56 5.70
CA MET A 1 21.49 7.53 5.37
C MET A 1 22.27 8.60 6.13
N SER A 2 22.03 9.88 5.84
CA SER A 2 22.83 11.02 6.32
C SER A 2 22.03 12.32 6.58
N THR A 3 20.71 12.32 6.37
CA THR A 3 19.75 13.37 6.81
C THR A 3 19.11 13.00 8.14
N LEU A 4 18.54 13.98 8.84
CA LEU A 4 17.82 13.77 10.12
C LEU A 4 16.44 13.09 9.92
N GLU A 5 16.03 12.90 8.67
CA GLU A 5 14.73 12.38 8.26
C GLU A 5 14.42 10.98 8.83
N GLN A 6 15.44 10.14 9.07
CA GLN A 6 15.28 8.84 9.72
C GLN A 6 15.09 8.95 11.26
N LYS A 7 15.80 9.87 11.93
CA LYS A 7 15.58 10.19 13.36
C LYS A 7 14.19 10.83 13.56
N LEU A 8 13.76 11.71 12.65
CA LEU A 8 12.41 12.27 12.57
C LEU A 8 11.36 11.13 12.38
N THR A 9 11.63 10.16 11.51
CA THR A 9 10.73 9.01 11.32
C THR A 9 10.62 8.17 12.60
N GLU A 10 11.72 7.95 13.35
CA GLU A 10 11.66 7.30 14.66
C GLU A 10 10.87 8.14 15.69
N MET A 11 11.06 9.46 15.71
CA MET A 11 10.37 10.36 16.67
C MET A 11 8.86 10.46 16.41
N ILE A 12 8.42 10.28 15.17
CA ILE A 12 7.00 10.13 14.78
C ILE A 12 6.48 8.72 15.08
N THR A 13 7.33 7.68 14.95
CA THR A 13 6.94 6.28 15.21
C THR A 13 6.59 6.04 16.68
N ALA A 14 7.38 6.57 17.62
CA ALA A 14 7.17 6.35 19.06
C ALA A 14 5.75 6.73 19.60
N PRO A 15 5.19 7.93 19.31
CA PRO A 15 3.83 8.28 19.72
C PRO A 15 2.72 7.57 18.92
N VAL A 16 3.00 7.13 17.68
CA VAL A 16 2.04 6.35 16.86
C VAL A 16 1.94 4.89 17.35
N GLU A 17 3.05 4.29 17.78
CA GLU A 17 3.12 3.03 18.52
C GLU A 17 2.32 3.15 19.84
N ALA A 18 2.47 4.27 20.56
CA ALA A 18 1.70 4.58 21.76
C ALA A 18 0.19 4.87 21.49
N LEU A 19 -0.24 5.05 20.24
CA LEU A 19 -1.65 5.17 19.82
C LEU A 19 -2.26 3.84 19.34
N GLY A 20 -1.52 2.73 19.42
CA GLY A 20 -2.01 1.38 19.16
C GLY A 20 -1.90 0.91 17.69
N PHE A 21 -1.00 1.50 16.91
CA PHE A 21 -0.70 1.08 15.53
C PHE A 21 0.44 0.07 15.48
N GLU A 22 0.65 -0.55 14.31
CA GLU A 22 1.66 -1.61 14.12
C GLU A 22 2.71 -1.23 13.08
N LEU A 23 2.30 -0.83 11.87
CA LEU A 23 3.18 -0.33 10.82
C LEU A 23 2.97 1.18 10.63
N VAL A 24 4.08 1.94 10.60
CA VAL A 24 4.11 3.31 10.10
C VAL A 24 5.42 3.58 9.34
N GLY A 25 5.34 4.18 8.15
CA GLY A 25 6.47 4.48 7.27
C GLY A 25 6.24 5.78 6.48
N ILE A 26 7.31 6.44 6.03
CA ILE A 26 7.26 7.79 5.43
C ILE A 26 8.03 7.82 4.11
N GLU A 27 7.47 8.53 3.13
CA GLU A 27 8.07 8.85 1.84
C GLU A 27 8.26 10.37 1.75
N PHE A 28 9.50 10.83 1.45
CA PHE A 28 9.89 12.23 1.51
C PHE A 28 9.89 12.88 0.12
N ILE A 29 8.84 13.64 -0.19
CA ILE A 29 8.57 14.27 -1.48
C ILE A 29 9.01 15.74 -1.43
N ARG A 30 9.73 16.20 -2.45
CA ARG A 30 10.22 17.58 -2.57
C ARG A 30 9.44 18.37 -3.63
N GLY A 31 9.24 19.66 -3.38
CA GLY A 31 8.64 20.65 -4.28
C GLY A 31 8.93 22.06 -3.79
N ARG A 32 8.08 23.05 -4.15
CA ARG A 32 8.09 24.40 -3.53
C ARG A 32 7.38 24.40 -2.18
N THR A 33 6.41 23.52 -2.01
CA THR A 33 6.07 22.87 -0.73
C THR A 33 6.79 21.52 -0.70
N SER A 34 7.33 21.09 0.44
CA SER A 34 7.85 19.72 0.62
C SER A 34 6.88 18.89 1.45
N THR A 35 6.62 17.65 1.05
CA THR A 35 5.51 16.83 1.57
C THR A 35 6.02 15.47 2.07
N LEU A 36 5.53 15.03 3.22
CA LEU A 36 5.68 13.66 3.69
C LEU A 36 4.44 12.87 3.26
N ARG A 37 4.59 11.76 2.53
CA ARG A 37 3.50 10.79 2.33
C ARG A 37 3.65 9.67 3.37
N ILE A 38 2.70 9.58 4.30
CA ILE A 38 2.74 8.64 5.42
C ILE A 38 1.85 7.44 5.16
N TYR A 39 2.39 6.24 5.35
CA TYR A 39 1.73 4.95 5.22
C TYR A 39 1.51 4.37 6.61
N ILE A 40 0.27 3.98 6.95
CA ILE A 40 -0.07 3.55 8.32
C ILE A 40 -1.07 2.40 8.35
N ASP A 41 -0.87 1.45 9.29
CA ASP A 41 -1.69 0.25 9.45
C ASP A 41 -1.71 -0.25 10.92
N SER A 42 -2.84 -0.83 11.32
CA SER A 42 -3.11 -1.38 12.64
C SER A 42 -3.58 -2.83 12.59
N GLU A 43 -3.38 -3.58 13.67
CA GLU A 43 -3.90 -4.94 13.83
C GLU A 43 -5.40 -4.98 14.19
N ASP A 44 -5.98 -3.88 14.67
CA ASP A 44 -7.39 -3.78 15.04
C ASP A 44 -8.30 -3.53 13.82
N GLY A 45 -7.78 -2.93 12.74
CA GLY A 45 -8.57 -2.55 11.55
C GLY A 45 -9.08 -1.10 11.55
N ILE A 46 -8.25 -0.15 11.98
CA ILE A 46 -8.66 1.24 12.21
C ILE A 46 -8.76 1.96 10.86
N ASN A 47 -9.88 2.69 10.68
CA ASN A 47 -10.26 3.32 9.41
C ASN A 47 -9.43 4.58 9.06
N VAL A 48 -9.46 4.96 7.79
CA VAL A 48 -8.67 6.06 7.24
C VAL A 48 -9.04 7.42 7.86
N ASP A 49 -10.29 7.61 8.30
CA ASP A 49 -10.78 8.83 8.94
C ASP A 49 -10.11 9.09 10.31
N ASP A 50 -9.86 8.05 11.10
CA ASP A 50 -9.11 8.15 12.35
C ASP A 50 -7.58 8.11 12.13
N CYS A 51 -7.11 7.39 11.12
CA CYS A 51 -5.70 7.47 10.69
C CYS A 51 -5.33 8.90 10.23
N ALA A 52 -6.27 9.61 9.60
CA ALA A 52 -6.12 11.01 9.25
C ALA A 52 -6.17 11.95 10.48
N ASP A 53 -6.91 11.59 11.54
CA ASP A 53 -6.90 12.33 12.80
C ASP A 53 -5.56 12.16 13.58
N VAL A 54 -4.98 10.95 13.54
CA VAL A 54 -3.59 10.71 13.98
C VAL A 54 -2.60 11.50 13.11
N SER A 55 -2.83 11.58 11.80
CA SER A 55 -2.00 12.37 10.88
C SER A 55 -2.10 13.89 11.13
N HIS A 56 -3.23 14.37 11.65
CA HIS A 56 -3.39 15.76 12.13
C HIS A 56 -2.55 16.02 13.39
N GLN A 57 -2.35 15.02 14.25
CA GLN A 57 -1.40 15.09 15.38
C GLN A 57 0.06 14.98 14.93
N VAL A 58 0.39 14.13 13.95
CA VAL A 58 1.72 14.09 13.32
C VAL A 58 2.07 15.45 12.68
N SER A 59 1.09 16.04 11.98
CA SER A 59 1.32 17.35 11.32
C SER A 59 1.90 18.35 12.31
N ALA A 60 1.30 18.47 13.49
CA ALA A 60 1.76 19.47 14.49
C ALA A 60 3.19 19.17 14.93
N VAL A 61 3.50 17.90 15.22
CA VAL A 61 4.87 17.52 15.68
C VAL A 61 5.88 17.79 14.55
N LEU A 62 5.50 17.49 13.31
CA LEU A 62 6.40 17.78 12.15
C LEU A 62 6.62 19.29 12.04
N ASP A 63 5.57 20.10 12.19
CA ASP A 63 5.71 21.56 12.00
C ASP A 63 6.66 22.16 13.04
N VAL A 64 6.51 21.77 14.30
CA VAL A 64 7.40 22.29 15.39
C VAL A 64 8.84 21.83 15.14
N GLU A 65 9.02 20.59 14.66
CA GLU A 65 10.38 20.05 14.42
C GLU A 65 11.08 20.88 13.34
N ASP A 66 10.36 21.26 12.29
CA ASP A 66 10.96 22.09 11.21
C ASP A 66 11.24 23.49 11.77
N PRO A 67 12.44 24.08 11.56
CA PRO A 67 12.72 25.45 12.01
C PRO A 67 11.84 26.45 11.24
N ILE A 68 11.68 26.25 9.92
CA ILE A 68 10.89 27.18 9.08
C ILE A 68 9.41 27.17 9.49
N THR A 69 8.85 26.00 9.83
CA THR A 69 7.41 25.87 10.18
C THR A 69 6.56 26.36 9.00
N VAL A 70 7.04 26.13 7.77
CA VAL A 70 6.31 26.63 6.56
C VAL A 70 6.62 25.70 5.38
N ALA A 71 5.78 25.71 4.34
CA ALA A 71 6.01 24.88 3.13
C ALA A 71 6.13 23.40 3.49
N TYR A 72 5.33 22.94 4.44
CA TYR A 72 5.33 21.49 4.81
C TYR A 72 3.91 20.94 4.75
N ASN A 73 3.75 19.77 4.12
CA ASN A 73 2.39 19.16 3.97
C ASN A 73 2.47 17.69 4.38
N LEU A 74 1.35 17.12 4.85
CA LEU A 74 1.33 15.66 5.17
C LEU A 74 0.22 14.98 4.38
N GLU A 75 0.57 13.92 3.64
CA GLU A 75 -0.42 13.18 2.84
C GLU A 75 -0.62 11.76 3.38
N VAL A 76 -1.87 11.33 3.57
CA VAL A 76 -2.21 10.06 4.27
C VAL A 76 -2.48 8.93 3.28
N SER A 77 -1.77 7.80 3.42
CA SER A 77 -1.85 6.63 2.53
C SER A 77 -2.09 5.30 3.29
N SER A 78 -2.76 4.36 2.62
CA SER A 78 -3.06 3.05 3.26
C SER A 78 -2.26 1.93 2.59
N PRO A 79 -1.36 1.24 3.31
CA PRO A 79 -0.59 0.11 2.77
C PRO A 79 -1.20 -1.26 3.10
N GLY A 80 -2.45 -1.29 3.61
CA GLY A 80 -3.08 -2.56 4.04
C GLY A 80 -3.27 -3.54 2.90
N LEU A 81 -3.38 -3.06 1.65
CA LEU A 81 -3.64 -3.94 0.48
C LEU A 81 -2.49 -4.94 0.28
N ASP A 82 -1.30 -4.64 0.81
CA ASP A 82 -0.11 -5.51 0.57
C ASP A 82 -0.31 -6.93 1.12
N ARG A 83 -1.19 -7.12 2.11
CA ARG A 83 -1.33 -8.46 2.75
C ARG A 83 -1.69 -9.52 1.70
N PRO A 84 -1.08 -10.73 1.77
CA PRO A 84 -1.36 -11.82 0.82
C PRO A 84 -2.73 -12.48 1.04
N LEU A 85 -3.08 -13.48 0.22
CA LEU A 85 -4.41 -14.14 0.35
C LEU A 85 -4.29 -15.45 1.12
N PHE A 86 -5.18 -15.68 2.09
CA PHE A 86 -5.17 -16.92 2.91
C PHE A 86 -6.57 -17.51 3.17
N THR A 87 -7.57 -16.66 3.43
CA THR A 87 -8.82 -17.00 4.14
C THR A 87 -9.95 -17.38 3.18
N ALA A 88 -10.80 -18.33 3.57
CA ALA A 88 -11.77 -18.97 2.67
C ALA A 88 -12.83 -17.99 2.10
N GLU A 89 -13.37 -17.12 2.96
CA GLU A 89 -14.35 -16.09 2.57
C GLU A 89 -13.74 -15.06 1.59
N HIS A 90 -12.49 -14.67 1.82
CA HIS A 90 -11.74 -13.72 0.98
C HIS A 90 -11.48 -14.33 -0.40
N TYR A 91 -11.03 -15.58 -0.46
CA TYR A 91 -10.92 -16.35 -1.73
C TYR A 91 -12.25 -16.41 -2.48
N ALA A 92 -13.39 -16.57 -1.79
CA ALA A 92 -14.71 -16.61 -2.42
C ALA A 92 -15.24 -15.24 -2.90
N ARG A 93 -14.84 -14.12 -2.27
CA ARG A 93 -15.14 -12.73 -2.76
C ARG A 93 -14.23 -12.32 -3.92
N PHE A 94 -13.01 -12.85 -3.97
CA PHE A 94 -12.00 -12.54 -4.99
C PHE A 94 -11.93 -13.57 -6.14
N VAL A 95 -13.03 -14.28 -6.43
CA VAL A 95 -13.19 -15.04 -7.68
C VAL A 95 -13.17 -14.12 -8.90
N GLY A 96 -12.79 -14.63 -10.06
CA GLY A 96 -12.64 -13.84 -11.29
C GLY A 96 -11.38 -12.97 -11.33
N GLU A 97 -10.40 -13.21 -10.43
CA GLU A 97 -9.11 -12.50 -10.35
C GLU A 97 -7.93 -13.40 -10.80
N GLU A 98 -6.77 -12.80 -11.07
CA GLU A 98 -5.54 -13.53 -11.33
C GLU A 98 -4.64 -13.49 -10.08
N VAL A 99 -4.02 -14.63 -9.73
CA VAL A 99 -3.23 -14.81 -8.50
C VAL A 99 -1.96 -15.63 -8.80
N THR A 100 -0.86 -15.38 -8.09
CA THR A 100 0.35 -16.23 -8.10
C THR A 100 0.69 -16.77 -6.71
N LEU A 101 1.02 -18.07 -6.62
CA LEU A 101 1.11 -18.83 -5.38
C LEU A 101 2.36 -19.71 -5.24
N VAL A 102 2.69 -20.09 -4.00
CA VAL A 102 3.78 -21.00 -3.64
C VAL A 102 3.31 -22.07 -2.61
N LEU A 103 3.84 -23.29 -2.69
CA LEU A 103 3.26 -24.50 -2.09
C LEU A 103 4.02 -25.06 -0.86
N ARG A 104 3.29 -25.66 0.09
CA ARG A 104 3.79 -26.03 1.43
C ARG A 104 4.69 -27.27 1.50
N MET A 105 4.58 -28.21 0.56
CA MET A 105 5.36 -29.46 0.55
C MET A 105 6.78 -29.26 0.00
N ALA A 106 6.94 -28.33 -0.94
CA ALA A 106 8.19 -28.15 -1.70
C ALA A 106 9.32 -27.54 -0.85
N VAL A 107 10.55 -27.98 -1.13
CA VAL A 107 11.80 -27.48 -0.51
C VAL A 107 12.36 -26.28 -1.28
N GLN A 108 13.33 -25.56 -0.70
CA GLN A 108 13.93 -24.37 -1.31
C GLN A 108 14.49 -24.62 -2.72
N ASN A 109 14.55 -23.57 -3.55
CA ASN A 109 14.64 -23.58 -5.02
C ASN A 109 13.30 -23.91 -5.76
N ARG A 110 12.17 -23.83 -5.05
CA ARG A 110 10.80 -24.03 -5.59
C ARG A 110 10.34 -22.87 -6.47
N ARG A 111 9.37 -23.14 -7.36
CA ARG A 111 8.77 -22.16 -8.31
C ARG A 111 7.37 -21.69 -7.88
N LYS A 112 6.97 -20.53 -8.40
CA LYS A 112 5.62 -19.92 -8.24
C LYS A 112 4.72 -20.24 -9.44
N TRP A 113 3.41 -20.24 -9.20
CA TRP A 113 2.39 -20.64 -10.17
C TRP A 113 1.31 -19.57 -10.32
N GLN A 114 1.11 -19.01 -11.52
CA GLN A 114 0.18 -17.89 -11.77
C GLN A 114 -1.01 -18.31 -12.66
N GLY A 115 -2.23 -18.01 -12.23
CA GLY A 115 -3.45 -18.39 -12.94
C GLY A 115 -4.71 -17.65 -12.50
N VAL A 116 -5.76 -17.76 -13.29
CA VAL A 116 -7.05 -17.08 -13.08
C VAL A 116 -7.97 -17.97 -12.26
N ILE A 117 -8.49 -17.44 -11.15
CA ILE A 117 -9.43 -18.13 -10.25
C ILE A 117 -10.86 -17.99 -10.81
N LYS A 118 -11.48 -19.11 -11.13
CA LYS A 118 -12.82 -19.17 -11.76
C LYS A 118 -13.94 -19.18 -10.72
N ALA A 119 -13.87 -20.11 -9.77
CA ALA A 119 -14.85 -20.36 -8.74
C ALA A 119 -14.21 -21.05 -7.51
N VAL A 120 -14.80 -20.83 -6.33
CA VAL A 120 -14.22 -21.41 -5.08
C VAL A 120 -15.35 -22.05 -4.26
N ASP A 121 -15.37 -23.37 -4.17
CA ASP A 121 -16.39 -24.05 -3.32
C ASP A 121 -15.70 -24.44 -2.01
N GLY A 122 -16.07 -23.81 -0.89
CA GLY A 122 -15.38 -24.08 0.39
C GLY A 122 -13.88 -23.84 0.25
N GLU A 123 -13.06 -24.77 0.75
CA GLU A 123 -11.59 -24.66 0.58
C GLU A 123 -11.20 -24.81 -0.90
N MET A 124 -11.89 -25.69 -1.63
CA MET A 124 -11.50 -26.00 -3.04
C MET A 124 -11.47 -24.77 -3.94
N ILE A 125 -10.32 -24.46 -4.53
CA ILE A 125 -10.18 -23.36 -5.50
C ILE A 125 -10.04 -23.95 -6.92
N THR A 126 -10.76 -23.39 -7.89
CA THR A 126 -10.71 -23.82 -9.31
C THR A 126 -10.05 -22.74 -10.18
N VAL A 127 -9.10 -23.14 -11.03
CA VAL A 127 -8.22 -22.23 -11.78
C VAL A 127 -8.00 -22.67 -13.23
N THR A 128 -7.73 -21.71 -14.10
CA THR A 128 -7.01 -21.97 -15.35
C THR A 128 -5.58 -21.47 -15.23
N VAL A 129 -4.62 -22.32 -15.54
CA VAL A 129 -3.19 -22.06 -15.42
C VAL A 129 -2.55 -22.36 -16.77
N GLU A 130 -1.94 -21.36 -17.42
CA GLU A 130 -1.36 -21.46 -18.77
C GLU A 130 -2.30 -22.11 -19.79
N GLY A 131 -3.61 -21.81 -19.73
CA GLY A 131 -4.63 -22.35 -20.63
C GLY A 131 -5.10 -23.79 -20.34
N LYS A 132 -4.66 -24.39 -19.22
CA LYS A 132 -5.03 -25.74 -18.75
C LYS A 132 -5.82 -25.68 -17.43
N ASP A 133 -6.82 -26.56 -17.30
CA ASP A 133 -7.76 -26.60 -16.16
C ASP A 133 -7.19 -27.34 -14.93
N GLU A 134 -7.02 -26.66 -13.80
CA GLU A 134 -6.43 -27.22 -12.57
C GLU A 134 -7.25 -26.86 -11.30
N VAL A 135 -7.01 -27.58 -10.19
CA VAL A 135 -7.66 -27.37 -8.90
C VAL A 135 -6.64 -27.37 -7.75
N PHE A 136 -6.90 -26.58 -6.71
CA PHE A 136 -6.01 -26.42 -5.54
C PHE A 136 -6.78 -26.41 -4.22
N ALA A 137 -6.16 -26.95 -3.18
CA ALA A 137 -6.63 -26.91 -1.80
C ALA A 137 -5.99 -25.72 -1.06
N LEU A 138 -6.77 -24.85 -0.40
CA LEU A 138 -6.19 -23.66 0.27
C LEU A 138 -5.29 -24.04 1.46
N SER A 139 -5.47 -25.23 2.03
CA SER A 139 -4.56 -25.78 3.06
C SER A 139 -3.23 -26.33 2.51
N ASN A 140 -3.03 -26.34 1.18
CA ASN A 140 -1.78 -26.73 0.52
C ASN A 140 -0.88 -25.52 0.12
N ILE A 141 -1.44 -24.30 0.15
CA ILE A 141 -0.78 -23.06 -0.31
C ILE A 141 -0.10 -22.36 0.87
N GLN A 142 1.19 -22.01 0.75
CA GLN A 142 1.98 -21.38 1.81
C GLN A 142 1.87 -19.85 1.78
N LYS A 143 1.85 -19.25 0.58
CA LYS A 143 1.53 -17.82 0.34
C LYS A 143 0.96 -17.67 -1.07
N ALA A 144 0.08 -16.69 -1.25
CA ALA A 144 -0.39 -16.26 -2.57
C ALA A 144 -0.57 -14.73 -2.61
N ASN A 145 -0.37 -14.14 -3.78
CA ASN A 145 -0.45 -12.70 -4.03
C ASN A 145 -1.26 -12.40 -5.30
N LEU A 146 -2.04 -11.31 -5.27
CA LEU A 146 -2.98 -10.94 -6.34
C LEU A 146 -2.31 -10.13 -7.47
N VAL A 147 -2.81 -10.33 -8.68
CA VAL A 147 -2.52 -9.56 -9.89
C VAL A 147 -3.79 -8.78 -10.29
N PRO A 148 -3.72 -7.48 -10.62
CA PRO A 148 -4.87 -6.67 -11.05
C PRO A 148 -5.49 -7.18 -12.37
N HIS A 149 -6.79 -6.91 -12.58
CA HIS A 149 -7.45 -7.16 -13.85
C HIS A 149 -7.18 -6.07 -14.88
N PHE A 150 -7.18 -6.44 -16.17
CA PHE A 150 -7.11 -5.50 -17.30
C PHE A 150 -7.79 -6.06 -18.56
N ALA A 151 -8.24 -5.17 -19.47
CA ALA A 151 -8.79 -5.47 -20.78
C ALA A 151 -8.44 -4.36 -21.80
N MET A 1 24.09 13.12 5.32
CA MET A 1 24.97 13.57 6.42
C MET A 1 24.30 14.63 7.30
N SER A 2 23.96 15.79 6.74
CA SER A 2 23.52 16.99 7.48
C SER A 2 22.06 16.96 7.94
N THR A 3 21.18 16.24 7.21
CA THR A 3 19.73 16.23 7.45
C THR A 3 19.31 15.14 8.43
N LEU A 4 18.34 15.47 9.31
CA LEU A 4 17.90 14.61 10.42
C LEU A 4 16.53 13.97 10.11
N GLU A 5 16.52 13.22 9.00
CA GLU A 5 15.30 12.66 8.39
C GLU A 5 14.84 11.39 9.12
N GLN A 6 15.77 10.56 9.60
CA GLN A 6 15.52 9.34 10.36
C GLN A 6 15.07 9.67 11.80
N LYS A 7 15.67 10.71 12.41
CA LYS A 7 15.25 11.27 13.72
C LYS A 7 13.78 11.70 13.70
N LEU A 8 13.37 12.35 12.62
CA LEU A 8 11.97 12.75 12.35
C LEU A 8 11.03 11.53 12.24
N THR A 9 11.40 10.52 11.45
CA THR A 9 10.60 9.28 11.33
C THR A 9 10.51 8.53 12.67
N GLU A 10 11.55 8.52 13.49
CA GLU A 10 11.56 7.82 14.78
C GLU A 10 10.71 8.56 15.84
N MET A 11 10.72 9.90 15.86
CA MET A 11 9.86 10.69 16.76
C MET A 11 8.38 10.68 16.33
N ILE A 12 8.08 10.40 15.06
CA ILE A 12 6.72 10.14 14.54
C ILE A 12 6.29 8.69 14.86
N THR A 13 7.22 7.74 14.82
CA THR A 13 6.96 6.33 15.19
C THR A 13 6.61 6.19 16.68
N ALA A 14 7.21 7.00 17.56
CA ALA A 14 6.99 6.94 19.00
C ALA A 14 5.51 7.06 19.45
N PRO A 15 4.74 8.09 19.07
CA PRO A 15 3.31 8.16 19.39
C PRO A 15 2.46 7.15 18.62
N VAL A 16 2.84 6.76 17.38
CA VAL A 16 2.09 5.77 16.59
C VAL A 16 2.19 4.36 17.21
N GLU A 17 3.33 4.01 17.82
CA GLU A 17 3.48 2.81 18.63
C GLU A 17 2.73 2.92 19.96
N ALA A 18 2.74 4.09 20.63
CA ALA A 18 2.00 4.32 21.88
C ALA A 18 0.46 4.25 21.68
N LEU A 19 -0.03 4.49 20.47
CA LEU A 19 -1.42 4.26 20.05
C LEU A 19 -1.67 2.86 19.47
N GLY A 20 -0.65 2.02 19.30
CA GLY A 20 -0.76 0.59 19.01
C GLY A 20 -1.02 0.21 17.55
N PHE A 21 -0.40 0.90 16.58
CA PHE A 21 -0.45 0.53 15.15
C PHE A 21 0.72 -0.39 14.75
N GLU A 22 0.53 -1.24 13.74
CA GLU A 22 1.49 -2.27 13.32
C GLU A 22 2.47 -1.76 12.23
N LEU A 23 1.95 -1.06 11.23
CA LEU A 23 2.74 -0.41 10.18
C LEU A 23 2.75 1.11 10.36
N VAL A 24 3.94 1.71 10.28
CA VAL A 24 4.15 3.10 9.90
C VAL A 24 5.33 3.20 8.93
N GLY A 25 5.23 4.06 7.90
CA GLY A 25 6.32 4.28 6.94
C GLY A 25 6.16 5.60 6.16
N ILE A 26 7.28 6.15 5.71
CA ILE A 26 7.35 7.46 5.02
C ILE A 26 7.88 7.30 3.60
N GLU A 27 7.38 8.13 2.69
CA GLU A 27 7.87 8.35 1.32
C GLU A 27 7.99 9.87 1.04
N PHE A 28 9.07 10.30 0.39
CA PHE A 28 9.53 11.70 0.44
C PHE A 28 9.37 12.41 -0.91
N ILE A 29 8.30 13.21 -1.06
CA ILE A 29 8.04 14.04 -2.24
C ILE A 29 8.69 15.40 -2.05
N ARG A 30 9.52 15.87 -3.00
CA ARG A 30 10.14 17.22 -2.95
C ARG A 30 9.54 18.16 -4.00
N GLY A 31 9.50 19.45 -3.69
CA GLY A 31 9.20 20.53 -4.63
C GLY A 31 9.47 21.90 -4.00
N ARG A 32 8.92 22.99 -4.58
CA ARG A 32 8.87 24.28 -3.87
C ARG A 32 8.03 24.21 -2.60
N THR A 33 7.05 23.32 -2.56
CA THR A 33 6.49 22.73 -1.33
C THR A 33 6.78 21.23 -1.34
N SER A 34 7.22 20.67 -0.22
CA SER A 34 7.61 19.27 -0.09
C SER A 34 6.64 18.53 0.82
N THR A 35 6.37 17.26 0.52
CA THR A 35 5.38 16.44 1.22
C THR A 35 5.99 15.14 1.74
N LEU A 36 5.65 14.77 2.96
CA LEU A 36 5.81 13.41 3.47
C LEU A 36 4.51 12.66 3.15
N ARG A 37 4.59 11.59 2.35
CA ARG A 37 3.49 10.67 2.15
C ARG A 37 3.62 9.57 3.20
N ILE A 38 2.67 9.51 4.12
CA ILE A 38 2.67 8.56 5.24
C ILE A 38 1.73 7.38 4.97
N TYR A 39 2.23 6.19 5.30
CA TYR A 39 1.52 4.91 5.23
C TYR A 39 1.31 4.38 6.65
N ILE A 40 0.12 3.85 6.94
CA ILE A 40 -0.25 3.32 8.25
C ILE A 40 -1.15 2.07 8.10
N ASP A 41 -1.03 1.11 9.03
CA ASP A 41 -1.98 -0.01 9.17
C ASP A 41 -2.22 -0.43 10.63
N SER A 42 -3.46 -0.81 10.94
CA SER A 42 -3.99 -1.04 12.28
C SER A 42 -3.87 -2.49 12.74
N GLU A 43 -3.68 -2.68 14.04
CA GLU A 43 -3.79 -3.98 14.71
C GLU A 43 -5.26 -4.34 15.05
N ASP A 44 -6.10 -3.33 15.36
CA ASP A 44 -7.48 -3.51 15.82
C ASP A 44 -8.55 -3.41 14.69
N GLY A 45 -8.19 -2.82 13.54
CA GLY A 45 -9.08 -2.66 12.37
C GLY A 45 -9.58 -1.24 12.12
N ILE A 46 -8.80 -0.21 12.48
CA ILE A 46 -9.22 1.21 12.57
C ILE A 46 -9.21 1.89 11.19
N ASN A 47 -10.22 2.74 10.92
CA ASN A 47 -10.39 3.39 9.61
C ASN A 47 -9.41 4.57 9.39
N VAL A 48 -9.10 4.84 8.13
CA VAL A 48 -8.15 5.89 7.69
C VAL A 48 -8.60 7.33 8.04
N ASP A 49 -9.88 7.59 8.28
CA ASP A 49 -10.36 8.92 8.73
C ASP A 49 -9.95 9.23 10.19
N ASP A 50 -9.94 8.24 11.07
CA ASP A 50 -9.47 8.39 12.45
C ASP A 50 -7.92 8.27 12.53
N CYS A 51 -7.30 7.56 11.58
CA CYS A 51 -5.86 7.64 11.35
C CYS A 51 -5.43 9.03 10.83
N ALA A 52 -6.30 9.76 10.13
CA ALA A 52 -6.05 11.14 9.73
C ALA A 52 -6.13 12.13 10.90
N ASP A 53 -6.82 11.79 12.00
CA ASP A 53 -6.78 12.55 13.27
C ASP A 53 -5.47 12.32 14.05
N VAL A 54 -4.84 11.15 13.90
CA VAL A 54 -3.45 10.92 14.34
C VAL A 54 -2.49 11.68 13.42
N SER A 55 -2.70 11.62 12.10
CA SER A 55 -1.89 12.31 11.08
C SER A 55 -1.96 13.85 11.19
N HIS A 56 -3.04 14.39 11.78
CA HIS A 56 -3.16 15.80 12.13
C HIS A 56 -2.17 16.21 13.25
N GLN A 57 -1.96 15.34 14.23
CA GLN A 57 -0.96 15.55 15.28
C GLN A 57 0.47 15.24 14.79
N VAL A 58 0.65 14.29 13.87
CA VAL A 58 1.92 14.16 13.11
C VAL A 58 2.24 15.45 12.36
N SER A 59 1.24 16.03 11.68
CA SER A 59 1.46 17.34 11.02
C SER A 59 1.98 18.35 12.06
N ALA A 60 1.35 18.37 13.25
CA ALA A 60 1.75 19.33 14.31
C ALA A 60 3.18 19.08 14.79
N VAL A 61 3.56 17.80 14.99
CA VAL A 61 4.94 17.48 15.46
C VAL A 61 5.96 17.89 14.37
N LEU A 62 5.61 17.71 13.09
CA LEU A 62 6.51 18.15 12.00
C LEU A 62 6.67 19.66 12.09
N ASP A 63 5.57 20.39 12.36
CA ASP A 63 5.61 21.87 12.47
C ASP A 63 6.49 22.30 13.65
N VAL A 64 6.38 21.65 14.81
CA VAL A 64 7.27 22.01 15.95
C VAL A 64 8.73 21.66 15.60
N GLU A 65 8.96 20.51 14.96
CA GLU A 65 10.35 20.07 14.64
C GLU A 65 11.02 21.04 13.67
N ASP A 66 10.29 21.51 12.65
CA ASP A 66 10.90 22.39 11.62
C ASP A 66 10.17 23.73 11.61
N PRO A 67 10.87 24.88 11.69
CA PRO A 67 10.20 26.19 11.79
C PRO A 67 9.30 26.54 10.59
N ILE A 68 9.75 26.23 9.37
CA ILE A 68 8.89 26.49 8.16
C ILE A 68 7.65 25.62 8.25
N THR A 69 6.47 26.22 8.05
CA THR A 69 5.19 25.45 8.04
C THR A 69 4.72 25.25 6.60
N VAL A 70 4.73 26.31 5.79
CA VAL A 70 4.23 26.22 4.39
C VAL A 70 5.11 25.28 3.56
N ALA A 71 6.43 25.34 3.73
CA ALA A 71 7.35 24.53 2.88
C ALA A 71 7.11 23.04 3.05
N TYR A 72 6.67 22.58 4.24
CA TYR A 72 6.52 21.14 4.47
C TYR A 72 5.03 20.73 4.65
N ASN A 73 4.66 19.52 4.23
CA ASN A 73 3.29 19.01 4.15
C ASN A 73 3.21 17.50 4.47
N LEU A 74 2.02 17.00 4.81
CA LEU A 74 1.72 15.58 5.01
C LEU A 74 0.47 15.14 4.22
N GLU A 75 0.54 13.97 3.56
CA GLU A 75 -0.61 13.29 2.92
C GLU A 75 -0.67 11.81 3.33
N VAL A 76 -1.88 11.27 3.51
CA VAL A 76 -2.14 9.95 4.16
C VAL A 76 -2.45 8.86 3.11
N SER A 77 -2.09 7.61 3.40
CA SER A 77 -2.27 6.58 2.34
C SER A 77 -3.19 5.43 2.75
N SER A 78 -4.07 5.00 1.83
CA SER A 78 -4.97 3.84 2.07
C SER A 78 -4.19 2.54 1.85
N PRO A 79 -4.64 1.33 2.28
CA PRO A 79 -3.82 0.11 2.15
C PRO A 79 -3.43 -0.27 0.71
N GLY A 80 -4.25 0.07 -0.28
CA GLY A 80 -3.96 -0.31 -1.68
C GLY A 80 -3.89 -1.83 -1.85
N LEU A 81 -4.75 -2.57 -1.13
CA LEU A 81 -4.80 -4.06 -1.23
C LEU A 81 -5.23 -4.49 -2.64
N ASP A 82 -6.05 -3.68 -3.31
CA ASP A 82 -6.61 -4.05 -4.64
C ASP A 82 -5.51 -4.28 -5.69
N ARG A 83 -4.35 -3.64 -5.56
CA ARG A 83 -3.31 -3.74 -6.62
C ARG A 83 -2.90 -5.20 -6.83
N PRO A 84 -2.66 -5.66 -8.09
CA PRO A 84 -2.33 -7.06 -8.38
C PRO A 84 -0.94 -7.50 -7.90
N LEU A 85 -0.73 -8.81 -7.73
CA LEU A 85 0.56 -9.31 -7.19
C LEU A 85 1.55 -9.53 -8.33
N PHE A 86 2.54 -8.64 -8.46
CA PHE A 86 3.59 -8.82 -9.50
C PHE A 86 4.95 -8.92 -8.83
N THR A 87 5.00 -8.93 -7.49
CA THR A 87 6.32 -8.90 -6.79
C THR A 87 6.44 -10.05 -5.78
N ALA A 88 7.62 -10.66 -5.69
CA ALA A 88 7.89 -11.75 -4.72
C ALA A 88 7.60 -11.36 -3.26
N GLU A 89 7.77 -10.07 -2.92
CA GLU A 89 7.42 -9.50 -1.61
C GLU A 89 5.90 -9.42 -1.37
N HIS A 90 5.08 -9.24 -2.42
CA HIS A 90 3.63 -9.31 -2.31
C HIS A 90 3.20 -10.76 -2.01
N TYR A 91 3.69 -11.73 -2.79
CA TYR A 91 3.40 -13.16 -2.55
C TYR A 91 3.85 -13.62 -1.16
N ALA A 92 4.99 -13.14 -0.65
CA ALA A 92 5.49 -13.47 0.67
C ALA A 92 4.72 -12.80 1.83
N ARG A 93 4.07 -11.66 1.59
CA ARG A 93 3.09 -11.06 2.54
C ARG A 93 1.77 -11.84 2.54
N PHE A 94 1.29 -12.22 1.35
CA PHE A 94 -0.02 -12.87 1.13
C PHE A 94 0.00 -14.41 1.20
N VAL A 95 0.95 -15.00 1.92
CA VAL A 95 0.90 -16.43 2.28
C VAL A 95 -0.35 -16.77 3.07
N GLY A 96 -1.00 -17.87 2.73
CA GLY A 96 -2.28 -18.30 3.30
C GLY A 96 -3.53 -17.69 2.63
N GLU A 97 -3.40 -17.06 1.45
CA GLU A 97 -4.52 -16.49 0.67
C GLU A 97 -4.79 -17.30 -0.61
N GLU A 98 -5.99 -17.18 -1.21
CA GLU A 98 -6.30 -17.75 -2.53
C GLU A 98 -6.17 -16.71 -3.64
N VAL A 99 -5.77 -17.12 -4.84
CA VAL A 99 -5.49 -16.24 -6.02
C VAL A 99 -6.02 -16.88 -7.31
N THR A 100 -6.48 -16.06 -8.25
CA THR A 100 -6.82 -16.43 -9.64
C THR A 100 -5.86 -15.76 -10.64
N LEU A 101 -5.37 -16.50 -11.65
CA LEU A 101 -4.31 -16.07 -12.56
C LEU A 101 -4.42 -16.57 -14.02
N VAL A 102 -3.63 -15.93 -14.91
CA VAL A 102 -3.32 -16.38 -16.27
C VAL A 102 -1.81 -16.39 -16.57
N LEU A 103 -1.34 -17.32 -17.40
CA LEU A 103 0.08 -17.59 -17.68
C LEU A 103 0.54 -17.15 -19.07
N ARG A 104 1.79 -16.66 -19.16
CA ARG A 104 2.45 -16.18 -20.38
C ARG A 104 2.89 -17.31 -21.34
N MET A 105 3.13 -18.52 -20.82
CA MET A 105 3.50 -19.72 -21.61
C MET A 105 2.46 -20.11 -22.68
N ALA A 106 1.20 -19.70 -22.53
CA ALA A 106 0.10 -19.94 -23.45
C ALA A 106 -0.47 -18.65 -24.06
N VAL A 107 -1.14 -18.76 -25.21
CA VAL A 107 -1.83 -17.66 -25.92
C VAL A 107 -3.35 -17.73 -25.73
N GLN A 108 -4.08 -16.66 -26.07
CA GLN A 108 -5.55 -16.60 -25.90
C GLN A 108 -6.29 -17.80 -26.53
N ASN A 109 -7.43 -18.18 -25.94
CA ASN A 109 -7.98 -19.56 -25.89
C ASN A 109 -7.29 -20.47 -24.83
N ARG A 110 -6.44 -19.87 -23.95
CA ARG A 110 -5.88 -20.47 -22.72
C ARG A 110 -6.86 -20.48 -21.54
N ARG A 111 -6.59 -21.31 -20.53
CA ARG A 111 -7.39 -21.42 -19.29
C ARG A 111 -6.99 -20.42 -18.20
N LYS A 112 -7.89 -20.21 -17.23
CA LYS A 112 -7.63 -19.57 -15.93
C LYS A 112 -7.38 -20.61 -14.84
N TRP A 113 -6.55 -20.27 -13.86
CA TRP A 113 -6.15 -21.16 -12.76
C TRP A 113 -6.30 -20.49 -11.39
N GLN A 114 -6.89 -21.20 -10.42
CA GLN A 114 -7.23 -20.74 -9.08
C GLN A 114 -6.64 -21.64 -7.99
N GLY A 115 -5.99 -21.03 -6.97
CA GLY A 115 -5.27 -21.78 -5.94
C GLY A 115 -4.65 -20.94 -4.83
N VAL A 116 -4.27 -21.62 -3.75
CA VAL A 116 -3.79 -21.03 -2.47
C VAL A 116 -2.27 -20.82 -2.48
N ILE A 117 -1.82 -19.64 -2.01
CA ILE A 117 -0.40 -19.29 -1.83
C ILE A 117 0.13 -19.90 -0.53
N LYS A 118 1.16 -20.74 -0.61
CA LYS A 118 1.77 -21.40 0.56
C LYS A 118 3.07 -20.73 1.03
N ALA A 119 4.06 -20.59 0.15
CA ALA A 119 5.36 -19.98 0.46
C ALA A 119 6.11 -19.51 -0.79
N VAL A 120 7.11 -18.63 -0.61
CA VAL A 120 7.97 -18.08 -1.68
C VAL A 120 9.45 -18.44 -1.42
N ASP A 121 10.17 -18.89 -2.46
CA ASP A 121 11.61 -19.13 -2.41
C ASP A 121 12.29 -18.44 -3.61
N GLY A 122 12.99 -17.34 -3.36
CA GLY A 122 13.54 -16.49 -4.43
C GLY A 122 12.41 -15.89 -5.29
N GLU A 123 12.44 -16.21 -6.58
CA GLU A 123 11.44 -15.79 -7.59
C GLU A 123 10.38 -16.89 -7.92
N MET A 124 10.27 -17.92 -7.08
CA MET A 124 9.37 -19.07 -7.27
C MET A 124 8.35 -19.19 -6.11
N ILE A 125 7.13 -19.62 -6.39
CA ILE A 125 6.05 -19.75 -5.40
C ILE A 125 5.50 -21.20 -5.39
N THR A 126 5.33 -21.76 -4.19
CA THR A 126 4.62 -23.03 -3.96
C THR A 126 3.14 -22.77 -3.69
N VAL A 127 2.26 -23.49 -4.36
CA VAL A 127 0.82 -23.23 -4.43
C VAL A 127 -0.01 -24.50 -4.41
N THR A 128 -1.27 -24.39 -3.98
CA THR A 128 -2.26 -25.48 -4.04
C THR A 128 -3.40 -25.11 -4.98
N VAL A 129 -3.40 -25.66 -6.20
CA VAL A 129 -4.33 -25.29 -7.30
C VAL A 129 -5.47 -26.31 -7.37
N GLU A 130 -6.70 -25.85 -7.12
CA GLU A 130 -7.90 -26.71 -6.99
C GLU A 130 -7.67 -27.96 -6.09
N GLY A 131 -6.94 -27.77 -4.99
CA GLY A 131 -6.56 -28.82 -4.02
C GLY A 131 -5.23 -29.56 -4.29
N LYS A 132 -4.65 -29.45 -5.50
CA LYS A 132 -3.40 -30.17 -5.89
C LYS A 132 -2.16 -29.30 -5.76
N ASP A 133 -1.05 -29.87 -5.29
CA ASP A 133 0.25 -29.20 -5.15
C ASP A 133 0.90 -28.90 -6.52
N GLU A 134 1.22 -27.62 -6.76
CA GLU A 134 1.80 -27.06 -7.99
C GLU A 134 2.86 -26.00 -7.66
N VAL A 135 3.69 -25.60 -8.64
CA VAL A 135 4.58 -24.43 -8.56
C VAL A 135 4.39 -23.49 -9.72
N PHE A 136 4.66 -22.20 -9.49
CA PHE A 136 4.69 -21.16 -10.54
C PHE A 136 5.91 -20.23 -10.40
N ALA A 137 6.46 -19.80 -11.53
CA ALA A 137 7.41 -18.70 -11.65
C ALA A 137 6.65 -17.38 -11.87
N LEU A 138 6.84 -16.35 -11.02
CA LEU A 138 6.17 -15.06 -11.23
C LEU A 138 6.60 -14.31 -12.51
N SER A 139 7.74 -14.67 -13.11
CA SER A 139 8.15 -14.21 -14.45
C SER A 139 7.25 -14.75 -15.57
N ASN A 140 6.62 -15.91 -15.36
CA ASN A 140 5.70 -16.59 -16.26
C ASN A 140 4.21 -16.26 -15.97
N ILE A 141 3.89 -15.69 -14.81
CA ILE A 141 2.55 -15.19 -14.50
C ILE A 141 2.34 -13.85 -15.22
N GLN A 142 1.23 -13.72 -15.96
CA GLN A 142 0.96 -12.54 -16.79
C GLN A 142 -0.08 -11.60 -16.16
N LYS A 143 -1.05 -12.13 -15.43
CA LYS A 143 -1.95 -11.35 -14.55
C LYS A 143 -2.48 -12.23 -13.41
N ALA A 144 -2.69 -11.63 -12.24
CA ALA A 144 -3.23 -12.30 -11.07
C ALA A 144 -3.97 -11.35 -10.11
N ASN A 145 -5.05 -11.85 -9.51
CA ASN A 145 -5.86 -11.16 -8.49
C ASN A 145 -6.19 -12.08 -7.30
N LEU A 146 -6.29 -11.49 -6.10
CA LEU A 146 -6.62 -12.18 -4.84
C LEU A 146 -8.11 -12.56 -4.76
N VAL A 147 -8.37 -13.69 -4.10
CA VAL A 147 -9.70 -14.23 -3.79
C VAL A 147 -9.95 -14.18 -2.27
N PRO A 148 -11.09 -13.64 -1.80
CA PRO A 148 -11.37 -13.48 -0.38
C PRO A 148 -11.82 -14.79 0.30
N HIS A 149 -11.27 -15.07 1.48
CA HIS A 149 -11.68 -16.21 2.34
C HIS A 149 -13.10 -16.03 2.92
N PHE A 150 -13.67 -17.12 3.42
CA PHE A 150 -14.94 -17.09 4.16
C PHE A 150 -14.70 -16.64 5.62
N ALA A 151 -15.44 -15.64 6.09
CA ALA A 151 -15.29 -15.01 7.41
C ALA A 151 -16.08 -15.74 8.51
N MET A 1 20.91 8.79 3.21
CA MET A 1 22.38 8.86 3.39
C MET A 1 22.74 9.49 4.72
N SER A 2 22.46 10.78 4.92
CA SER A 2 22.97 11.53 6.08
C SER A 2 22.11 12.76 6.47
N THR A 3 20.84 12.82 6.03
CA THR A 3 19.88 13.88 6.43
C THR A 3 19.24 13.56 7.79
N LEU A 4 18.67 14.59 8.44
CA LEU A 4 17.97 14.48 9.74
C LEU A 4 16.55 13.85 9.64
N GLU A 5 16.23 13.29 8.48
CA GLU A 5 14.91 12.79 8.09
C GLU A 5 14.58 11.42 8.72
N GLN A 6 15.58 10.66 9.16
CA GLN A 6 15.39 9.39 9.86
C GLN A 6 15.19 9.61 11.36
N LYS A 7 15.89 10.56 11.98
CA LYS A 7 15.60 11.06 13.35
C LYS A 7 14.18 11.60 13.46
N LEU A 8 13.71 12.27 12.40
CA LEU A 8 12.32 12.73 12.22
C LEU A 8 11.33 11.55 12.13
N THR A 9 11.64 10.56 11.27
CA THR A 9 10.84 9.32 11.13
C THR A 9 10.69 8.58 12.47
N GLU A 10 11.75 8.56 13.29
CA GLU A 10 11.75 7.89 14.61
C GLU A 10 10.89 8.62 15.67
N MET A 11 10.94 9.96 15.76
CA MET A 11 10.09 10.70 16.68
C MET A 11 8.59 10.70 16.28
N ILE A 12 8.30 10.53 14.99
CA ILE A 12 6.95 10.30 14.44
C ILE A 12 6.44 8.87 14.77
N THR A 13 7.34 7.88 14.77
CA THR A 13 7.02 6.49 15.09
C THR A 13 6.62 6.31 16.56
N ALA A 14 7.25 7.04 17.48
CA ALA A 14 7.03 6.94 18.93
C ALA A 14 5.54 7.07 19.37
N PRO A 15 4.78 8.14 19.01
CA PRO A 15 3.37 8.28 19.40
C PRO A 15 2.47 7.25 18.69
N VAL A 16 2.82 6.81 17.48
CA VAL A 16 2.00 5.83 16.72
C VAL A 16 2.13 4.41 17.31
N GLU A 17 3.29 4.05 17.88
CA GLU A 17 3.45 2.82 18.67
C GLU A 17 2.81 2.91 20.06
N ALA A 18 2.73 4.11 20.67
CA ALA A 18 1.94 4.32 21.89
C ALA A 18 0.43 4.15 21.65
N LEU A 19 -0.06 4.54 20.46
CA LEU A 19 -1.44 4.30 20.00
C LEU A 19 -1.70 2.88 19.47
N GLY A 20 -0.66 2.08 19.24
CA GLY A 20 -0.76 0.63 19.00
C GLY A 20 -1.07 0.19 17.57
N PHE A 21 -0.56 0.92 16.56
CA PHE A 21 -0.83 0.64 15.15
C PHE A 21 0.15 -0.39 14.55
N GLU A 22 -0.26 -1.07 13.49
CA GLU A 22 0.48 -2.17 12.85
C GLU A 22 1.61 -1.65 11.96
N LEU A 23 1.31 -0.70 11.06
CA LEU A 23 2.27 -0.04 10.17
C LEU A 23 2.49 1.45 10.50
N VAL A 24 3.75 1.89 10.54
CA VAL A 24 4.14 3.30 10.48
C VAL A 24 5.46 3.49 9.71
N GLY A 25 5.42 4.29 8.64
CA GLY A 25 6.59 4.63 7.83
C GLY A 25 6.36 5.91 7.02
N ILE A 26 7.46 6.60 6.68
CA ILE A 26 7.49 7.89 5.97
C ILE A 26 8.32 7.76 4.69
N GLU A 27 7.80 8.30 3.60
CA GLU A 27 8.47 8.43 2.30
C GLU A 27 8.57 9.93 1.94
N PHE A 28 9.76 10.39 1.49
CA PHE A 28 10.06 11.81 1.34
C PHE A 28 10.02 12.25 -0.14
N ILE A 29 9.13 13.18 -0.47
CA ILE A 29 8.90 13.70 -1.82
C ILE A 29 9.28 15.19 -1.83
N ARG A 30 10.03 15.61 -2.85
CA ARG A 30 10.48 17.03 -2.93
C ARG A 30 9.56 17.80 -3.89
N GLY A 31 9.96 19.01 -4.28
CA GLY A 31 9.15 19.85 -5.19
C GLY A 31 9.07 21.27 -4.68
N ARG A 32 8.13 22.07 -5.19
CA ARG A 32 7.94 23.45 -4.64
C ARG A 32 7.56 23.30 -3.17
N THR A 33 6.69 22.33 -2.87
CA THR A 33 6.33 22.04 -1.45
C THR A 33 6.86 20.64 -1.12
N SER A 34 7.68 20.52 -0.07
CA SER A 34 8.27 19.20 0.27
C SER A 34 7.22 18.35 0.99
N THR A 35 6.74 17.30 0.33
CA THR A 35 5.68 16.46 0.90
C THR A 35 6.25 15.20 1.54
N LEU A 36 5.74 14.85 2.72
CA LEU A 36 5.93 13.53 3.31
C LEU A 36 4.70 12.68 2.96
N ARG A 37 4.90 11.45 2.46
CA ARG A 37 3.85 10.45 2.35
C ARG A 37 3.96 9.49 3.54
N ILE A 38 2.89 9.38 4.33
CA ILE A 38 2.82 8.42 5.45
C ILE A 38 2.08 7.16 5.01
N TYR A 39 2.59 6.03 5.48
CA TYR A 39 1.95 4.71 5.37
C TYR A 39 1.40 4.30 6.74
N ILE A 40 0.11 3.94 6.82
CA ILE A 40 -0.58 3.57 8.06
C ILE A 40 -1.44 2.30 7.89
N ASP A 41 -1.48 1.47 8.93
CA ASP A 41 -2.41 0.34 9.05
C ASP A 41 -2.64 -0.03 10.53
N SER A 42 -3.82 -0.54 10.86
CA SER A 42 -4.20 -1.01 12.22
C SER A 42 -4.53 -2.50 12.24
N GLU A 43 -4.41 -3.14 13.42
CA GLU A 43 -4.96 -4.47 13.67
C GLU A 43 -6.50 -4.44 13.78
N ASP A 44 -7.04 -3.34 14.30
CA ASP A 44 -8.44 -3.19 14.72
C ASP A 44 -9.43 -2.88 13.58
N GLY A 45 -8.95 -2.33 12.45
CA GLY A 45 -9.80 -1.89 11.34
C GLY A 45 -10.34 -0.48 11.56
N ILE A 46 -9.46 0.48 11.82
CA ILE A 46 -9.78 1.88 12.16
C ILE A 46 -10.02 2.73 10.90
N ASN A 47 -11.03 3.60 10.96
CA ASN A 47 -11.50 4.37 9.80
C ASN A 47 -10.48 5.43 9.32
N VAL A 48 -10.52 5.76 8.03
CA VAL A 48 -9.57 6.68 7.39
C VAL A 48 -9.68 8.14 7.88
N ASP A 49 -10.82 8.55 8.45
CA ASP A 49 -10.95 9.86 9.12
C ASP A 49 -10.28 9.89 10.50
N ASP A 50 -10.29 8.76 11.21
CA ASP A 50 -9.64 8.62 12.51
C ASP A 50 -8.11 8.41 12.33
N CYS A 51 -7.70 7.77 11.22
CA CYS A 51 -6.31 7.73 10.75
C CYS A 51 -5.81 9.13 10.31
N ALA A 52 -6.70 10.00 9.80
CA ALA A 52 -6.37 11.40 9.53
C ALA A 52 -6.21 12.25 10.81
N ASP A 53 -6.85 11.87 11.92
CA ASP A 53 -6.59 12.45 13.25
C ASP A 53 -5.26 11.94 13.86
N VAL A 54 -4.88 10.67 13.63
CA VAL A 54 -3.49 10.21 13.94
C VAL A 54 -2.48 11.01 13.09
N SER A 55 -2.79 11.23 11.82
CA SER A 55 -1.98 12.04 10.91
C SER A 55 -1.95 13.53 11.29
N HIS A 56 -2.95 14.03 12.03
CA HIS A 56 -2.92 15.36 12.65
C HIS A 56 -1.91 15.41 13.79
N GLN A 57 -1.76 14.33 14.58
CA GLN A 57 -0.72 14.24 15.60
C GLN A 57 0.68 14.24 14.99
N VAL A 58 0.87 13.51 13.88
CA VAL A 58 2.11 13.51 13.07
C VAL A 58 2.39 14.89 12.48
N SER A 59 1.36 15.54 11.93
CA SER A 59 1.47 16.89 11.37
C SER A 59 1.87 17.94 12.44
N ALA A 60 1.44 17.74 13.68
CA ALA A 60 1.78 18.64 14.80
C ALA A 60 3.24 18.51 15.26
N VAL A 61 3.79 17.29 15.35
CA VAL A 61 5.22 17.12 15.67
C VAL A 61 6.14 17.58 14.52
N LEU A 62 5.64 17.54 13.27
CA LEU A 62 6.31 18.12 12.11
C LEU A 62 6.24 19.67 12.12
N ASP A 63 5.15 20.24 12.59
CA ASP A 63 4.92 21.71 12.65
C ASP A 63 5.81 22.39 13.70
N VAL A 64 6.02 21.77 14.87
CA VAL A 64 6.85 22.38 15.93
C VAL A 64 8.36 22.19 15.71
N GLU A 65 8.74 21.16 14.95
CA GLU A 65 10.17 20.91 14.62
C GLU A 65 10.54 21.72 13.38
N ASP A 66 9.96 21.37 12.22
CA ASP A 66 10.21 22.12 10.97
C ASP A 66 9.64 23.54 11.11
N PRO A 67 10.31 24.59 10.59
CA PRO A 67 9.85 25.97 10.81
C PRO A 67 8.46 26.27 10.23
N ILE A 68 8.17 25.79 9.01
CA ILE A 68 6.86 26.12 8.36
C ILE A 68 6.08 24.84 8.05
N THR A 69 4.83 24.80 8.49
CA THR A 69 3.87 23.72 8.13
C THR A 69 3.57 23.73 6.62
N VAL A 70 3.42 24.93 6.04
CA VAL A 70 3.05 25.03 4.59
C VAL A 70 4.15 24.39 3.74
N ALA A 71 5.41 24.63 4.08
CA ALA A 71 6.55 24.05 3.32
C ALA A 71 6.52 22.52 3.42
N TYR A 72 6.18 21.98 4.59
CA TYR A 72 6.23 20.51 4.78
C TYR A 72 4.81 19.90 4.78
N ASN A 73 4.27 19.60 3.60
CA ASN A 73 2.95 18.96 3.51
C ASN A 73 3.05 17.48 3.98
N LEU A 74 1.93 16.92 4.43
CA LEU A 74 1.79 15.49 4.76
C LEU A 74 0.60 14.90 4.00
N GLU A 75 0.80 13.81 3.27
CA GLU A 75 -0.24 13.04 2.58
C GLU A 75 -0.39 11.62 3.16
N VAL A 76 -1.63 11.19 3.38
CA VAL A 76 -1.95 9.93 4.06
C VAL A 76 -2.20 8.82 3.05
N SER A 77 -1.64 7.62 3.27
CA SER A 77 -1.73 6.50 2.33
C SER A 77 -1.70 5.11 2.99
N SER A 78 -2.10 4.08 2.24
CA SER A 78 -2.09 2.69 2.77
C SER A 78 -0.96 1.89 2.10
N PRO A 79 -0.50 0.76 2.67
CA PRO A 79 0.54 -0.08 2.04
C PRO A 79 0.15 -0.66 0.68
N GLY A 80 -1.10 -1.11 0.53
CA GLY A 80 -1.57 -1.73 -0.73
C GLY A 80 -0.80 -2.99 -1.07
N LEU A 81 -0.32 -3.12 -2.31
CA LEU A 81 0.37 -4.36 -2.75
C LEU A 81 1.86 -4.29 -2.39
N ASP A 82 2.21 -4.61 -1.14
CA ASP A 82 3.64 -4.63 -0.72
C ASP A 82 4.13 -6.07 -0.60
N ARG A 83 3.30 -7.05 -0.99
CA ARG A 83 3.66 -8.48 -0.81
C ARG A 83 4.87 -8.87 -1.68
N PRO A 84 5.81 -9.68 -1.17
CA PRO A 84 6.95 -10.16 -1.98
C PRO A 84 6.56 -11.26 -2.98
N LEU A 85 7.33 -11.41 -4.06
CA LEU A 85 6.99 -12.39 -5.13
C LEU A 85 7.90 -13.61 -5.03
N PHE A 86 7.51 -14.62 -4.25
CA PHE A 86 8.31 -15.87 -4.13
C PHE A 86 7.66 -16.99 -4.94
N THR A 87 6.64 -16.67 -5.75
CA THR A 87 5.91 -17.74 -6.48
C THR A 87 6.28 -17.72 -7.97
N ALA A 88 6.72 -18.87 -8.50
CA ALA A 88 7.06 -18.98 -9.94
C ALA A 88 5.79 -18.78 -10.77
N GLU A 89 4.66 -19.31 -10.31
CA GLU A 89 3.38 -19.17 -11.05
C GLU A 89 3.00 -17.69 -11.12
N HIS A 90 3.22 -16.95 -10.03
CA HIS A 90 2.94 -15.48 -10.03
C HIS A 90 3.83 -14.78 -11.05
N TYR A 91 5.10 -15.19 -11.17
CA TYR A 91 6.02 -14.59 -12.16
C TYR A 91 5.48 -14.85 -13.57
N ALA A 92 4.99 -16.07 -13.83
CA ALA A 92 4.40 -16.39 -15.15
C ALA A 92 3.13 -15.55 -15.37
N ARG A 93 2.33 -15.37 -14.32
CA ARG A 93 1.10 -14.54 -14.42
C ARG A 93 1.45 -13.08 -14.69
N PHE A 94 2.55 -12.58 -14.10
CA PHE A 94 2.91 -11.14 -14.23
C PHE A 94 3.81 -10.86 -15.45
N VAL A 95 4.07 -11.85 -16.29
CA VAL A 95 4.85 -11.56 -17.54
C VAL A 95 4.29 -10.30 -18.19
N GLY A 96 5.15 -9.32 -18.51
CA GLY A 96 4.68 -8.05 -19.08
C GLY A 96 4.62 -6.94 -18.05
N GLU A 97 5.10 -7.22 -16.82
CA GLU A 97 5.12 -6.20 -15.74
C GLU A 97 6.55 -6.01 -15.24
N GLU A 98 6.82 -4.87 -14.59
CA GLU A 98 8.16 -4.58 -14.06
C GLU A 98 8.33 -5.12 -12.63
N VAL A 99 9.52 -5.64 -12.29
CA VAL A 99 9.86 -6.24 -10.99
C VAL A 99 11.22 -5.72 -10.52
N THR A 100 11.40 -5.52 -9.22
CA THR A 100 12.69 -5.22 -8.56
C THR A 100 13.09 -6.33 -7.56
N LEU A 101 14.34 -6.81 -7.64
CA LEU A 101 14.81 -7.99 -6.91
C LEU A 101 16.25 -7.90 -6.36
N VAL A 102 16.58 -8.77 -5.42
CA VAL A 102 17.92 -8.92 -4.80
C VAL A 102 18.39 -10.39 -4.80
N LEU A 103 19.70 -10.60 -5.01
CA LEU A 103 20.33 -11.90 -5.32
C LEU A 103 21.18 -12.46 -4.17
N ARG A 104 21.18 -13.80 -4.03
CA ARG A 104 21.80 -14.57 -2.93
C ARG A 104 23.31 -14.80 -3.12
N MET A 105 23.80 -14.85 -4.36
CA MET A 105 25.25 -14.85 -4.64
C MET A 105 25.94 -13.55 -4.18
N ALA A 106 25.19 -12.44 -4.18
CA ALA A 106 25.68 -11.13 -3.74
C ALA A 106 25.68 -11.00 -2.20
N VAL A 107 26.76 -10.46 -1.64
CA VAL A 107 26.96 -10.13 -0.21
C VAL A 107 26.48 -8.70 0.11
N GLN A 108 26.47 -8.30 1.39
CA GLN A 108 26.01 -6.95 1.80
C GLN A 108 26.67 -5.79 1.00
N ASN A 109 25.98 -4.65 0.93
CA ASN A 109 26.22 -3.53 0.00
C ASN A 109 25.82 -3.82 -1.48
N ARG A 110 25.05 -4.90 -1.72
CA ARG A 110 24.58 -5.36 -3.04
C ARG A 110 23.47 -4.48 -3.64
N ARG A 111 23.37 -4.52 -4.97
CA ARG A 111 22.40 -3.79 -5.81
C ARG A 111 21.03 -4.48 -5.82
N LYS A 112 19.96 -3.75 -6.14
CA LYS A 112 18.72 -4.34 -6.68
C LYS A 112 18.66 -4.22 -8.20
N TRP A 113 18.00 -5.18 -8.83
CA TRP A 113 17.85 -5.24 -10.29
C TRP A 113 16.38 -5.07 -10.68
N GLN A 114 16.10 -4.04 -11.48
CA GLN A 114 14.75 -3.58 -11.86
C GLN A 114 14.57 -3.70 -13.38
N GLY A 115 13.53 -4.42 -13.83
CA GLY A 115 13.27 -4.66 -15.25
C GLY A 115 11.96 -5.41 -15.54
N VAL A 116 11.58 -5.49 -16.83
CA VAL A 116 10.29 -6.03 -17.27
C VAL A 116 10.37 -7.54 -17.54
N ILE A 117 9.43 -8.31 -17.01
CA ILE A 117 9.32 -9.76 -17.20
C ILE A 117 8.83 -10.09 -18.60
N LYS A 118 9.57 -10.94 -19.32
CA LYS A 118 9.23 -11.43 -20.66
C LYS A 118 8.51 -12.79 -20.62
N ALA A 119 9.18 -13.80 -20.06
CA ALA A 119 8.69 -15.19 -19.96
C ALA A 119 9.46 -15.98 -18.88
N VAL A 120 8.94 -17.13 -18.46
CA VAL A 120 9.49 -18.00 -17.42
C VAL A 120 9.45 -19.48 -17.86
N ASP A 121 10.53 -20.24 -17.66
CA ASP A 121 10.57 -21.69 -17.84
C ASP A 121 11.39 -22.41 -16.73
N GLY A 122 10.77 -23.33 -16.00
CA GLY A 122 11.40 -24.04 -14.89
C GLY A 122 11.80 -23.06 -13.77
N GLU A 123 13.07 -23.06 -13.37
CA GLU A 123 13.60 -22.08 -12.41
C GLU A 123 14.18 -20.80 -13.06
N MET A 124 14.04 -20.62 -14.39
CA MET A 124 14.61 -19.47 -15.12
C MET A 124 13.56 -18.42 -15.47
N ILE A 125 13.83 -17.17 -15.05
CA ILE A 125 13.05 -15.97 -15.37
C ILE A 125 13.82 -15.22 -16.48
N THR A 126 13.11 -14.74 -17.50
CA THR A 126 13.69 -13.99 -18.62
C THR A 126 13.08 -12.57 -18.71
N VAL A 127 13.92 -11.56 -18.94
CA VAL A 127 13.65 -10.14 -18.64
C VAL A 127 14.30 -9.17 -19.63
N THR A 128 13.71 -7.98 -19.81
CA THR A 128 14.43 -6.80 -20.31
C THR A 128 14.91 -5.96 -19.12
N VAL A 129 16.22 -5.74 -18.99
CA VAL A 129 16.85 -5.02 -17.86
C VAL A 129 17.85 -3.99 -18.38
N GLU A 130 17.58 -2.71 -18.08
CA GLU A 130 18.45 -1.58 -18.43
C GLU A 130 18.80 -1.51 -19.94
N GLY A 131 17.78 -1.81 -20.77
CA GLY A 131 17.87 -1.82 -22.23
C GLY A 131 18.37 -3.14 -22.87
N LYS A 132 18.71 -4.17 -22.08
CA LYS A 132 19.25 -5.46 -22.56
C LYS A 132 18.37 -6.66 -22.18
N ASP A 133 18.30 -7.64 -23.08
CA ASP A 133 17.72 -8.97 -22.82
C ASP A 133 18.61 -9.79 -21.85
N GLU A 134 18.05 -10.19 -20.72
CA GLU A 134 18.75 -10.78 -19.55
C GLU A 134 17.97 -11.97 -18.96
N VAL A 135 18.61 -12.73 -18.06
CA VAL A 135 18.00 -13.84 -17.30
C VAL A 135 18.38 -13.82 -15.82
N PHE A 136 17.51 -14.39 -14.97
CA PHE A 136 17.74 -14.69 -13.57
C PHE A 136 17.32 -16.13 -13.24
N ALA A 137 17.96 -16.77 -12.26
CA ALA A 137 17.53 -18.05 -11.69
C ALA A 137 16.83 -17.85 -10.34
N LEU A 138 15.62 -18.39 -10.11
CA LEU A 138 14.92 -18.23 -8.82
C LEU A 138 15.59 -18.99 -7.65
N SER A 139 16.59 -19.83 -7.93
CA SER A 139 17.51 -20.40 -6.95
C SER A 139 18.56 -19.39 -6.44
N ASN A 140 18.78 -18.28 -7.16
CA ASN A 140 19.62 -17.15 -6.77
C ASN A 140 18.79 -15.93 -6.28
N ILE A 141 17.49 -15.85 -6.55
CA ILE A 141 16.65 -14.74 -6.04
C ILE A 141 16.41 -14.93 -4.53
N GLN A 142 16.75 -13.94 -3.71
CA GLN A 142 16.47 -13.93 -2.27
C GLN A 142 15.18 -13.16 -1.92
N LYS A 143 14.88 -12.07 -2.62
CA LYS A 143 13.59 -11.34 -2.59
C LYS A 143 13.29 -10.69 -3.94
N ALA A 144 12.01 -10.61 -4.34
CA ALA A 144 11.50 -9.87 -5.48
C ALA A 144 10.16 -9.18 -5.18
N ASN A 145 9.85 -8.05 -5.85
CA ASN A 145 8.64 -7.26 -5.65
C ASN A 145 8.15 -6.63 -6.98
N LEU A 146 6.83 -6.62 -7.22
CA LEU A 146 6.20 -6.04 -8.42
C LEU A 146 6.17 -4.49 -8.39
N VAL A 147 6.36 -3.87 -9.55
CA VAL A 147 6.36 -2.42 -9.79
C VAL A 147 5.16 -2.00 -10.67
N PRO A 148 4.37 -0.97 -10.29
CA PRO A 148 3.13 -0.58 -11.01
C PRO A 148 3.35 -0.11 -12.45
N HIS A 149 2.44 -0.50 -13.35
CA HIS A 149 2.38 -0.05 -14.74
C HIS A 149 1.92 1.42 -14.89
N PHE A 150 2.18 2.01 -16.06
CA PHE A 150 1.78 3.37 -16.42
C PHE A 150 0.30 3.40 -16.85
N ALA A 151 -0.53 4.18 -16.17
CA ALA A 151 -1.97 4.30 -16.38
C ALA A 151 -2.54 5.67 -16.04
N MET A 1 22.08 9.25 5.05
CA MET A 1 23.55 9.38 5.02
C MET A 1 24.07 10.29 6.15
N SER A 2 23.80 11.60 6.08
CA SER A 2 24.35 12.61 7.01
C SER A 2 23.35 13.63 7.55
N THR A 3 22.14 13.72 6.97
CA THR A 3 21.03 14.57 7.51
C THR A 3 20.31 13.90 8.68
N LEU A 4 19.45 14.65 9.38
CA LEU A 4 18.63 14.15 10.50
C LEU A 4 17.22 13.71 10.06
N GLU A 5 17.11 13.14 8.86
CA GLU A 5 15.85 12.68 8.23
C GLU A 5 15.32 11.37 8.82
N GLN A 6 16.20 10.44 9.21
CA GLN A 6 15.83 9.17 9.87
C GLN A 6 15.40 9.42 11.33
N LYS A 7 16.03 10.39 12.01
CA LYS A 7 15.64 10.92 13.31
C LYS A 7 14.25 11.57 13.28
N LEU A 8 13.89 12.19 12.15
CA LEU A 8 12.54 12.73 11.91
C LEU A 8 11.51 11.63 11.63
N THR A 9 11.83 10.62 10.81
CA THR A 9 11.00 9.41 10.66
C THR A 9 10.75 8.73 12.01
N GLU A 10 11.77 8.69 12.88
CA GLU A 10 11.64 8.08 14.20
C GLU A 10 10.72 8.88 15.15
N MET A 11 10.81 10.22 15.18
CA MET A 11 9.95 11.05 16.04
C MET A 11 8.45 11.00 15.65
N ILE A 12 8.16 10.60 14.40
CA ILE A 12 6.81 10.31 13.91
C ILE A 12 6.40 8.84 14.19
N THR A 13 7.35 7.90 14.04
CA THR A 13 7.12 6.47 14.27
C THR A 13 6.79 6.18 15.74
N ALA A 14 7.62 6.68 16.66
CA ALA A 14 7.52 6.41 18.10
C ALA A 14 6.16 6.75 18.74
N PRO A 15 5.49 7.90 18.46
CA PRO A 15 4.18 8.20 19.02
C PRO A 15 3.05 7.37 18.40
N VAL A 16 3.07 7.10 17.08
CA VAL A 16 2.05 6.27 16.41
C VAL A 16 2.15 4.80 16.84
N GLU A 17 3.38 4.32 17.06
CA GLU A 17 3.67 3.01 17.65
C GLU A 17 3.10 2.91 19.08
N ALA A 18 3.30 3.93 19.91
CA ALA A 18 2.74 4.01 21.28
C ALA A 18 1.20 4.19 21.34
N LEU A 19 0.57 4.66 20.25
CA LEU A 19 -0.88 4.66 20.07
C LEU A 19 -1.46 3.30 19.65
N GLY A 20 -0.61 2.26 19.49
CA GLY A 20 -1.04 0.87 19.35
C GLY A 20 -1.32 0.40 17.92
N PHE A 21 -0.72 1.05 16.92
CA PHE A 21 -0.91 0.69 15.50
C PHE A 21 0.08 -0.39 15.06
N GLU A 22 -0.31 -1.18 14.05
CA GLU A 22 0.38 -2.39 13.60
C GLU A 22 1.36 -2.11 12.45
N LEU A 23 1.01 -1.21 11.52
CA LEU A 23 1.94 -0.60 10.56
C LEU A 23 2.09 0.90 10.83
N VAL A 24 3.33 1.40 10.77
CA VAL A 24 3.61 2.81 10.45
C VAL A 24 4.86 2.91 9.57
N GLY A 25 4.95 3.95 8.73
CA GLY A 25 6.15 4.28 7.95
C GLY A 25 6.04 5.61 7.21
N ILE A 26 7.17 6.14 6.73
CA ILE A 26 7.27 7.42 6.01
C ILE A 26 7.86 7.21 4.61
N GLU A 27 7.51 8.10 3.68
CA GLU A 27 8.14 8.28 2.37
C GLU A 27 8.33 9.79 2.13
N PHE A 28 9.53 10.22 1.75
CA PHE A 28 9.83 11.64 1.44
C PHE A 28 9.81 11.87 -0.07
N ILE A 29 8.98 12.83 -0.51
CA ILE A 29 8.84 13.09 -1.97
C ILE A 29 9.62 14.36 -2.33
N ARG A 30 10.66 14.23 -3.15
CA ARG A 30 11.48 15.42 -3.53
C ARG A 30 10.62 16.38 -4.34
N GLY A 31 10.66 17.67 -3.99
CA GLY A 31 9.82 18.67 -4.68
C GLY A 31 10.27 20.07 -4.31
N ARG A 32 9.69 21.10 -4.94
CA ARG A 32 10.00 22.49 -4.50
C ARG A 32 9.59 22.58 -3.04
N THR A 33 8.45 21.98 -2.68
CA THR A 33 8.04 21.91 -1.25
C THR A 33 8.14 20.44 -0.82
N SER A 34 8.88 20.13 0.24
CA SER A 34 9.08 18.73 0.66
C SER A 34 7.74 18.12 1.07
N THR A 35 7.47 16.87 0.69
CA THR A 35 6.14 16.27 0.98
C THR A 35 6.31 14.90 1.61
N LEU A 36 6.01 14.76 2.91
CA LEU A 36 6.06 13.47 3.57
C LEU A 36 4.73 12.75 3.27
N ARG A 37 4.79 11.46 2.92
CA ARG A 37 3.62 10.57 2.99
C ARG A 37 3.79 9.61 4.17
N ILE A 38 2.79 9.58 5.06
CA ILE A 38 2.73 8.61 6.16
C ILE A 38 1.82 7.45 5.79
N TYR A 39 2.33 6.24 6.02
CA TYR A 39 1.62 4.96 5.90
C TYR A 39 1.22 4.50 7.29
N ILE A 40 -0.03 4.04 7.46
CA ILE A 40 -0.55 3.58 8.77
C ILE A 40 -1.61 2.47 8.63
N ASP A 41 -1.58 1.47 9.53
CA ASP A 41 -2.64 0.48 9.66
C ASP A 41 -2.77 -0.14 11.07
N SER A 42 -3.96 -0.61 11.39
CA SER A 42 -4.30 -1.24 12.68
C SER A 42 -4.81 -2.67 12.53
N GLU A 43 -4.49 -3.52 13.53
CA GLU A 43 -4.99 -4.89 13.66
C GLU A 43 -6.49 -4.92 14.01
N ASP A 44 -7.02 -3.85 14.60
CA ASP A 44 -8.42 -3.73 15.05
C ASP A 44 -9.38 -3.23 13.95
N GLY A 45 -8.86 -2.66 12.86
CA GLY A 45 -9.65 -2.23 11.69
C GLY A 45 -10.22 -0.82 11.81
N ILE A 46 -9.37 0.18 12.07
CA ILE A 46 -9.73 1.60 12.24
C ILE A 46 -9.82 2.30 10.87
N ASN A 47 -10.80 3.18 10.68
CA ASN A 47 -11.09 3.86 9.41
C ASN A 47 -9.99 4.88 9.06
N VAL A 48 -9.72 5.10 7.78
CA VAL A 48 -8.66 6.02 7.32
C VAL A 48 -8.98 7.49 7.62
N ASP A 49 -10.26 7.87 7.74
CA ASP A 49 -10.67 9.19 8.21
C ASP A 49 -10.23 9.43 9.67
N ASP A 50 -10.27 8.40 10.51
CA ASP A 50 -9.79 8.50 11.91
C ASP A 50 -8.26 8.43 11.97
N CYS A 51 -7.63 7.68 11.05
CA CYS A 51 -6.18 7.73 10.84
C CYS A 51 -5.72 9.12 10.34
N ALA A 52 -6.57 9.90 9.66
CA ALA A 52 -6.30 11.28 9.30
C ALA A 52 -6.39 12.25 10.50
N ASP A 53 -7.18 11.93 11.54
CA ASP A 53 -7.17 12.64 12.84
C ASP A 53 -5.94 12.30 13.68
N VAL A 54 -5.42 11.05 13.60
CA VAL A 54 -4.09 10.72 14.15
C VAL A 54 -2.99 11.46 13.37
N SER A 55 -3.11 11.53 12.04
CA SER A 55 -2.17 12.25 11.17
C SER A 55 -2.21 13.78 11.37
N HIS A 56 -3.34 14.33 11.84
CA HIS A 56 -3.42 15.72 12.29
C HIS A 56 -2.49 15.99 13.48
N GLN A 57 -2.33 15.00 14.39
CA GLN A 57 -1.33 15.06 15.47
C GLN A 57 0.11 14.95 14.96
N VAL A 58 0.35 14.11 13.95
CA VAL A 58 1.67 13.97 13.29
C VAL A 58 2.09 15.29 12.64
N SER A 59 1.16 15.94 11.91
CA SER A 59 1.37 17.28 11.37
C SER A 59 1.68 18.30 12.47
N ALA A 60 0.96 18.23 13.61
CA ALA A 60 1.17 19.15 14.73
C ALA A 60 2.55 18.99 15.43
N VAL A 61 3.11 17.77 15.49
CA VAL A 61 4.50 17.58 16.01
C VAL A 61 5.57 17.92 14.98
N LEU A 62 5.30 17.73 13.69
CA LEU A 62 6.18 18.16 12.58
C LEU A 62 6.26 19.70 12.47
N ASP A 63 5.16 20.39 12.78
CA ASP A 63 5.08 21.85 12.74
C ASP A 63 5.92 22.56 13.83
N VAL A 64 6.08 21.93 15.00
CA VAL A 64 6.96 22.43 16.08
C VAL A 64 8.39 21.88 16.03
N GLU A 65 8.57 20.69 15.43
CA GLU A 65 9.91 20.05 15.37
C GLU A 65 10.76 20.77 14.31
N ASP A 66 10.14 21.19 13.22
CA ASP A 66 10.92 21.81 12.11
C ASP A 66 10.65 23.31 12.04
N PRO A 67 11.69 24.18 12.06
CA PRO A 67 11.51 25.62 11.93
C PRO A 67 10.89 25.95 10.56
N ILE A 68 11.34 25.24 9.51
CA ILE A 68 10.78 25.46 8.14
C ILE A 68 9.50 24.62 8.00
N THR A 69 8.44 25.05 8.69
CA THR A 69 7.11 24.37 8.62
C THR A 69 6.55 24.44 7.20
N VAL A 70 6.75 25.58 6.52
CA VAL A 70 6.22 25.76 5.14
C VAL A 70 6.88 24.74 4.20
N ALA A 71 8.19 24.51 4.37
CA ALA A 71 8.92 23.56 3.50
C ALA A 71 8.35 22.14 3.68
N TYR A 72 8.01 21.76 4.91
CA TYR A 72 7.44 20.41 5.17
C TYR A 72 5.95 20.38 4.80
N ASN A 73 5.44 19.20 4.44
CA ASN A 73 4.00 19.04 4.06
C ASN A 73 3.62 17.57 4.32
N LEU A 74 2.35 17.30 4.65
CA LEU A 74 2.00 15.89 4.97
C LEU A 74 0.79 15.31 4.20
N GLU A 75 0.92 14.09 3.71
CA GLU A 75 -0.14 13.26 3.10
C GLU A 75 -0.23 11.86 3.73
N VAL A 76 -1.37 11.17 3.62
CA VAL A 76 -1.68 9.93 4.37
C VAL A 76 -2.07 8.76 3.45
N SER A 77 -1.72 7.53 3.80
CA SER A 77 -2.16 6.29 3.14
C SER A 77 -2.25 5.09 4.08
N SER A 78 -3.05 4.08 3.72
CA SER A 78 -2.98 2.72 4.27
C SER A 78 -2.67 1.67 3.18
N PRO A 79 -2.13 0.45 3.49
CA PRO A 79 -1.93 -0.57 2.45
C PRO A 79 -3.20 -1.42 2.25
N GLY A 80 -4.32 -1.02 2.86
CA GLY A 80 -5.57 -1.79 2.76
C GLY A 80 -6.36 -1.47 1.51
N LEU A 81 -5.92 -1.98 0.35
CA LEU A 81 -6.63 -1.72 -0.94
C LEU A 81 -7.46 -2.96 -1.31
N ASP A 82 -7.54 -3.95 -0.42
CA ASP A 82 -8.25 -5.21 -0.72
C ASP A 82 -9.73 -5.10 -0.33
N ARG A 83 -10.15 -3.95 0.20
CA ARG A 83 -11.55 -3.77 0.67
C ARG A 83 -12.53 -3.92 -0.49
N PRO A 84 -13.70 -4.57 -0.30
CA PRO A 84 -14.71 -4.73 -1.35
C PRO A 84 -15.36 -3.39 -1.73
N LEU A 85 -15.87 -3.27 -2.96
CA LEU A 85 -16.41 -1.95 -3.43
C LEU A 85 -17.90 -1.83 -3.11
N PHE A 86 -18.27 -0.92 -2.21
CA PHE A 86 -19.71 -0.67 -1.93
C PHE A 86 -20.05 0.81 -2.14
N THR A 87 -19.04 1.67 -2.26
CA THR A 87 -19.28 3.14 -2.36
C THR A 87 -19.87 3.49 -3.73
N ALA A 88 -20.91 4.33 -3.76
CA ALA A 88 -21.52 4.76 -5.03
C ALA A 88 -20.53 5.65 -5.81
N GLU A 89 -19.98 6.67 -5.15
CA GLU A 89 -18.96 7.50 -5.80
C GLU A 89 -17.92 6.63 -6.54
N HIS A 90 -17.50 5.52 -5.95
CA HIS A 90 -16.48 4.63 -6.50
C HIS A 90 -16.97 3.81 -7.69
N TYR A 91 -18.22 3.33 -7.67
CA TYR A 91 -18.85 2.70 -8.83
C TYR A 91 -18.81 3.63 -10.07
N ALA A 92 -18.99 4.95 -9.87
CA ALA A 92 -18.90 5.95 -10.92
C ALA A 92 -17.44 6.37 -11.28
N ARG A 93 -16.45 6.15 -10.40
CA ARG A 93 -15.01 6.30 -10.70
C ARG A 93 -14.46 5.14 -11.53
N PHE A 94 -14.82 3.89 -11.21
CA PHE A 94 -14.27 2.68 -11.84
C PHE A 94 -14.98 2.29 -13.16
N VAL A 95 -15.64 3.22 -13.85
CA VAL A 95 -16.25 2.97 -15.16
C VAL A 95 -15.21 2.57 -16.23
N GLY A 96 -15.61 1.68 -17.16
CA GLY A 96 -14.77 1.03 -18.14
C GLY A 96 -14.01 -0.22 -17.64
N GLU A 97 -14.13 -0.53 -16.34
CA GLU A 97 -13.37 -1.61 -15.68
C GLU A 97 -14.27 -2.74 -15.13
N GLU A 98 -13.68 -3.91 -14.86
CA GLU A 98 -14.37 -5.17 -14.61
C GLU A 98 -14.46 -5.54 -13.12
N VAL A 99 -15.53 -6.24 -12.74
CA VAL A 99 -15.84 -6.62 -11.35
C VAL A 99 -16.35 -8.06 -11.30
N THR A 100 -15.97 -8.83 -10.27
CA THR A 100 -16.57 -10.13 -9.92
C THR A 100 -17.35 -10.04 -8.60
N LEU A 101 -18.61 -10.46 -8.58
CA LEU A 101 -19.58 -10.13 -7.55
C LEU A 101 -20.59 -11.25 -7.23
N VAL A 102 -21.27 -11.11 -6.09
CA VAL A 102 -22.44 -11.89 -5.68
C VAL A 102 -23.66 -10.98 -5.48
N LEU A 103 -24.84 -11.45 -5.93
CA LEU A 103 -26.08 -10.66 -5.96
C LEU A 103 -26.97 -10.92 -4.72
N ARG A 104 -27.73 -9.89 -4.33
CA ARG A 104 -28.52 -9.84 -3.07
C ARG A 104 -29.86 -10.57 -3.17
N MET A 105 -30.43 -10.72 -4.37
CA MET A 105 -31.64 -11.50 -4.64
C MET A 105 -31.38 -13.01 -4.90
N ALA A 106 -30.17 -13.48 -4.59
CA ALA A 106 -29.78 -14.90 -4.64
C ALA A 106 -29.87 -15.57 -3.26
N VAL A 107 -30.10 -16.89 -3.22
CA VAL A 107 -30.22 -17.69 -1.99
C VAL A 107 -28.93 -18.48 -1.71
N GLN A 108 -28.78 -19.06 -0.52
CA GLN A 108 -27.55 -19.77 -0.13
C GLN A 108 -27.17 -20.89 -1.12
N ASN A 109 -25.87 -21.19 -1.21
CA ASN A 109 -25.27 -22.10 -2.20
C ASN A 109 -25.14 -21.51 -3.63
N ARG A 110 -25.24 -20.17 -3.77
CA ARG A 110 -25.10 -19.36 -5.00
C ARG A 110 -23.65 -19.25 -5.48
N ARG A 111 -23.44 -18.91 -6.77
CA ARG A 111 -22.14 -18.64 -7.42
C ARG A 111 -22.00 -17.20 -7.92
N LYS A 112 -20.76 -16.77 -8.21
CA LYS A 112 -20.38 -15.38 -8.55
C LYS A 112 -20.31 -15.13 -10.06
N TRP A 113 -20.65 -13.88 -10.42
CA TRP A 113 -20.68 -13.43 -11.83
C TRP A 113 -19.60 -12.37 -12.06
N GLN A 114 -19.09 -12.21 -13.29
CA GLN A 114 -18.10 -11.19 -13.66
C GLN A 114 -18.52 -10.38 -14.90
N GLY A 115 -18.32 -9.05 -14.87
CA GLY A 115 -18.70 -8.16 -15.97
C GLY A 115 -18.06 -6.78 -15.93
N VAL A 116 -18.01 -6.12 -17.08
CA VAL A 116 -17.42 -4.78 -17.29
C VAL A 116 -18.46 -3.71 -17.03
N ILE A 117 -18.12 -2.73 -16.19
CA ILE A 117 -18.99 -1.59 -15.83
C ILE A 117 -18.82 -0.48 -16.86
N LYS A 118 -19.92 0.01 -17.44
CA LYS A 118 -19.90 0.98 -18.56
C LYS A 118 -20.30 2.41 -18.18
N ALA A 119 -21.34 2.57 -17.38
CA ALA A 119 -21.86 3.84 -16.87
C ALA A 119 -22.85 3.63 -15.71
N VAL A 120 -22.91 4.59 -14.78
CA VAL A 120 -23.78 4.40 -13.58
C VAL A 120 -24.80 5.55 -13.52
N ASP A 121 -26.07 5.27 -13.83
CA ASP A 121 -27.12 6.31 -13.69
C ASP A 121 -27.90 6.03 -12.41
N GLY A 122 -27.73 6.88 -11.38
CA GLY A 122 -28.40 6.64 -10.09
C GLY A 122 -28.07 5.27 -9.53
N GLU A 123 -29.07 4.55 -9.03
CA GLU A 123 -28.85 3.16 -8.53
C GLU A 123 -28.48 2.23 -9.70
N MET A 124 -29.11 2.41 -10.86
CA MET A 124 -28.89 1.48 -12.00
C MET A 124 -27.44 1.52 -12.50
N ILE A 125 -26.89 0.36 -12.85
CA ILE A 125 -25.50 0.28 -13.38
C ILE A 125 -25.55 -0.49 -14.70
N THR A 126 -24.99 0.09 -15.77
CA THR A 126 -24.97 -0.57 -17.09
C THR A 126 -23.71 -1.43 -17.25
N VAL A 127 -23.86 -2.67 -17.72
CA VAL A 127 -22.84 -3.73 -17.62
C VAL A 127 -22.71 -4.52 -18.92
N THR A 128 -21.53 -5.08 -19.20
CA THR A 128 -21.35 -6.20 -20.16
C THR A 128 -20.82 -7.43 -19.43
N VAL A 129 -21.70 -8.41 -19.19
CA VAL A 129 -21.46 -9.67 -18.45
C VAL A 129 -21.18 -10.81 -19.44
N GLU A 130 -19.95 -11.32 -19.46
CA GLU A 130 -19.48 -12.39 -20.38
C GLU A 130 -19.89 -12.15 -21.85
N GLY A 131 -19.66 -10.93 -22.34
CA GLY A 131 -19.97 -10.52 -23.72
C GLY A 131 -21.44 -10.14 -24.00
N LYS A 132 -22.34 -10.19 -23.01
CA LYS A 132 -23.76 -9.74 -23.12
C LYS A 132 -24.05 -8.47 -22.33
N ASP A 133 -24.87 -7.58 -22.89
CA ASP A 133 -25.37 -6.36 -22.29
C ASP A 133 -26.43 -6.63 -21.17
N GLU A 134 -26.28 -5.93 -20.03
CA GLU A 134 -27.12 -6.07 -18.83
C GLU A 134 -27.30 -4.75 -18.07
N VAL A 135 -28.33 -4.66 -17.20
CA VAL A 135 -28.48 -3.62 -16.16
C VAL A 135 -28.78 -4.23 -14.78
N PHE A 136 -28.24 -3.61 -13.74
CA PHE A 136 -28.44 -4.00 -12.33
C PHE A 136 -28.46 -2.76 -11.39
N ALA A 137 -29.14 -2.88 -10.25
CA ALA A 137 -29.11 -1.85 -9.19
C ALA A 137 -27.90 -2.03 -8.28
N LEU A 138 -27.24 -0.95 -7.86
CA LEU A 138 -26.07 -1.03 -6.96
C LEU A 138 -26.42 -1.57 -5.55
N SER A 139 -27.67 -1.41 -5.14
CA SER A 139 -28.26 -2.01 -3.95
C SER A 139 -28.46 -3.52 -4.06
N ASN A 140 -28.71 -4.06 -5.28
CA ASN A 140 -28.86 -5.50 -5.51
C ASN A 140 -27.52 -6.24 -5.62
N ILE A 141 -26.38 -5.54 -5.57
CA ILE A 141 -25.07 -6.13 -5.32
C ILE A 141 -24.92 -6.35 -3.81
N GLN A 142 -24.43 -7.52 -3.39
CA GLN A 142 -24.18 -7.82 -1.96
C GLN A 142 -22.69 -7.78 -1.59
N LYS A 143 -21.79 -8.31 -2.44
CA LYS A 143 -20.32 -8.16 -2.29
C LYS A 143 -19.63 -8.21 -3.66
N ALA A 144 -18.58 -7.42 -3.86
CA ALA A 144 -17.94 -7.21 -5.16
C ALA A 144 -16.43 -6.88 -5.06
N ASN A 145 -15.63 -7.41 -5.98
CA ASN A 145 -14.17 -7.16 -6.09
C ASN A 145 -13.77 -6.70 -7.49
N LEU A 146 -12.79 -5.79 -7.57
CA LEU A 146 -12.26 -5.23 -8.82
C LEU A 146 -11.29 -6.19 -9.53
N VAL A 147 -11.46 -6.34 -10.84
CA VAL A 147 -10.63 -7.15 -11.76
C VAL A 147 -9.87 -6.26 -12.76
N PRO A 148 -8.56 -6.46 -12.97
CA PRO A 148 -7.78 -5.67 -13.91
C PRO A 148 -8.23 -5.87 -15.37
N HIS A 149 -7.74 -5.02 -16.28
CA HIS A 149 -8.14 -5.05 -17.70
C HIS A 149 -7.93 -6.42 -18.35
N PHE A 150 -8.85 -6.80 -19.24
CA PHE A 150 -8.76 -8.02 -20.05
C PHE A 150 -7.83 -7.78 -21.24
N ALA A 151 -6.87 -8.69 -21.46
CA ALA A 151 -5.78 -8.53 -22.45
C ALA A 151 -5.62 -9.80 -23.30
N MET A 1 22.76 9.70 6.75
CA MET A 1 23.51 9.83 5.47
C MET A 1 23.80 11.28 5.15
N SER A 2 22.77 12.13 5.09
CA SER A 2 22.98 13.54 4.69
C SER A 2 22.14 14.48 5.58
N THR A 3 20.91 14.09 5.88
CA THR A 3 19.99 14.94 6.69
C THR A 3 19.41 14.10 7.83
N LEU A 4 18.97 14.74 8.91
CA LEU A 4 18.34 14.00 10.03
C LEU A 4 16.86 13.77 9.71
N GLU A 5 16.59 12.95 8.68
CA GLU A 5 15.19 12.62 8.33
C GLU A 5 14.88 11.25 8.95
N GLN A 6 15.91 10.43 9.17
CA GLN A 6 15.73 9.14 9.85
C GLN A 6 15.43 9.37 11.35
N LYS A 7 16.04 10.38 11.96
CA LYS A 7 15.73 10.88 13.32
C LYS A 7 14.30 11.46 13.38
N LEU A 8 13.88 12.21 12.36
CA LEU A 8 12.50 12.67 12.21
C LEU A 8 11.51 11.49 12.08
N THR A 9 11.85 10.49 11.27
CA THR A 9 11.06 9.25 11.10
C THR A 9 10.91 8.47 12.42
N GLU A 10 11.95 8.47 13.26
CA GLU A 10 11.95 7.83 14.58
C GLU A 10 10.97 8.54 15.55
N MET A 11 11.04 9.88 15.67
CA MET A 11 10.14 10.64 16.55
C MET A 11 8.68 10.72 16.07
N ILE A 12 8.41 10.42 14.78
CA ILE A 12 7.05 10.23 14.24
C ILE A 12 6.55 8.79 14.50
N THR A 13 7.43 7.80 14.44
CA THR A 13 7.08 6.39 14.69
C THR A 13 6.67 6.16 16.15
N ALA A 14 7.41 6.71 17.11
CA ALA A 14 7.20 6.42 18.54
C ALA A 14 5.80 6.78 19.09
N PRO A 15 5.19 7.95 18.80
CA PRO A 15 3.84 8.28 19.23
C PRO A 15 2.75 7.40 18.57
N VAL A 16 2.90 7.08 17.28
CA VAL A 16 1.91 6.28 16.53
C VAL A 16 1.93 4.81 17.00
N GLU A 17 3.11 4.28 17.32
CA GLU A 17 3.26 2.99 17.99
C GLU A 17 2.57 2.97 19.37
N ALA A 18 2.71 4.03 20.17
CA ALA A 18 2.07 4.14 21.49
C ALA A 18 0.54 4.28 21.42
N LEU A 19 0.01 4.88 20.34
CA LEU A 19 -1.41 4.91 20.00
C LEU A 19 -1.96 3.56 19.48
N GLY A 20 -1.15 2.50 19.49
CA GLY A 20 -1.59 1.12 19.29
C GLY A 20 -1.70 0.66 17.83
N PHE A 21 -0.93 1.24 16.92
CA PHE A 21 -0.87 0.87 15.49
C PHE A 21 0.23 -0.16 15.19
N GLU A 22 0.06 -0.93 14.13
CA GLU A 22 0.92 -2.07 13.74
C GLU A 22 1.98 -1.66 12.73
N LEU A 23 1.58 -0.98 11.67
CA LEU A 23 2.45 -0.42 10.64
C LEU A 23 2.43 1.11 10.70
N VAL A 24 3.60 1.72 10.70
CA VAL A 24 3.80 3.16 10.41
C VAL A 24 5.15 3.39 9.74
N GLY A 25 5.14 4.04 8.57
CA GLY A 25 6.34 4.34 7.78
C GLY A 25 6.18 5.58 6.88
N ILE A 26 7.29 6.12 6.41
CA ILE A 26 7.39 7.41 5.68
C ILE A 26 7.97 7.22 4.27
N GLU A 27 7.57 8.10 3.35
CA GLU A 27 8.19 8.37 2.06
C GLU A 27 8.36 9.91 1.91
N PHE A 28 9.48 10.34 1.31
CA PHE A 28 9.80 11.77 1.12
C PHE A 28 9.64 12.24 -0.33
N ILE A 29 9.00 13.40 -0.51
CA ILE A 29 8.80 14.09 -1.80
C ILE A 29 9.19 15.57 -1.64
N ARG A 30 9.97 16.13 -2.58
CA ARG A 30 10.58 17.47 -2.45
C ARG A 30 9.98 18.49 -3.45
N GLY A 31 9.99 19.75 -3.06
CA GLY A 31 9.68 20.89 -3.93
C GLY A 31 10.01 22.22 -3.24
N ARG A 32 9.41 23.33 -3.68
CA ARG A 32 9.42 24.57 -2.88
C ARG A 32 8.58 24.36 -1.61
N THR A 33 7.38 23.82 -1.80
CA THR A 33 6.68 23.00 -0.81
C THR A 33 7.25 21.59 -0.82
N SER A 34 7.59 21.02 0.33
CA SER A 34 8.01 19.61 0.46
C SER A 34 6.98 18.79 1.24
N THR A 35 6.77 17.53 0.85
CA THR A 35 5.69 16.66 1.35
C THR A 35 6.25 15.34 1.88
N LEU A 36 5.82 14.95 3.08
CA LEU A 36 5.95 13.57 3.56
C LEU A 36 4.66 12.80 3.17
N ARG A 37 4.81 11.52 2.77
CA ARG A 37 3.70 10.60 2.60
C ARG A 37 3.80 9.49 3.65
N ILE A 38 2.79 9.39 4.52
CA ILE A 38 2.75 8.43 5.64
C ILE A 38 1.88 7.22 5.31
N TYR A 39 2.43 6.04 5.52
CA TYR A 39 1.80 4.73 5.35
C TYR A 39 1.45 4.18 6.72
N ILE A 40 0.19 3.75 6.95
CA ILE A 40 -0.29 3.36 8.30
C ILE A 40 -1.34 2.24 8.27
N ASP A 41 -1.29 1.31 9.24
CA ASP A 41 -2.29 0.26 9.44
C ASP A 41 -2.32 -0.27 10.89
N SER A 42 -3.45 -0.88 11.29
CA SER A 42 -3.72 -1.39 12.65
C SER A 42 -4.14 -2.87 12.64
N GLU A 43 -4.05 -3.53 13.80
CA GLU A 43 -4.70 -4.84 14.01
C GLU A 43 -6.20 -4.75 14.33
N ASP A 44 -6.72 -3.54 14.63
CA ASP A 44 -8.12 -3.32 15.06
C ASP A 44 -9.08 -2.95 13.90
N GLY A 45 -8.56 -2.72 12.70
CA GLY A 45 -9.35 -2.44 11.49
C GLY A 45 -9.79 -0.98 11.35
N ILE A 46 -8.89 -0.03 11.66
CA ILE A 46 -9.19 1.42 11.63
C ILE A 46 -9.11 1.94 10.19
N ASN A 47 -10.00 2.86 9.82
CA ASN A 47 -10.13 3.43 8.48
C ASN A 47 -8.99 4.44 8.20
N VAL A 48 -8.58 4.59 6.93
CA VAL A 48 -7.53 5.52 6.53
C VAL A 48 -7.89 6.99 6.83
N ASP A 49 -9.18 7.35 6.76
CA ASP A 49 -9.65 8.71 7.06
C ASP A 49 -9.60 9.05 8.57
N ASP A 50 -9.72 8.05 9.44
CA ASP A 50 -9.56 8.18 10.89
C ASP A 50 -8.08 8.13 11.31
N CYS A 51 -7.25 7.48 10.49
CA CYS A 51 -5.78 7.62 10.54
C CYS A 51 -5.33 9.00 10.02
N ALA A 52 -6.09 9.68 9.16
CA ALA A 52 -5.78 11.03 8.71
C ALA A 52 -5.95 12.08 9.82
N ASP A 53 -6.80 11.82 10.83
CA ASP A 53 -6.91 12.65 12.03
C ASP A 53 -5.75 12.44 13.04
N VAL A 54 -5.26 11.20 13.15
CA VAL A 54 -3.97 10.93 13.83
C VAL A 54 -2.82 11.65 13.11
N SER A 55 -2.86 11.62 11.76
CA SER A 55 -1.87 12.29 10.91
C SER A 55 -1.92 13.82 11.02
N HIS A 56 -3.08 14.41 11.38
CA HIS A 56 -3.15 15.84 11.75
C HIS A 56 -2.32 16.16 13.01
N GLN A 57 -2.24 15.25 13.99
CA GLN A 57 -1.32 15.38 15.12
C GLN A 57 0.15 15.12 14.74
N VAL A 58 0.42 14.20 13.79
CA VAL A 58 1.76 14.04 13.20
C VAL A 58 2.24 15.33 12.54
N SER A 59 1.38 16.00 11.76
CA SER A 59 1.64 17.34 11.22
C SER A 59 1.90 18.36 12.31
N ALA A 60 1.23 18.30 13.46
CA ALA A 60 1.38 19.24 14.57
C ALA A 60 2.75 19.11 15.27
N VAL A 61 3.24 17.88 15.50
CA VAL A 61 4.58 17.65 16.07
C VAL A 61 5.70 17.93 15.05
N LEU A 62 5.43 17.66 13.78
CA LEU A 62 6.42 17.97 12.71
C LEU A 62 6.55 19.51 12.62
N ASP A 63 5.43 20.22 12.79
CA ASP A 63 5.45 21.71 12.67
C ASP A 63 6.32 22.34 13.76
N VAL A 64 6.24 21.87 15.01
CA VAL A 64 7.15 22.41 16.06
C VAL A 64 8.60 22.03 15.71
N GLU A 65 8.83 20.81 15.23
CA GLU A 65 10.19 20.33 14.90
C GLU A 65 10.80 21.16 13.76
N ASP A 66 10.03 21.48 12.73
CA ASP A 66 10.59 22.18 11.54
C ASP A 66 10.06 23.62 11.46
N PRO A 67 10.92 24.64 11.31
CA PRO A 67 10.47 26.05 11.33
C PRO A 67 9.48 26.41 10.22
N ILE A 68 9.71 25.90 9.00
CA ILE A 68 8.83 26.27 7.84
C ILE A 68 7.59 25.37 7.87
N THR A 69 6.63 25.68 8.75
CA THR A 69 5.46 24.81 9.00
C THR A 69 4.59 24.69 7.74
N VAL A 70 4.38 25.81 7.03
CA VAL A 70 3.49 25.81 5.83
C VAL A 70 4.12 24.91 4.74
N ALA A 71 5.43 25.00 4.55
CA ALA A 71 6.12 24.21 3.50
C ALA A 71 6.00 22.71 3.81
N TYR A 72 6.12 22.33 5.09
CA TYR A 72 6.12 20.89 5.45
C TYR A 72 4.70 20.31 5.45
N ASN A 73 4.27 19.72 4.32
CA ASN A 73 2.97 19.06 4.24
C ASN A 73 3.05 17.55 4.56
N LEU A 74 1.92 16.94 4.95
CA LEU A 74 1.77 15.50 5.17
C LEU A 74 0.53 14.95 4.44
N GLU A 75 0.72 13.90 3.63
CA GLU A 75 -0.33 13.16 2.91
C GLU A 75 -0.37 11.68 3.35
N VAL A 76 -1.52 11.02 3.25
CA VAL A 76 -1.82 9.76 3.97
C VAL A 76 -2.20 8.61 3.02
N SER A 77 -1.55 7.46 3.16
CA SER A 77 -1.80 6.36 2.19
C SER A 77 -1.86 5.00 2.87
N SER A 78 -2.54 4.03 2.23
CA SER A 78 -2.58 2.64 2.76
C SER A 78 -1.21 1.99 2.54
N PRO A 79 -0.79 0.98 3.32
CA PRO A 79 0.55 0.41 3.20
C PRO A 79 0.83 -0.15 1.80
N GLY A 80 -0.14 -0.84 1.20
CA GLY A 80 0.03 -1.34 -0.18
C GLY A 80 -0.81 -0.56 -1.17
N LEU A 81 -0.19 0.06 -2.17
CA LEU A 81 -0.92 0.83 -3.20
C LEU A 81 -1.21 -0.06 -4.41
N ASP A 82 -0.69 -1.29 -4.40
CA ASP A 82 -0.85 -2.20 -5.58
C ASP A 82 -1.65 -3.44 -5.16
N ARG A 83 -2.70 -3.77 -5.92
CA ARG A 83 -3.52 -4.99 -5.62
C ARG A 83 -4.02 -5.55 -6.95
N PRO A 84 -4.39 -6.85 -7.06
CA PRO A 84 -4.98 -7.36 -8.30
C PRO A 84 -6.29 -6.57 -8.51
N LEU A 85 -6.55 -6.14 -9.75
CA LEU A 85 -7.74 -5.26 -9.96
C LEU A 85 -8.95 -6.06 -10.47
N PHE A 86 -9.92 -6.32 -9.61
CA PHE A 86 -11.16 -6.98 -10.04
C PHE A 86 -12.41 -6.11 -9.89
N THR A 87 -12.51 -5.31 -8.82
CA THR A 87 -13.77 -4.64 -8.46
C THR A 87 -14.00 -3.39 -9.32
N ALA A 88 -15.23 -3.18 -9.80
CA ALA A 88 -15.54 -2.12 -10.77
C ALA A 88 -15.65 -0.72 -10.14
N GLU A 89 -15.94 -0.66 -8.84
CA GLU A 89 -15.81 0.55 -8.03
C GLU A 89 -14.34 0.94 -7.84
N HIS A 90 -13.43 -0.02 -7.65
CA HIS A 90 -11.98 0.23 -7.61
C HIS A 90 -11.44 0.64 -8.97
N TYR A 91 -11.86 0.01 -10.09
CA TYR A 91 -11.54 0.53 -11.44
C TYR A 91 -11.95 1.99 -11.63
N ALA A 92 -13.14 2.38 -11.15
CA ALA A 92 -13.65 3.76 -11.30
C ALA A 92 -13.02 4.78 -10.32
N ARG A 93 -12.42 4.31 -9.21
CA ARG A 93 -11.67 5.12 -8.23
C ARG A 93 -10.18 5.23 -8.54
N PHE A 94 -9.56 4.19 -9.11
CA PHE A 94 -8.14 4.11 -9.52
C PHE A 94 -7.90 4.59 -10.95
N VAL A 95 -8.76 5.47 -11.48
CA VAL A 95 -8.57 6.11 -12.80
C VAL A 95 -7.30 6.98 -12.82
N GLY A 96 -6.66 7.05 -14.00
CA GLY A 96 -5.38 7.71 -14.25
C GLY A 96 -4.15 6.89 -13.86
N GLU A 97 -4.30 5.59 -13.59
CA GLU A 97 -3.20 4.64 -13.32
C GLU A 97 -2.94 3.74 -14.55
N GLU A 98 -1.74 3.15 -14.62
CA GLU A 98 -1.35 2.22 -15.69
C GLU A 98 -1.52 0.77 -15.19
N VAL A 99 -2.00 -0.13 -16.06
CA VAL A 99 -2.38 -1.51 -15.74
C VAL A 99 -1.88 -2.46 -16.84
N THR A 100 -1.47 -3.67 -16.44
CA THR A 100 -1.13 -4.77 -17.35
C THR A 100 -2.05 -5.97 -17.13
N LEU A 101 -2.62 -6.52 -18.20
CA LEU A 101 -3.73 -7.46 -18.17
C LEU A 101 -3.67 -8.58 -19.24
N VAL A 102 -4.50 -9.61 -19.03
CA VAL A 102 -4.71 -10.74 -19.96
C VAL A 102 -6.22 -11.06 -20.08
N LEU A 103 -6.65 -11.54 -21.26
CA LEU A 103 -8.06 -11.73 -21.61
C LEU A 103 -8.47 -13.21 -21.66
N ARG A 104 -9.72 -13.51 -21.23
CA ARG A 104 -10.29 -14.86 -21.19
C ARG A 104 -10.81 -15.33 -22.55
N MET A 105 -11.46 -14.43 -23.31
CA MET A 105 -12.05 -14.69 -24.63
C MET A 105 -10.99 -14.56 -25.76
N ALA A 106 -9.88 -15.27 -25.57
CA ALA A 106 -8.75 -15.39 -26.49
C ALA A 106 -8.24 -16.82 -26.49
N VAL A 107 -7.70 -17.29 -27.62
CA VAL A 107 -7.10 -18.64 -27.73
C VAL A 107 -5.63 -18.62 -27.30
N GLN A 108 -5.08 -19.79 -26.94
CA GLN A 108 -3.69 -19.92 -26.50
C GLN A 108 -2.68 -19.40 -27.54
N ASN A 109 -1.50 -19.01 -27.05
CA ASN A 109 -0.58 -18.07 -27.70
C ASN A 109 -1.00 -16.59 -27.57
N ARG A 110 -1.88 -16.24 -26.60
CA ARG A 110 -2.41 -14.89 -26.38
C ARG A 110 -1.37 -13.91 -25.83
N ARG A 111 -1.49 -12.63 -26.18
CA ARG A 111 -0.61 -11.53 -25.73
C ARG A 111 -1.02 -10.95 -24.36
N LYS A 112 -0.11 -10.26 -23.68
CA LYS A 112 -0.40 -9.35 -22.56
C LYS A 112 -0.60 -7.94 -23.10
N TRP A 113 -1.51 -7.17 -22.49
CA TRP A 113 -1.84 -5.81 -22.90
C TRP A 113 -1.61 -4.81 -21.76
N GLN A 114 -0.88 -3.72 -22.04
CA GLN A 114 -0.57 -2.68 -21.05
C GLN A 114 -1.18 -1.33 -21.48
N GLY A 115 -1.74 -0.58 -20.53
CA GLY A 115 -2.41 0.70 -20.84
C GLY A 115 -2.89 1.47 -19.62
N VAL A 116 -3.32 2.71 -19.84
CA VAL A 116 -3.81 3.62 -18.79
C VAL A 116 -5.33 3.53 -18.66
N ILE A 117 -5.80 3.38 -17.42
CA ILE A 117 -7.22 3.32 -17.02
C ILE A 117 -7.80 4.74 -17.04
N LYS A 118 -8.74 5.02 -17.97
CA LYS A 118 -9.39 6.34 -18.12
C LYS A 118 -10.71 6.44 -17.36
N ALA A 119 -11.71 5.62 -17.71
CA ALA A 119 -13.06 5.65 -17.14
C ALA A 119 -13.78 4.28 -17.25
N VAL A 120 -14.97 4.19 -16.64
CA VAL A 120 -15.83 2.99 -16.67
C VAL A 120 -17.22 3.35 -17.22
N ASP A 121 -17.69 2.62 -18.25
CA ASP A 121 -19.01 2.79 -18.87
C ASP A 121 -19.70 1.45 -19.10
N GLY A 122 -20.96 1.30 -18.68
CA GLY A 122 -21.72 0.06 -18.86
C GLY A 122 -21.06 -1.14 -18.18
N GLU A 123 -20.58 -2.10 -18.97
CA GLU A 123 -19.74 -3.22 -18.53
C GLU A 123 -18.30 -3.22 -19.11
N MET A 124 -17.80 -2.05 -19.54
CA MET A 124 -16.49 -1.88 -20.20
C MET A 124 -15.58 -0.82 -19.56
N ILE A 125 -14.28 -1.06 -19.69
CA ILE A 125 -13.16 -0.24 -19.22
C ILE A 125 -12.55 0.50 -20.42
N THR A 126 -12.49 1.83 -20.39
CA THR A 126 -11.90 2.64 -21.47
C THR A 126 -10.39 2.90 -21.20
N VAL A 127 -9.54 2.71 -22.20
CA VAL A 127 -8.08 2.65 -21.99
C VAL A 127 -7.26 3.30 -23.11
N THR A 128 -6.05 3.77 -22.77
CA THR A 128 -5.03 4.14 -23.75
C THR A 128 -3.94 3.05 -23.82
N VAL A 129 -3.74 2.43 -24.97
CA VAL A 129 -2.83 1.28 -25.22
C VAL A 129 -1.87 1.64 -26.35
N GLU A 130 -0.56 1.63 -26.10
CA GLU A 130 0.47 1.98 -27.10
C GLU A 130 0.21 3.34 -27.80
N GLY A 131 -0.28 4.32 -27.04
CA GLY A 131 -0.69 5.66 -27.51
C GLY A 131 -2.08 5.76 -28.19
N LYS A 132 -2.77 4.64 -28.39
CA LYS A 132 -4.06 4.50 -29.08
C LYS A 132 -5.23 4.34 -28.11
N ASP A 133 -6.39 4.91 -28.45
CA ASP A 133 -7.65 4.67 -27.71
C ASP A 133 -8.22 3.25 -27.98
N GLU A 134 -8.55 2.50 -26.95
CA GLU A 134 -9.11 1.14 -26.99
C GLU A 134 -10.15 0.92 -25.86
N VAL A 135 -10.88 -0.20 -25.90
CA VAL A 135 -11.74 -0.69 -24.79
C VAL A 135 -11.51 -2.17 -24.49
N PHE A 136 -11.76 -2.57 -23.24
CA PHE A 136 -11.86 -3.96 -22.80
C PHE A 136 -13.15 -4.18 -21.98
N ALA A 137 -13.86 -5.29 -22.19
CA ALA A 137 -15.00 -5.66 -21.37
C ALA A 137 -14.54 -6.21 -20.01
N LEU A 138 -15.11 -5.74 -18.90
CA LEU A 138 -14.64 -6.10 -17.54
C LEU A 138 -14.79 -7.59 -17.21
N SER A 139 -15.72 -8.28 -17.89
CA SER A 139 -15.85 -9.75 -17.85
C SER A 139 -14.83 -10.50 -18.70
N ASN A 140 -14.29 -9.90 -19.77
CA ASN A 140 -13.26 -10.52 -20.61
C ASN A 140 -11.87 -10.39 -19.98
N ILE A 141 -11.64 -9.44 -19.07
CA ILE A 141 -10.37 -9.36 -18.32
C ILE A 141 -10.29 -10.56 -17.36
N GLN A 142 -9.28 -11.42 -17.53
CA GLN A 142 -9.06 -12.57 -16.65
C GLN A 142 -8.17 -12.22 -15.44
N LYS A 143 -7.18 -11.34 -15.65
CA LYS A 143 -6.36 -10.76 -14.57
C LYS A 143 -5.84 -9.37 -14.95
N ALA A 144 -5.64 -8.51 -13.96
CA ALA A 144 -5.07 -7.17 -14.08
C ALA A 144 -4.18 -6.80 -12.87
N ASN A 145 -2.99 -6.23 -13.12
CA ASN A 145 -2.07 -5.73 -12.10
C ASN A 145 -1.70 -4.25 -12.39
N LEU A 146 -1.53 -3.42 -11.36
CA LEU A 146 -1.20 -2.00 -11.49
C LEU A 146 0.31 -1.78 -11.67
N VAL A 147 0.69 -0.96 -12.65
CA VAL A 147 2.08 -0.63 -13.02
C VAL A 147 2.39 0.84 -12.62
N PRO A 148 3.53 1.14 -11.95
CA PRO A 148 3.81 2.49 -11.46
C PRO A 148 4.15 3.53 -12.55
N HIS A 149 4.02 4.80 -12.16
CA HIS A 149 4.50 6.00 -12.85
C HIS A 149 5.95 6.37 -12.43
N PHE A 150 6.65 7.20 -13.22
CA PHE A 150 8.01 7.65 -12.89
C PHE A 150 8.03 8.76 -11.83
N ALA A 151 8.84 8.57 -10.79
CA ALA A 151 8.98 9.48 -9.64
C ALA A 151 10.41 9.47 -9.05
N MET A 1 22.24 9.02 8.27
CA MET A 1 23.12 9.13 9.47
C MET A 1 23.34 10.61 9.81
N SER A 2 24.09 11.32 8.95
CA SER A 2 24.31 12.78 9.17
C SER A 2 22.97 13.51 9.08
N THR A 3 22.11 13.12 8.13
CA THR A 3 20.76 13.74 7.99
C THR A 3 19.90 13.35 9.19
N LEU A 4 18.96 14.21 9.59
CA LEU A 4 18.05 13.90 10.71
C LEU A 4 16.76 13.28 10.15
N GLU A 5 16.70 13.07 8.83
CA GLU A 5 15.49 12.50 8.17
C GLU A 5 15.05 11.22 8.89
N GLN A 6 16.01 10.44 9.40
CA GLN A 6 15.68 9.16 10.04
C GLN A 6 15.28 9.35 11.52
N LYS A 7 15.86 10.34 12.21
CA LYS A 7 15.40 10.79 13.54
C LYS A 7 14.02 11.46 13.46
N LEU A 8 13.72 12.16 12.37
CA LEU A 8 12.37 12.63 12.06
C LEU A 8 11.36 11.45 11.90
N THR A 9 11.76 10.35 11.25
CA THR A 9 10.94 9.13 11.22
C THR A 9 10.74 8.54 12.62
N GLU A 10 11.77 8.57 13.48
CA GLU A 10 11.70 8.03 14.85
C GLU A 10 10.77 8.85 15.76
N MET A 11 10.76 10.18 15.64
CA MET A 11 9.87 11.05 16.43
C MET A 11 8.39 10.97 15.99
N ILE A 12 8.12 10.50 14.76
CA ILE A 12 6.76 10.15 14.28
C ILE A 12 6.41 8.70 14.67
N THR A 13 7.37 7.77 14.61
CA THR A 13 7.15 6.34 14.90
C THR A 13 6.84 6.08 16.37
N ALA A 14 7.61 6.68 17.30
CA ALA A 14 7.42 6.45 18.74
C ALA A 14 6.00 6.76 19.26
N PRO A 15 5.37 7.92 18.96
CA PRO A 15 3.99 8.19 19.37
C PRO A 15 2.94 7.36 18.61
N VAL A 16 3.18 6.98 17.35
CA VAL A 16 2.24 6.14 16.57
C VAL A 16 2.28 4.68 17.04
N GLU A 17 3.44 4.15 17.41
CA GLU A 17 3.55 2.85 18.08
C GLU A 17 2.91 2.88 19.47
N ALA A 18 3.08 3.99 20.22
CA ALA A 18 2.41 4.18 21.52
C ALA A 18 0.87 4.32 21.40
N LEU A 19 0.36 4.90 20.31
CA LEU A 19 -1.07 4.95 19.97
C LEU A 19 -1.62 3.58 19.52
N GLY A 20 -0.79 2.54 19.38
CA GLY A 20 -1.23 1.16 19.14
C GLY A 20 -1.46 0.81 17.67
N PHE A 21 -0.68 1.39 16.76
CA PHE A 21 -0.63 1.00 15.35
C PHE A 21 0.49 -0.03 15.09
N GLU A 22 0.29 -0.94 14.14
CA GLU A 22 1.16 -2.09 13.86
C GLU A 22 2.12 -1.78 12.71
N LEU A 23 1.62 -1.23 11.60
CA LEU A 23 2.41 -0.75 10.47
C LEU A 23 2.44 0.79 10.48
N VAL A 24 3.64 1.36 10.33
CA VAL A 24 3.86 2.77 10.03
C VAL A 24 5.06 2.92 9.10
N GLY A 25 5.01 3.82 8.14
CA GLY A 25 6.11 4.12 7.22
C GLY A 25 6.04 5.52 6.60
N ILE A 26 7.20 6.04 6.19
CA ILE A 26 7.40 7.39 5.63
C ILE A 26 8.05 7.31 4.24
N GLU A 27 7.62 8.19 3.33
CA GLU A 27 8.21 8.41 2.01
C GLU A 27 8.30 9.91 1.72
N PHE A 28 9.44 10.38 1.18
CA PHE A 28 9.68 11.80 0.93
C PHE A 28 9.31 12.20 -0.49
N ILE A 29 8.68 13.37 -0.65
CA ILE A 29 8.36 13.98 -1.95
C ILE A 29 8.77 15.47 -1.89
N ARG A 30 9.89 15.83 -2.50
CA ARG A 30 10.54 17.16 -2.37
C ARG A 30 9.96 18.20 -3.34
N GLY A 31 10.00 19.48 -2.97
CA GLY A 31 9.68 20.62 -3.85
C GLY A 31 10.04 21.97 -3.21
N ARG A 32 9.45 23.06 -3.69
CA ARG A 32 9.47 24.35 -2.97
C ARG A 32 8.72 24.21 -1.62
N THR A 33 7.55 23.59 -1.65
CA THR A 33 6.98 22.85 -0.51
C THR A 33 7.34 21.38 -0.64
N SER A 34 7.79 20.75 0.46
CA SER A 34 8.18 19.34 0.52
C SER A 34 7.22 18.55 1.41
N THR A 35 6.82 17.37 0.95
CA THR A 35 5.81 16.53 1.59
C THR A 35 6.42 15.27 2.18
N LEU A 36 5.90 14.82 3.31
CA LEU A 36 6.02 13.45 3.81
C LEU A 36 4.73 12.68 3.46
N ARG A 37 4.84 11.60 2.70
CA ARG A 37 3.72 10.66 2.44
C ARG A 37 3.77 9.56 3.49
N ILE A 38 2.78 9.50 4.38
CA ILE A 38 2.71 8.58 5.52
C ILE A 38 1.77 7.40 5.23
N TYR A 39 2.20 6.21 5.59
CA TYR A 39 1.45 4.95 5.50
C TYR A 39 1.17 4.39 6.90
N ILE A 40 -0.04 3.89 7.18
CA ILE A 40 -0.41 3.41 8.53
C ILE A 40 -1.41 2.25 8.52
N ASP A 41 -1.33 1.32 9.49
CA ASP A 41 -2.33 0.27 9.73
C ASP A 41 -2.32 -0.23 11.19
N SER A 42 -3.50 -0.52 11.74
CA SER A 42 -3.58 -1.02 13.15
C SER A 42 -3.87 -2.53 13.14
N GLU A 43 -3.28 -3.28 14.07
CA GLU A 43 -3.57 -4.73 14.18
C GLU A 43 -5.05 -4.88 14.54
N ASP A 44 -5.55 -4.06 15.47
CA ASP A 44 -6.99 -4.08 15.82
C ASP A 44 -7.79 -3.63 14.59
N GLY A 45 -7.27 -2.63 13.85
CA GLY A 45 -7.98 -2.10 12.67
C GLY A 45 -8.62 -0.76 12.99
N ILE A 46 -8.17 0.32 12.33
CA ILE A 46 -8.70 1.68 12.59
C ILE A 46 -9.06 2.32 11.25
N ASN A 47 -10.19 3.04 11.18
CA ASN A 47 -10.66 3.59 9.90
C ASN A 47 -9.71 4.70 9.38
N VAL A 48 -9.63 4.89 8.06
CA VAL A 48 -8.74 5.90 7.42
C VAL A 48 -9.08 7.34 7.79
N ASP A 49 -10.31 7.63 8.21
CA ASP A 49 -10.71 8.95 8.73
C ASP A 49 -10.30 9.15 10.21
N ASP A 50 -10.25 8.06 10.98
CA ASP A 50 -9.76 8.04 12.37
C ASP A 50 -8.22 8.16 12.37
N CYS A 51 -7.54 7.49 11.43
CA CYS A 51 -6.13 7.65 11.10
C CYS A 51 -5.77 9.06 10.60
N ALA A 52 -6.67 9.75 9.88
CA ALA A 52 -6.47 11.14 9.49
C ALA A 52 -6.47 12.08 10.71
N ASP A 53 -7.24 11.81 11.76
CA ASP A 53 -7.20 12.57 13.02
C ASP A 53 -5.92 12.27 13.85
N VAL A 54 -5.36 11.06 13.74
CA VAL A 54 -3.99 10.76 14.23
C VAL A 54 -2.96 11.53 13.41
N SER A 55 -3.12 11.58 12.08
CA SER A 55 -2.22 12.30 11.16
C SER A 55 -2.27 13.81 11.37
N HIS A 56 -3.37 14.35 11.92
CA HIS A 56 -3.45 15.75 12.35
C HIS A 56 -2.47 16.06 13.49
N GLN A 57 -2.28 15.11 14.41
CA GLN A 57 -1.28 15.20 15.47
C GLN A 57 0.15 15.04 14.90
N VAL A 58 0.34 14.19 13.89
CA VAL A 58 1.63 14.08 13.16
C VAL A 58 1.98 15.39 12.46
N SER A 59 1.02 16.04 11.82
CA SER A 59 1.17 17.38 11.21
C SER A 59 1.50 18.46 12.25
N ALA A 60 0.96 18.35 13.48
CA ALA A 60 1.26 19.27 14.57
C ALA A 60 2.73 19.18 15.04
N VAL A 61 3.30 17.96 15.15
CA VAL A 61 4.71 17.75 15.53
C VAL A 61 5.68 17.98 14.38
N LEU A 62 5.30 17.57 13.17
CA LEU A 62 6.17 17.83 11.98
C LEU A 62 6.48 19.33 11.93
N ASP A 63 5.44 20.15 12.10
CA ASP A 63 5.63 21.63 11.99
C ASP A 63 6.58 22.14 13.09
N VAL A 64 6.35 21.74 14.34
CA VAL A 64 7.19 22.25 15.48
C VAL A 64 8.62 21.72 15.39
N GLU A 65 8.79 20.44 15.03
CA GLU A 65 10.14 19.81 15.02
C GLU A 65 11.04 20.49 13.99
N ASP A 66 10.50 20.84 12.82
CA ASP A 66 11.35 21.38 11.73
C ASP A 66 11.32 22.92 11.72
N PRO A 67 12.48 23.60 11.55
CA PRO A 67 12.54 25.06 11.50
C PRO A 67 11.71 25.62 10.33
N ILE A 68 11.71 24.92 9.19
CA ILE A 68 10.95 25.38 7.99
C ILE A 68 9.49 24.93 8.17
N THR A 69 8.77 25.59 9.07
CA THR A 69 7.41 25.17 9.51
C THR A 69 6.44 25.24 8.34
N VAL A 70 6.52 26.30 7.52
CA VAL A 70 5.54 26.49 6.41
C VAL A 70 5.88 25.56 5.25
N ALA A 71 7.13 25.58 4.76
CA ALA A 71 7.49 24.77 3.59
C ALA A 71 7.43 23.23 3.73
N TYR A 72 7.07 22.65 4.88
CA TYR A 72 6.85 21.21 5.03
C TYR A 72 5.35 20.85 5.15
N ASN A 73 4.99 19.71 4.54
CA ASN A 73 3.61 19.22 4.35
C ASN A 73 3.49 17.71 4.66
N LEU A 74 2.27 17.23 4.92
CA LEU A 74 1.95 15.82 5.14
C LEU A 74 0.86 15.35 4.15
N GLU A 75 0.97 14.13 3.64
CA GLU A 75 -0.06 13.45 2.83
C GLU A 75 -0.30 12.03 3.35
N VAL A 76 -1.58 11.65 3.49
CA VAL A 76 -2.01 10.37 4.08
C VAL A 76 -2.25 9.32 2.98
N SER A 77 -1.65 8.14 3.15
CA SER A 77 -1.75 7.13 2.06
C SER A 77 -2.36 5.81 2.54
N SER A 78 -3.11 5.13 1.67
CA SER A 78 -3.73 3.83 2.02
C SER A 78 -2.68 2.73 1.97
N PRO A 79 -2.92 1.51 2.52
CA PRO A 79 -1.97 0.39 2.41
C PRO A 79 -1.74 0.01 0.94
N GLY A 80 -2.69 0.32 0.05
CA GLY A 80 -2.54 0.02 -1.37
C GLY A 80 -3.32 -1.21 -1.79
N LEU A 81 -4.09 -1.80 -0.87
CA LEU A 81 -4.97 -2.93 -1.26
C LEU A 81 -5.99 -2.40 -2.29
N ASP A 82 -6.55 -1.22 -2.03
CA ASP A 82 -7.53 -0.60 -2.96
C ASP A 82 -6.89 -0.25 -4.32
N ARG A 83 -5.66 0.27 -4.31
CA ARG A 83 -5.02 0.72 -5.58
C ARG A 83 -4.68 -0.46 -6.48
N PRO A 84 -4.66 -0.30 -7.82
CA PRO A 84 -4.25 -1.37 -8.74
C PRO A 84 -2.81 -1.81 -8.45
N LEU A 85 -2.45 -3.04 -8.85
CA LEU A 85 -1.10 -3.56 -8.49
C LEU A 85 -0.21 -3.65 -9.73
N PHE A 86 0.93 -2.96 -9.75
CA PHE A 86 1.89 -3.10 -10.87
C PHE A 86 3.28 -3.45 -10.32
N THR A 87 3.59 -2.99 -9.11
CA THR A 87 4.95 -3.20 -8.53
C THR A 87 5.16 -4.67 -8.13
N ALA A 88 6.35 -5.22 -8.37
CA ALA A 88 6.67 -6.61 -7.95
C ALA A 88 6.61 -6.69 -6.42
N GLU A 89 7.10 -5.66 -5.73
CA GLU A 89 7.07 -5.62 -4.25
C GLU A 89 5.61 -5.66 -3.78
N HIS A 90 4.73 -4.95 -4.48
CA HIS A 90 3.28 -4.96 -4.13
C HIS A 90 2.73 -6.38 -4.29
N TYR A 91 3.11 -7.09 -5.36
CA TYR A 91 2.65 -8.48 -5.55
C TYR A 91 3.16 -9.35 -4.40
N ALA A 92 4.40 -9.13 -3.96
CA ALA A 92 4.98 -9.91 -2.84
C ALA A 92 4.19 -9.65 -1.55
N ARG A 93 3.76 -8.40 -1.31
CA ARG A 93 2.99 -8.06 -0.08
C ARG A 93 1.55 -8.52 -0.23
N PHE A 94 1.06 -8.62 -1.47
CA PHE A 94 -0.33 -9.03 -1.73
C PHE A 94 -0.49 -10.50 -2.16
N VAL A 95 0.48 -11.35 -1.82
CA VAL A 95 0.28 -12.82 -1.72
C VAL A 95 -0.87 -13.14 -0.74
N GLY A 96 -1.59 -14.24 -0.98
CA GLY A 96 -2.78 -14.62 -0.23
C GLY A 96 -4.03 -13.78 -0.55
N GLU A 97 -4.00 -12.98 -1.61
CA GLU A 97 -5.16 -12.23 -2.14
C GLU A 97 -5.62 -12.80 -3.49
N GLU A 98 -6.87 -12.53 -3.88
CA GLU A 98 -7.39 -12.82 -5.21
C GLU A 98 -7.29 -11.56 -6.10
N VAL A 99 -6.96 -11.71 -7.37
CA VAL A 99 -6.69 -10.62 -8.31
C VAL A 99 -7.24 -10.94 -9.69
N THR A 100 -7.87 -9.97 -10.35
CA THR A 100 -8.28 -10.03 -11.75
C THR A 100 -7.53 -9.01 -12.62
N LEU A 101 -7.08 -9.43 -13.81
CA LEU A 101 -6.10 -8.71 -14.64
C LEU A 101 -6.45 -8.69 -16.14
N VAL A 102 -5.82 -7.76 -16.86
CA VAL A 102 -5.86 -7.65 -18.33
C VAL A 102 -4.45 -7.64 -18.94
N LEU A 103 -4.29 -8.29 -20.10
CA LEU A 103 -3.00 -8.59 -20.73
C LEU A 103 -2.63 -7.64 -21.88
N ARG A 104 -1.33 -7.34 -21.99
CA ARG A 104 -0.73 -6.46 -23.01
C ARG A 104 -0.67 -7.12 -24.39
N MET A 105 -0.33 -8.42 -24.43
CA MET A 105 -0.25 -9.24 -25.64
C MET A 105 -1.61 -9.86 -26.01
N ALA A 106 -2.57 -8.98 -26.34
CA ALA A 106 -3.94 -9.33 -26.70
C ALA A 106 -4.43 -8.52 -27.91
N VAL A 107 -5.43 -9.04 -28.62
CA VAL A 107 -6.20 -8.31 -29.65
C VAL A 107 -7.39 -7.59 -29.01
N GLN A 108 -8.09 -6.73 -29.75
CA GLN A 108 -9.24 -5.95 -29.23
C GLN A 108 -10.36 -6.82 -28.66
N ASN A 109 -11.22 -6.24 -27.81
CA ASN A 109 -12.37 -6.88 -27.18
C ASN A 109 -11.99 -7.91 -26.07
N ARG A 110 -10.78 -7.75 -25.49
CA ARG A 110 -10.09 -8.77 -24.65
C ARG A 110 -10.77 -9.05 -23.31
N ARG A 111 -10.68 -10.31 -22.85
CA ARG A 111 -11.26 -10.79 -21.58
C ARG A 111 -10.30 -10.61 -20.40
N LYS A 112 -10.84 -10.58 -19.17
CA LYS A 112 -10.06 -10.47 -17.92
C LYS A 112 -9.87 -11.84 -17.26
N TRP A 113 -8.72 -11.97 -16.59
CA TRP A 113 -8.31 -13.28 -16.02
C TRP A 113 -8.20 -13.16 -14.49
N GLN A 114 -8.70 -14.13 -13.72
CA GLN A 114 -8.80 -14.07 -12.24
C GLN A 114 -8.32 -15.34 -11.52
N GLY A 115 -7.50 -15.14 -10.48
CA GLY A 115 -6.93 -16.20 -9.64
C GLY A 115 -6.34 -15.67 -8.32
N VAL A 116 -5.77 -16.58 -7.52
CA VAL A 116 -5.18 -16.28 -6.19
C VAL A 116 -3.66 -16.16 -6.29
N ILE A 117 -3.09 -15.09 -5.72
CA ILE A 117 -1.64 -14.84 -5.69
C ILE A 117 -0.97 -15.70 -4.62
N LYS A 118 -0.08 -16.63 -5.03
CA LYS A 118 0.72 -17.48 -4.12
C LYS A 118 2.05 -16.88 -3.73
N ALA A 119 2.85 -16.47 -4.72
CA ALA A 119 4.26 -16.06 -4.57
C ALA A 119 4.81 -15.35 -5.81
N VAL A 120 6.01 -14.77 -5.68
CA VAL A 120 6.80 -14.16 -6.78
C VAL A 120 8.11 -14.94 -7.00
N ASP A 121 8.42 -15.26 -8.26
CA ASP A 121 9.67 -15.90 -8.68
C ASP A 121 10.41 -14.99 -9.69
N GLY A 122 11.38 -14.20 -9.23
CA GLY A 122 12.04 -13.18 -10.05
C GLY A 122 11.04 -12.09 -10.51
N GLU A 123 10.76 -12.03 -11.82
CA GLU A 123 9.70 -11.19 -12.41
C GLU A 123 8.47 -12.00 -12.91
N MET A 124 8.32 -13.24 -12.44
CA MET A 124 7.12 -14.07 -12.62
C MET A 124 6.21 -14.03 -11.38
N ILE A 125 4.91 -13.89 -11.61
CA ILE A 125 3.85 -13.99 -10.60
C ILE A 125 3.26 -15.40 -10.68
N THR A 126 3.17 -16.09 -9.53
CA THR A 126 2.73 -17.49 -9.45
C THR A 126 1.39 -17.59 -8.71
N VAL A 127 0.41 -18.23 -9.34
CA VAL A 127 -1.02 -18.12 -9.02
C VAL A 127 -1.79 -19.44 -9.14
N THR A 128 -2.92 -19.55 -8.44
CA THR A 128 -3.88 -20.66 -8.64
C THR A 128 -5.15 -20.16 -9.35
N VAL A 129 -5.64 -20.91 -10.36
CA VAL A 129 -6.81 -20.57 -11.16
C VAL A 129 -7.76 -21.79 -11.26
N GLU A 130 -8.92 -21.74 -10.62
CA GLU A 130 -9.89 -22.85 -10.53
C GLU A 130 -9.27 -24.20 -10.08
N GLY A 131 -8.26 -24.13 -9.20
CA GLY A 131 -7.47 -25.29 -8.70
C GLY A 131 -6.20 -25.61 -9.50
N LYS A 132 -5.99 -25.01 -10.67
CA LYS A 132 -4.83 -25.22 -11.55
C LYS A 132 -3.68 -24.29 -11.20
N ASP A 133 -2.45 -24.80 -11.26
CA ASP A 133 -1.21 -24.06 -11.04
C ASP A 133 -0.78 -23.30 -12.32
N GLU A 134 -0.88 -21.96 -12.31
CA GLU A 134 -0.64 -21.10 -13.47
C GLU A 134 0.36 -19.97 -13.16
N VAL A 135 1.01 -19.41 -14.18
CA VAL A 135 1.96 -18.29 -14.02
C VAL A 135 1.71 -17.16 -15.02
N PHE A 136 2.09 -15.94 -14.63
CA PHE A 136 2.00 -14.74 -15.47
C PHE A 136 3.26 -13.87 -15.28
N ALA A 137 3.86 -13.38 -16.37
CA ALA A 137 4.91 -12.38 -16.35
C ALA A 137 4.34 -10.96 -16.13
N LEU A 138 4.80 -10.20 -15.13
CA LEU A 138 4.28 -8.83 -14.91
C LEU A 138 4.60 -7.84 -16.05
N SER A 139 5.53 -8.19 -16.93
CA SER A 139 5.81 -7.53 -18.21
C SER A 139 4.71 -7.69 -19.27
N ASN A 140 3.82 -8.68 -19.11
CA ASN A 140 2.63 -8.88 -19.96
C ASN A 140 1.31 -8.53 -19.27
N ILE A 141 1.29 -8.37 -17.94
CA ILE A 141 0.12 -7.84 -17.20
C ILE A 141 0.09 -6.33 -17.41
N GLN A 142 -0.93 -5.80 -18.08
CA GLN A 142 -1.03 -4.36 -18.37
C GLN A 142 -1.72 -3.57 -17.25
N LYS A 143 -2.78 -4.14 -16.66
CA LYS A 143 -3.40 -3.64 -15.42
C LYS A 143 -4.04 -4.80 -14.64
N ALA A 144 -4.07 -4.68 -13.30
CA ALA A 144 -4.62 -5.67 -12.39
C ALA A 144 -5.26 -5.01 -11.16
N ASN A 145 -6.38 -5.57 -10.69
CA ASN A 145 -7.11 -5.11 -9.50
C ASN A 145 -7.43 -6.27 -8.55
N LEU A 146 -7.40 -5.98 -7.26
CA LEU A 146 -7.63 -6.95 -6.18
C LEU A 146 -9.14 -7.28 -6.04
N VAL A 147 -9.40 -8.47 -5.54
CA VAL A 147 -10.71 -8.98 -5.10
C VAL A 147 -10.65 -9.30 -3.58
N PRO A 148 -11.54 -8.73 -2.75
CA PRO A 148 -11.65 -9.03 -1.32
C PRO A 148 -12.04 -10.49 -1.00
N HIS A 149 -11.86 -10.87 0.26
CA HIS A 149 -12.22 -12.20 0.80
C HIS A 149 -13.72 -12.30 1.21
N PHE A 150 -14.19 -13.51 1.47
CA PHE A 150 -15.61 -13.81 1.68
C PHE A 150 -16.13 -13.64 3.12
N ALA A 151 -15.24 -13.62 4.12
CA ALA A 151 -15.57 -13.82 5.54
C ALA A 151 -16.25 -12.62 6.22
N MET A 1 21.76 10.51 3.37
CA MET A 1 22.70 9.57 4.03
C MET A 1 22.71 9.70 5.55
N SER A 2 23.16 10.83 6.10
CA SER A 2 23.22 11.15 7.53
C SER A 2 22.53 12.48 7.94
N THR A 3 21.71 13.06 7.07
CA THR A 3 20.76 14.15 7.40
C THR A 3 19.71 13.68 8.42
N LEU A 4 19.08 14.62 9.14
CA LEU A 4 18.22 14.31 10.31
C LEU A 4 16.79 13.82 9.98
N GLU A 5 16.55 13.40 8.74
CA GLU A 5 15.23 12.92 8.28
C GLU A 5 14.84 11.55 8.85
N GLN A 6 15.81 10.69 9.19
CA GLN A 6 15.52 9.38 9.79
C GLN A 6 15.20 9.50 11.30
N LYS A 7 15.71 10.53 11.99
CA LYS A 7 15.29 10.96 13.33
C LYS A 7 13.91 11.60 13.31
N LEU A 8 13.57 12.33 12.24
CA LEU A 8 12.21 12.80 11.99
C LEU A 8 11.22 11.62 11.81
N THR A 9 11.65 10.55 11.13
CA THR A 9 10.89 9.28 11.08
C THR A 9 10.80 8.61 12.46
N GLU A 10 11.85 8.66 13.28
CA GLU A 10 11.81 8.13 14.66
C GLU A 10 10.79 8.88 15.53
N MET A 11 10.80 10.21 15.54
CA MET A 11 9.89 11.00 16.38
C MET A 11 8.40 10.90 15.97
N ILE A 12 8.13 10.47 14.73
CA ILE A 12 6.79 10.11 14.23
C ILE A 12 6.44 8.63 14.51
N THR A 13 7.41 7.71 14.43
CA THR A 13 7.22 6.29 14.77
C THR A 13 6.90 6.11 16.24
N ALA A 14 7.60 6.81 17.13
CA ALA A 14 7.47 6.74 18.58
C ALA A 14 6.03 6.91 19.11
N PRO A 15 5.25 7.96 18.76
CA PRO A 15 3.87 8.10 19.19
C PRO A 15 2.91 7.15 18.49
N VAL A 16 3.13 6.80 17.20
CA VAL A 16 2.24 5.85 16.49
C VAL A 16 2.36 4.43 17.07
N GLU A 17 3.56 4.05 17.57
CA GLU A 17 3.76 2.87 18.40
C GLU A 17 3.04 2.97 19.77
N ALA A 18 3.07 4.13 20.44
CA ALA A 18 2.39 4.31 21.72
C ALA A 18 0.85 4.24 21.59
N LEU A 19 0.30 4.71 20.47
CA LEU A 19 -1.12 4.64 20.10
C LEU A 19 -1.58 3.22 19.67
N GLY A 20 -0.66 2.27 19.53
CA GLY A 20 -0.97 0.84 19.33
C GLY A 20 -1.23 0.41 17.87
N PHE A 21 -0.59 1.06 16.87
CA PHE A 21 -0.76 0.69 15.46
C PHE A 21 0.23 -0.41 15.04
N GLU A 22 -0.15 -1.21 14.04
CA GLU A 22 0.61 -2.37 13.59
C GLU A 22 1.70 -1.99 12.57
N LEU A 23 1.32 -1.22 11.54
CA LEU A 23 2.21 -0.62 10.54
C LEU A 23 2.28 0.91 10.70
N VAL A 24 3.50 1.44 10.62
CA VAL A 24 3.77 2.84 10.24
C VAL A 24 4.97 2.94 9.30
N GLY A 25 4.98 3.88 8.36
CA GLY A 25 6.15 4.18 7.53
C GLY A 25 6.07 5.46 6.69
N ILE A 26 7.21 6.02 6.32
CA ILE A 26 7.35 7.31 5.58
C ILE A 26 7.94 7.11 4.17
N GLU A 27 7.37 7.82 3.20
CA GLU A 27 7.84 8.04 1.82
C GLU A 27 8.07 9.55 1.59
N PHE A 28 9.07 9.95 0.80
CA PHE A 28 9.55 11.34 0.75
C PHE A 28 9.39 11.98 -0.65
N ILE A 29 8.69 13.11 -0.72
CA ILE A 29 8.45 13.89 -1.94
C ILE A 29 9.08 15.29 -1.75
N ARG A 30 9.88 15.72 -2.74
CA ARG A 30 10.58 17.02 -2.65
C ARG A 30 9.87 18.05 -3.54
N GLY A 31 10.22 19.33 -3.40
CA GLY A 31 9.57 20.40 -4.19
C GLY A 31 9.74 21.73 -3.49
N ARG A 32 8.94 22.74 -3.85
CA ARG A 32 8.99 24.02 -3.09
C ARG A 32 8.59 23.67 -1.66
N THR A 33 7.59 22.80 -1.50
CA THR A 33 7.22 22.31 -0.14
C THR A 33 7.50 20.81 -0.11
N SER A 34 8.32 20.34 0.83
CA SER A 34 8.69 18.90 0.88
C SER A 34 7.58 18.10 1.59
N THR A 35 6.87 17.26 0.84
CA THR A 35 5.78 16.49 1.44
C THR A 35 6.27 15.13 1.88
N LEU A 36 5.97 14.74 3.12
CA LEU A 36 6.08 13.35 3.57
C LEU A 36 4.75 12.66 3.24
N ARG A 37 4.78 11.40 2.81
CA ARG A 37 3.58 10.56 2.72
C ARG A 37 3.66 9.45 3.75
N ILE A 38 2.67 9.37 4.62
CA ILE A 38 2.61 8.38 5.71
C ILE A 38 1.68 7.21 5.34
N TYR A 39 2.22 6.00 5.52
CA TYR A 39 1.49 4.74 5.47
C TYR A 39 1.17 4.29 6.89
N ILE A 40 -0.06 3.86 7.15
CA ILE A 40 -0.49 3.44 8.49
C ILE A 40 -1.54 2.30 8.44
N ASP A 41 -1.45 1.35 9.38
CA ASP A 41 -2.47 0.32 9.58
C ASP A 41 -2.58 -0.14 11.03
N SER A 42 -3.82 -0.31 11.50
CA SER A 42 -4.15 -0.62 12.90
C SER A 42 -4.28 -2.12 13.15
N GLU A 43 -4.07 -2.51 14.43
CA GLU A 43 -4.49 -3.79 14.99
C GLU A 43 -6.00 -3.76 15.33
N ASP A 44 -6.49 -2.62 15.78
CA ASP A 44 -7.80 -2.42 16.45
C ASP A 44 -9.00 -2.26 15.49
N GLY A 45 -8.81 -2.33 14.16
CA GLY A 45 -9.89 -2.23 13.17
C GLY A 45 -10.27 -0.78 12.82
N ILE A 46 -9.31 0.14 12.85
CA ILE A 46 -9.49 1.58 12.69
C ILE A 46 -9.54 1.93 11.18
N ASN A 47 -10.46 2.82 10.80
CA ASN A 47 -10.60 3.33 9.43
C ASN A 47 -9.70 4.57 9.18
N VAL A 48 -9.35 4.82 7.92
CA VAL A 48 -8.42 5.90 7.53
C VAL A 48 -8.94 7.32 7.81
N ASP A 49 -10.24 7.51 8.02
CA ASP A 49 -10.80 8.78 8.51
C ASP A 49 -10.37 9.12 9.96
N ASP A 50 -10.17 8.12 10.83
CA ASP A 50 -9.57 8.32 12.15
C ASP A 50 -8.05 8.39 12.08
N CYS A 51 -7.43 7.67 11.15
CA CYS A 51 -5.99 7.78 10.87
C CYS A 51 -5.62 9.16 10.29
N ALA A 52 -6.55 9.85 9.63
CA ALA A 52 -6.39 11.25 9.19
C ALA A 52 -6.33 12.24 10.36
N ASP A 53 -7.02 11.95 11.47
CA ASP A 53 -6.93 12.71 12.72
C ASP A 53 -5.64 12.41 13.51
N VAL A 54 -5.14 11.17 13.48
CA VAL A 54 -3.76 10.85 13.94
C VAL A 54 -2.74 11.63 13.11
N SER A 55 -2.93 11.69 11.79
CA SER A 55 -2.05 12.40 10.85
C SER A 55 -2.05 13.92 11.07
N HIS A 56 -3.14 14.49 11.61
CA HIS A 56 -3.17 15.88 12.04
C HIS A 56 -2.28 16.14 13.27
N GLN A 57 -2.24 15.22 14.24
CA GLN A 57 -1.31 15.32 15.36
C GLN A 57 0.15 15.05 14.96
N VAL A 58 0.40 14.10 14.05
CA VAL A 58 1.71 13.89 13.41
C VAL A 58 2.18 15.17 12.71
N SER A 59 1.26 15.85 12.00
CA SER A 59 1.55 17.15 11.36
C SER A 59 1.85 18.25 12.39
N ALA A 60 1.25 18.21 13.58
CA ALA A 60 1.47 19.20 14.63
C ALA A 60 2.80 19.04 15.39
N VAL A 61 3.30 17.81 15.54
CA VAL A 61 4.67 17.58 16.06
C VAL A 61 5.76 17.82 15.01
N LEU A 62 5.44 17.62 13.72
CA LEU A 62 6.26 18.00 12.57
C LEU A 62 6.38 19.54 12.44
N ASP A 63 5.29 20.27 12.67
CA ASP A 63 5.20 21.74 12.60
C ASP A 63 6.17 22.46 13.56
N VAL A 64 6.42 21.87 14.73
CA VAL A 64 7.33 22.44 15.74
C VAL A 64 8.78 21.93 15.69
N GLU A 65 9.05 20.72 15.19
CA GLU A 65 10.41 20.13 15.34
C GLU A 65 11.44 20.74 14.36
N ASP A 66 11.00 21.05 13.15
CA ASP A 66 11.91 21.70 12.16
C ASP A 66 11.59 23.20 12.12
N PRO A 67 12.59 24.09 11.89
CA PRO A 67 12.35 25.54 11.94
C PRO A 67 11.34 26.07 10.92
N ILE A 68 11.40 25.56 9.67
CA ILE A 68 10.50 26.12 8.61
C ILE A 68 9.24 25.25 8.53
N THR A 69 8.13 25.75 9.09
CA THR A 69 6.82 25.05 9.05
C THR A 69 6.30 24.95 7.61
N VAL A 70 6.42 26.03 6.84
CA VAL A 70 5.86 26.05 5.44
C VAL A 70 6.58 25.02 4.57
N ALA A 71 7.91 24.90 4.73
CA ALA A 71 8.69 23.99 3.86
C ALA A 71 8.19 22.54 3.99
N TYR A 72 7.42 22.23 5.04
CA TYR A 72 7.02 20.81 5.26
C TYR A 72 5.50 20.61 5.17
N ASN A 73 5.04 19.46 4.68
CA ASN A 73 3.65 19.05 4.54
C ASN A 73 3.49 17.51 4.69
N LEU A 74 2.29 17.01 4.98
CA LEU A 74 1.95 15.58 5.08
C LEU A 74 0.79 15.16 4.15
N GLU A 75 0.97 14.06 3.43
CA GLU A 75 -0.07 13.28 2.73
C GLU A 75 -0.33 11.95 3.47
N VAL A 76 -1.58 11.47 3.45
CA VAL A 76 -2.00 10.25 4.18
C VAL A 76 -2.39 9.13 3.21
N SER A 77 -1.98 7.89 3.48
CA SER A 77 -2.37 6.72 2.66
C SER A 77 -2.48 5.42 3.49
N SER A 78 -3.44 4.58 3.11
CA SER A 78 -3.59 3.25 3.75
C SER A 78 -3.83 2.21 2.66
N PRO A 79 -2.77 1.58 2.08
CA PRO A 79 -2.96 0.68 0.94
C PRO A 79 -3.81 -0.57 1.25
N GLY A 80 -3.61 -1.18 2.42
CA GLY A 80 -4.34 -2.42 2.75
C GLY A 80 -4.14 -3.47 1.67
N LEU A 81 -2.91 -3.61 1.16
CA LEU A 81 -2.63 -4.55 0.05
C LEU A 81 -2.93 -5.98 0.52
N ASP A 82 -2.59 -6.30 1.76
CA ASP A 82 -2.78 -7.68 2.30
C ASP A 82 -4.19 -8.21 2.04
N ARG A 83 -5.19 -7.33 1.83
CA ARG A 83 -6.58 -7.84 1.67
C ARG A 83 -6.68 -8.83 0.49
N PRO A 84 -7.29 -10.04 0.60
CA PRO A 84 -7.31 -11.00 -0.51
C PRO A 84 -8.03 -10.47 -1.76
N LEU A 85 -7.60 -10.90 -2.95
CA LEU A 85 -8.20 -10.36 -4.20
C LEU A 85 -8.99 -11.46 -4.93
N PHE A 86 -10.28 -11.24 -5.18
CA PHE A 86 -11.08 -12.22 -5.96
C PHE A 86 -11.75 -11.56 -7.17
N THR A 87 -11.89 -10.23 -7.17
CA THR A 87 -12.63 -9.55 -8.27
C THR A 87 -11.82 -9.58 -9.57
N ALA A 88 -12.49 -9.85 -10.70
CA ALA A 88 -11.81 -9.88 -12.02
C ALA A 88 -11.33 -8.47 -12.38
N GLU A 89 -12.23 -7.49 -12.41
CA GLU A 89 -11.82 -6.09 -12.66
C GLU A 89 -10.62 -5.66 -11.80
N HIS A 90 -10.46 -6.21 -10.58
CA HIS A 90 -9.31 -5.90 -9.71
C HIS A 90 -8.06 -6.64 -10.17
N TYR A 91 -8.20 -7.93 -10.52
CA TYR A 91 -7.07 -8.72 -11.10
C TYR A 91 -6.56 -7.99 -12.35
N ALA A 92 -7.45 -7.52 -13.22
CA ALA A 92 -7.12 -6.81 -14.47
C ALA A 92 -6.48 -5.42 -14.24
N ARG A 93 -6.70 -4.84 -13.06
CA ARG A 93 -6.05 -3.54 -12.72
C ARG A 93 -4.79 -3.80 -11.90
N PHE A 94 -4.63 -5.03 -11.38
CA PHE A 94 -3.44 -5.38 -10.55
C PHE A 94 -2.48 -6.26 -11.36
N VAL A 95 -2.60 -6.22 -12.69
CA VAL A 95 -1.70 -7.03 -13.58
C VAL A 95 -0.27 -6.52 -13.42
N GLY A 96 0.72 -7.40 -13.59
CA GLY A 96 2.13 -7.02 -13.39
C GLY A 96 2.56 -7.19 -11.94
N GLU A 97 1.69 -7.77 -11.10
CA GLU A 97 2.01 -7.92 -9.65
C GLU A 97 2.05 -9.40 -9.28
N GLU A 98 2.98 -9.79 -8.39
CA GLU A 98 3.07 -11.17 -7.92
C GLU A 98 1.92 -11.49 -6.95
N VAL A 99 1.43 -12.73 -6.96
CA VAL A 99 0.33 -13.22 -6.13
C VAL A 99 0.65 -14.63 -5.61
N THR A 100 0.27 -14.94 -4.36
CA THR A 100 0.26 -16.30 -3.78
C THR A 100 -1.16 -16.80 -3.52
N LEU A 101 -1.48 -18.03 -3.95
CA LEU A 101 -2.84 -18.59 -3.91
C LEU A 101 -2.91 -20.06 -3.46
N VAL A 102 -4.13 -20.46 -3.09
CA VAL A 102 -4.56 -21.84 -2.81
C VAL A 102 -5.88 -22.17 -3.55
N LEU A 103 -6.00 -23.41 -4.05
CA LEU A 103 -7.14 -23.88 -4.86
C LEU A 103 -8.17 -24.65 -4.04
N ARG A 104 -9.46 -24.46 -4.37
CA ARG A 104 -10.61 -24.95 -3.60
C ARG A 104 -10.88 -26.44 -3.77
N MET A 105 -10.66 -26.97 -4.98
CA MET A 105 -10.83 -28.40 -5.31
C MET A 105 -9.82 -29.31 -4.58
N ALA A 106 -8.62 -28.80 -4.28
CA ALA A 106 -7.52 -29.61 -3.71
C ALA A 106 -7.82 -30.14 -2.31
N VAL A 107 -7.26 -31.31 -2.01
CA VAL A 107 -7.38 -32.05 -0.75
C VAL A 107 -6.11 -31.93 0.11
N GLN A 108 -6.15 -32.40 1.35
CA GLN A 108 -5.06 -32.25 2.32
C GLN A 108 -3.67 -32.71 1.79
N ASN A 109 -2.62 -32.05 2.28
CA ASN A 109 -1.26 -32.00 1.72
C ASN A 109 -1.07 -31.11 0.46
N ARG A 110 -2.03 -30.20 0.17
CA ARG A 110 -1.92 -29.21 -0.91
C ARG A 110 -0.88 -28.12 -0.64
N ARG A 111 -0.35 -27.49 -1.69
CA ARG A 111 0.71 -26.46 -1.67
C ARG A 111 0.19 -25.08 -2.09
N LYS A 112 0.96 -24.03 -1.77
CA LYS A 112 0.72 -22.64 -2.21
C LYS A 112 1.48 -22.34 -3.49
N TRP A 113 0.79 -21.74 -4.46
CA TRP A 113 1.31 -21.43 -5.79
C TRP A 113 1.55 -19.92 -5.91
N GLN A 114 2.77 -19.50 -6.30
CA GLN A 114 3.20 -18.10 -6.31
C GLN A 114 3.76 -17.69 -7.68
N GLY A 115 3.25 -16.58 -8.24
CA GLY A 115 3.59 -16.16 -9.60
C GLY A 115 2.99 -14.81 -10.00
N VAL A 116 3.39 -14.27 -11.14
CA VAL A 116 3.02 -12.94 -11.64
C VAL A 116 1.75 -12.97 -12.50
N ILE A 117 0.83 -12.04 -12.28
CA ILE A 117 -0.40 -11.88 -13.06
C ILE A 117 -0.11 -11.01 -14.29
N LYS A 118 -0.56 -11.43 -15.49
CA LYS A 118 -0.32 -10.71 -16.76
C LYS A 118 -1.59 -10.14 -17.40
N ALA A 119 -2.64 -10.95 -17.56
CA ALA A 119 -3.93 -10.50 -18.09
C ALA A 119 -5.10 -11.43 -17.71
N VAL A 120 -6.31 -10.90 -17.69
CA VAL A 120 -7.57 -11.63 -17.41
C VAL A 120 -8.39 -11.81 -18.69
N ASP A 121 -8.81 -13.04 -18.97
CA ASP A 121 -9.60 -13.45 -20.15
C ASP A 121 -10.90 -14.15 -19.70
N GLY A 122 -12.02 -13.42 -19.67
CA GLY A 122 -13.33 -13.92 -19.24
C GLY A 122 -13.35 -14.32 -17.75
N GLU A 123 -13.31 -15.63 -17.49
CA GLU A 123 -13.18 -16.24 -16.15
C GLU A 123 -11.84 -17.00 -15.93
N MET A 124 -10.83 -16.73 -16.77
CA MET A 124 -9.49 -17.32 -16.76
C MET A 124 -8.41 -16.23 -16.58
N ILE A 125 -7.29 -16.55 -15.94
CA ILE A 125 -6.17 -15.62 -15.69
C ILE A 125 -4.87 -16.18 -16.30
N THR A 126 -4.14 -15.36 -17.04
CA THR A 126 -2.82 -15.65 -17.63
C THR A 126 -1.70 -15.19 -16.70
N VAL A 127 -0.73 -16.09 -16.43
CA VAL A 127 0.22 -15.96 -15.33
C VAL A 127 1.64 -16.47 -15.69
N THR A 128 2.66 -15.91 -15.03
CA THR A 128 4.02 -16.47 -14.99
C THR A 128 4.22 -17.18 -13.65
N VAL A 129 4.18 -18.51 -13.62
CA VAL A 129 4.28 -19.34 -12.40
C VAL A 129 5.64 -20.01 -12.37
N GLU A 130 6.52 -19.56 -11.48
CA GLU A 130 7.91 -20.02 -11.33
C GLU A 130 8.67 -19.99 -12.69
N GLY A 131 8.54 -18.88 -13.41
CA GLY A 131 9.13 -18.65 -14.73
C GLY A 131 8.44 -19.35 -15.91
N LYS A 132 7.33 -20.08 -15.71
CA LYS A 132 6.57 -20.78 -16.76
C LYS A 132 5.29 -20.03 -17.14
N ASP A 133 4.99 -19.94 -18.42
CA ASP A 133 3.75 -19.31 -18.94
C ASP A 133 2.54 -20.26 -18.83
N GLU A 134 1.61 -19.96 -17.91
CA GLU A 134 0.54 -20.88 -17.44
C GLU A 134 -0.81 -20.12 -17.29
N VAL A 135 -1.91 -20.86 -17.02
CA VAL A 135 -3.25 -20.30 -16.74
C VAL A 135 -3.94 -20.91 -15.51
N PHE A 136 -4.82 -20.14 -14.88
CA PHE A 136 -5.72 -20.61 -13.81
C PHE A 136 -7.19 -20.18 -14.08
N ALA A 137 -8.14 -21.04 -13.68
CA ALA A 137 -9.57 -20.72 -13.63
C ALA A 137 -9.93 -20.01 -12.32
N LEU A 138 -10.38 -18.74 -12.37
CA LEU A 138 -10.53 -17.91 -11.17
C LEU A 138 -11.63 -18.39 -10.20
N SER A 139 -12.62 -19.12 -10.69
CA SER A 139 -13.66 -19.77 -9.86
C SER A 139 -13.13 -20.90 -8.98
N ASN A 140 -12.00 -21.52 -9.33
CA ASN A 140 -11.37 -22.59 -8.55
C ASN A 140 -10.44 -22.08 -7.44
N ILE A 141 -10.17 -20.76 -7.38
CA ILE A 141 -9.34 -20.15 -6.34
C ILE A 141 -10.13 -20.06 -5.04
N GLN A 142 -9.52 -20.46 -3.92
CA GLN A 142 -10.10 -20.35 -2.57
C GLN A 142 -9.62 -19.09 -1.85
N LYS A 143 -8.34 -18.76 -1.95
CA LYS A 143 -7.76 -17.49 -1.47
C LYS A 143 -6.54 -17.10 -2.31
N ALA A 144 -6.36 -15.81 -2.53
CA ALA A 144 -5.21 -15.22 -3.24
C ALA A 144 -4.81 -13.87 -2.62
N ASN A 145 -3.50 -13.63 -2.47
CA ASN A 145 -2.94 -12.42 -1.86
C ASN A 145 -1.79 -11.84 -2.71
N LEU A 146 -1.73 -10.52 -2.84
CA LEU A 146 -0.70 -9.78 -3.58
C LEU A 146 0.63 -9.76 -2.82
N VAL A 147 1.73 -9.89 -3.57
CA VAL A 147 3.13 -9.85 -3.11
C VAL A 147 3.86 -8.66 -3.79
N PRO A 148 4.63 -7.84 -3.05
CA PRO A 148 5.47 -6.80 -3.64
C PRO A 148 6.75 -7.37 -4.26
N HIS A 149 7.41 -6.64 -5.16
CA HIS A 149 8.69 -7.09 -5.77
C HIS A 149 9.77 -7.39 -4.73
N PHE A 150 10.72 -8.28 -5.05
CA PHE A 150 11.70 -8.74 -4.08
C PHE A 150 12.71 -7.66 -3.68
N ALA A 151 12.59 -7.23 -2.40
CA ALA A 151 13.41 -6.23 -1.70
C ALA A 151 13.72 -6.68 -0.27
N MET A 1 21.36 8.99 4.66
CA MET A 1 22.76 8.70 5.04
C MET A 1 23.15 9.46 6.31
N SER A 2 23.29 10.78 6.21
CA SER A 2 23.58 11.62 7.40
C SER A 2 22.35 12.49 7.67
N THR A 3 21.29 12.26 6.88
CA THR A 3 20.03 13.04 7.04
C THR A 3 19.36 12.68 8.36
N LEU A 4 18.64 13.63 8.96
CA LEU A 4 17.91 13.36 10.22
C LEU A 4 16.49 12.92 9.87
N GLU A 5 16.23 12.68 8.58
CA GLU A 5 14.88 12.25 8.13
C GLU A 5 14.50 10.89 8.74
N GLN A 6 15.48 10.00 8.95
CA GLN A 6 15.15 8.73 9.62
C GLN A 6 15.00 8.94 11.14
N LYS A 7 15.73 9.90 11.71
CA LYS A 7 15.52 10.40 13.08
C LYS A 7 14.16 11.08 13.25
N LEU A 8 13.69 11.81 12.23
CA LEU A 8 12.32 12.33 12.16
C LEU A 8 11.28 11.19 12.06
N THR A 9 11.53 10.12 11.30
CA THR A 9 10.68 8.93 11.29
C THR A 9 10.60 8.26 12.66
N GLU A 10 11.67 8.29 13.46
CA GLU A 10 11.67 7.80 14.85
C GLU A 10 10.80 8.69 15.77
N MET A 11 10.87 10.01 15.60
CA MET A 11 10.06 10.99 16.33
C MET A 11 8.55 10.87 16.00
N ILE A 12 8.22 10.51 14.76
CA ILE A 12 6.84 10.23 14.30
C ILE A 12 6.38 8.84 14.80
N THR A 13 7.29 7.86 14.85
CA THR A 13 7.00 6.51 15.36
C THR A 13 6.66 6.53 16.86
N ALA A 14 7.21 7.46 17.64
CA ALA A 14 6.93 7.59 19.09
C ALA A 14 5.42 7.62 19.41
N PRO A 15 4.63 8.64 18.99
CA PRO A 15 3.19 8.69 19.29
C PRO A 15 2.37 7.60 18.58
N VAL A 16 2.84 7.07 17.45
CA VAL A 16 2.11 6.07 16.65
C VAL A 16 2.26 4.65 17.23
N GLU A 17 3.43 4.26 17.72
CA GLU A 17 3.61 3.01 18.47
C GLU A 17 3.04 3.11 19.90
N ALA A 18 2.99 4.31 20.49
CA ALA A 18 2.24 4.56 21.73
C ALA A 18 0.72 4.37 21.57
N LEU A 19 0.19 4.47 20.33
CA LEU A 19 -1.19 4.17 19.97
C LEU A 19 -1.37 2.77 19.33
N GLY A 20 -0.35 1.91 19.33
CA GLY A 20 -0.49 0.51 18.97
C GLY A 20 -0.78 0.21 17.49
N PHE A 21 -0.21 0.99 16.56
CA PHE A 21 -0.43 0.80 15.13
C PHE A 21 0.56 -0.23 14.52
N GLU A 22 0.08 -0.95 13.50
CA GLU A 22 0.78 -2.07 12.86
C GLU A 22 1.71 -1.62 11.74
N LEU A 23 1.29 -0.63 10.94
CA LEU A 23 2.14 0.07 9.97
C LEU A 23 2.38 1.52 10.40
N VAL A 24 3.64 1.94 10.33
CA VAL A 24 4.05 3.33 10.18
C VAL A 24 5.27 3.40 9.24
N GLY A 25 5.16 4.18 8.16
CA GLY A 25 6.19 4.31 7.12
C GLY A 25 6.16 5.66 6.42
N ILE A 26 7.31 6.10 5.90
CA ILE A 26 7.49 7.45 5.30
C ILE A 26 8.15 7.34 3.92
N GLU A 27 7.62 8.11 2.97
CA GLU A 27 8.14 8.33 1.61
C GLU A 27 8.33 9.84 1.35
N PHE A 28 9.31 10.23 0.55
CA PHE A 28 9.66 11.64 0.26
C PHE A 28 9.46 12.00 -1.22
N ILE A 29 8.77 13.12 -1.47
CA ILE A 29 8.57 13.71 -2.81
C ILE A 29 8.96 15.19 -2.78
N ARG A 30 10.17 15.50 -3.28
CA ARG A 30 10.77 16.85 -3.20
C ARG A 30 10.31 17.78 -4.32
N GLY A 31 10.28 19.07 -4.03
CA GLY A 31 10.05 20.15 -5.00
C GLY A 31 10.44 21.50 -4.42
N ARG A 32 9.85 22.59 -4.92
CA ARG A 32 9.88 23.91 -4.25
C ARG A 32 9.08 23.88 -2.93
N THR A 33 7.96 23.17 -2.92
CA THR A 33 7.42 22.51 -1.72
C THR A 33 7.85 21.04 -1.73
N SER A 34 8.26 20.50 -0.59
CA SER A 34 8.60 19.09 -0.42
C SER A 34 7.58 18.38 0.49
N THR A 35 7.17 17.19 0.08
CA THR A 35 6.13 16.39 0.70
C THR A 35 6.73 15.18 1.41
N LEU A 36 6.25 14.88 2.59
CA LEU A 36 6.29 13.55 3.19
C LEU A 36 4.96 12.84 2.88
N ARG A 37 5.00 11.58 2.50
CA ARG A 37 3.82 10.73 2.34
C ARG A 37 3.87 9.62 3.40
N ILE A 38 2.93 9.64 4.34
CA ILE A 38 2.87 8.73 5.49
C ILE A 38 1.89 7.59 5.24
N TYR A 39 2.33 6.37 5.52
CA TYR A 39 1.55 5.14 5.38
C TYR A 39 1.21 4.59 6.76
N ILE A 40 -0.07 4.20 6.97
CA ILE A 40 -0.60 3.79 8.29
C ILE A 40 -1.60 2.63 8.19
N ASP A 41 -1.57 1.74 9.17
CA ASP A 41 -2.52 0.63 9.35
C ASP A 41 -2.58 0.16 10.81
N SER A 42 -3.77 -0.16 11.30
CA SER A 42 -4.03 -0.57 12.70
C SER A 42 -3.97 -2.08 12.91
N GLU A 43 -3.67 -2.52 14.15
CA GLU A 43 -3.67 -3.94 14.55
C GLU A 43 -5.11 -4.45 14.80
N ASP A 44 -6.02 -3.58 15.22
CA ASP A 44 -7.34 -3.93 15.78
C ASP A 44 -8.55 -3.51 14.90
N GLY A 45 -8.33 -2.86 13.75
CA GLY A 45 -9.39 -2.34 12.89
C GLY A 45 -9.85 -0.94 13.28
N ILE A 46 -9.32 0.07 12.59
CA ILE A 46 -9.62 1.50 12.75
C ILE A 46 -9.89 2.11 11.36
N ASN A 47 -10.83 3.05 11.26
CA ASN A 47 -11.21 3.71 10.01
C ASN A 47 -10.13 4.71 9.54
N VAL A 48 -10.06 4.94 8.22
CA VAL A 48 -9.14 5.93 7.63
C VAL A 48 -9.32 7.35 8.22
N ASP A 49 -10.53 7.75 8.62
CA ASP A 49 -10.81 9.05 9.20
C ASP A 49 -10.14 9.27 10.57
N ASP A 50 -10.07 8.24 11.40
CA ASP A 50 -9.42 8.29 12.72
C ASP A 50 -7.91 8.06 12.61
N CYS A 51 -7.46 7.29 11.60
CA CYS A 51 -6.04 7.23 11.22
C CYS A 51 -5.53 8.59 10.67
N ALA A 52 -6.40 9.33 9.96
CA ALA A 52 -6.15 10.70 9.57
C ALA A 52 -6.17 11.67 10.77
N ASP A 53 -6.98 11.42 11.82
CA ASP A 53 -6.97 12.19 13.06
C ASP A 53 -5.66 12.03 13.85
N VAL A 54 -5.11 10.81 13.90
CA VAL A 54 -3.76 10.55 14.42
C VAL A 54 -2.70 11.23 13.53
N SER A 55 -2.87 11.17 12.20
CA SER A 55 -1.97 11.88 11.25
C SER A 55 -2.06 13.41 11.39
N HIS A 56 -3.16 13.95 11.92
CA HIS A 56 -3.33 15.36 12.25
C HIS A 56 -2.53 15.77 13.50
N GLN A 57 -2.35 14.82 14.44
CA GLN A 57 -1.39 14.95 15.56
C GLN A 57 0.06 14.88 15.04
N VAL A 58 0.33 14.04 14.04
CA VAL A 58 1.64 14.01 13.35
C VAL A 58 1.94 15.36 12.68
N SER A 59 0.98 15.98 11.99
CA SER A 59 1.10 17.36 11.46
C SER A 59 1.42 18.39 12.56
N ALA A 60 0.97 18.19 13.81
CA ALA A 60 1.33 19.08 14.92
C ALA A 60 2.82 18.94 15.30
N VAL A 61 3.27 17.73 15.66
CA VAL A 61 4.65 17.50 16.13
C VAL A 61 5.71 17.67 15.04
N LEU A 62 5.31 17.50 13.78
CA LEU A 62 6.25 17.67 12.64
C LEU A 62 6.44 19.17 12.37
N ASP A 63 5.34 19.94 12.32
CA ASP A 63 5.43 21.37 11.97
C ASP A 63 6.26 22.15 13.02
N VAL A 64 6.06 21.87 14.31
CA VAL A 64 6.88 22.54 15.36
C VAL A 64 8.35 22.15 15.20
N GLU A 65 8.63 20.87 14.90
CA GLU A 65 10.03 20.38 14.78
C GLU A 65 10.76 21.07 13.62
N ASP A 66 10.09 21.26 12.49
CA ASP A 66 10.80 21.80 11.29
C ASP A 66 10.36 23.24 10.99
N PRO A 67 11.30 24.19 10.80
CA PRO A 67 10.96 25.60 10.55
C PRO A 67 10.15 25.75 9.26
N ILE A 68 10.49 24.98 8.22
CA ILE A 68 9.77 25.08 6.92
C ILE A 68 8.49 24.25 6.99
N THR A 69 7.48 24.77 7.71
CA THR A 69 6.05 24.50 7.44
C THR A 69 5.68 25.02 6.05
N VAL A 70 6.24 26.17 5.66
CA VAL A 70 5.89 26.80 4.33
C VAL A 70 6.30 25.84 3.21
N ALA A 71 7.48 25.20 3.32
CA ALA A 71 7.97 24.32 2.24
C ALA A 71 7.81 22.85 2.63
N TYR A 72 7.14 22.59 3.76
CA TYR A 72 6.92 21.18 4.21
C TYR A 72 5.43 20.84 4.26
N ASN A 73 5.08 19.68 3.70
CA ASN A 73 3.71 19.16 3.56
C ASN A 73 3.63 17.65 3.89
N LEU A 74 2.49 17.18 4.39
CA LEU A 74 2.22 15.77 4.72
C LEU A 74 0.97 15.27 3.99
N GLU A 75 1.11 14.19 3.20
CA GLU A 75 0.00 13.44 2.59
C GLU A 75 -0.16 12.08 3.30
N VAL A 76 -1.39 11.59 3.46
CA VAL A 76 -1.72 10.39 4.25
C VAL A 76 -2.25 9.28 3.35
N SER A 77 -1.74 8.05 3.50
CA SER A 77 -2.15 6.99 2.54
C SER A 77 -2.34 5.62 3.20
N SER A 78 -3.24 4.81 2.64
CA SER A 78 -3.46 3.41 3.14
C SER A 78 -2.30 2.54 2.63
N PRO A 79 -2.08 1.31 3.15
CA PRO A 79 -0.92 0.52 2.73
C PRO A 79 -0.90 0.25 1.22
N GLY A 80 -2.05 -0.08 0.62
CA GLY A 80 -2.09 -0.23 -0.85
C GLY A 80 -2.79 -1.48 -1.34
N LEU A 81 -2.53 -1.88 -2.59
CA LEU A 81 -3.14 -3.10 -3.17
C LEU A 81 -2.16 -4.26 -2.99
N ASP A 82 -1.15 -4.07 -2.12
CA ASP A 82 -0.10 -5.10 -1.90
C ASP A 82 -0.74 -6.41 -1.41
N ARG A 83 -1.83 -6.33 -0.66
CA ARG A 83 -2.45 -7.56 -0.09
C ARG A 83 -2.78 -8.53 -1.23
N PRO A 84 -2.47 -9.84 -1.08
CA PRO A 84 -2.66 -10.81 -2.18
C PRO A 84 -4.02 -11.54 -2.21
N LEU A 85 -4.28 -12.31 -3.28
CA LEU A 85 -5.53 -13.05 -3.39
C LEU A 85 -5.34 -14.49 -2.89
N PHE A 86 -6.31 -14.96 -2.10
CA PHE A 86 -6.39 -16.34 -1.57
C PHE A 86 -7.81 -16.90 -1.49
N THR A 87 -8.82 -16.05 -1.31
CA THR A 87 -10.19 -16.50 -0.95
C THR A 87 -10.92 -17.06 -2.17
N ALA A 88 -11.63 -18.18 -2.02
CA ALA A 88 -12.22 -18.86 -3.17
C ALA A 88 -13.49 -18.15 -3.71
N GLU A 89 -14.30 -17.51 -2.85
CA GLU A 89 -15.38 -16.62 -3.30
C GLU A 89 -14.87 -15.30 -3.90
N HIS A 90 -13.63 -14.88 -3.62
CA HIS A 90 -12.99 -13.76 -4.32
C HIS A 90 -12.48 -14.17 -5.71
N TYR A 91 -11.87 -15.34 -5.86
CA TYR A 91 -11.60 -15.94 -7.18
C TYR A 91 -12.88 -16.05 -8.04
N ALA A 92 -14.04 -16.32 -7.43
CA ALA A 92 -15.34 -16.32 -8.12
C ALA A 92 -15.84 -14.93 -8.56
N ARG A 93 -15.42 -13.84 -7.89
CA ARG A 93 -15.62 -12.45 -8.34
C ARG A 93 -14.64 -12.02 -9.44
N PHE A 94 -13.45 -12.63 -9.48
CA PHE A 94 -12.38 -12.36 -10.45
C PHE A 94 -12.36 -13.34 -11.63
N VAL A 95 -13.48 -14.01 -11.94
CA VAL A 95 -13.65 -14.71 -13.24
C VAL A 95 -13.56 -13.71 -14.40
N GLY A 96 -12.86 -14.12 -15.45
CA GLY A 96 -12.49 -13.30 -16.61
C GLY A 96 -11.31 -12.35 -16.37
N GLU A 97 -10.64 -12.43 -15.22
CA GLU A 97 -9.51 -11.58 -14.83
C GLU A 97 -8.18 -12.35 -14.79
N GLU A 98 -7.04 -11.66 -14.82
CA GLU A 98 -5.71 -12.27 -14.87
C GLU A 98 -5.02 -12.22 -13.50
N VAL A 99 -4.24 -13.25 -13.15
CA VAL A 99 -3.60 -13.39 -11.82
C VAL A 99 -2.22 -14.06 -11.97
N THR A 100 -1.22 -13.62 -11.20
CA THR A 100 0.15 -14.19 -11.17
C THR A 100 0.55 -14.72 -9.78
N LEU A 101 1.16 -15.90 -9.73
CA LEU A 101 1.28 -16.72 -8.50
C LEU A 101 2.62 -17.46 -8.33
N VAL A 102 2.83 -17.96 -7.10
CA VAL A 102 3.92 -18.88 -6.69
C VAL A 102 3.35 -20.10 -5.94
N LEU A 103 3.92 -21.28 -6.19
CA LEU A 103 3.30 -22.52 -5.61
C LEU A 103 4.10 -23.10 -4.44
N ARG A 104 3.40 -23.74 -3.49
CA ARG A 104 4.07 -24.39 -2.33
C ARG A 104 4.94 -25.56 -2.79
N MET A 105 4.52 -26.30 -3.83
CA MET A 105 5.27 -27.52 -4.23
C MET A 105 6.72 -27.15 -4.59
N ALA A 106 6.93 -26.05 -5.34
CA ALA A 106 8.32 -25.60 -5.59
C ALA A 106 8.83 -24.97 -4.30
N VAL A 107 10.02 -25.37 -3.84
CA VAL A 107 10.50 -24.86 -2.51
C VAL A 107 11.76 -23.99 -2.68
N GLN A 108 12.47 -24.10 -3.81
CA GLN A 108 13.75 -23.36 -3.95
C GLN A 108 13.91 -22.81 -5.38
N ASN A 109 14.65 -21.71 -5.55
CA ASN A 109 14.92 -21.13 -6.88
C ASN A 109 13.71 -21.33 -7.80
N ARG A 110 12.54 -20.84 -7.39
CA ARG A 110 11.31 -21.06 -8.18
C ARG A 110 10.85 -19.83 -8.96
N ARG A 111 10.05 -20.09 -10.00
CA ARG A 111 9.44 -19.10 -10.91
C ARG A 111 8.04 -18.69 -10.49
N LYS A 112 7.59 -17.54 -11.01
CA LYS A 112 6.19 -17.05 -10.94
C LYS A 112 5.46 -17.44 -12.23
N TRP A 113 4.15 -17.71 -12.13
CA TRP A 113 3.32 -18.17 -13.25
C TRP A 113 2.04 -17.32 -13.38
N GLN A 114 1.68 -16.90 -14.59
CA GLN A 114 0.55 -15.98 -14.84
C GLN A 114 -0.51 -16.59 -15.78
N GLY A 115 -1.80 -16.39 -15.44
CA GLY A 115 -2.94 -16.90 -16.20
C GLY A 115 -4.28 -16.26 -15.85
N VAL A 116 -5.27 -16.42 -16.74
CA VAL A 116 -6.63 -15.90 -16.62
C VAL A 116 -7.54 -16.89 -15.91
N ILE A 117 -8.35 -16.40 -14.97
CA ILE A 117 -9.32 -17.19 -14.19
C ILE A 117 -10.60 -17.39 -15.01
N LYS A 118 -10.95 -18.66 -15.28
CA LYS A 118 -12.16 -19.02 -16.03
C LYS A 118 -13.35 -19.27 -15.10
N ALA A 119 -13.22 -20.23 -14.17
CA ALA A 119 -14.24 -20.56 -13.16
C ALA A 119 -13.64 -21.36 -11.98
N VAL A 120 -14.35 -21.37 -10.84
CA VAL A 120 -14.01 -22.13 -9.62
C VAL A 120 -14.92 -23.34 -9.46
N ASP A 121 -14.38 -24.48 -9.01
CA ASP A 121 -15.15 -25.69 -8.64
C ASP A 121 -14.60 -26.27 -7.33
N GLY A 122 -15.23 -25.96 -6.21
CA GLY A 122 -14.82 -26.44 -4.88
C GLY A 122 -13.37 -26.04 -4.52
N GLU A 123 -12.51 -27.03 -4.33
CA GLU A 123 -11.07 -26.85 -4.02
C GLU A 123 -10.19 -26.49 -5.24
N MET A 124 -10.78 -26.43 -6.45
CA MET A 124 -10.07 -26.33 -7.74
C MET A 124 -10.45 -25.06 -8.51
N ILE A 125 -9.49 -24.51 -9.26
CA ILE A 125 -9.68 -23.34 -10.13
C ILE A 125 -9.29 -23.70 -11.57
N THR A 126 -10.17 -23.40 -12.53
CA THR A 126 -9.92 -23.55 -13.97
C THR A 126 -9.34 -22.26 -14.56
N VAL A 127 -8.28 -22.39 -15.34
CA VAL A 127 -7.42 -21.27 -15.78
C VAL A 127 -6.90 -21.47 -17.21
N THR A 128 -6.64 -20.36 -17.90
CA THR A 128 -5.79 -20.34 -19.10
C THR A 128 -4.44 -19.71 -18.75
N VAL A 129 -3.40 -20.52 -18.58
CA VAL A 129 -2.06 -20.10 -18.11
C VAL A 129 -1.10 -20.04 -19.28
N GLU A 130 -0.58 -18.85 -19.62
CA GLU A 130 0.31 -18.65 -20.77
C GLU A 130 -0.29 -19.24 -22.08
N GLY A 131 -1.59 -19.04 -22.28
CA GLY A 131 -2.37 -19.58 -23.41
C GLY A 131 -2.80 -21.07 -23.30
N LYS A 132 -2.40 -21.81 -22.26
CA LYS A 132 -2.65 -23.25 -22.08
C LYS A 132 -3.80 -23.54 -21.10
N ASP A 133 -4.69 -24.45 -21.41
CA ASP A 133 -5.78 -24.89 -20.51
C ASP A 133 -5.22 -25.72 -19.34
N GLU A 134 -5.46 -25.28 -18.10
CA GLU A 134 -4.83 -25.79 -16.88
C GLU A 134 -5.81 -25.74 -15.68
N VAL A 135 -5.48 -26.44 -14.61
CA VAL A 135 -6.16 -26.30 -13.30
C VAL A 135 -5.16 -26.17 -12.14
N PHE A 136 -5.52 -25.38 -11.13
CA PHE A 136 -4.80 -25.26 -9.85
C PHE A 136 -5.66 -25.75 -8.68
N ALA A 137 -5.02 -26.34 -7.67
CA ALA A 137 -5.61 -26.57 -6.35
C ALA A 137 -5.30 -25.36 -5.45
N LEU A 138 -6.32 -24.72 -4.88
CA LEU A 138 -6.20 -23.46 -4.14
C LEU A 138 -5.43 -23.55 -2.79
N SER A 139 -5.14 -24.75 -2.28
CA SER A 139 -4.20 -24.97 -1.16
C SER A 139 -2.73 -25.07 -1.60
N ASN A 140 -2.47 -25.41 -2.87
CA ASN A 140 -1.11 -25.46 -3.46
C ASN A 140 -0.61 -24.06 -3.89
N ILE A 141 -1.50 -23.06 -3.98
CA ILE A 141 -1.11 -21.67 -4.24
C ILE A 141 -0.58 -21.07 -2.93
N GLN A 142 0.68 -20.65 -2.92
CA GLN A 142 1.34 -20.11 -1.72
C GLN A 142 1.24 -18.59 -1.59
N LYS A 143 1.19 -17.89 -2.74
CA LYS A 143 0.75 -16.48 -2.89
C LYS A 143 0.30 -16.24 -4.33
N ALA A 144 -0.69 -15.35 -4.50
CA ALA A 144 -1.14 -14.86 -5.82
C ALA A 144 -1.46 -13.35 -5.76
N ASN A 145 -1.34 -12.68 -6.90
CA ASN A 145 -1.62 -11.23 -7.04
C ASN A 145 -2.41 -10.94 -8.34
N LEU A 146 -3.41 -10.07 -8.24
CA LEU A 146 -4.34 -9.70 -9.30
C LEU A 146 -3.69 -8.79 -10.36
N VAL A 147 -3.92 -9.10 -11.64
CA VAL A 147 -3.44 -8.36 -12.81
C VAL A 147 -4.63 -7.72 -13.55
N PRO A 148 -4.76 -6.38 -13.52
CA PRO A 148 -5.80 -5.65 -14.25
C PRO A 148 -5.63 -5.69 -15.77
N HIS A 149 -6.72 -5.39 -16.48
CA HIS A 149 -6.75 -5.15 -17.93
C HIS A 149 -6.77 -3.66 -18.28
N PHE A 150 -6.61 -3.34 -19.57
CA PHE A 150 -6.50 -1.96 -20.10
C PHE A 150 -7.73 -1.09 -19.81
N ALA A 151 -7.49 0.17 -19.41
CA ALA A 151 -8.50 1.12 -18.92
C ALA A 151 -9.44 1.66 -20.01
N MET A 1 20.87 12.95 3.12
CA MET A 1 22.07 12.55 3.89
C MET A 1 22.42 13.56 4.98
N SER A 2 22.39 14.85 4.65
CA SER A 2 22.71 15.91 5.65
C SER A 2 21.56 16.08 6.63
N THR A 3 20.34 16.26 6.12
CA THR A 3 19.15 16.47 7.00
C THR A 3 18.89 15.20 7.82
N LEU A 4 18.52 15.35 9.10
CA LEU A 4 18.19 14.19 9.95
C LEU A 4 16.71 13.82 9.74
N GLU A 5 16.38 13.26 8.58
CA GLU A 5 14.98 12.82 8.30
C GLU A 5 14.81 11.40 8.83
N GLN A 6 15.91 10.69 9.04
CA GLN A 6 15.86 9.33 9.59
C GLN A 6 15.55 9.40 11.12
N LYS A 7 16.01 10.43 11.82
CA LYS A 7 15.55 10.76 13.17
C LYS A 7 14.08 11.16 13.17
N LEU A 8 13.63 12.01 12.23
CA LEU A 8 12.23 12.39 12.08
C LEU A 8 11.32 11.17 11.84
N THR A 9 11.80 10.15 11.13
CA THR A 9 11.10 8.88 10.93
C THR A 9 10.87 8.13 12.25
N GLU A 10 11.86 8.12 13.16
CA GLU A 10 11.71 7.56 14.50
C GLU A 10 10.79 8.43 15.39
N MET A 11 10.96 9.76 15.34
CA MET A 11 10.17 10.75 16.07
C MET A 11 8.67 10.67 15.77
N ILE A 12 8.29 10.28 14.55
CA ILE A 12 6.89 10.07 14.12
C ILE A 12 6.43 8.64 14.45
N THR A 13 7.32 7.64 14.38
CA THR A 13 6.99 6.24 14.72
C THR A 13 6.62 6.08 16.19
N ALA A 14 7.38 6.67 17.11
CA ALA A 14 7.18 6.54 18.57
C ALA A 14 5.77 6.95 19.08
N PRO A 15 5.17 8.09 18.69
CA PRO A 15 3.82 8.47 19.09
C PRO A 15 2.71 7.70 18.34
N VAL A 16 2.94 7.27 17.09
CA VAL A 16 1.96 6.43 16.35
C VAL A 16 1.89 5.02 16.91
N GLU A 17 3.02 4.46 17.36
CA GLU A 17 3.03 3.21 18.12
C GLU A 17 2.31 3.35 19.48
N ALA A 18 2.52 4.46 20.21
CA ALA A 18 1.79 4.74 21.45
C ALA A 18 0.27 4.91 21.24
N LEU A 19 -0.18 5.28 20.03
CA LEU A 19 -1.58 5.30 19.60
C LEU A 19 -2.11 3.95 19.05
N GLY A 20 -1.36 2.85 19.23
CA GLY A 20 -1.90 1.50 19.06
C GLY A 20 -1.93 0.96 17.62
N PHE A 21 -1.09 1.48 16.72
CA PHE A 21 -0.93 0.98 15.34
C PHE A 21 0.21 -0.04 15.20
N GLU A 22 0.13 -0.90 14.17
CA GLU A 22 1.02 -2.04 13.95
C GLU A 22 2.03 -1.77 12.83
N LEU A 23 1.59 -1.15 11.72
CA LEU A 23 2.45 -0.63 10.65
C LEU A 23 2.47 0.89 10.71
N VAL A 24 3.67 1.47 10.65
CA VAL A 24 3.88 2.89 10.29
C VAL A 24 5.20 3.04 9.52
N GLY A 25 5.21 3.85 8.46
CA GLY A 25 6.36 4.13 7.61
C GLY A 25 6.24 5.44 6.80
N ILE A 26 7.35 5.94 6.28
CA ILE A 26 7.46 7.27 5.63
C ILE A 26 8.04 7.15 4.20
N GLU A 27 7.48 7.95 3.31
CA GLU A 27 7.95 8.19 1.94
C GLU A 27 8.16 9.71 1.75
N PHE A 28 9.26 10.11 1.12
CA PHE A 28 9.61 11.53 0.89
C PHE A 28 9.36 11.95 -0.56
N ILE A 29 8.84 13.16 -0.78
CA ILE A 29 8.67 13.76 -2.10
C ILE A 29 9.20 15.21 -2.07
N ARG A 30 10.20 15.52 -2.89
CA ARG A 30 10.89 16.83 -2.90
C ARG A 30 10.31 17.79 -3.94
N GLY A 31 10.27 19.09 -3.61
CA GLY A 31 9.85 20.17 -4.49
C GLY A 31 10.11 21.55 -3.86
N ARG A 32 9.47 22.61 -4.35
CA ARG A 32 9.45 23.90 -3.63
C ARG A 32 8.81 23.76 -2.25
N THR A 33 7.65 23.09 -2.20
CA THR A 33 7.16 22.40 -0.99
C THR A 33 7.85 21.04 -0.89
N SER A 34 8.43 20.73 0.27
CA SER A 34 8.90 19.38 0.60
C SER A 34 7.79 18.62 1.34
N THR A 35 7.41 17.44 0.83
CA THR A 35 6.26 16.67 1.29
C THR A 35 6.70 15.36 1.91
N LEU A 36 6.05 14.96 3.00
CA LEU A 36 6.07 13.59 3.55
C LEU A 36 4.77 12.89 3.15
N ARG A 37 4.83 11.60 2.88
CA ARG A 37 3.64 10.73 2.80
C ARG A 37 3.77 9.57 3.80
N ILE A 38 2.82 9.47 4.73
CA ILE A 38 2.81 8.47 5.80
C ILE A 38 1.91 7.29 5.43
N TYR A 39 2.46 6.09 5.63
CA TYR A 39 1.78 4.80 5.46
C TYR A 39 1.48 4.24 6.84
N ILE A 40 0.25 3.79 7.07
CA ILE A 40 -0.21 3.35 8.40
C ILE A 40 -1.17 2.17 8.33
N ASP A 41 -1.09 1.22 9.25
CA ASP A 41 -2.09 0.14 9.39
C ASP A 41 -2.29 -0.37 10.81
N SER A 42 -3.54 -0.65 11.14
CA SER A 42 -4.00 -1.24 12.40
C SER A 42 -4.08 -2.76 12.30
N GLU A 43 -4.04 -3.46 13.43
CA GLU A 43 -4.39 -4.89 13.51
C GLU A 43 -5.90 -5.13 13.33
N ASP A 44 -6.74 -4.25 13.86
CA ASP A 44 -8.21 -4.47 13.96
C ASP A 44 -9.03 -3.99 12.74
N GLY A 45 -8.46 -3.16 11.87
CA GLY A 45 -9.12 -2.71 10.62
C GLY A 45 -9.83 -1.36 10.74
N ILE A 46 -9.09 -0.33 11.17
CA ILE A 46 -9.56 1.05 11.39
C ILE A 46 -9.54 1.86 10.07
N ASN A 47 -10.50 2.74 9.85
CA ASN A 47 -10.65 3.56 8.64
C ASN A 47 -9.64 4.71 8.50
N VAL A 48 -9.33 5.13 7.27
CA VAL A 48 -8.37 6.22 6.97
C VAL A 48 -8.83 7.62 7.45
N ASP A 49 -10.12 7.85 7.66
CA ASP A 49 -10.64 9.08 8.27
C ASP A 49 -10.28 9.22 9.77
N ASP A 50 -10.13 8.07 10.45
CA ASP A 50 -9.68 7.98 11.85
C ASP A 50 -8.16 8.12 11.92
N CYS A 51 -7.43 7.48 10.97
CA CYS A 51 -5.98 7.63 10.80
C CYS A 51 -5.56 9.04 10.37
N ALA A 52 -6.43 9.81 9.70
CA ALA A 52 -6.18 11.21 9.38
C ALA A 52 -6.24 12.13 10.63
N ASP A 53 -7.05 11.80 11.64
CA ASP A 53 -7.01 12.53 12.93
C ASP A 53 -5.79 12.15 13.81
N VAL A 54 -5.23 10.95 13.64
CA VAL A 54 -3.88 10.60 14.15
C VAL A 54 -2.81 11.39 13.40
N SER A 55 -2.93 11.48 12.07
CA SER A 55 -2.02 12.24 11.20
C SER A 55 -2.07 13.75 11.48
N HIS A 56 -3.17 14.24 12.08
CA HIS A 56 -3.28 15.62 12.57
C HIS A 56 -2.37 15.88 13.78
N GLN A 57 -2.24 14.92 14.71
CA GLN A 57 -1.25 14.99 15.80
C GLN A 57 0.18 14.94 15.26
N VAL A 58 0.45 14.07 14.27
CA VAL A 58 1.75 14.01 13.55
C VAL A 58 2.07 15.34 12.87
N SER A 59 1.08 15.97 12.24
CA SER A 59 1.23 17.27 11.54
C SER A 59 1.59 18.40 12.51
N ALA A 60 1.07 18.37 13.73
CA ALA A 60 1.40 19.37 14.75
C ALA A 60 2.86 19.25 15.25
N VAL A 61 3.32 18.03 15.62
CA VAL A 61 4.71 17.83 16.06
C VAL A 61 5.72 18.08 14.95
N LEU A 62 5.31 17.88 13.70
CA LEU A 62 6.20 18.18 12.54
C LEU A 62 6.40 19.69 12.45
N ASP A 63 5.32 20.46 12.61
CA ASP A 63 5.40 21.94 12.50
C ASP A 63 6.30 22.52 13.59
N VAL A 64 6.19 22.03 14.83
CA VAL A 64 7.10 22.49 15.92
C VAL A 64 8.54 22.08 15.61
N GLU A 65 8.75 20.89 15.02
CA GLU A 65 10.13 20.37 14.77
C GLU A 65 10.87 21.29 13.80
N ASP A 66 10.22 21.77 12.73
CA ASP A 66 10.94 22.59 11.72
C ASP A 66 10.34 23.99 11.64
N PRO A 67 11.15 25.07 11.69
CA PRO A 67 10.64 26.45 11.70
C PRO A 67 9.84 26.78 10.43
N ILE A 68 10.29 26.30 9.26
CA ILE A 68 9.61 26.66 7.98
C ILE A 68 8.43 25.72 7.78
N THR A 69 7.34 25.96 8.50
CA THR A 69 6.11 25.11 8.46
C THR A 69 5.50 25.18 7.05
N VAL A 70 5.51 26.35 6.43
CA VAL A 70 4.87 26.52 5.09
C VAL A 70 5.58 25.63 4.06
N ALA A 71 6.91 25.58 4.10
CA ALA A 71 7.68 24.81 3.09
C ALA A 71 7.47 23.31 3.31
N TYR A 72 6.67 22.93 4.32
CA TYR A 72 6.44 21.51 4.62
C TYR A 72 4.96 21.13 4.58
N ASN A 73 4.65 19.90 4.15
CA ASN A 73 3.30 19.32 4.23
C ASN A 73 3.32 17.78 4.40
N LEU A 74 2.22 17.20 4.87
CA LEU A 74 2.01 15.76 5.04
C LEU A 74 0.81 15.24 4.21
N GLU A 75 0.95 14.05 3.63
CA GLU A 75 -0.10 13.25 2.96
C GLU A 75 -0.22 11.86 3.60
N VAL A 76 -1.35 11.17 3.47
CA VAL A 76 -1.68 9.93 4.20
C VAL A 76 -2.11 8.80 3.25
N SER A 77 -1.64 7.58 3.47
CA SER A 77 -2.05 6.40 2.67
C SER A 77 -2.20 5.13 3.51
N SER A 78 -3.05 4.21 3.01
CA SER A 78 -3.18 2.88 3.67
C SER A 78 -2.35 1.90 2.84
N PRO A 79 -1.74 0.81 3.40
CA PRO A 79 -0.86 -0.07 2.60
C PRO A 79 -1.55 -0.72 1.39
N GLY A 80 -2.78 -1.19 1.56
CA GLY A 80 -3.45 -1.91 0.45
C GLY A 80 -4.65 -1.16 -0.10
N LEU A 81 -4.68 -0.91 -1.42
CA LEU A 81 -5.83 -0.24 -2.07
C LEU A 81 -6.65 -1.28 -2.85
N ASP A 82 -6.34 -2.57 -2.68
CA ASP A 82 -7.02 -3.66 -3.43
C ASP A 82 -8.21 -4.18 -2.61
N ARG A 83 -8.53 -3.52 -1.49
CA ARG A 83 -9.63 -3.95 -0.60
C ARG A 83 -10.91 -4.33 -1.36
N PRO A 84 -11.76 -5.30 -0.89
CA PRO A 84 -13.03 -5.59 -1.58
C PRO A 84 -13.94 -4.35 -1.60
N LEU A 85 -14.77 -4.22 -2.64
CA LEU A 85 -15.59 -2.97 -2.78
C LEU A 85 -17.04 -3.23 -2.32
N PHE A 86 -17.48 -2.53 -1.27
CA PHE A 86 -18.89 -2.66 -0.80
C PHE A 86 -19.57 -1.30 -0.68
N THR A 87 -18.84 -0.20 -0.86
CA THR A 87 -19.45 1.15 -0.63
C THR A 87 -19.98 1.75 -1.93
N ALA A 88 -21.18 2.34 -1.89
CA ALA A 88 -21.79 2.88 -3.11
C ALA A 88 -21.14 4.21 -3.56
N GLU A 89 -20.68 5.02 -2.62
CA GLU A 89 -19.83 6.20 -2.87
C GLU A 89 -18.51 5.81 -3.57
N HIS A 90 -17.95 4.63 -3.27
CA HIS A 90 -16.70 4.14 -3.86
C HIS A 90 -16.91 3.51 -5.23
N TYR A 91 -18.01 2.75 -5.40
CA TYR A 91 -18.39 2.20 -6.73
C TYR A 91 -18.52 3.38 -7.71
N ALA A 92 -19.22 4.44 -7.32
CA ALA A 92 -19.43 5.66 -8.12
C ALA A 92 -18.13 6.44 -8.45
N ARG A 93 -17.01 6.18 -7.73
CA ARG A 93 -15.65 6.65 -8.09
C ARG A 93 -14.89 5.67 -8.99
N PHE A 94 -15.14 4.36 -8.82
CA PHE A 94 -14.37 3.34 -9.61
C PHE A 94 -15.15 2.90 -10.84
N VAL A 95 -15.93 3.79 -11.45
CA VAL A 95 -16.70 3.45 -12.70
C VAL A 95 -15.75 3.38 -13.90
N GLY A 96 -16.13 2.62 -14.94
CA GLY A 96 -15.32 2.53 -16.17
C GLY A 96 -14.35 1.36 -16.13
N GLU A 97 -14.35 0.59 -15.04
CA GLU A 97 -13.42 -0.54 -14.86
C GLU A 97 -14.13 -1.87 -14.62
N GLU A 98 -13.41 -2.98 -14.77
CA GLU A 98 -13.96 -4.34 -14.60
C GLU A 98 -13.92 -4.80 -13.14
N VAL A 99 -14.96 -5.52 -12.70
CA VAL A 99 -15.10 -6.05 -11.33
C VAL A 99 -15.57 -7.51 -11.38
N THR A 100 -15.02 -8.33 -10.49
CA THR A 100 -15.35 -9.76 -10.33
C THR A 100 -15.98 -10.04 -8.96
N LEU A 101 -17.14 -10.71 -8.92
CA LEU A 101 -18.01 -10.77 -7.74
C LEU A 101 -18.72 -12.12 -7.54
N VAL A 102 -19.24 -12.35 -6.33
CA VAL A 102 -20.04 -13.54 -5.96
C VAL A 102 -21.36 -13.14 -5.26
N LEU A 103 -22.42 -13.94 -5.46
CA LEU A 103 -23.80 -13.62 -5.06
C LEU A 103 -24.27 -14.36 -3.80
N ARG A 104 -25.06 -13.67 -2.98
CA ARG A 104 -25.55 -14.07 -1.66
C ARG A 104 -26.61 -15.16 -1.71
N MET A 105 -27.54 -15.10 -2.67
CA MET A 105 -28.62 -16.09 -2.79
C MET A 105 -28.10 -17.48 -3.26
N ALA A 106 -26.95 -17.51 -3.91
CA ALA A 106 -26.36 -18.72 -4.48
C ALA A 106 -25.77 -19.67 -3.40
N VAL A 107 -25.55 -20.93 -3.79
CA VAL A 107 -25.08 -22.02 -2.92
C VAL A 107 -23.74 -22.59 -3.39
N GLN A 108 -23.03 -23.36 -2.55
CA GLN A 108 -21.70 -23.89 -2.90
C GLN A 108 -21.71 -24.70 -4.22
N ASN A 109 -20.58 -24.66 -4.93
CA ASN A 109 -20.42 -24.85 -6.38
C ASN A 109 -20.91 -23.66 -7.27
N ARG A 110 -21.15 -22.48 -6.66
CA ARG A 110 -21.51 -21.24 -7.38
C ARG A 110 -20.34 -20.66 -8.18
N ARG A 111 -20.66 -19.90 -9.24
CA ARG A 111 -19.67 -19.15 -10.04
C ARG A 111 -19.31 -17.80 -9.40
N LYS A 112 -18.14 -17.30 -9.75
CA LYS A 112 -17.78 -15.88 -9.65
C LYS A 112 -18.02 -15.23 -11.02
N TRP A 113 -18.53 -14.00 -11.06
CA TRP A 113 -19.02 -13.33 -12.28
C TRP A 113 -18.28 -12.01 -12.52
N GLN A 114 -17.73 -11.82 -13.72
CA GLN A 114 -16.88 -10.68 -14.06
C GLN A 114 -17.43 -9.82 -15.19
N GLY A 115 -17.37 -8.49 -15.05
CA GLY A 115 -17.92 -7.53 -16.01
C GLY A 115 -17.60 -6.07 -15.71
N VAL A 116 -17.83 -5.17 -16.67
CA VAL A 116 -17.45 -3.75 -16.61
C VAL A 116 -18.56 -2.92 -15.96
N ILE A 117 -18.21 -2.09 -14.95
CA ILE A 117 -19.16 -1.22 -14.25
C ILE A 117 -19.24 0.14 -14.94
N LYS A 118 -20.47 0.58 -15.25
CA LYS A 118 -20.74 1.79 -16.04
C LYS A 118 -21.27 2.95 -15.21
N ALA A 119 -22.28 2.71 -14.38
CA ALA A 119 -22.90 3.71 -13.48
C ALA A 119 -23.69 3.04 -12.34
N VAL A 120 -23.94 3.79 -11.25
CA VAL A 120 -24.76 3.38 -10.10
C VAL A 120 -26.06 4.20 -10.06
N ASP A 121 -27.18 3.55 -9.71
CA ASP A 121 -28.49 4.19 -9.51
C ASP A 121 -29.12 3.63 -8.22
N GLY A 122 -29.13 4.42 -7.14
CA GLY A 122 -29.68 4.02 -5.83
C GLY A 122 -28.93 2.82 -5.20
N GLU A 123 -29.58 1.65 -5.15
CA GLU A 123 -29.01 0.37 -4.72
C GLU A 123 -28.83 -0.66 -5.85
N MET A 124 -28.78 -0.20 -7.11
CA MET A 124 -28.55 -0.99 -8.32
C MET A 124 -27.32 -0.47 -9.10
N ILE A 125 -26.61 -1.38 -9.78
CA ILE A 125 -25.43 -1.10 -10.59
C ILE A 125 -25.68 -1.54 -12.04
N THR A 126 -25.30 -0.70 -13.00
CA THR A 126 -25.37 -0.97 -14.46
C THR A 126 -24.03 -1.49 -14.98
N VAL A 127 -24.07 -2.58 -15.75
CA VAL A 127 -22.87 -3.35 -16.12
C VAL A 127 -22.93 -3.89 -17.56
N THR A 128 -21.76 -4.14 -18.14
CA THR A 128 -21.62 -5.05 -19.30
C THR A 128 -21.07 -6.39 -18.84
N VAL A 129 -21.80 -7.49 -19.13
CA VAL A 129 -21.40 -8.86 -18.76
C VAL A 129 -21.60 -9.78 -19.96
N GLU A 130 -20.56 -10.52 -20.36
CA GLU A 130 -20.53 -11.35 -21.57
C GLU A 130 -20.98 -10.58 -22.85
N GLY A 131 -20.59 -9.30 -22.93
CA GLY A 131 -20.90 -8.39 -24.05
C GLY A 131 -22.31 -7.77 -24.03
N LYS A 132 -23.10 -8.01 -22.98
CA LYS A 132 -24.52 -7.62 -22.88
C LYS A 132 -24.78 -6.64 -21.74
N ASP A 133 -25.64 -5.66 -21.97
CA ASP A 133 -26.10 -4.66 -20.98
C ASP A 133 -27.06 -5.30 -19.94
N GLU A 134 -26.64 -5.33 -18.67
CA GLU A 134 -27.36 -5.98 -17.56
C GLU A 134 -27.30 -5.10 -16.28
N VAL A 135 -28.04 -5.47 -15.23
CA VAL A 135 -28.01 -4.82 -13.91
C VAL A 135 -27.73 -5.82 -12.77
N PHE A 136 -27.11 -5.36 -11.70
CA PHE A 136 -26.81 -6.15 -10.48
C PHE A 136 -27.17 -5.38 -9.21
N ALA A 137 -27.54 -6.10 -8.14
CA ALA A 137 -28.03 -5.54 -6.88
C ALA A 137 -26.97 -5.60 -5.76
N LEU A 138 -26.57 -4.45 -5.20
CA LEU A 138 -25.52 -4.40 -4.14
C LEU A 138 -25.97 -4.95 -2.77
N SER A 139 -27.25 -5.28 -2.61
CA SER A 139 -27.76 -6.13 -1.52
C SER A 139 -27.48 -7.63 -1.73
N ASN A 140 -27.54 -8.12 -2.98
CA ASN A 140 -27.33 -9.54 -3.31
C ASN A 140 -25.84 -9.85 -3.66
N ILE A 141 -25.01 -8.86 -3.92
CA ILE A 141 -23.56 -9.06 -4.03
C ILE A 141 -22.99 -9.30 -2.62
N GLN A 142 -22.32 -10.45 -2.42
CA GLN A 142 -21.74 -10.83 -1.12
C GLN A 142 -20.25 -10.46 -1.00
N LYS A 143 -19.50 -10.48 -2.11
CA LYS A 143 -18.10 -10.01 -2.20
C LYS A 143 -17.77 -9.60 -3.63
N ALA A 144 -16.95 -8.56 -3.80
CA ALA A 144 -16.50 -8.02 -5.10
C ALA A 144 -15.04 -7.51 -5.04
N ASN A 145 -14.32 -7.65 -6.15
CA ASN A 145 -12.92 -7.21 -6.31
C ASN A 145 -12.72 -6.45 -7.63
N LEU A 146 -11.92 -5.38 -7.62
CA LEU A 146 -11.56 -4.57 -8.78
C LEU A 146 -10.49 -5.26 -9.67
N VAL A 147 -10.69 -5.26 -10.98
CA VAL A 147 -9.87 -5.95 -12.00
C VAL A 147 -9.17 -4.93 -12.93
N PRO A 148 -7.82 -4.94 -12.99
CA PRO A 148 -7.05 -4.11 -13.91
C PRO A 148 -7.03 -4.68 -15.33
N HIS A 149 -7.03 -3.79 -16.33
CA HIS A 149 -7.10 -4.14 -17.75
C HIS A 149 -5.81 -4.83 -18.26
N PHE A 150 -5.99 -5.92 -19.01
CA PHE A 150 -4.89 -6.78 -19.50
C PHE A 150 -4.53 -6.50 -20.97
N ALA A 151 -3.27 -6.70 -21.33
CA ALA A 151 -2.69 -6.45 -22.66
C ALA A 151 -3.01 -7.54 -23.70
N MET A 1 23.70 13.97 3.74
CA MET A 1 24.99 14.68 3.85
C MET A 1 25.14 15.36 5.20
N SER A 2 24.23 16.24 5.64
CA SER A 2 24.33 16.95 6.93
C SER A 2 22.99 17.17 7.67
N THR A 3 21.96 16.37 7.39
CA THR A 3 20.57 16.52 7.86
C THR A 3 20.19 15.47 8.93
N LEU A 4 18.93 15.53 9.40
CA LEU A 4 18.37 14.62 10.42
C LEU A 4 16.94 14.15 10.02
N GLU A 5 16.80 13.47 8.88
CA GLU A 5 15.53 12.92 8.38
C GLU A 5 15.18 11.54 8.98
N GLN A 6 16.17 10.74 9.37
CA GLN A 6 15.93 9.48 10.08
C GLN A 6 15.56 9.72 11.55
N LYS A 7 16.07 10.80 12.18
CA LYS A 7 15.64 11.26 13.51
C LYS A 7 14.20 11.78 13.50
N LEU A 8 13.81 12.46 12.42
CA LEU A 8 12.42 12.84 12.15
C LEU A 8 11.51 11.61 11.94
N THR A 9 11.98 10.62 11.15
CA THR A 9 11.29 9.34 10.95
C THR A 9 11.02 8.63 12.27
N GLU A 10 12.03 8.59 13.16
CA GLU A 10 11.96 7.90 14.46
C GLU A 10 10.97 8.56 15.44
N MET A 11 10.96 9.90 15.52
CA MET A 11 10.04 10.66 16.40
C MET A 11 8.60 10.76 15.89
N ILE A 12 8.34 10.51 14.60
CA ILE A 12 6.99 10.32 14.07
C ILE A 12 6.52 8.87 14.28
N THR A 13 7.42 7.90 14.17
CA THR A 13 7.15 6.48 14.36
C THR A 13 6.77 6.17 15.82
N ALA A 14 7.44 6.77 16.79
CA ALA A 14 7.24 6.46 18.21
C ALA A 14 5.83 6.79 18.75
N PRO A 15 5.20 7.96 18.48
CA PRO A 15 3.83 8.25 18.90
C PRO A 15 2.76 7.39 18.20
N VAL A 16 2.91 7.08 16.92
CA VAL A 16 1.95 6.21 16.20
C VAL A 16 2.04 4.77 16.71
N GLU A 17 3.22 4.31 17.10
CA GLU A 17 3.40 3.09 17.89
C GLU A 17 2.75 3.17 19.27
N ALA A 18 2.83 4.32 19.97
CA ALA A 18 2.17 4.56 21.26
C ALA A 18 0.62 4.63 21.18
N LEU A 19 0.05 4.62 19.97
CA LEU A 19 -1.37 4.42 19.71
C LEU A 19 -1.73 2.98 19.31
N GLY A 20 -0.74 2.08 19.20
CA GLY A 20 -0.95 0.64 19.03
C GLY A 20 -1.22 0.17 17.59
N PHE A 21 -0.71 0.87 16.57
CA PHE A 21 -0.89 0.50 15.16
C PHE A 21 0.19 -0.49 14.69
N GLU A 22 -0.18 -1.42 13.82
CA GLU A 22 0.63 -2.58 13.41
C GLU A 22 1.69 -2.20 12.36
N LEU A 23 1.30 -1.39 11.36
CA LEU A 23 2.23 -0.67 10.50
C LEU A 23 2.15 0.84 10.78
N VAL A 24 3.31 1.49 10.89
CA VAL A 24 3.50 2.86 10.43
C VAL A 24 4.75 2.93 9.52
N GLY A 25 4.71 3.75 8.48
CA GLY A 25 5.83 3.96 7.57
C GLY A 25 5.82 5.35 6.93
N ILE A 26 7.02 5.89 6.66
CA ILE A 26 7.22 7.22 6.06
C ILE A 26 7.88 7.08 4.68
N GLU A 27 7.56 7.99 3.78
CA GLU A 27 8.22 8.19 2.49
C GLU A 27 8.42 9.70 2.23
N PHE A 28 9.61 10.10 1.74
CA PHE A 28 9.98 11.52 1.60
C PHE A 28 9.84 12.02 0.15
N ILE A 29 9.15 13.15 -0.02
CA ILE A 29 8.89 13.81 -1.31
C ILE A 29 9.39 15.25 -1.27
N ARG A 30 10.23 15.63 -2.26
CA ARG A 30 10.94 16.93 -2.35
C ARG A 30 10.40 17.74 -3.52
N GLY A 31 10.32 19.07 -3.40
CA GLY A 31 9.91 19.96 -4.49
C GLY A 31 9.91 21.42 -4.07
N ARG A 32 9.19 22.27 -4.80
CA ARG A 32 8.89 23.67 -4.41
C ARG A 32 8.07 23.72 -3.11
N THR A 33 7.31 22.66 -2.85
CA THR A 33 6.75 22.29 -1.54
C THR A 33 7.30 20.93 -1.13
N SER A 34 7.62 20.73 0.15
CA SER A 34 8.12 19.45 0.68
C SER A 34 7.03 18.67 1.39
N THR A 35 6.95 17.36 1.12
CA THR A 35 5.91 16.48 1.63
C THR A 35 6.52 15.22 2.29
N LEU A 36 5.97 14.84 3.44
CA LEU A 36 6.05 13.46 3.93
C LEU A 36 4.79 12.70 3.49
N ARG A 37 4.93 11.46 3.03
CA ARG A 37 3.80 10.54 2.79
C ARG A 37 3.81 9.47 3.87
N ILE A 38 2.71 9.35 4.60
CA ILE A 38 2.57 8.40 5.71
C ILE A 38 1.64 7.24 5.36
N TYR A 39 2.09 6.03 5.68
CA TYR A 39 1.35 4.78 5.55
C TYR A 39 1.04 4.19 6.92
N ILE A 40 -0.14 3.59 7.10
CA ILE A 40 -0.60 3.06 8.38
C ILE A 40 -1.46 1.80 8.22
N ASP A 41 -1.38 0.87 9.17
CA ASP A 41 -2.28 -0.29 9.24
C ASP A 41 -2.60 -0.64 10.71
N SER A 42 -3.87 -0.93 10.99
CA SER A 42 -4.28 -1.21 12.39
C SER A 42 -4.76 -2.65 12.55
N GLU A 43 -4.24 -3.36 13.56
CA GLU A 43 -4.76 -4.72 13.86
C GLU A 43 -6.22 -4.55 14.28
N ASP A 44 -6.52 -3.46 15.00
CA ASP A 44 -7.91 -3.17 15.47
C ASP A 44 -8.83 -3.00 14.26
N GLY A 45 -8.36 -2.40 13.15
CA GLY A 45 -9.25 -2.13 12.02
C GLY A 45 -9.70 -0.68 11.95
N ILE A 46 -9.01 0.21 12.70
CA ILE A 46 -9.40 1.65 12.74
C ILE A 46 -9.37 2.21 11.32
N ASN A 47 -10.37 3.03 10.96
CA ASN A 47 -10.50 3.53 9.56
C ASN A 47 -9.41 4.56 9.20
N VAL A 48 -9.02 4.61 7.93
CA VAL A 48 -8.04 5.62 7.46
C VAL A 48 -8.45 7.08 7.77
N ASP A 49 -9.74 7.38 7.90
CA ASP A 49 -10.23 8.72 8.24
C ASP A 49 -9.98 9.08 9.71
N ASP A 50 -9.98 8.09 10.61
CA ASP A 50 -9.55 8.24 12.00
C ASP A 50 -8.01 8.22 12.13
N CYS A 51 -7.32 7.55 11.22
CA CYS A 51 -5.87 7.68 11.04
C CYS A 51 -5.47 9.06 10.49
N ALA A 52 -6.32 9.72 9.70
CA ALA A 52 -6.13 11.11 9.29
C ALA A 52 -6.25 12.08 10.47
N ASP A 53 -6.98 11.73 11.54
CA ASP A 53 -6.97 12.49 12.79
C ASP A 53 -5.66 12.29 13.59
N VAL A 54 -5.08 11.07 13.56
CA VAL A 54 -3.70 10.83 14.04
C VAL A 54 -2.70 11.64 13.21
N SER A 55 -2.93 11.72 11.90
CA SER A 55 -2.08 12.46 10.95
C SER A 55 -2.14 13.97 11.16
N HIS A 56 -3.22 14.51 11.74
CA HIS A 56 -3.25 15.90 12.24
C HIS A 56 -2.27 16.13 13.41
N GLN A 57 -2.09 15.15 14.29
CA GLN A 57 -1.08 15.19 15.35
C GLN A 57 0.35 14.97 14.81
N VAL A 58 0.53 14.09 13.82
CA VAL A 58 1.82 13.96 13.08
C VAL A 58 2.19 15.28 12.41
N SER A 59 1.20 15.96 11.79
CA SER A 59 1.37 17.29 11.21
C SER A 59 1.67 18.37 12.26
N ALA A 60 1.30 18.19 13.53
CA ALA A 60 1.63 19.09 14.62
C ALA A 60 3.06 18.91 15.12
N VAL A 61 3.53 17.68 15.34
CA VAL A 61 4.93 17.43 15.73
C VAL A 61 5.92 17.81 14.62
N LEU A 62 5.52 17.70 13.36
CA LEU A 62 6.28 18.23 12.21
C LEU A 62 6.36 19.78 12.24
N ASP A 63 5.28 20.44 12.68
CA ASP A 63 5.18 21.91 12.69
C ASP A 63 5.93 22.59 13.85
N VAL A 64 6.23 21.86 14.93
CA VAL A 64 7.05 22.40 16.06
C VAL A 64 8.56 22.09 15.93
N GLU A 65 8.97 21.18 15.03
CA GLU A 65 10.37 20.72 14.97
C GLU A 65 11.18 21.30 13.80
N ASP A 66 10.53 21.45 12.65
CA ASP A 66 11.16 22.11 11.48
C ASP A 66 10.06 23.00 10.91
N PRO A 67 9.74 24.20 11.48
CA PRO A 67 8.57 24.97 11.05
C PRO A 67 8.67 25.87 9.82
N ILE A 68 8.84 25.29 8.62
CA ILE A 68 8.78 26.16 7.40
C ILE A 68 7.32 26.59 7.25
N THR A 69 7.06 27.86 6.96
CA THR A 69 5.65 28.36 6.95
C THR A 69 4.78 27.67 5.90
N VAL A 70 5.28 27.52 4.66
CA VAL A 70 4.39 26.96 3.59
C VAL A 70 5.03 25.74 2.92
N ALA A 71 6.27 25.39 3.28
CA ALA A 71 6.95 24.30 2.55
C ALA A 71 6.61 22.91 3.13
N TYR A 72 6.30 22.80 4.41
CA TYR A 72 6.10 21.44 4.99
C TYR A 72 4.65 20.98 4.77
N ASN A 73 4.47 19.72 4.36
CA ASN A 73 3.11 19.20 4.06
C ASN A 73 3.06 17.71 4.42
N LEU A 74 1.86 17.16 4.65
CA LEU A 74 1.73 15.71 4.94
C LEU A 74 0.64 15.08 4.07
N GLU A 75 0.91 13.91 3.48
CA GLU A 75 -0.09 13.18 2.68
C GLU A 75 -0.33 11.79 3.30
N VAL A 76 -1.59 11.35 3.31
CA VAL A 76 -2.06 10.18 4.08
C VAL A 76 -2.55 9.06 3.16
N SER A 77 -2.04 7.84 3.35
CA SER A 77 -2.38 6.67 2.53
C SER A 77 -2.57 5.37 3.33
N SER A 78 -3.39 4.48 2.78
CA SER A 78 -3.43 3.05 3.08
C SER A 78 -2.26 2.31 2.37
N PRO A 79 -1.81 1.14 2.84
CA PRO A 79 -0.59 0.50 2.31
C PRO A 79 -0.65 0.12 0.82
N GLY A 80 -1.78 -0.36 0.30
CA GLY A 80 -2.02 -0.47 -1.15
C GLY A 80 -3.11 -1.46 -1.57
N LEU A 81 -3.89 -1.07 -2.58
CA LEU A 81 -5.03 -1.82 -3.15
C LEU A 81 -4.63 -2.89 -4.20
N ASP A 82 -3.35 -2.98 -4.55
CA ASP A 82 -2.87 -3.85 -5.65
C ASP A 82 -2.71 -5.35 -5.31
N ARG A 83 -2.91 -5.68 -4.02
CA ARG A 83 -2.76 -7.09 -3.56
C ARG A 83 -4.09 -7.84 -3.70
N PRO A 84 -4.07 -9.18 -3.88
CA PRO A 84 -5.30 -9.98 -3.96
C PRO A 84 -6.08 -10.15 -2.65
N LEU A 85 -7.40 -10.35 -2.74
CA LEU A 85 -8.23 -10.60 -1.51
C LEU A 85 -8.85 -12.00 -1.57
N PHE A 86 -8.70 -12.78 -0.50
CA PHE A 86 -9.25 -14.16 -0.47
C PHE A 86 -10.21 -14.35 0.71
N THR A 87 -10.58 -13.27 1.41
CA THR A 87 -11.38 -13.44 2.66
C THR A 87 -12.83 -12.99 2.48
N ALA A 88 -13.78 -13.73 3.07
CA ALA A 88 -15.20 -13.34 3.04
C ALA A 88 -15.51 -12.08 3.87
N GLU A 89 -14.75 -11.85 4.95
CA GLU A 89 -14.74 -10.61 5.71
C GLU A 89 -14.25 -9.44 4.86
N HIS A 90 -13.19 -9.63 4.06
CA HIS A 90 -12.67 -8.60 3.17
C HIS A 90 -13.61 -8.31 1.99
N TYR A 91 -14.30 -9.31 1.45
CA TYR A 91 -15.42 -9.11 0.52
C TYR A 91 -16.59 -8.31 1.11
N ALA A 92 -16.77 -8.31 2.44
CA ALA A 92 -17.74 -7.46 3.12
C ALA A 92 -17.20 -6.05 3.48
N ARG A 93 -15.88 -5.90 3.70
CA ARG A 93 -15.19 -4.61 3.93
C ARG A 93 -15.09 -3.77 2.64
N PHE A 94 -14.82 -4.39 1.51
CA PHE A 94 -14.62 -3.76 0.18
C PHE A 94 -15.90 -3.61 -0.67
N VAL A 95 -17.09 -3.60 -0.04
CA VAL A 95 -18.36 -3.41 -0.76
C VAL A 95 -18.41 -2.07 -1.52
N GLY A 96 -18.95 -2.11 -2.74
CA GLY A 96 -19.13 -0.97 -3.64
C GLY A 96 -18.03 -0.75 -4.67
N GLU A 97 -17.03 -1.64 -4.76
CA GLU A 97 -15.87 -1.53 -5.67
C GLU A 97 -15.89 -2.60 -6.78
N GLU A 98 -15.11 -2.42 -7.86
CA GLU A 98 -15.04 -3.37 -8.98
C GLU A 98 -13.89 -4.39 -8.81
N VAL A 99 -14.09 -5.64 -9.20
CA VAL A 99 -13.15 -6.77 -8.96
C VAL A 99 -13.05 -7.68 -10.18
N THR A 100 -11.83 -8.16 -10.47
CA THR A 100 -11.54 -9.24 -11.43
C THR A 100 -11.16 -10.53 -10.70
N LEU A 101 -11.52 -11.71 -11.22
CA LEU A 101 -11.32 -13.01 -10.58
C LEU A 101 -10.96 -14.15 -11.55
N VAL A 102 -10.45 -15.24 -10.99
CA VAL A 102 -10.23 -16.53 -11.65
C VAL A 102 -10.69 -17.72 -10.79
N LEU A 103 -11.19 -18.78 -11.46
CA LEU A 103 -11.91 -19.90 -10.82
C LEU A 103 -11.10 -21.20 -10.72
N ARG A 104 -11.36 -21.97 -9.66
CA ARG A 104 -10.64 -23.20 -9.28
C ARG A 104 -11.09 -24.43 -10.08
N MET A 105 -12.39 -24.56 -10.35
CA MET A 105 -12.97 -25.66 -11.12
C MET A 105 -12.63 -25.60 -12.62
N ALA A 106 -12.25 -24.42 -13.13
CA ALA A 106 -11.92 -24.22 -14.54
C ALA A 106 -10.60 -24.89 -14.96
N VAL A 107 -10.62 -25.60 -16.10
CA VAL A 107 -9.47 -26.28 -16.70
C VAL A 107 -8.65 -25.35 -17.60
N GLN A 108 -7.50 -25.80 -18.11
CA GLN A 108 -6.56 -24.96 -18.87
C GLN A 108 -7.21 -24.17 -20.01
N ASN A 109 -6.65 -23.00 -20.36
CA ASN A 109 -7.29 -21.98 -21.20
C ASN A 109 -8.45 -21.23 -20.48
N ARG A 110 -8.45 -21.18 -19.14
CA ARG A 110 -9.53 -20.59 -18.34
C ARG A 110 -9.59 -19.06 -18.46
N ARG A 111 -10.81 -18.53 -18.50
CA ARG A 111 -11.12 -17.11 -18.68
C ARG A 111 -11.07 -16.33 -17.36
N LYS A 112 -10.81 -15.01 -17.44
CA LYS A 112 -10.90 -14.06 -16.32
C LYS A 112 -12.27 -13.37 -16.30
N TRP A 113 -12.81 -13.05 -15.12
CA TRP A 113 -14.19 -12.55 -14.98
C TRP A 113 -14.24 -11.28 -14.11
N GLN A 114 -14.90 -10.21 -14.57
CA GLN A 114 -14.98 -8.91 -13.89
C GLN A 114 -16.44 -8.51 -13.56
N GLY A 115 -16.62 -7.71 -12.51
CA GLY A 115 -17.93 -7.20 -12.05
C GLY A 115 -17.83 -6.28 -10.82
N VAL A 116 -18.93 -5.60 -10.48
CA VAL A 116 -19.01 -4.72 -9.30
C VAL A 116 -19.58 -5.48 -8.10
N ILE A 117 -18.94 -5.35 -6.95
CA ILE A 117 -19.23 -6.06 -5.70
C ILE A 117 -20.16 -5.24 -4.81
N LYS A 118 -21.31 -5.79 -4.40
CA LYS A 118 -22.36 -5.05 -3.66
C LYS A 118 -22.58 -5.48 -2.21
N ALA A 119 -22.72 -6.78 -1.97
CA ALA A 119 -22.90 -7.32 -0.60
C ALA A 119 -22.51 -8.79 -0.61
N VAL A 120 -22.25 -9.38 0.56
CA VAL A 120 -21.94 -10.84 0.61
C VAL A 120 -22.94 -11.55 1.52
N ASP A 121 -23.64 -12.57 1.02
CA ASP A 121 -24.53 -13.38 1.89
C ASP A 121 -23.96 -14.80 1.93
N GLY A 122 -23.41 -15.23 3.06
CA GLY A 122 -22.75 -16.55 3.13
C GLY A 122 -21.67 -16.66 2.07
N GLU A 123 -21.60 -17.79 1.36
CA GLU A 123 -20.62 -17.93 0.23
C GLU A 123 -21.01 -16.99 -0.92
N MET A 124 -22.31 -16.84 -1.19
CA MET A 124 -22.77 -16.04 -2.36
C MET A 124 -22.40 -14.56 -2.20
N ILE A 125 -22.00 -13.91 -3.30
CA ILE A 125 -21.67 -12.45 -3.28
C ILE A 125 -22.59 -11.76 -4.29
N THR A 126 -23.24 -10.66 -3.90
CA THR A 126 -24.09 -9.90 -4.87
C THR A 126 -23.18 -9.16 -5.86
N VAL A 127 -23.51 -9.22 -7.15
CA VAL A 127 -22.68 -8.64 -8.21
C VAL A 127 -23.52 -7.84 -9.21
N THR A 128 -22.94 -6.82 -9.85
CA THR A 128 -23.46 -6.29 -11.12
C THR A 128 -22.47 -6.54 -12.26
N VAL A 129 -22.90 -7.26 -13.30
CA VAL A 129 -22.10 -7.65 -14.48
C VAL A 129 -22.76 -7.06 -15.73
N GLU A 130 -22.04 -6.19 -16.43
CA GLU A 130 -22.49 -5.49 -17.64
C GLU A 130 -23.89 -4.86 -17.46
N GLY A 131 -24.09 -4.17 -16.32
CA GLY A 131 -25.32 -3.49 -15.93
C GLY A 131 -26.44 -4.36 -15.34
N LYS A 132 -26.30 -5.69 -15.36
CA LYS A 132 -27.31 -6.66 -14.90
C LYS A 132 -26.90 -7.35 -13.60
N ASP A 133 -27.87 -7.65 -12.74
CA ASP A 133 -27.65 -8.28 -11.43
C ASP A 133 -27.30 -9.79 -11.51
N GLU A 134 -26.26 -10.22 -10.82
CA GLU A 134 -25.79 -11.63 -10.72
C GLU A 134 -25.38 -12.00 -9.27
N VAL A 135 -25.07 -13.27 -9.01
CA VAL A 135 -24.42 -13.76 -7.76
C VAL A 135 -23.23 -14.68 -8.07
N PHE A 136 -22.24 -14.76 -7.18
CA PHE A 136 -21.10 -15.69 -7.31
C PHE A 136 -20.71 -16.33 -5.96
N ALA A 137 -20.28 -17.59 -6.00
CA ALA A 137 -19.81 -18.37 -4.84
C ALA A 137 -18.30 -18.23 -4.63
N LEU A 138 -17.89 -17.71 -3.46
CA LEU A 138 -16.46 -17.47 -3.17
C LEU A 138 -15.63 -18.77 -3.05
N SER A 139 -16.29 -19.89 -2.79
CA SER A 139 -15.68 -21.23 -2.72
C SER A 139 -15.03 -21.70 -4.03
N ASN A 140 -15.48 -21.22 -5.20
CA ASN A 140 -14.82 -21.49 -6.48
C ASN A 140 -13.76 -20.43 -6.87
N ILE A 141 -13.68 -19.29 -6.19
CA ILE A 141 -12.68 -18.25 -6.48
C ILE A 141 -11.31 -18.70 -5.99
N GLN A 142 -10.35 -18.90 -6.91
CA GLN A 142 -8.98 -19.26 -6.57
C GLN A 142 -8.11 -18.03 -6.26
N LYS A 143 -8.36 -16.91 -6.95
CA LYS A 143 -7.78 -15.58 -6.69
C LYS A 143 -8.66 -14.47 -7.29
N ALA A 144 -8.66 -13.29 -6.68
CA ALA A 144 -9.26 -12.07 -7.22
C ALA A 144 -8.39 -10.83 -6.96
N ASN A 145 -8.64 -9.73 -7.67
CA ASN A 145 -7.95 -8.44 -7.53
C ASN A 145 -8.92 -7.26 -7.70
N LEU A 146 -8.65 -6.17 -6.98
CA LEU A 146 -9.46 -4.96 -6.92
C LEU A 146 -9.09 -3.97 -8.04
N VAL A 147 -10.13 -3.47 -8.73
CA VAL A 147 -10.02 -2.53 -9.86
C VAL A 147 -10.53 -1.15 -9.40
N PRO A 148 -9.69 -0.10 -9.46
CA PRO A 148 -10.03 1.21 -8.91
C PRO A 148 -10.90 2.06 -9.84
N HIS A 149 -11.59 3.05 -9.30
CA HIS A 149 -12.23 4.12 -10.12
C HIS A 149 -11.17 5.05 -10.72
N PHE A 150 -11.45 5.59 -11.92
CA PHE A 150 -10.57 6.54 -12.59
C PHE A 150 -10.48 7.87 -11.84
N ALA A 151 -9.25 8.37 -11.67
CA ALA A 151 -8.92 9.67 -11.08
C ALA A 151 -7.66 10.26 -11.73
#